data_2DCQ
#
_entry.id   2DCQ
#
_cell.length_a   1.000
_cell.length_b   1.000
_cell.length_c   1.000
_cell.angle_alpha   90.00
_cell.angle_beta   90.00
_cell.angle_gamma   90.00
#
_symmetry.space_group_name_H-M   'P 1'
#
_entity_poly.entity_id   1
_entity_poly.type   'polypeptide(L)'
_entity_poly.pdbx_seq_one_letter_code
;GSSGSSGSAKNAYTKLGTDDNAQLLDIRATADFRQVGSPNIKGLGKKAVSTVYNGEDKPGFLKKLSLKFKDPENTTLYIL
DKFDGNSELVAELVALNGFKSAYAIKDGAEGPRGWLNSSLPWIEPKKTSGPSSG
;
_entity_poly.pdbx_strand_id   A
#
# COMPACT_ATOMS: atom_id res chain seq x y z
N GLY A 1 2.32 17.36 9.84
CA GLY A 1 2.72 16.07 10.46
C GLY A 1 4.23 15.92 10.37
N SER A 2 4.71 14.81 9.80
CA SER A 2 6.11 14.59 9.54
C SER A 2 6.38 15.08 8.11
N SER A 3 7.10 16.20 7.97
CA SER A 3 7.50 16.76 6.68
C SER A 3 8.58 15.88 6.07
N GLY A 4 8.16 14.79 5.41
CA GLY A 4 9.03 13.73 4.93
C GLY A 4 8.31 12.39 4.87
N SER A 5 7.34 12.15 5.74
CA SER A 5 6.51 10.95 5.73
C SER A 5 5.21 11.23 4.96
N SER A 6 4.22 10.33 5.07
CA SER A 6 2.92 10.27 4.42
C SER A 6 2.52 11.55 3.70
N GLY A 7 2.89 11.63 2.42
CA GLY A 7 2.43 12.65 1.52
C GLY A 7 0.95 12.45 1.21
N SER A 8 0.44 13.36 0.38
CA SER A 8 -0.90 13.31 -0.18
C SER A 8 -1.11 11.97 -0.89
N ALA A 9 -2.35 11.57 -1.14
CA ALA A 9 -2.64 10.28 -1.75
C ALA A 9 -1.87 10.05 -3.05
N LYS A 10 -1.93 10.96 -4.04
CA LYS A 10 -1.12 10.83 -5.26
C LYS A 10 0.39 10.76 -4.98
N ASN A 11 0.90 11.28 -3.88
CA ASN A 11 2.35 11.37 -3.65
C ASN A 11 3.00 10.00 -3.77
N ALA A 12 2.30 8.93 -3.38
CA ALA A 12 2.76 7.58 -3.61
C ALA A 12 2.56 7.19 -5.08
N TYR A 13 1.32 7.13 -5.59
CA TYR A 13 1.01 6.67 -6.96
C TYR A 13 1.84 7.35 -8.04
N THR A 14 2.02 8.67 -7.95
CA THR A 14 2.89 9.40 -8.85
C THR A 14 4.25 8.69 -8.92
N LYS A 15 4.93 8.57 -7.77
CA LYS A 15 6.26 7.99 -7.65
C LYS A 15 6.30 6.49 -7.89
N LEU A 16 5.18 5.80 -7.79
CA LEU A 16 4.97 4.44 -8.18
C LEU A 16 5.27 4.26 -9.67
N GLY A 17 4.67 5.09 -10.52
CA GLY A 17 4.89 4.99 -11.97
C GLY A 17 6.24 5.59 -12.36
N THR A 18 6.61 6.74 -11.79
CA THR A 18 7.79 7.47 -12.26
C THR A 18 9.11 6.78 -11.84
N ASP A 19 9.11 5.95 -10.79
CA ASP A 19 10.33 5.30 -10.32
C ASP A 19 10.70 4.06 -11.12
N ASP A 20 9.69 3.47 -11.76
CA ASP A 20 9.68 2.21 -12.53
C ASP A 20 10.12 0.97 -11.71
N ASN A 21 10.75 1.17 -10.56
CA ASN A 21 11.21 0.15 -9.63
C ASN A 21 10.31 0.06 -8.40
N ALA A 22 9.44 1.06 -8.19
CA ALA A 22 8.61 1.16 -7.00
C ALA A 22 7.57 0.05 -6.94
N GLN A 23 6.97 -0.15 -5.76
CA GLN A 23 6.00 -1.20 -5.48
C GLN A 23 4.93 -0.72 -4.50
N LEU A 24 3.90 -1.55 -4.26
CA LEU A 24 2.81 -1.30 -3.34
C LEU A 24 2.67 -2.51 -2.40
N LEU A 25 2.62 -2.28 -1.08
CA LEU A 25 2.35 -3.30 -0.05
C LEU A 25 1.02 -2.94 0.60
N ASP A 26 -0.09 -3.50 0.11
CA ASP A 26 -1.39 -3.28 0.68
C ASP A 26 -1.48 -4.03 2.02
N ILE A 27 -1.23 -3.32 3.12
CA ILE A 27 -1.37 -3.85 4.48
C ILE A 27 -2.82 -3.94 4.95
N ARG A 28 -3.77 -3.48 4.15
CA ARG A 28 -5.19 -3.55 4.47
C ARG A 28 -5.58 -5.01 4.66
N ALA A 29 -6.55 -5.26 5.53
CA ALA A 29 -6.97 -6.61 5.86
C ALA A 29 -7.42 -7.38 4.62
N THR A 30 -7.32 -8.71 4.65
CA THR A 30 -7.71 -9.53 3.50
C THR A 30 -9.20 -9.39 3.19
N ALA A 31 -10.01 -9.06 4.20
CA ALA A 31 -11.41 -8.72 4.05
C ALA A 31 -11.63 -7.45 3.23
N ASP A 32 -10.68 -6.51 3.26
CA ASP A 32 -10.87 -5.22 2.62
C ASP A 32 -10.81 -5.37 1.10
N PHE A 33 -10.08 -6.37 0.58
CA PHE A 33 -10.18 -6.77 -0.82
C PHE A 33 -11.50 -7.46 -1.18
N ARG A 34 -12.34 -7.80 -0.19
CA ARG A 34 -13.71 -8.28 -0.40
C ARG A 34 -14.71 -7.14 -0.34
N GLN A 35 -14.46 -6.13 0.51
CA GLN A 35 -15.47 -5.19 0.98
C GLN A 35 -15.24 -3.77 0.44
N VAL A 36 -14.05 -3.52 -0.09
CA VAL A 36 -13.63 -2.27 -0.72
C VAL A 36 -12.93 -2.57 -2.07
N GLY A 37 -12.03 -3.55 -2.14
CA GLY A 37 -11.30 -3.90 -3.36
C GLY A 37 -9.79 -3.75 -3.18
N SER A 38 -9.04 -3.62 -4.28
CA SER A 38 -7.60 -3.37 -4.24
C SER A 38 -7.23 -2.25 -5.24
N PRO A 39 -6.08 -1.57 -5.08
CA PRO A 39 -5.63 -0.52 -5.98
C PRO A 39 -5.15 -1.09 -7.31
N ASN A 40 -5.65 -0.55 -8.44
CA ASN A 40 -5.26 -1.06 -9.76
C ASN A 40 -4.03 -0.31 -10.27
N ILE A 41 -2.85 -0.69 -9.77
CA ILE A 41 -1.59 -0.15 -10.27
C ILE A 41 -1.06 -0.91 -11.50
N LYS A 42 -1.84 -1.82 -12.09
CA LYS A 42 -1.34 -2.73 -13.12
C LYS A 42 -0.77 -1.96 -14.32
N GLY A 43 -1.35 -0.83 -14.70
CA GLY A 43 -0.84 -0.04 -15.82
C GLY A 43 0.55 0.53 -15.57
N LEU A 44 0.98 0.69 -14.32
CA LEU A 44 2.37 1.06 -14.03
C LEU A 44 3.31 -0.12 -14.30
N GLY A 45 2.82 -1.35 -14.12
CA GLY A 45 3.55 -2.55 -14.47
C GLY A 45 3.04 -3.82 -13.79
N LYS A 46 2.38 -3.70 -12.63
CA LYS A 46 2.14 -4.87 -11.79
C LYS A 46 1.06 -4.61 -10.77
N LYS A 47 0.59 -5.66 -10.10
CA LYS A 47 -0.36 -5.55 -9.00
C LYS A 47 0.39 -5.29 -7.70
N ALA A 48 -0.36 -4.91 -6.67
CA ALA A 48 0.18 -4.68 -5.33
C ALA A 48 0.36 -6.03 -4.60
N VAL A 49 1.22 -6.07 -3.59
CA VAL A 49 1.43 -7.24 -2.75
C VAL A 49 0.56 -7.09 -1.50
N SER A 50 -0.55 -7.82 -1.47
CA SER A 50 -1.44 -7.82 -0.32
C SER A 50 -0.80 -8.68 0.78
N THR A 51 -0.47 -8.10 1.92
CA THR A 51 -0.06 -8.82 3.12
C THR A 51 -0.50 -7.97 4.31
N VAL A 52 -1.48 -8.43 5.10
CA VAL A 52 -2.01 -7.65 6.22
C VAL A 52 -0.88 -7.43 7.22
N TYR A 53 -0.59 -6.18 7.59
CA TYR A 53 0.32 -5.93 8.69
C TYR A 53 -0.36 -6.31 9.99
N ASN A 54 0.42 -6.82 10.94
CA ASN A 54 -0.03 -7.07 12.30
C ASN A 54 1.17 -6.69 13.15
N GLY A 55 1.10 -5.59 13.91
CA GLY A 55 2.14 -5.21 14.86
C GLY A 55 2.43 -6.29 15.90
N GLU A 56 1.54 -7.28 16.01
CA GLU A 56 1.73 -8.58 16.63
C GLU A 56 3.14 -9.15 16.43
N ASP A 57 3.47 -9.48 15.19
CA ASP A 57 4.46 -10.50 14.86
C ASP A 57 5.23 -10.03 13.63
N LYS A 58 6.25 -9.21 13.88
CA LYS A 58 7.13 -8.62 12.88
C LYS A 58 7.69 -9.68 11.91
N PRO A 59 8.39 -10.73 12.38
CA PRO A 59 8.94 -11.75 11.50
C PRO A 59 7.85 -12.55 10.78
N GLY A 60 6.76 -12.89 11.49
CA GLY A 60 5.59 -13.61 10.98
C GLY A 60 4.76 -12.79 10.00
N PHE A 61 5.24 -11.62 9.60
CA PHE A 61 4.66 -10.77 8.58
C PHE A 61 5.67 -10.63 7.45
N LEU A 62 6.90 -10.22 7.77
CA LEU A 62 7.99 -10.07 6.81
C LEU A 62 8.30 -11.36 6.04
N LYS A 63 7.87 -12.54 6.52
CA LYS A 63 7.98 -13.80 5.80
C LYS A 63 7.27 -13.76 4.44
N LYS A 64 6.36 -12.81 4.22
CA LYS A 64 5.68 -12.70 2.94
C LYS A 64 6.48 -11.88 1.96
N LEU A 65 7.27 -10.90 2.44
CA LEU A 65 7.93 -9.97 1.55
C LEU A 65 9.12 -10.65 0.87
N SER A 66 9.94 -11.43 1.58
CA SER A 66 11.24 -11.86 1.05
C SER A 66 11.17 -12.60 -0.30
N LEU A 67 10.05 -13.25 -0.61
CA LEU A 67 9.86 -14.01 -1.83
C LEU A 67 9.14 -13.22 -2.92
N LYS A 68 8.61 -12.03 -2.61
CA LYS A 68 7.69 -11.29 -3.47
C LYS A 68 8.39 -10.21 -4.28
N PHE A 69 9.61 -9.82 -3.94
CA PHE A 69 10.28 -8.68 -4.54
C PHE A 69 11.65 -9.16 -4.99
N LYS A 70 11.96 -8.94 -6.28
CA LYS A 70 13.24 -9.27 -6.86
C LYS A 70 14.35 -8.52 -6.15
N ASP A 71 14.28 -7.21 -6.22
CA ASP A 71 15.38 -6.31 -5.90
C ASP A 71 14.93 -5.38 -4.78
N PRO A 72 14.67 -5.93 -3.57
CA PRO A 72 14.15 -5.14 -2.47
C PRO A 72 15.17 -4.07 -2.06
N GLU A 73 16.44 -4.40 -2.22
CA GLU A 73 17.61 -3.58 -2.02
C GLU A 73 17.59 -2.27 -2.82
N ASN A 74 16.73 -2.07 -3.83
CA ASN A 74 16.57 -0.75 -4.48
C ASN A 74 15.13 -0.43 -4.87
N THR A 75 14.21 -1.39 -4.81
CA THR A 75 12.78 -1.19 -4.98
C THR A 75 12.32 -0.15 -3.96
N THR A 76 11.58 0.88 -4.38
CA THR A 76 10.99 1.87 -3.48
C THR A 76 9.56 1.40 -3.12
N LEU A 77 9.35 0.85 -1.92
CA LEU A 77 8.01 0.38 -1.56
C LEU A 77 7.14 1.55 -1.14
N TYR A 78 5.83 1.38 -1.23
CA TYR A 78 4.82 2.27 -0.67
C TYR A 78 3.79 1.38 0.01
N ILE A 79 3.65 1.48 1.33
CA ILE A 79 2.54 0.81 2.00
C ILE A 79 1.23 1.50 1.61
N LEU A 80 0.08 0.84 1.82
CA LEU A 80 -1.25 1.44 1.68
C LEU A 80 -2.17 0.87 2.75
N ASP A 81 -2.53 1.64 3.78
CA ASP A 81 -3.52 1.26 4.80
C ASP A 81 -4.95 1.66 4.39
N LYS A 82 -5.97 1.23 5.12
CA LYS A 82 -7.38 1.59 5.01
C LYS A 82 -7.52 3.08 5.31
N PHE A 83 -6.96 3.58 6.40
CA PHE A 83 -7.01 4.99 6.79
C PHE A 83 -5.64 5.38 7.28
N ASP A 84 -5.33 5.07 8.54
CA ASP A 84 -4.06 5.39 9.18
C ASP A 84 -3.34 4.08 9.39
N GLY A 85 -3.93 3.21 10.21
CA GLY A 85 -3.40 1.91 10.59
C GLY A 85 -2.03 2.10 11.22
N ASN A 86 -1.00 1.51 10.62
CA ASN A 86 0.40 1.66 11.01
C ASN A 86 1.26 1.85 9.76
N SER A 87 0.73 2.47 8.71
CA SER A 87 1.41 2.66 7.43
C SER A 87 2.84 3.18 7.61
N GLU A 88 2.98 4.31 8.30
CA GLU A 88 4.25 5.00 8.53
C GLU A 88 5.20 4.20 9.42
N LEU A 89 4.69 3.18 10.13
CA LEU A 89 5.49 2.28 10.94
C LEU A 89 6.18 1.26 10.03
N VAL A 90 5.39 0.60 9.19
CA VAL A 90 5.91 -0.32 8.18
C VAL A 90 6.88 0.47 7.27
N ALA A 91 6.60 1.76 7.00
CA ALA A 91 7.38 2.63 6.13
C ALA A 91 8.80 2.87 6.67
N GLU A 92 9.10 2.51 7.92
CA GLU A 92 10.44 2.55 8.51
C GLU A 92 10.93 1.18 8.99
N LEU A 93 10.24 0.08 8.67
CA LEU A 93 10.66 -1.27 9.05
C LEU A 93 11.35 -1.98 7.88
N VAL A 94 10.73 -2.04 6.70
CA VAL A 94 11.30 -2.74 5.54
C VAL A 94 12.69 -2.21 5.16
N ALA A 95 12.88 -0.88 5.12
CA ALA A 95 14.14 -0.23 4.75
C ALA A 95 15.24 -0.59 5.76
N LEU A 96 14.87 -0.93 6.99
CA LEU A 96 15.77 -1.29 8.07
C LEU A 96 15.95 -2.83 8.13
N ASN A 97 15.20 -3.57 7.31
CA ASN A 97 15.19 -5.04 7.25
C ASN A 97 15.64 -5.52 5.86
N GLY A 98 16.31 -4.68 5.06
CA GLY A 98 17.01 -5.09 3.85
C GLY A 98 16.43 -4.55 2.56
N PHE A 99 15.36 -3.76 2.62
CA PHE A 99 14.95 -2.94 1.48
C PHE A 99 15.69 -1.60 1.51
N LYS A 100 15.50 -0.75 0.49
CA LYS A 100 16.20 0.54 0.38
C LYS A 100 15.53 1.65 1.18
N SER A 101 14.41 2.17 0.67
CA SER A 101 13.78 3.40 1.15
C SER A 101 12.28 3.25 0.96
N ALA A 102 11.51 3.54 2.00
CA ALA A 102 10.09 3.26 2.03
C ALA A 102 9.29 4.47 2.48
N TYR A 103 8.02 4.45 2.12
CA TYR A 103 7.06 5.54 2.13
C TYR A 103 5.69 4.99 2.56
N ALA A 104 4.82 5.87 3.04
CA ALA A 104 3.41 5.64 3.29
C ALA A 104 2.56 6.65 2.51
N ILE A 105 1.24 6.52 2.57
CA ILE A 105 0.25 7.42 1.98
C ILE A 105 -0.67 7.88 3.11
N LYS A 106 -0.88 9.20 3.23
CA LYS A 106 -1.85 9.71 4.19
C LYS A 106 -3.25 9.35 3.73
N ASP A 107 -4.17 9.23 4.68
CA ASP A 107 -5.58 8.93 4.47
C ASP A 107 -5.78 7.54 3.83
N GLY A 108 -4.73 6.74 3.66
CA GLY A 108 -4.81 5.37 3.19
C GLY A 108 -5.61 5.24 1.90
N ALA A 109 -6.57 4.30 1.88
CA ALA A 109 -7.44 4.06 0.76
C ALA A 109 -8.77 4.78 0.96
N GLU A 110 -9.40 4.55 2.11
CA GLU A 110 -10.79 4.94 2.37
C GLU A 110 -10.91 6.29 3.08
N GLY A 111 -9.79 6.94 3.44
CA GLY A 111 -9.77 8.24 4.08
C GLY A 111 -10.36 9.33 3.18
N PRO A 112 -10.66 10.51 3.74
CA PRO A 112 -11.41 11.54 3.04
C PRO A 112 -10.68 12.11 1.83
N ARG A 113 -9.36 11.91 1.75
CA ARG A 113 -8.50 12.30 0.65
C ARG A 113 -7.51 11.18 0.32
N GLY A 114 -7.82 9.94 0.71
CA GLY A 114 -6.97 8.78 0.46
C GLY A 114 -7.05 8.37 -1.01
N TRP A 115 -6.49 7.21 -1.32
CA TRP A 115 -6.34 6.68 -2.67
C TRP A 115 -7.65 6.79 -3.48
N LEU A 116 -8.75 6.29 -2.93
CA LEU A 116 -10.04 6.30 -3.62
C LEU A 116 -10.42 7.73 -3.96
N ASN A 117 -10.27 8.64 -2.99
CA ASN A 117 -10.64 10.05 -3.07
C ASN A 117 -9.53 10.88 -3.73
N SER A 118 -8.79 10.33 -4.71
CA SER A 118 -7.62 10.96 -5.31
C SER A 118 -7.53 10.73 -6.83
N SER A 119 -8.61 10.30 -7.51
CA SER A 119 -8.62 10.06 -8.96
C SER A 119 -7.75 8.87 -9.37
N LEU A 120 -7.24 8.12 -8.39
CA LEU A 120 -6.36 6.98 -8.59
C LEU A 120 -7.16 5.73 -8.97
N PRO A 121 -6.51 4.78 -9.65
CA PRO A 121 -7.19 3.62 -10.22
C PRO A 121 -7.49 2.57 -9.16
N TRP A 122 -8.57 1.80 -9.36
CA TRP A 122 -9.03 0.80 -8.42
C TRP A 122 -9.40 -0.50 -9.14
N ILE A 123 -9.54 -1.59 -8.40
CA ILE A 123 -9.96 -2.90 -8.90
C ILE A 123 -11.37 -3.19 -8.44
N GLU A 124 -11.67 -2.99 -7.14
CA GLU A 124 -12.95 -3.29 -6.50
C GLU A 124 -13.24 -4.81 -6.46
N PRO A 125 -14.19 -5.28 -5.65
CA PRO A 125 -14.74 -6.63 -5.77
C PRO A 125 -15.54 -6.80 -7.08
N LYS A 126 -16.39 -7.83 -7.17
CA LYS A 126 -17.25 -8.02 -8.34
C LYS A 126 -18.37 -7.00 -8.32
N LYS A 127 -19.01 -6.79 -9.48
CA LYS A 127 -20.25 -6.02 -9.53
C LYS A 127 -21.31 -6.72 -8.69
N THR A 128 -22.09 -5.93 -7.95
CA THR A 128 -23.16 -6.36 -7.06
C THR A 128 -24.24 -5.24 -7.09
N SER A 129 -25.34 -5.37 -6.36
CA SER A 129 -26.42 -4.39 -6.29
C SER A 129 -26.96 -4.26 -4.86
N GLY A 130 -26.51 -3.26 -4.09
CA GLY A 130 -27.06 -2.99 -2.77
C GLY A 130 -26.15 -2.04 -1.97
N PRO A 131 -26.17 -0.73 -2.22
CA PRO A 131 -25.19 0.17 -1.64
C PRO A 131 -25.39 0.31 -0.13
N SER A 132 -26.63 0.42 0.36
CA SER A 132 -26.87 0.49 1.80
C SER A 132 -26.53 -0.83 2.53
N SER A 133 -26.32 -1.92 1.79
CA SER A 133 -25.91 -3.20 2.36
C SER A 133 -24.45 -3.18 2.82
N GLY A 134 -23.65 -2.20 2.41
CA GLY A 134 -22.23 -2.12 2.76
C GLY A 134 -21.66 -0.90 2.09
N GLY A 1 2.45 16.80 5.23
CA GLY A 1 3.54 16.72 6.21
C GLY A 1 4.78 17.39 5.67
N SER A 2 5.91 17.21 6.35
CA SER A 2 7.22 17.56 5.82
C SER A 2 7.57 16.62 4.66
N SER A 3 8.69 16.88 3.98
CA SER A 3 9.35 15.83 3.21
C SER A 3 9.90 14.78 4.18
N GLY A 4 10.43 13.68 3.63
CA GLY A 4 10.78 12.49 4.38
C GLY A 4 9.81 11.42 3.93
N SER A 5 8.71 11.23 4.65
CA SER A 5 7.76 10.16 4.44
C SER A 5 6.31 10.66 4.43
N SER A 6 5.37 9.71 4.37
CA SER A 6 3.96 9.87 4.68
C SER A 6 3.32 10.95 3.82
N GLY A 7 3.33 10.72 2.52
CA GLY A 7 2.91 11.66 1.51
C GLY A 7 1.40 11.92 1.53
N SER A 8 0.99 12.89 0.73
CA SER A 8 -0.38 13.04 0.26
C SER A 8 -0.73 11.80 -0.61
N ALA A 9 -2.00 11.51 -0.84
CA ALA A 9 -2.41 10.30 -1.54
C ALA A 9 -1.71 10.15 -2.88
N LYS A 10 -1.96 11.02 -3.85
CA LYS A 10 -1.33 10.93 -5.18
C LYS A 10 0.19 10.99 -5.13
N ASN A 11 0.81 11.57 -4.10
CA ASN A 11 2.29 11.64 -4.02
C ASN A 11 2.92 10.26 -4.16
N ALA A 12 2.29 9.25 -3.56
CA ALA A 12 2.74 7.86 -3.60
C ALA A 12 2.57 7.27 -5.01
N TYR A 13 1.35 7.11 -5.51
CA TYR A 13 1.03 6.61 -6.86
C TYR A 13 1.85 7.27 -7.94
N THR A 14 2.07 8.58 -7.82
CA THR A 14 2.83 9.33 -8.81
C THR A 14 4.20 8.66 -9.05
N LYS A 15 4.83 8.22 -7.97
CA LYS A 15 6.16 7.62 -7.96
C LYS A 15 6.17 6.26 -8.63
N LEU A 16 5.18 5.40 -8.34
CA LEU A 16 5.06 4.06 -8.92
C LEU A 16 5.20 4.11 -10.43
N GLY A 17 4.50 5.05 -11.08
CA GLY A 17 4.48 5.18 -12.51
C GLY A 17 5.36 6.33 -12.96
N THR A 18 6.56 6.43 -12.39
CA THR A 18 7.59 7.36 -12.84
C THR A 18 8.98 6.88 -12.39
N ASP A 19 9.09 6.08 -11.33
CA ASP A 19 10.33 5.38 -10.97
C ASP A 19 10.50 4.07 -11.76
N ASP A 20 9.37 3.45 -12.05
CA ASP A 20 9.13 2.12 -12.59
C ASP A 20 9.51 0.98 -11.63
N ASN A 21 10.65 1.05 -10.95
CA ASN A 21 11.12 -0.02 -10.05
C ASN A 21 10.38 -0.03 -8.72
N ALA A 22 9.74 1.08 -8.34
CA ALA A 22 8.95 1.28 -7.13
C ALA A 22 7.83 0.22 -7.02
N GLN A 23 7.29 -0.01 -5.82
CA GLN A 23 6.27 -1.04 -5.56
C GLN A 23 5.14 -0.57 -4.64
N LEU A 24 4.13 -1.41 -4.41
CA LEU A 24 3.00 -1.18 -3.51
C LEU A 24 2.82 -2.38 -2.56
N LEU A 25 2.73 -2.13 -1.24
CA LEU A 25 2.44 -3.14 -0.21
C LEU A 25 1.10 -2.80 0.45
N ASP A 26 0.04 -3.42 -0.03
CA ASP A 26 -1.30 -3.26 0.53
C ASP A 26 -1.36 -4.00 1.87
N ILE A 27 -1.33 -3.24 2.97
CA ILE A 27 -1.41 -3.77 4.33
C ILE A 27 -2.87 -3.83 4.82
N ARG A 28 -3.86 -3.50 3.98
CA ARG A 28 -5.25 -3.58 4.40
C ARG A 28 -5.66 -5.03 4.61
N ALA A 29 -6.73 -5.21 5.37
CA ALA A 29 -7.20 -6.52 5.78
C ALA A 29 -7.62 -7.37 4.59
N THR A 30 -7.56 -8.70 4.79
CA THR A 30 -7.96 -9.68 3.81
C THR A 30 -9.41 -9.47 3.36
N ALA A 31 -10.30 -9.16 4.31
CA ALA A 31 -11.70 -8.95 4.03
C ALA A 31 -11.94 -7.65 3.31
N ASP A 32 -11.04 -6.67 3.43
CA ASP A 32 -11.21 -5.41 2.76
C ASP A 32 -11.02 -5.59 1.25
N PHE A 33 -10.32 -6.64 0.78
CA PHE A 33 -10.29 -6.99 -0.64
C PHE A 33 -11.61 -7.63 -1.14
N ARG A 34 -12.59 -7.81 -0.26
CA ARG A 34 -13.91 -8.36 -0.56
C ARG A 34 -14.99 -7.28 -0.44
N GLN A 35 -14.73 -6.23 0.35
CA GLN A 35 -15.72 -5.22 0.72
C GLN A 35 -15.35 -3.78 0.31
N VAL A 36 -14.06 -3.50 0.06
CA VAL A 36 -13.54 -2.24 -0.47
C VAL A 36 -12.85 -2.48 -1.82
N GLY A 37 -12.06 -3.54 -1.98
CA GLY A 37 -11.39 -3.90 -3.24
C GLY A 37 -9.88 -3.74 -3.11
N SER A 38 -9.17 -3.58 -4.24
CA SER A 38 -7.72 -3.43 -4.29
C SER A 38 -7.31 -2.34 -5.28
N PRO A 39 -6.12 -1.72 -5.14
CA PRO A 39 -5.61 -0.70 -6.05
C PRO A 39 -5.13 -1.33 -7.37
N ASN A 40 -5.55 -0.74 -8.50
CA ASN A 40 -5.02 -1.13 -9.80
C ASN A 40 -3.80 -0.29 -10.11
N ILE A 41 -2.63 -0.92 -10.14
CA ILE A 41 -1.39 -0.25 -10.50
C ILE A 41 -0.69 -0.94 -11.67
N LYS A 42 -1.40 -1.83 -12.37
CA LYS A 42 -0.81 -2.70 -13.38
C LYS A 42 -0.11 -1.88 -14.44
N GLY A 43 -0.72 -0.83 -14.97
CA GLY A 43 -0.11 -0.07 -16.06
C GLY A 43 1.04 0.80 -15.59
N LEU A 44 1.23 0.96 -14.27
CA LEU A 44 2.46 1.53 -13.72
C LEU A 44 3.58 0.49 -13.80
N GLY A 45 3.24 -0.81 -13.93
CA GLY A 45 4.10 -1.89 -14.34
C GLY A 45 3.59 -3.27 -13.89
N LYS A 46 2.85 -3.37 -12.79
CA LYS A 46 2.58 -4.64 -12.10
C LYS A 46 1.55 -4.43 -11.01
N LYS A 47 1.03 -5.50 -10.43
CA LYS A 47 0.00 -5.44 -9.39
C LYS A 47 0.67 -5.19 -8.05
N ALA A 48 -0.09 -4.63 -7.10
CA ALA A 48 0.32 -4.52 -5.71
C ALA A 48 0.55 -5.90 -5.10
N VAL A 49 1.41 -5.98 -4.09
CA VAL A 49 1.45 -7.10 -3.17
C VAL A 49 0.39 -6.83 -2.10
N SER A 50 -0.13 -7.88 -1.47
CA SER A 50 -1.11 -7.80 -0.39
C SER A 50 -0.58 -8.61 0.79
N THR A 51 -0.42 -8.01 1.97
CA THR A 51 -0.08 -8.70 3.20
C THR A 51 -0.58 -7.82 4.34
N VAL A 52 -1.65 -8.22 5.03
CA VAL A 52 -2.18 -7.46 6.16
C VAL A 52 -1.05 -7.29 7.19
N TYR A 53 -0.72 -6.05 7.53
CA TYR A 53 0.18 -5.82 8.64
C TYR A 53 -0.50 -6.31 9.92
N ASN A 54 0.31 -6.81 10.85
CA ASN A 54 -0.11 -7.07 12.21
C ASN A 54 1.10 -6.83 13.09
N GLY A 55 1.03 -5.83 13.97
CA GLY A 55 2.18 -5.43 14.77
C GLY A 55 2.64 -6.51 15.77
N GLU A 56 1.81 -7.52 16.01
CA GLU A 56 2.05 -8.61 16.93
C GLU A 56 3.33 -9.35 16.60
N ASP A 57 3.44 -9.92 15.40
CA ASP A 57 4.53 -10.81 15.00
C ASP A 57 5.34 -10.15 13.90
N LYS A 58 6.38 -9.44 14.31
CA LYS A 58 7.28 -8.70 13.42
C LYS A 58 7.91 -9.60 12.35
N PRO A 59 8.63 -10.68 12.69
CA PRO A 59 9.14 -11.61 11.71
C PRO A 59 7.98 -12.28 10.95
N GLY A 60 6.89 -12.61 11.63
CA GLY A 60 5.64 -13.15 11.08
C GLY A 60 4.85 -12.19 10.20
N PHE A 61 5.52 -11.24 9.56
CA PHE A 61 4.96 -10.38 8.54
C PHE A 61 5.98 -10.23 7.41
N LEU A 62 7.23 -9.93 7.75
CA LEU A 62 8.33 -9.85 6.77
C LEU A 62 8.50 -11.15 5.99
N LYS A 63 8.00 -12.28 6.52
CA LYS A 63 8.00 -13.60 5.89
C LYS A 63 7.14 -13.64 4.63
N LYS A 64 6.34 -12.61 4.37
CA LYS A 64 5.56 -12.50 3.15
C LYS A 64 6.26 -11.63 2.13
N LEU A 65 7.08 -10.66 2.54
CA LEU A 65 7.79 -9.82 1.59
C LEU A 65 8.94 -10.61 0.99
N SER A 66 9.63 -11.43 1.79
CA SER A 66 10.84 -12.13 1.37
C SER A 66 10.69 -13.07 0.17
N LEU A 67 9.46 -13.39 -0.25
CA LEU A 67 9.19 -14.24 -1.40
C LEU A 67 8.28 -13.56 -2.44
N LYS A 68 8.05 -12.25 -2.31
CA LYS A 68 7.13 -11.48 -3.15
C LYS A 68 7.83 -10.49 -4.06
N PHE A 69 9.11 -10.17 -3.88
CA PHE A 69 9.80 -9.12 -4.66
C PHE A 69 11.08 -9.68 -5.30
N LYS A 70 11.65 -8.99 -6.29
CA LYS A 70 12.91 -9.40 -6.91
C LYS A 70 14.07 -8.70 -6.22
N ASP A 71 14.12 -7.37 -6.37
CA ASP A 71 15.25 -6.51 -6.00
C ASP A 71 14.82 -5.57 -4.86
N PRO A 72 14.56 -6.08 -3.64
CA PRO A 72 14.00 -5.28 -2.56
C PRO A 72 15.00 -4.24 -2.06
N GLU A 73 16.30 -4.57 -2.04
CA GLU A 73 17.40 -3.69 -1.65
C GLU A 73 17.48 -2.39 -2.46
N ASN A 74 16.78 -2.29 -3.60
CA ASN A 74 16.77 -1.09 -4.44
C ASN A 74 15.37 -0.61 -4.80
N THR A 75 14.35 -1.45 -4.65
CA THR A 75 12.96 -1.12 -4.92
C THR A 75 12.45 -0.18 -3.85
N THR A 76 11.98 1.01 -4.22
CA THR A 76 11.31 1.92 -3.30
C THR A 76 9.86 1.45 -3.09
N LEU A 77 9.51 0.93 -1.91
CA LEU A 77 8.17 0.47 -1.62
C LEU A 77 7.27 1.63 -1.20
N TYR A 78 5.96 1.44 -1.36
CA TYR A 78 4.89 2.33 -0.93
C TYR A 78 3.83 1.47 -0.25
N ILE A 79 3.76 1.48 1.09
CA ILE A 79 2.66 0.78 1.78
C ILE A 79 1.31 1.44 1.43
N LEU A 80 0.17 0.80 1.70
CA LEU A 80 -1.17 1.39 1.62
C LEU A 80 -2.05 0.74 2.70
N ASP A 81 -2.67 1.53 3.58
CA ASP A 81 -3.54 1.07 4.68
C ASP A 81 -5.02 1.48 4.47
N LYS A 82 -5.90 1.16 5.41
CA LYS A 82 -7.30 1.59 5.48
C LYS A 82 -7.40 3.11 5.59
N PHE A 83 -6.85 3.74 6.65
CA PHE A 83 -7.19 5.12 7.02
C PHE A 83 -6.06 5.81 7.78
N ASP A 84 -5.48 5.15 8.79
CA ASP A 84 -4.28 5.61 9.50
C ASP A 84 -3.40 4.38 9.67
N GLY A 85 -3.98 3.34 10.28
CA GLY A 85 -3.39 2.03 10.50
C GLY A 85 -2.01 2.16 11.08
N ASN A 86 -1.00 1.71 10.34
CA ASN A 86 0.40 1.80 10.73
C ASN A 86 1.27 1.96 9.48
N SER A 87 0.71 2.48 8.38
CA SER A 87 1.39 2.71 7.12
C SER A 87 2.75 3.37 7.30
N GLU A 88 2.81 4.42 8.12
CA GLU A 88 4.04 5.14 8.42
C GLU A 88 5.03 4.23 9.15
N LEU A 89 4.53 3.50 10.15
CA LEU A 89 5.28 2.59 11.00
C LEU A 89 5.98 1.53 10.15
N VAL A 90 5.26 0.95 9.19
CA VAL A 90 5.78 -0.11 8.33
C VAL A 90 6.75 0.48 7.33
N ALA A 91 6.55 1.73 6.87
CA ALA A 91 7.49 2.37 5.96
C ALA A 91 8.87 2.43 6.62
N GLU A 92 8.91 2.71 7.93
CA GLU A 92 10.16 2.81 8.69
C GLU A 92 10.52 1.48 9.35
N LEU A 93 10.20 0.35 8.72
CA LEU A 93 10.60 -0.99 9.16
C LEU A 93 11.37 -1.68 8.05
N VAL A 94 10.74 -1.82 6.89
CA VAL A 94 11.27 -2.63 5.79
C VAL A 94 12.60 -2.08 5.30
N ALA A 95 12.75 -0.75 5.27
CA ALA A 95 13.95 -0.05 4.85
C ALA A 95 15.16 -0.32 5.75
N LEU A 96 14.92 -0.90 6.94
CA LEU A 96 15.94 -1.24 7.94
C LEU A 96 16.10 -2.76 8.05
N ASN A 97 15.22 -3.53 7.38
CA ASN A 97 15.21 -4.99 7.41
C ASN A 97 15.73 -5.58 6.11
N GLY A 98 16.03 -4.74 5.10
CA GLY A 98 16.73 -5.14 3.88
C GLY A 98 16.20 -4.51 2.61
N PHE A 99 15.13 -3.73 2.65
CA PHE A 99 14.74 -2.91 1.50
C PHE A 99 15.54 -1.60 1.50
N LYS A 100 15.41 -0.81 0.43
CA LYS A 100 16.11 0.46 0.25
C LYS A 100 15.58 1.56 1.18
N SER A 101 14.47 2.17 0.80
CA SER A 101 13.79 3.30 1.40
C SER A 101 12.31 3.15 1.10
N ALA A 102 11.43 3.46 2.06
CA ALA A 102 10.01 3.19 1.94
C ALA A 102 9.19 4.44 2.27
N TYR A 103 8.07 4.56 1.58
CA TYR A 103 7.10 5.64 1.65
C TYR A 103 5.83 5.16 2.34
N ALA A 104 4.99 6.09 2.80
CA ALA A 104 3.62 5.82 3.21
C ALA A 104 2.68 6.82 2.52
N ILE A 105 1.39 6.48 2.46
CA ILE A 105 0.30 7.34 2.00
C ILE A 105 -0.52 7.64 3.24
N LYS A 106 -0.73 8.92 3.54
CA LYS A 106 -1.68 9.33 4.58
C LYS A 106 -3.09 9.00 4.12
N ASP A 107 -4.00 8.77 5.06
CA ASP A 107 -5.45 8.60 4.84
C ASP A 107 -5.75 7.23 4.20
N GLY A 108 -4.74 6.36 4.10
CA GLY A 108 -4.77 5.06 3.45
C GLY A 108 -5.59 5.05 2.17
N ALA A 109 -6.67 4.26 2.15
CA ALA A 109 -7.57 4.12 1.03
C ALA A 109 -8.89 4.80 1.31
N GLU A 110 -9.44 4.56 2.49
CA GLU A 110 -10.82 4.88 2.85
C GLU A 110 -10.97 6.34 3.32
N GLY A 111 -9.86 6.99 3.70
CA GLY A 111 -9.87 8.32 4.29
C GLY A 111 -10.42 9.38 3.33
N PRO A 112 -10.85 10.56 3.83
CA PRO A 112 -11.59 11.53 3.04
C PRO A 112 -10.80 12.13 1.88
N ARG A 113 -9.47 11.93 1.85
CA ARG A 113 -8.60 12.24 0.73
C ARG A 113 -7.52 11.15 0.56
N GLY A 114 -7.78 9.91 1.00
CA GLY A 114 -6.90 8.77 0.76
C GLY A 114 -6.97 8.33 -0.70
N TRP A 115 -6.43 7.15 -0.98
CA TRP A 115 -6.27 6.61 -2.34
C TRP A 115 -7.55 6.77 -3.17
N LEU A 116 -8.68 6.24 -2.67
CA LEU A 116 -9.96 6.29 -3.38
C LEU A 116 -10.32 7.74 -3.66
N ASN A 117 -10.25 8.59 -2.63
CA ASN A 117 -10.53 10.02 -2.68
C ASN A 117 -9.34 10.81 -3.26
N SER A 118 -8.70 10.30 -4.33
CA SER A 118 -7.62 10.96 -5.03
C SER A 118 -7.65 10.72 -6.55
N SER A 119 -8.78 10.31 -7.13
CA SER A 119 -8.93 10.07 -8.57
C SER A 119 -8.09 8.87 -9.03
N LEU A 120 -7.60 8.04 -8.11
CA LEU A 120 -6.75 6.91 -8.44
C LEU A 120 -7.58 5.75 -8.99
N PRO A 121 -6.99 4.92 -9.86
CA PRO A 121 -7.65 3.73 -10.37
C PRO A 121 -7.94 2.75 -9.22
N TRP A 122 -8.81 1.77 -9.45
CA TRP A 122 -9.05 0.67 -8.52
C TRP A 122 -9.21 -0.62 -9.33
N ILE A 123 -9.29 -1.77 -8.65
CA ILE A 123 -9.63 -3.05 -9.24
C ILE A 123 -11.08 -3.40 -8.92
N GLU A 124 -11.59 -2.98 -7.76
CA GLU A 124 -12.87 -3.40 -7.19
C GLU A 124 -12.87 -4.91 -6.87
N PRO A 125 -13.85 -5.39 -6.09
CA PRO A 125 -14.12 -6.82 -5.98
C PRO A 125 -14.60 -7.37 -7.32
N LYS A 126 -15.04 -8.63 -7.31
CA LYS A 126 -15.57 -9.31 -8.48
C LYS A 126 -16.89 -8.67 -8.88
N LYS A 127 -17.49 -9.16 -9.97
CA LYS A 127 -18.83 -8.79 -10.34
C LYS A 127 -19.73 -8.89 -9.11
N THR A 128 -20.30 -7.77 -8.68
CA THR A 128 -21.18 -7.64 -7.54
C THR A 128 -22.26 -6.64 -8.00
N SER A 129 -23.52 -6.86 -7.64
CA SER A 129 -24.65 -6.05 -8.09
C SER A 129 -25.12 -5.13 -6.95
N GLY A 130 -26.11 -4.26 -7.20
CA GLY A 130 -26.64 -3.30 -6.24
C GLY A 130 -25.55 -2.43 -5.62
N PRO A 131 -24.83 -1.63 -6.43
CA PRO A 131 -23.67 -0.88 -5.95
C PRO A 131 -24.12 0.17 -4.94
N SER A 132 -23.49 0.17 -3.77
CA SER A 132 -23.67 1.20 -2.74
C SER A 132 -25.14 1.31 -2.26
N SER A 133 -25.93 0.25 -2.43
CA SER A 133 -27.39 0.23 -2.24
C SER A 133 -27.84 0.55 -0.81
N GLY A 134 -26.94 0.55 0.17
CA GLY A 134 -27.29 0.55 1.58
C GLY A 134 -27.18 -0.88 2.08
N GLY A 1 6.81 20.36 5.97
CA GLY A 1 7.21 19.00 5.55
C GLY A 1 8.73 18.88 5.55
N SER A 2 9.21 17.65 5.35
CA SER A 2 10.62 17.32 5.17
C SER A 2 10.69 16.11 4.22
N SER A 3 11.86 15.48 4.12
CA SER A 3 11.96 14.08 3.77
C SER A 3 11.42 13.23 4.94
N GLY A 4 11.25 11.92 4.73
CA GLY A 4 10.98 10.96 5.80
C GLY A 4 9.72 11.28 6.59
N SER A 5 8.58 11.39 5.91
CA SER A 5 7.26 11.49 6.54
C SER A 5 6.23 10.79 5.65
N SER A 6 4.99 10.61 6.13
CA SER A 6 3.90 10.22 5.24
C SER A 6 3.74 11.31 4.17
N GLY A 7 3.63 10.90 2.90
CA GLY A 7 3.26 11.80 1.82
C GLY A 7 1.74 11.79 1.65
N SER A 8 1.20 12.60 0.74
CA SER A 8 -0.22 12.57 0.40
C SER A 8 -0.58 11.33 -0.45
N ALA A 9 -1.82 11.26 -0.94
CA ALA A 9 -2.32 10.19 -1.76
C ALA A 9 -1.64 10.14 -3.12
N LYS A 10 -2.02 11.00 -4.08
CA LYS A 10 -1.44 11.05 -5.44
C LYS A 10 0.08 11.05 -5.37
N ASN A 11 0.66 11.66 -4.34
CA ASN A 11 2.10 11.66 -4.10
C ASN A 11 2.70 10.27 -4.26
N ALA A 12 2.14 9.25 -3.60
CA ALA A 12 2.64 7.88 -3.65
C ALA A 12 2.48 7.27 -5.05
N TYR A 13 1.26 7.24 -5.61
CA TYR A 13 0.97 6.69 -6.94
C TYR A 13 1.83 7.34 -8.02
N THR A 14 2.07 8.65 -7.90
CA THR A 14 2.89 9.41 -8.83
C THR A 14 4.22 8.69 -9.01
N LYS A 15 4.85 8.30 -7.90
CA LYS A 15 6.15 7.68 -7.87
C LYS A 15 6.12 6.34 -8.58
N LEU A 16 5.17 5.46 -8.26
CA LEU A 16 5.02 4.17 -8.94
C LEU A 16 5.02 4.32 -10.46
N GLY A 17 4.50 5.43 -10.99
CA GLY A 17 4.41 5.64 -12.41
C GLY A 17 5.61 6.33 -13.06
N THR A 18 6.69 6.58 -12.33
CA THR A 18 7.97 7.08 -12.82
C THR A 18 9.13 6.18 -12.40
N ASP A 19 8.88 5.32 -11.41
CA ASP A 19 9.82 4.48 -10.73
C ASP A 19 9.43 3.04 -11.05
N ASP A 20 9.99 2.49 -12.12
CA ASP A 20 9.73 1.13 -12.56
C ASP A 20 10.21 0.11 -11.52
N ASN A 21 11.06 0.54 -10.58
CA ASN A 21 11.55 -0.25 -9.46
C ASN A 21 10.66 -0.13 -8.22
N ALA A 22 9.77 0.86 -8.13
CA ALA A 22 8.93 1.09 -6.95
C ALA A 22 7.91 -0.03 -6.80
N GLN A 23 7.23 -0.12 -5.66
CA GLN A 23 6.20 -1.12 -5.40
C GLN A 23 5.07 -0.59 -4.51
N LEU A 24 4.04 -1.42 -4.32
CA LEU A 24 2.91 -1.17 -3.44
C LEU A 24 2.72 -2.36 -2.49
N LEU A 25 2.70 -2.11 -1.19
CA LEU A 25 2.43 -3.10 -0.14
C LEU A 25 1.11 -2.76 0.51
N ASP A 26 0.07 -3.45 0.06
CA ASP A 26 -1.27 -3.30 0.57
C ASP A 26 -1.34 -4.05 1.89
N ILE A 27 -1.34 -3.30 3.01
CA ILE A 27 -1.45 -3.86 4.34
C ILE A 27 -2.90 -3.88 4.84
N ARG A 28 -3.88 -3.54 3.99
CA ARG A 28 -5.27 -3.59 4.43
C ARG A 28 -5.68 -5.03 4.68
N ALA A 29 -6.70 -5.16 5.52
CA ALA A 29 -7.20 -6.40 6.09
C ALA A 29 -7.57 -7.38 4.99
N THR A 30 -7.55 -8.68 5.28
CA THR A 30 -7.91 -9.67 4.26
C THR A 30 -9.35 -9.45 3.77
N ALA A 31 -10.26 -9.04 4.67
CA ALA A 31 -11.64 -8.75 4.30
C ALA A 31 -11.75 -7.48 3.47
N ASP A 32 -10.74 -6.61 3.50
CA ASP A 32 -10.79 -5.35 2.79
C ASP A 32 -10.80 -5.60 1.28
N PHE A 33 -10.13 -6.66 0.81
CA PHE A 33 -10.19 -7.12 -0.59
C PHE A 33 -11.52 -7.78 -0.95
N ARG A 34 -12.48 -7.82 -0.02
CA ARG A 34 -13.81 -8.41 -0.18
C ARG A 34 -14.93 -7.41 0.04
N GLN A 35 -14.66 -6.32 0.76
CA GLN A 35 -15.62 -5.26 1.05
C GLN A 35 -15.28 -3.97 0.28
N VAL A 36 -13.99 -3.67 0.08
CA VAL A 36 -13.50 -2.52 -0.68
C VAL A 36 -13.05 -3.06 -2.05
N GLY A 37 -11.90 -3.74 -2.13
CA GLY A 37 -11.27 -4.12 -3.39
C GLY A 37 -9.77 -3.95 -3.25
N SER A 38 -9.04 -3.58 -4.29
CA SER A 38 -7.60 -3.26 -4.17
C SER A 38 -7.19 -2.19 -5.18
N PRO A 39 -6.04 -1.50 -5.00
CA PRO A 39 -5.57 -0.45 -5.89
C PRO A 39 -5.06 -1.04 -7.21
N ASN A 40 -5.49 -0.48 -8.35
CA ASN A 40 -5.08 -1.00 -9.66
C ASN A 40 -3.89 -0.25 -10.22
N ILE A 41 -2.70 -0.63 -9.79
CA ILE A 41 -1.44 -0.08 -10.24
C ILE A 41 -0.84 -0.86 -11.44
N LYS A 42 -1.56 -1.84 -12.01
CA LYS A 42 -0.98 -2.74 -13.00
C LYS A 42 -0.45 -1.98 -14.21
N GLY A 43 -1.13 -0.94 -14.66
CA GLY A 43 -0.66 -0.15 -15.80
C GLY A 43 0.66 0.57 -15.54
N LEU A 44 1.06 0.73 -14.27
CA LEU A 44 2.34 1.31 -13.90
C LEU A 44 3.47 0.26 -14.03
N GLY A 45 3.16 -1.03 -14.19
CA GLY A 45 4.11 -2.10 -14.43
C GLY A 45 3.76 -3.44 -13.80
N LYS A 46 2.97 -3.45 -12.73
CA LYS A 46 2.69 -4.67 -11.94
C LYS A 46 1.60 -4.44 -10.92
N LYS A 47 1.05 -5.52 -10.38
CA LYS A 47 0.02 -5.46 -9.36
C LYS A 47 0.68 -5.14 -8.02
N ALA A 48 -0.10 -4.62 -7.07
CA ALA A 48 0.30 -4.52 -5.68
C ALA A 48 0.53 -5.90 -5.07
N VAL A 49 1.23 -5.97 -3.93
CA VAL A 49 1.35 -7.15 -3.09
C VAL A 49 0.39 -6.96 -1.92
N SER A 50 -0.41 -7.96 -1.54
CA SER A 50 -1.27 -7.90 -0.37
C SER A 50 -0.64 -8.69 0.78
N THR A 51 -0.45 -8.05 1.94
CA THR A 51 -0.07 -8.69 3.20
C THR A 51 -0.58 -7.81 4.34
N VAL A 52 -1.70 -8.17 4.97
CA VAL A 52 -2.18 -7.45 6.14
C VAL A 52 -1.12 -7.43 7.25
N TYR A 53 -0.81 -6.24 7.75
CA TYR A 53 0.13 -6.02 8.83
C TYR A 53 -0.50 -6.35 10.19
N ASN A 54 0.35 -6.64 11.18
CA ASN A 54 -0.05 -6.68 12.60
C ASN A 54 1.02 -5.97 13.44
N GLY A 55 2.15 -6.64 13.66
CA GLY A 55 3.24 -6.16 14.49
C GLY A 55 3.41 -6.98 15.77
N GLU A 56 2.38 -7.72 16.19
CA GLU A 56 2.49 -8.74 17.25
C GLU A 56 3.70 -9.63 16.99
N ASP A 57 3.91 -9.98 15.72
CA ASP A 57 5.05 -10.76 15.26
C ASP A 57 5.65 -10.05 14.05
N LYS A 58 6.71 -9.27 14.32
CA LYS A 58 7.48 -8.53 13.34
C LYS A 58 7.98 -9.42 12.18
N PRO A 59 8.82 -10.44 12.41
CA PRO A 59 9.29 -11.31 11.33
C PRO A 59 8.14 -12.14 10.72
N GLY A 60 7.12 -12.49 11.51
CA GLY A 60 5.96 -13.24 11.08
C GLY A 60 5.04 -12.50 10.11
N PHE A 61 5.38 -11.27 9.73
CA PHE A 61 4.72 -10.48 8.70
C PHE A 61 5.64 -10.35 7.48
N LEU A 62 6.91 -10.02 7.70
CA LEU A 62 7.95 -9.88 6.66
C LEU A 62 8.18 -11.19 5.89
N LYS A 63 7.59 -12.32 6.29
CA LYS A 63 7.74 -13.61 5.63
C LYS A 63 7.15 -13.62 4.23
N LYS A 64 6.36 -12.61 3.90
CA LYS A 64 5.81 -12.41 2.58
C LYS A 64 6.80 -11.72 1.67
N LEU A 65 7.45 -10.66 2.15
CA LEU A 65 8.15 -9.75 1.26
C LEU A 65 9.36 -10.45 0.64
N SER A 66 10.09 -11.28 1.41
CA SER A 66 11.31 -11.94 0.98
C SER A 66 11.17 -12.88 -0.23
N LEU A 67 9.97 -13.12 -0.75
CA LEU A 67 9.74 -13.95 -1.93
C LEU A 67 8.81 -13.28 -2.96
N LYS A 68 8.32 -12.07 -2.69
CA LYS A 68 7.35 -11.36 -3.51
C LYS A 68 8.00 -10.29 -4.38
N PHE A 69 9.25 -9.90 -4.13
CA PHE A 69 9.88 -8.76 -4.80
C PHE A 69 11.13 -9.22 -5.54
N LYS A 70 11.46 -8.56 -6.66
CA LYS A 70 12.67 -8.95 -7.38
C LYS A 70 13.91 -8.50 -6.64
N ASP A 71 14.05 -7.19 -6.55
CA ASP A 71 15.28 -6.49 -6.23
C ASP A 71 14.96 -5.52 -5.12
N PRO A 72 14.63 -6.02 -3.91
CA PRO A 72 14.07 -5.21 -2.85
C PRO A 72 15.08 -4.21 -2.30
N GLU A 73 16.38 -4.57 -2.36
CA GLU A 73 17.50 -3.87 -1.75
C GLU A 73 17.59 -2.40 -2.15
N ASN A 74 17.09 -2.04 -3.33
CA ASN A 74 17.01 -0.71 -3.90
C ASN A 74 15.67 -0.50 -4.62
N THR A 75 14.62 -1.23 -4.24
CA THR A 75 13.23 -0.88 -4.56
C THR A 75 12.76 0.16 -3.52
N THR A 76 11.94 1.12 -3.93
CA THR A 76 11.17 1.98 -3.04
C THR A 76 9.80 1.33 -2.83
N LEU A 77 9.44 0.99 -1.58
CA LEU A 77 8.08 0.55 -1.31
C LEU A 77 7.18 1.75 -0.99
N TYR A 78 5.89 1.59 -1.22
CA TYR A 78 4.85 2.51 -0.76
C TYR A 78 3.80 1.62 -0.13
N ILE A 79 3.64 1.68 1.19
CA ILE A 79 2.56 0.93 1.85
C ILE A 79 1.22 1.54 1.42
N LEU A 80 0.09 0.85 1.64
CA LEU A 80 -1.26 1.41 1.60
C LEU A 80 -2.05 0.75 2.73
N ASP A 81 -2.66 1.54 3.63
CA ASP A 81 -3.52 1.06 4.74
C ASP A 81 -4.94 1.64 4.56
N LYS A 82 -5.89 1.36 5.47
CA LYS A 82 -7.28 1.85 5.38
C LYS A 82 -7.32 3.36 5.48
N PHE A 83 -7.19 3.93 6.68
CA PHE A 83 -7.28 5.37 6.87
C PHE A 83 -5.98 5.82 7.52
N ASP A 84 -5.66 5.26 8.68
CA ASP A 84 -4.40 5.47 9.37
C ASP A 84 -3.70 4.12 9.44
N GLY A 85 -4.17 3.24 10.33
CA GLY A 85 -3.63 1.89 10.46
C GLY A 85 -2.23 1.95 11.06
N ASN A 86 -1.24 1.34 10.40
CA ASN A 86 0.17 1.41 10.81
C ASN A 86 1.08 1.60 9.59
N SER A 87 0.56 2.24 8.56
CA SER A 87 1.25 2.58 7.33
C SER A 87 2.69 3.07 7.56
N GLU A 88 2.87 4.10 8.39
CA GLU A 88 4.17 4.71 8.66
C GLU A 88 5.09 3.72 9.35
N LEU A 89 4.60 2.94 10.32
CA LEU A 89 5.39 1.96 11.06
C LEU A 89 5.99 0.96 10.07
N VAL A 90 5.19 0.48 9.11
CA VAL A 90 5.69 -0.39 8.07
C VAL A 90 6.65 0.37 7.14
N ALA A 91 6.38 1.66 6.84
CA ALA A 91 7.23 2.51 6.01
C ALA A 91 8.62 2.75 6.62
N GLU A 92 8.77 2.59 7.93
CA GLU A 92 10.05 2.72 8.63
C GLU A 92 10.52 1.37 9.17
N LEU A 93 9.99 0.25 8.66
CA LEU A 93 10.39 -1.10 9.03
C LEU A 93 11.06 -1.81 7.85
N VAL A 94 10.41 -1.88 6.68
CA VAL A 94 10.95 -2.62 5.55
C VAL A 94 12.33 -2.09 5.15
N ALA A 95 12.49 -0.77 5.15
CA ALA A 95 13.72 -0.08 4.79
C ALA A 95 14.88 -0.43 5.73
N LEU A 96 14.59 -1.02 6.90
CA LEU A 96 15.56 -1.42 7.90
C LEU A 96 15.73 -2.94 7.93
N ASN A 97 14.99 -3.70 7.10
CA ASN A 97 14.87 -5.16 7.20
C ASN A 97 15.26 -5.88 5.92
N GLY A 98 15.60 -5.16 4.85
CA GLY A 98 16.06 -5.74 3.59
C GLY A 98 15.47 -5.04 2.37
N PHE A 99 15.11 -3.76 2.48
CA PHE A 99 14.76 -2.88 1.39
C PHE A 99 15.47 -1.55 1.65
N LYS A 100 15.45 -0.60 0.70
CA LYS A 100 16.17 0.67 0.81
C LYS A 100 15.42 1.78 1.52
N SER A 101 14.16 2.03 1.13
CA SER A 101 13.40 3.21 1.50
C SER A 101 11.93 2.84 1.31
N ALA A 102 11.03 3.31 2.18
CA ALA A 102 9.60 3.15 1.99
C ALA A 102 8.85 4.42 2.36
N TYR A 103 7.57 4.47 1.98
CA TYR A 103 6.67 5.61 2.15
C TYR A 103 5.35 5.11 2.72
N ALA A 104 4.62 6.03 3.35
CA ALA A 104 3.21 5.89 3.65
C ALA A 104 2.40 6.95 2.88
N ILE A 105 1.10 6.70 2.73
CA ILE A 105 0.11 7.58 2.10
C ILE A 105 -0.83 8.03 3.20
N LYS A 106 -0.93 9.33 3.45
CA LYS A 106 -1.93 9.89 4.35
C LYS A 106 -3.32 9.53 3.84
N ASP A 107 -4.27 9.37 4.76
CA ASP A 107 -5.68 9.05 4.52
C ASP A 107 -5.87 7.66 3.86
N GLY A 108 -4.80 6.88 3.66
CA GLY A 108 -4.81 5.54 3.12
C GLY A 108 -5.66 5.42 1.86
N ALA A 109 -6.65 4.54 1.86
CA ALA A 109 -7.65 4.36 0.81
C ALA A 109 -9.04 4.79 1.25
N GLU A 110 -9.30 4.90 2.56
CA GLU A 110 -10.59 5.21 3.15
C GLU A 110 -10.47 6.50 3.98
N GLY A 111 -10.29 7.64 3.30
CA GLY A 111 -10.16 8.95 3.94
C GLY A 111 -10.65 10.05 3.00
N PRO A 112 -10.65 11.34 3.43
CA PRO A 112 -11.26 12.41 2.64
C PRO A 112 -10.43 12.81 1.43
N ARG A 113 -9.14 12.45 1.40
CA ARG A 113 -8.23 12.62 0.26
C ARG A 113 -7.28 11.42 0.16
N GLY A 114 -7.70 10.24 0.62
CA GLY A 114 -6.94 9.00 0.44
C GLY A 114 -6.99 8.57 -1.02
N TRP A 115 -6.54 7.36 -1.32
CA TRP A 115 -6.41 6.81 -2.66
C TRP A 115 -7.69 7.03 -3.48
N LEU A 116 -8.83 6.53 -2.98
CA LEU A 116 -10.13 6.65 -3.66
C LEU A 116 -10.48 8.13 -3.82
N ASN A 117 -10.34 8.92 -2.75
CA ASN A 117 -10.65 10.35 -2.76
C ASN A 117 -9.51 11.20 -3.35
N SER A 118 -8.65 10.60 -4.19
CA SER A 118 -7.60 11.27 -4.93
C SER A 118 -7.67 10.91 -6.42
N SER A 119 -8.77 10.28 -6.87
CA SER A 119 -9.08 9.94 -8.25
C SER A 119 -8.02 8.98 -8.80
N LEU A 120 -7.78 7.86 -8.12
CA LEU A 120 -6.76 6.87 -8.46
C LEU A 120 -7.39 5.51 -8.80
N PRO A 121 -6.71 4.67 -9.58
CA PRO A 121 -7.31 3.47 -10.16
C PRO A 121 -7.53 2.36 -9.13
N TRP A 122 -8.52 1.50 -9.39
CA TRP A 122 -8.96 0.44 -8.49
C TRP A 122 -9.27 -0.84 -9.26
N ILE A 123 -9.03 -2.00 -8.65
CA ILE A 123 -9.23 -3.33 -9.25
C ILE A 123 -10.68 -3.74 -9.12
N GLU A 124 -11.34 -3.30 -8.04
CA GLU A 124 -12.65 -3.77 -7.56
C GLU A 124 -12.66 -5.27 -7.21
N PRO A 125 -13.65 -5.69 -6.42
CA PRO A 125 -13.98 -7.10 -6.31
C PRO A 125 -14.80 -7.59 -7.51
N LYS A 126 -15.10 -8.87 -7.51
CA LYS A 126 -15.92 -9.53 -8.55
C LYS A 126 -17.43 -9.30 -8.35
N LYS A 127 -17.78 -8.28 -7.56
CA LYS A 127 -19.16 -7.85 -7.32
C LYS A 127 -19.59 -6.71 -8.24
N THR A 128 -18.65 -5.91 -8.79
CA THR A 128 -18.90 -4.76 -9.68
C THR A 128 -20.16 -3.96 -9.29
N SER A 129 -20.32 -3.66 -7.99
CA SER A 129 -21.60 -3.20 -7.43
C SER A 129 -22.03 -1.79 -7.85
N GLY A 130 -21.17 -1.08 -8.58
CA GLY A 130 -21.19 0.36 -8.79
C GLY A 130 -19.74 0.85 -8.88
N PRO A 131 -19.52 2.15 -9.14
CA PRO A 131 -18.20 2.71 -9.40
C PRO A 131 -17.36 2.96 -8.13
N SER A 132 -17.92 2.83 -6.93
CA SER A 132 -17.19 2.94 -5.66
C SER A 132 -17.45 1.68 -4.84
N SER A 133 -18.72 1.29 -4.72
CA SER A 133 -19.29 0.23 -3.89
C SER A 133 -19.09 0.35 -2.39
N GLY A 134 -17.93 0.82 -1.95
CA GLY A 134 -17.67 1.24 -0.59
C GLY A 134 -17.20 2.69 -0.63
N GLY A 1 7.02 16.10 14.19
CA GLY A 1 5.70 15.49 13.99
C GLY A 1 5.82 14.00 13.79
N SER A 2 4.69 13.30 13.77
CA SER A 2 4.57 11.85 13.71
C SER A 2 4.98 11.26 12.34
N SER A 3 5.61 12.03 11.45
CA SER A 3 5.64 11.73 10.02
C SER A 3 6.96 12.11 9.37
N GLY A 4 7.22 11.58 8.17
CA GLY A 4 8.42 11.87 7.40
C GLY A 4 8.17 11.62 5.93
N SER A 5 8.50 10.41 5.45
CA SER A 5 8.20 9.98 4.08
C SER A 5 6.69 9.92 3.79
N SER A 6 5.85 10.10 4.81
CA SER A 6 4.41 10.23 4.68
C SER A 6 4.02 11.38 3.75
N GLY A 7 2.84 11.33 3.16
CA GLY A 7 2.27 12.39 2.33
C GLY A 7 1.01 11.89 1.64
N SER A 8 0.26 12.78 0.98
CA SER A 8 -1.06 12.53 0.40
C SER A 8 -1.13 11.39 -0.61
N ALA A 9 -2.35 11.00 -0.99
CA ALA A 9 -2.62 9.83 -1.80
C ALA A 9 -1.91 9.84 -3.16
N LYS A 10 -2.19 10.86 -3.97
CA LYS A 10 -1.49 10.99 -5.25
C LYS A 10 0.03 11.14 -5.01
N ASN A 11 0.44 11.73 -3.88
CA ASN A 11 1.84 11.88 -3.50
C ASN A 11 2.55 10.51 -3.35
N ALA A 12 1.85 9.37 -3.34
CA ALA A 12 2.49 8.05 -3.46
C ALA A 12 2.31 7.38 -4.84
N TYR A 13 1.14 7.47 -5.50
CA TYR A 13 0.94 6.81 -6.79
C TYR A 13 1.74 7.47 -7.93
N THR A 14 1.78 8.81 -8.00
CA THR A 14 2.51 9.55 -9.02
C THR A 14 3.95 9.02 -9.19
N LYS A 15 4.62 8.63 -8.11
CA LYS A 15 6.00 8.13 -8.11
C LYS A 15 6.08 6.64 -8.41
N LEU A 16 5.05 5.85 -8.10
CA LEU A 16 5.06 4.42 -8.18
C LEU A 16 5.24 3.96 -9.63
N GLY A 17 4.78 4.77 -10.58
CA GLY A 17 5.01 4.57 -12.01
C GLY A 17 5.71 5.80 -12.54
N THR A 18 6.90 6.08 -12.02
CA THR A 18 7.86 6.99 -12.59
C THR A 18 9.25 6.59 -12.07
N ASP A 19 9.33 6.12 -10.81
CA ASP A 19 10.59 5.70 -10.18
C ASP A 19 11.12 4.39 -10.75
N ASP A 20 10.23 3.64 -11.41
CA ASP A 20 10.39 2.41 -12.18
C ASP A 20 10.97 1.19 -11.43
N ASN A 21 11.59 1.38 -10.25
CA ASN A 21 11.82 0.32 -9.26
C ASN A 21 10.83 0.40 -8.11
N ALA A 22 9.94 1.41 -8.09
CA ALA A 22 8.97 1.51 -7.03
C ALA A 22 8.03 0.30 -7.04
N GLN A 23 7.55 -0.06 -5.85
CA GLN A 23 6.66 -1.18 -5.59
C GLN A 23 5.60 -0.76 -4.57
N LEU A 24 4.64 -1.63 -4.31
CA LEU A 24 3.46 -1.34 -3.50
C LEU A 24 3.21 -2.48 -2.51
N LEU A 25 3.06 -2.15 -1.22
CA LEU A 25 2.71 -3.10 -0.16
C LEU A 25 1.40 -2.65 0.43
N ASP A 26 0.33 -3.18 -0.12
CA ASP A 26 -1.00 -3.05 0.40
C ASP A 26 -1.04 -3.85 1.71
N ILE A 27 -1.19 -3.15 2.84
CA ILE A 27 -1.29 -3.72 4.17
C ILE A 27 -2.76 -3.80 4.65
N ARG A 28 -3.74 -3.58 3.77
CA ARG A 28 -5.15 -3.58 4.16
C ARG A 28 -5.59 -4.99 4.54
N ALA A 29 -6.57 -5.06 5.44
CA ALA A 29 -7.12 -6.32 5.91
C ALA A 29 -7.75 -7.07 4.75
N THR A 30 -7.70 -8.40 4.78
CA THR A 30 -8.26 -9.23 3.74
C THR A 30 -9.78 -8.97 3.50
N ALA A 31 -10.49 -8.41 4.47
CA ALA A 31 -11.88 -8.04 4.29
C ALA A 31 -12.10 -6.85 3.35
N ASP A 32 -11.11 -5.95 3.21
CA ASP A 32 -11.18 -4.82 2.27
C ASP A 32 -11.43 -5.37 0.87
N PHE A 33 -10.67 -6.38 0.46
CA PHE A 33 -10.79 -7.08 -0.83
C PHE A 33 -12.18 -7.68 -1.07
N ARG A 34 -13.08 -7.65 -0.08
CA ARG A 34 -14.44 -8.15 -0.18
C ARG A 34 -15.47 -7.03 -0.18
N GLN A 35 -15.16 -5.88 0.42
CA GLN A 35 -16.10 -4.80 0.74
C GLN A 35 -15.77 -3.49 0.00
N VAL A 36 -14.50 -3.28 -0.36
CA VAL A 36 -14.01 -2.09 -1.04
C VAL A 36 -13.13 -2.48 -2.23
N GLY A 37 -12.16 -3.41 -2.12
CA GLY A 37 -11.44 -3.97 -3.25
C GLY A 37 -9.93 -4.00 -3.06
N SER A 38 -9.19 -3.61 -4.09
CA SER A 38 -7.74 -3.61 -4.09
C SER A 38 -7.22 -2.55 -5.08
N PRO A 39 -6.00 -2.04 -4.92
CA PRO A 39 -5.45 -0.98 -5.76
C PRO A 39 -4.99 -1.47 -7.14
N ASN A 40 -5.54 -0.91 -8.21
CA ASN A 40 -5.16 -1.28 -9.57
C ASN A 40 -3.95 -0.45 -10.01
N ILE A 41 -2.75 -0.90 -9.68
CA ILE A 41 -1.52 -0.28 -10.19
C ILE A 41 -0.96 -1.03 -11.41
N LYS A 42 -1.71 -2.00 -11.93
CA LYS A 42 -1.24 -2.86 -13.01
C LYS A 42 -1.11 -2.08 -14.32
N GLY A 43 -1.80 -0.95 -14.49
CA GLY A 43 -1.59 -0.09 -15.65
C GLY A 43 -0.20 0.55 -15.64
N LEU A 44 0.42 0.72 -14.46
CA LEU A 44 1.81 1.11 -14.35
C LEU A 44 2.77 -0.05 -14.67
N GLY A 45 2.31 -1.30 -14.76
CA GLY A 45 3.14 -2.45 -15.06
C GLY A 45 2.66 -3.74 -14.38
N LYS A 46 2.44 -3.71 -13.06
CA LYS A 46 2.39 -4.89 -12.20
C LYS A 46 1.48 -4.64 -11.02
N LYS A 47 1.13 -5.70 -10.30
CA LYS A 47 0.17 -5.58 -9.21
C LYS A 47 0.90 -5.16 -7.93
N ALA A 48 0.12 -4.72 -6.94
CA ALA A 48 0.59 -4.59 -5.57
C ALA A 48 0.71 -5.98 -4.92
N VAL A 49 1.55 -6.08 -3.91
CA VAL A 49 1.56 -7.20 -2.98
C VAL A 49 0.53 -6.85 -1.90
N SER A 50 -0.17 -7.83 -1.35
CA SER A 50 -1.21 -7.66 -0.35
C SER A 50 -0.85 -8.51 0.87
N THR A 51 -0.42 -7.89 1.98
CA THR A 51 0.07 -8.56 3.18
C THR A 51 -0.37 -7.71 4.37
N VAL A 52 -1.43 -8.09 5.10
CA VAL A 52 -1.95 -7.28 6.20
C VAL A 52 -0.86 -7.10 7.26
N TYR A 53 -0.52 -5.85 7.57
CA TYR A 53 0.46 -5.57 8.62
C TYR A 53 -0.17 -5.78 9.98
N ASN A 54 0.64 -6.28 10.91
CA ASN A 54 0.36 -6.30 12.35
C ASN A 54 1.64 -6.01 13.11
N GLY A 55 1.52 -5.27 14.21
CA GLY A 55 2.63 -4.88 15.07
C GLY A 55 3.07 -5.97 16.05
N GLU A 56 2.33 -7.08 16.10
CA GLU A 56 2.50 -8.19 17.02
C GLU A 56 3.72 -9.01 16.62
N ASP A 57 3.71 -9.53 15.40
CA ASP A 57 4.63 -10.55 14.93
C ASP A 57 5.38 -10.00 13.72
N LYS A 58 6.37 -9.15 14.01
CA LYS A 58 7.36 -8.60 13.07
C LYS A 58 7.85 -9.65 12.05
N PRO A 59 8.48 -10.78 12.48
CA PRO A 59 8.92 -11.83 11.57
C PRO A 59 7.76 -12.61 10.94
N GLY A 60 6.56 -12.54 11.52
CA GLY A 60 5.35 -13.21 11.07
C GLY A 60 4.60 -12.41 10.02
N PHE A 61 5.20 -11.33 9.52
CA PHE A 61 4.64 -10.44 8.52
C PHE A 61 5.59 -10.38 7.33
N LEU A 62 6.87 -10.11 7.60
CA LEU A 62 7.90 -10.02 6.55
C LEU A 62 8.05 -11.31 5.75
N LYS A 63 7.55 -12.44 6.25
CA LYS A 63 7.60 -13.73 5.59
C LYS A 63 7.02 -13.66 4.19
N LYS A 64 6.04 -12.78 3.92
CA LYS A 64 5.48 -12.74 2.60
C LYS A 64 6.38 -11.99 1.63
N LEU A 65 7.14 -10.99 2.11
CA LEU A 65 7.87 -10.08 1.23
C LEU A 65 9.06 -10.79 0.59
N SER A 66 9.71 -11.73 1.27
CA SER A 66 10.97 -12.35 0.86
C SER A 66 10.89 -13.15 -0.45
N LEU A 67 9.67 -13.35 -0.96
CA LEU A 67 9.31 -14.16 -2.11
C LEU A 67 8.33 -13.42 -3.03
N LYS A 68 8.19 -12.09 -2.85
CA LYS A 68 7.29 -11.20 -3.57
C LYS A 68 8.01 -10.06 -4.33
N PHE A 69 9.31 -9.86 -4.12
CA PHE A 69 10.09 -8.81 -4.79
C PHE A 69 11.39 -9.43 -5.27
N LYS A 70 11.91 -9.06 -6.45
CA LYS A 70 13.24 -9.46 -6.90
C LYS A 70 14.30 -8.61 -6.20
N ASP A 71 14.13 -7.29 -6.20
CA ASP A 71 15.17 -6.35 -5.80
C ASP A 71 14.68 -5.47 -4.64
N PRO A 72 14.51 -6.03 -3.44
CA PRO A 72 14.07 -5.25 -2.29
C PRO A 72 15.13 -4.20 -1.92
N GLU A 73 16.41 -4.57 -2.02
CA GLU A 73 17.55 -3.79 -1.58
C GLU A 73 17.78 -2.51 -2.39
N ASN A 74 17.12 -2.30 -3.54
CA ASN A 74 17.14 -1.01 -4.26
C ASN A 74 15.73 -0.50 -4.56
N THR A 75 14.67 -1.26 -4.26
CA THR A 75 13.29 -0.85 -4.45
C THR A 75 12.93 0.27 -3.46
N THR A 76 12.05 1.19 -3.88
CA THR A 76 11.30 2.05 -2.97
C THR A 76 9.92 1.43 -2.81
N LEU A 77 9.66 0.82 -1.65
CA LEU A 77 8.33 0.30 -1.36
C LEU A 77 7.43 1.45 -0.92
N TYR A 78 6.17 1.39 -1.31
CA TYR A 78 5.15 2.34 -0.92
C TYR A 78 4.07 1.54 -0.20
N ILE A 79 3.98 1.66 1.12
CA ILE A 79 2.94 0.99 1.88
C ILE A 79 1.63 1.75 1.65
N LEU A 80 0.53 1.01 1.46
CA LEU A 80 -0.82 1.51 1.31
C LEU A 80 -1.66 0.82 2.39
N ASP A 81 -2.29 1.58 3.28
CA ASP A 81 -3.20 1.04 4.31
C ASP A 81 -4.62 1.53 4.08
N LYS A 82 -5.55 1.17 4.97
CA LYS A 82 -6.95 1.56 4.85
C LYS A 82 -7.10 3.06 5.08
N PHE A 83 -6.53 3.60 6.15
CA PHE A 83 -6.93 4.89 6.69
C PHE A 83 -5.84 5.52 7.56
N ASP A 84 -5.12 4.70 8.33
CA ASP A 84 -4.15 5.06 9.37
C ASP A 84 -3.25 3.84 9.53
N GLY A 85 -3.86 2.72 9.94
CA GLY A 85 -3.33 1.37 9.99
C GLY A 85 -2.03 1.30 10.78
N ASN A 86 -0.92 1.49 10.08
CA ASN A 86 0.43 1.73 10.58
C ASN A 86 1.34 2.05 9.38
N SER A 87 0.80 2.65 8.31
CA SER A 87 1.52 2.87 7.05
C SER A 87 2.90 3.50 7.30
N GLU A 88 2.96 4.52 8.16
CA GLU A 88 4.18 5.23 8.54
C GLU A 88 5.18 4.32 9.26
N LEU A 89 4.70 3.46 10.18
CA LEU A 89 5.54 2.50 10.88
C LEU A 89 6.18 1.55 9.86
N VAL A 90 5.37 0.98 8.98
CA VAL A 90 5.84 -0.03 8.04
C VAL A 90 6.84 0.61 7.04
N ALA A 91 6.74 1.92 6.78
CA ALA A 91 7.63 2.66 5.88
C ALA A 91 9.05 2.78 6.44
N GLU A 92 9.23 2.75 7.76
CA GLU A 92 10.57 2.56 8.31
C GLU A 92 10.90 1.08 8.39
N LEU A 93 9.94 0.25 8.75
CA LEU A 93 10.17 -1.13 9.05
C LEU A 93 10.86 -1.92 7.94
N VAL A 94 10.33 -1.89 6.71
CA VAL A 94 10.95 -2.66 5.62
C VAL A 94 12.34 -2.13 5.29
N ALA A 95 12.50 -0.81 5.28
CA ALA A 95 13.74 -0.12 4.97
C ALA A 95 14.84 -0.47 5.98
N LEU A 96 14.47 -0.86 7.21
CA LEU A 96 15.35 -1.29 8.27
C LEU A 96 15.53 -2.82 8.29
N ASN A 97 14.83 -3.57 7.43
CA ASN A 97 14.79 -5.04 7.41
C ASN A 97 15.35 -5.62 6.11
N GLY A 98 16.05 -4.82 5.30
CA GLY A 98 16.80 -5.27 4.14
C GLY A 98 16.42 -4.55 2.85
N PHE A 99 15.29 -3.84 2.82
CA PHE A 99 14.98 -2.99 1.69
C PHE A 99 15.83 -1.71 1.75
N LYS A 100 15.80 -0.90 0.68
CA LYS A 100 16.43 0.42 0.64
C LYS A 100 15.65 1.42 1.51
N SER A 101 14.58 2.03 1.00
CA SER A 101 13.76 3.03 1.69
C SER A 101 12.29 2.77 1.40
N ALA A 102 11.36 3.26 2.23
CA ALA A 102 9.94 3.10 1.98
C ALA A 102 9.13 4.33 2.41
N TYR A 103 7.84 4.27 2.07
CA TYR A 103 6.91 5.39 2.00
C TYR A 103 5.52 4.97 2.50
N ALA A 104 4.68 5.94 2.86
CA ALA A 104 3.42 5.76 3.58
C ALA A 104 2.37 6.77 3.12
N ILE A 105 1.36 6.31 2.37
CA ILE A 105 0.30 7.19 1.87
C ILE A 105 -0.55 7.63 3.07
N LYS A 106 -0.80 8.94 3.19
CA LYS A 106 -1.74 9.48 4.16
C LYS A 106 -3.14 9.04 3.77
N ASP A 107 -4.03 8.86 4.74
CA ASP A 107 -5.44 8.51 4.53
C ASP A 107 -5.61 7.12 3.89
N GLY A 108 -4.52 6.38 3.65
CA GLY A 108 -4.51 5.13 2.93
C GLY A 108 -5.44 5.14 1.72
N ALA A 109 -6.45 4.27 1.67
CA ALA A 109 -7.35 4.12 0.54
C ALA A 109 -8.81 4.45 0.85
N GLU A 110 -9.19 4.50 2.12
CA GLU A 110 -10.54 4.69 2.63
C GLU A 110 -10.65 5.93 3.54
N GLY A 111 -9.54 6.64 3.73
CA GLY A 111 -9.49 7.90 4.45
C GLY A 111 -10.01 9.07 3.62
N PRO A 112 -10.18 10.24 4.24
CA PRO A 112 -10.95 11.34 3.68
C PRO A 112 -10.41 11.88 2.37
N ARG A 113 -9.12 11.75 2.12
CA ARG A 113 -8.49 12.12 0.87
C ARG A 113 -7.56 11.00 0.40
N GLY A 114 -7.84 9.77 0.79
CA GLY A 114 -7.04 8.60 0.45
C GLY A 114 -7.16 8.25 -1.03
N TRP A 115 -6.59 7.10 -1.38
CA TRP A 115 -6.44 6.57 -2.73
C TRP A 115 -7.73 6.78 -3.55
N LEU A 116 -8.86 6.22 -3.08
CA LEU A 116 -10.17 6.34 -3.75
C LEU A 116 -10.45 7.79 -4.09
N ASN A 117 -10.53 8.61 -3.04
CA ASN A 117 -10.91 10.02 -3.02
C ASN A 117 -9.89 10.92 -3.73
N SER A 118 -8.93 10.36 -4.47
CA SER A 118 -7.88 11.05 -5.20
C SER A 118 -7.88 10.65 -6.67
N SER A 119 -9.01 10.14 -7.21
CA SER A 119 -9.20 9.78 -8.63
C SER A 119 -8.32 8.63 -9.11
N LEU A 120 -7.79 7.84 -8.19
CA LEU A 120 -6.84 6.80 -8.52
C LEU A 120 -7.57 5.56 -9.09
N PRO A 121 -6.87 4.70 -9.84
CA PRO A 121 -7.39 3.41 -10.27
C PRO A 121 -7.59 2.45 -9.10
N TRP A 122 -8.62 1.61 -9.17
CA TRP A 122 -8.95 0.56 -8.22
C TRP A 122 -9.32 -0.70 -9.01
N ILE A 123 -9.35 -1.86 -8.34
CA ILE A 123 -9.75 -3.15 -8.91
C ILE A 123 -11.22 -3.43 -8.58
N GLU A 124 -11.68 -3.03 -7.38
CA GLU A 124 -12.94 -3.44 -6.74
C GLU A 124 -12.99 -4.96 -6.44
N PRO A 125 -13.90 -5.43 -5.59
CA PRO A 125 -14.35 -6.82 -5.60
C PRO A 125 -15.06 -7.16 -6.93
N LYS A 126 -15.82 -8.26 -6.99
CA LYS A 126 -16.49 -8.75 -8.20
C LYS A 126 -18.00 -8.82 -8.06
N LYS A 127 -18.56 -8.12 -7.08
CA LYS A 127 -19.98 -8.08 -6.77
C LYS A 127 -20.38 -6.66 -6.42
N THR A 128 -20.56 -5.80 -7.42
CA THR A 128 -21.15 -4.48 -7.27
C THR A 128 -22.61 -4.65 -6.82
N SER A 129 -22.90 -4.54 -5.52
CA SER A 129 -24.21 -4.88 -4.98
C SER A 129 -24.50 -4.25 -3.61
N GLY A 130 -23.63 -3.39 -3.06
CA GLY A 130 -23.94 -2.58 -1.87
C GLY A 130 -23.37 -3.15 -0.58
N PRO A 131 -22.04 -3.15 -0.37
CA PRO A 131 -21.39 -3.54 0.87
C PRO A 131 -21.59 -2.46 1.95
N SER A 132 -22.80 -2.38 2.51
CA SER A 132 -23.22 -1.28 3.38
C SER A 132 -23.03 0.07 2.66
N SER A 133 -23.50 0.16 1.41
CA SER A 133 -23.50 1.38 0.62
C SER A 133 -24.51 1.27 -0.53
N GLY A 134 -24.69 2.35 -1.28
CA GLY A 134 -25.66 2.51 -2.35
C GLY A 134 -25.75 3.97 -2.67
N GLY A 1 -1.18 16.95 10.79
CA GLY A 1 -0.72 16.89 9.40
C GLY A 1 0.74 17.29 9.31
N SER A 2 1.49 16.66 8.40
CA SER A 2 2.93 16.88 8.25
C SER A 2 3.35 16.57 6.81
N SER A 3 4.66 16.60 6.56
CA SER A 3 5.32 16.37 5.30
C SER A 3 6.56 15.53 5.62
N GLY A 4 6.65 14.32 5.06
CA GLY A 4 7.66 13.33 5.39
C GLY A 4 7.42 12.08 4.56
N SER A 5 7.84 10.92 5.04
CA SER A 5 7.62 9.63 4.37
C SER A 5 6.12 9.30 4.19
N SER A 6 5.24 9.98 4.94
CA SER A 6 3.82 10.03 4.63
C SER A 6 3.57 11.27 3.77
N GLY A 7 3.67 11.10 2.46
CA GLY A 7 3.27 12.12 1.50
C GLY A 7 1.76 12.18 1.37
N SER A 8 1.27 13.02 0.46
CA SER A 8 -0.12 13.02 0.01
C SER A 8 -0.49 11.66 -0.61
N ALA A 9 -1.76 11.45 -0.93
CA ALA A 9 -2.22 10.25 -1.60
C ALA A 9 -1.52 10.04 -2.93
N LYS A 10 -1.84 10.83 -3.97
CA LYS A 10 -1.24 10.74 -5.31
C LYS A 10 0.27 10.85 -5.24
N ASN A 11 0.85 11.50 -4.23
CA ASN A 11 2.30 11.62 -4.10
C ASN A 11 2.99 10.27 -4.28
N ALA A 12 2.41 9.21 -3.71
CA ALA A 12 2.88 7.83 -3.85
C ALA A 12 2.67 7.32 -5.28
N TYR A 13 1.43 7.20 -5.77
CA TYR A 13 1.12 6.68 -7.11
C TYR A 13 1.91 7.40 -8.20
N THR A 14 2.12 8.71 -8.05
CA THR A 14 2.88 9.53 -8.97
C THR A 14 4.29 8.92 -9.10
N LYS A 15 4.98 8.69 -7.98
CA LYS A 15 6.32 8.14 -7.97
C LYS A 15 6.29 6.69 -8.49
N LEU A 16 5.33 5.88 -8.05
CA LEU A 16 5.02 4.56 -8.54
C LEU A 16 5.06 4.50 -10.07
N GLY A 17 4.46 5.46 -10.76
CA GLY A 17 4.27 5.41 -12.20
C GLY A 17 5.42 6.06 -12.96
N THR A 18 6.49 6.41 -12.27
CA THR A 18 7.63 7.11 -12.81
C THR A 18 8.93 6.34 -12.49
N ASP A 19 8.85 5.30 -11.65
CA ASP A 19 9.97 4.55 -11.10
C ASP A 19 9.76 3.09 -11.44
N ASP A 20 10.58 2.58 -12.35
CA ASP A 20 10.61 1.18 -12.81
C ASP A 20 10.82 0.16 -11.67
N ASN A 21 11.16 0.66 -10.48
CA ASN A 21 11.61 -0.08 -9.30
C ASN A 21 10.66 0.11 -8.12
N ALA A 22 9.55 0.85 -8.27
CA ALA A 22 8.63 1.10 -7.17
C ALA A 22 7.70 -0.09 -6.94
N GLN A 23 7.07 -0.20 -5.77
CA GLN A 23 6.13 -1.27 -5.42
C GLN A 23 5.04 -0.78 -4.47
N LEU A 24 4.03 -1.63 -4.20
CA LEU A 24 2.89 -1.34 -3.34
C LEU A 24 2.67 -2.51 -2.37
N LEU A 25 2.54 -2.21 -1.07
CA LEU A 25 2.23 -3.19 -0.01
C LEU A 25 0.87 -2.83 0.59
N ASP A 26 -0.19 -3.47 0.12
CA ASP A 26 -1.52 -3.25 0.65
C ASP A 26 -1.64 -4.01 1.99
N ILE A 27 -1.36 -3.30 3.09
CA ILE A 27 -1.48 -3.79 4.47
C ILE A 27 -2.94 -3.81 4.97
N ARG A 28 -3.91 -3.45 4.12
CA ARG A 28 -5.33 -3.48 4.46
C ARG A 28 -5.72 -4.90 4.83
N ALA A 29 -6.69 -5.03 5.74
CA ALA A 29 -7.11 -6.33 6.25
C ALA A 29 -7.66 -7.18 5.13
N THR A 30 -7.68 -8.50 5.31
CA THR A 30 -8.13 -9.37 4.25
C THR A 30 -9.62 -9.16 3.92
N ALA A 31 -10.41 -8.65 4.86
CA ALA A 31 -11.80 -8.27 4.61
C ALA A 31 -11.93 -7.05 3.72
N ASP A 32 -10.93 -6.16 3.69
CA ASP A 32 -10.92 -4.93 2.89
C ASP A 32 -11.15 -5.28 1.44
N PHE A 33 -10.39 -6.24 0.90
CA PHE A 33 -10.46 -6.60 -0.50
C PHE A 33 -11.85 -7.16 -0.89
N ARG A 34 -12.72 -7.42 0.10
CA ARG A 34 -14.09 -7.86 -0.12
C ARG A 34 -15.10 -6.73 -0.07
N GLN A 35 -14.84 -5.67 0.70
CA GLN A 35 -15.80 -4.61 1.05
C GLN A 35 -15.40 -3.23 0.53
N VAL A 36 -14.12 -3.06 0.20
CA VAL A 36 -13.54 -1.94 -0.50
C VAL A 36 -13.16 -2.46 -1.88
N GLY A 37 -12.08 -3.24 -2.03
CA GLY A 37 -11.55 -3.66 -3.31
C GLY A 37 -10.03 -3.61 -3.26
N SER A 38 -9.34 -3.43 -4.39
CA SER A 38 -7.87 -3.42 -4.42
C SER A 38 -7.33 -2.37 -5.40
N PRO A 39 -6.10 -1.84 -5.19
CA PRO A 39 -5.48 -0.85 -6.07
C PRO A 39 -5.02 -1.47 -7.40
N ASN A 40 -5.48 -0.90 -8.52
CA ASN A 40 -4.99 -1.32 -9.84
C ASN A 40 -3.74 -0.50 -10.14
N ILE A 41 -2.61 -0.96 -9.62
CA ILE A 41 -1.32 -0.45 -10.08
C ILE A 41 -0.76 -1.30 -11.23
N LYS A 42 -1.49 -2.34 -11.65
CA LYS A 42 -1.05 -3.21 -12.73
C LYS A 42 -0.86 -2.40 -14.01
N GLY A 43 -1.70 -1.40 -14.26
CA GLY A 43 -1.56 -0.52 -15.40
C GLY A 43 -0.26 0.32 -15.37
N LEU A 44 0.41 0.48 -14.22
CA LEU A 44 1.74 1.10 -14.14
C LEU A 44 2.82 0.10 -14.55
N GLY A 45 2.59 -1.19 -14.29
CA GLY A 45 3.56 -2.24 -14.57
C GLY A 45 3.18 -3.57 -13.96
N LYS A 46 2.68 -3.58 -12.71
CA LYS A 46 2.51 -4.83 -11.94
C LYS A 46 1.58 -4.63 -10.75
N LYS A 47 1.10 -5.71 -10.17
CA LYS A 47 0.15 -5.67 -9.06
C LYS A 47 0.87 -5.28 -7.76
N ALA A 48 0.09 -4.93 -6.74
CA ALA A 48 0.51 -4.78 -5.35
C ALA A 48 0.75 -6.15 -4.70
N VAL A 49 1.06 -6.15 -3.42
CA VAL A 49 1.26 -7.32 -2.56
C VAL A 49 0.38 -7.13 -1.31
N SER A 50 -0.73 -7.86 -1.25
CA SER A 50 -1.68 -7.77 -0.16
C SER A 50 -1.11 -8.59 1.00
N THR A 51 -0.80 -7.95 2.14
CA THR A 51 -0.27 -8.64 3.30
C THR A 51 -0.64 -7.79 4.52
N VAL A 52 -1.66 -8.20 5.29
CA VAL A 52 -2.06 -7.45 6.47
C VAL A 52 -0.86 -7.37 7.41
N TYR A 53 -0.46 -6.15 7.80
CA TYR A 53 0.57 -5.98 8.80
C TYR A 53 0.02 -6.45 10.16
N ASN A 54 0.90 -7.03 10.96
CA ASN A 54 0.65 -7.41 12.35
C ASN A 54 1.95 -7.26 13.14
N GLY A 55 1.90 -6.52 14.24
CA GLY A 55 3.06 -6.26 15.07
C GLY A 55 3.27 -7.31 16.15
N GLU A 56 2.29 -8.20 16.37
CA GLU A 56 2.45 -9.38 17.20
C GLU A 56 3.66 -10.18 16.71
N ASP A 57 3.73 -10.39 15.38
CA ASP A 57 4.70 -11.22 14.72
C ASP A 57 5.37 -10.42 13.61
N LYS A 58 6.14 -9.41 14.05
CA LYS A 58 7.18 -8.72 13.26
C LYS A 58 7.97 -9.69 12.34
N PRO A 59 8.73 -10.65 12.88
CA PRO A 59 9.44 -11.65 12.09
C PRO A 59 8.54 -12.74 11.46
N GLY A 60 7.23 -12.67 11.66
CA GLY A 60 6.23 -13.50 11.02
C GLY A 60 5.48 -12.79 9.89
N PHE A 61 5.90 -11.58 9.48
CA PHE A 61 5.23 -10.78 8.46
C PHE A 61 6.08 -10.61 7.20
N LEU A 62 7.38 -10.31 7.37
CA LEU A 62 8.34 -10.12 6.26
C LEU A 62 8.52 -11.39 5.41
N LYS A 63 7.95 -12.51 5.83
CA LYS A 63 7.77 -13.78 5.12
C LYS A 63 6.86 -13.66 3.91
N LYS A 64 6.20 -12.52 3.71
CA LYS A 64 5.52 -12.17 2.48
C LYS A 64 6.25 -11.04 1.73
N LEU A 65 7.43 -10.59 2.18
CA LEU A 65 8.16 -9.46 1.60
C LEU A 65 9.60 -9.84 1.22
N SER A 66 9.99 -11.11 1.33
CA SER A 66 11.35 -11.56 1.03
C SER A 66 11.41 -12.48 -0.18
N LEU A 67 10.27 -12.83 -0.77
CA LEU A 67 10.13 -13.58 -2.03
C LEU A 67 9.14 -12.91 -3.00
N LYS A 68 8.56 -11.77 -2.60
CA LYS A 68 7.52 -11.05 -3.34
C LYS A 68 8.08 -9.97 -4.25
N PHE A 69 9.35 -9.65 -4.10
CA PHE A 69 10.02 -8.57 -4.78
C PHE A 69 11.36 -9.09 -5.28
N LYS A 70 11.98 -8.37 -6.21
CA LYS A 70 13.15 -8.87 -6.93
C LYS A 70 14.41 -8.18 -6.46
N ASP A 71 14.33 -6.89 -6.17
CA ASP A 71 15.47 -6.09 -5.81
C ASP A 71 15.11 -5.17 -4.65
N PRO A 72 14.86 -5.72 -3.45
CA PRO A 72 14.28 -4.94 -2.35
C PRO A 72 15.25 -3.80 -1.93
N GLU A 73 16.55 -4.07 -2.02
CA GLU A 73 17.67 -3.20 -1.66
C GLU A 73 17.74 -1.94 -2.51
N ASN A 74 16.95 -1.88 -3.58
CA ASN A 74 16.90 -0.71 -4.45
C ASN A 74 15.46 -0.37 -4.87
N THR A 75 14.48 -1.19 -4.48
CA THR A 75 13.06 -0.96 -4.67
C THR A 75 12.58 0.11 -3.69
N THR A 76 11.57 0.87 -4.10
CA THR A 76 10.92 1.88 -3.28
C THR A 76 9.49 1.42 -3.05
N LEU A 77 9.23 0.81 -1.91
CA LEU A 77 7.89 0.40 -1.50
C LEU A 77 7.07 1.63 -1.13
N TYR A 78 5.74 1.50 -1.24
CA TYR A 78 4.76 2.47 -0.79
C TYR A 78 3.62 1.68 -0.15
N ILE A 79 3.54 1.64 1.19
CA ILE A 79 2.50 0.88 1.89
C ILE A 79 1.17 1.59 1.77
N LEU A 80 0.05 0.85 1.81
CA LEU A 80 -1.31 1.38 1.65
C LEU A 80 -2.22 0.67 2.67
N ASP A 81 -2.66 1.39 3.71
CA ASP A 81 -3.66 0.94 4.69
C ASP A 81 -5.07 1.49 4.33
N LYS A 82 -6.11 1.13 5.09
CA LYS A 82 -7.47 1.61 4.88
C LYS A 82 -7.62 3.10 5.15
N PHE A 83 -7.16 3.64 6.28
CA PHE A 83 -7.35 5.05 6.62
C PHE A 83 -6.19 5.58 7.46
N ASP A 84 -5.75 4.85 8.47
CA ASP A 84 -4.62 5.23 9.32
C ASP A 84 -3.76 4.01 9.60
N GLY A 85 -4.34 3.01 10.28
CA GLY A 85 -3.72 1.71 10.48
C GLY A 85 -2.29 1.88 11.00
N ASN A 86 -1.32 1.31 10.30
CA ASN A 86 0.10 1.25 10.66
C ASN A 86 0.93 1.34 9.38
N SER A 87 0.54 2.13 8.38
CA SER A 87 1.31 2.27 7.15
C SER A 87 2.69 2.84 7.44
N GLU A 88 2.73 3.92 8.21
CA GLU A 88 3.94 4.64 8.61
C GLU A 88 4.90 3.74 9.38
N LEU A 89 4.36 2.82 10.17
CA LEU A 89 5.07 1.83 10.98
C LEU A 89 5.88 0.92 10.07
N VAL A 90 5.23 0.40 9.04
CA VAL A 90 5.82 -0.55 8.12
C VAL A 90 6.76 0.18 7.16
N ALA A 91 6.49 1.46 6.85
CA ALA A 91 7.37 2.27 6.01
C ALA A 91 8.75 2.33 6.66
N GLU A 92 8.80 2.46 8.00
CA GLU A 92 10.07 2.55 8.74
C GLU A 92 10.53 1.18 9.25
N LEU A 93 9.91 0.09 8.78
CA LEU A 93 10.32 -1.27 9.12
C LEU A 93 11.09 -1.87 7.94
N VAL A 94 10.51 -1.87 6.73
CA VAL A 94 11.12 -2.56 5.59
C VAL A 94 12.52 -1.99 5.29
N ALA A 95 12.65 -0.66 5.31
CA ALA A 95 13.89 0.04 5.01
C ALA A 95 14.99 -0.21 6.06
N LEU A 96 14.62 -0.84 7.18
CA LEU A 96 15.51 -1.20 8.28
C LEU A 96 15.77 -2.71 8.29
N ASN A 97 15.23 -3.45 7.32
CA ASN A 97 15.20 -4.92 7.29
C ASN A 97 15.62 -5.47 5.93
N GLY A 98 16.24 -4.66 5.05
CA GLY A 98 16.79 -5.11 3.78
C GLY A 98 16.39 -4.26 2.59
N PHE A 99 15.36 -3.42 2.71
CA PHE A 99 14.92 -2.56 1.62
C PHE A 99 15.67 -1.23 1.63
N LYS A 100 15.53 -0.46 0.55
CA LYS A 100 16.15 0.87 0.39
C LYS A 100 15.47 1.92 1.26
N SER A 101 14.34 2.41 0.80
CA SER A 101 13.56 3.50 1.36
C SER A 101 12.11 3.16 1.08
N ALA A 102 11.22 3.65 1.93
CA ALA A 102 9.82 3.27 1.89
C ALA A 102 8.94 4.43 2.34
N TYR A 103 7.68 4.36 1.97
CA TYR A 103 6.71 5.43 2.11
C TYR A 103 5.41 4.88 2.69
N ALA A 104 4.55 5.78 3.14
CA ALA A 104 3.16 5.52 3.46
C ALA A 104 2.30 6.51 2.68
N ILE A 105 1.00 6.23 2.59
CA ILE A 105 0.00 7.18 2.09
C ILE A 105 -0.87 7.50 3.29
N LYS A 106 -0.89 8.77 3.67
CA LYS A 106 -1.83 9.25 4.67
C LYS A 106 -3.25 8.99 4.17
N ASP A 107 -4.19 8.83 5.10
CA ASP A 107 -5.63 8.71 4.80
C ASP A 107 -5.95 7.41 4.05
N GLY A 108 -4.95 6.51 3.90
CA GLY A 108 -5.02 5.19 3.30
C GLY A 108 -5.80 5.16 1.99
N ALA A 109 -6.78 4.26 1.90
CA ALA A 109 -7.66 4.13 0.76
C ALA A 109 -8.94 4.93 0.98
N GLU A 110 -9.59 4.69 2.11
CA GLU A 110 -10.97 5.08 2.43
C GLU A 110 -11.11 6.56 2.81
N GLY A 111 -9.99 7.26 3.05
CA GLY A 111 -10.04 8.59 3.61
C GLY A 111 -10.52 9.63 2.60
N PRO A 112 -10.97 10.81 3.06
CA PRO A 112 -11.45 11.89 2.20
C PRO A 112 -10.38 12.47 1.28
N ARG A 113 -9.12 12.11 1.53
CA ARG A 113 -7.96 12.42 0.71
C ARG A 113 -7.05 11.20 0.59
N GLY A 114 -7.56 10.00 0.87
CA GLY A 114 -6.83 8.76 0.64
C GLY A 114 -6.89 8.42 -0.85
N TRP A 115 -6.46 7.22 -1.18
CA TRP A 115 -6.31 6.70 -2.53
C TRP A 115 -7.57 6.95 -3.36
N LEU A 116 -8.72 6.49 -2.87
CA LEU A 116 -9.96 6.42 -3.64
C LEU A 116 -10.46 7.82 -4.03
N ASN A 117 -10.19 8.82 -3.18
CA ASN A 117 -10.65 10.18 -3.38
C ASN A 117 -9.58 11.05 -4.07
N SER A 118 -8.44 10.47 -4.47
CA SER A 118 -7.33 11.20 -5.09
C SER A 118 -7.40 11.18 -6.62
N SER A 119 -8.44 10.57 -7.22
CA SER A 119 -8.45 10.06 -8.59
C SER A 119 -7.22 9.20 -8.83
N LEU A 120 -7.35 7.94 -8.43
CA LEU A 120 -6.39 6.88 -8.66
C LEU A 120 -7.13 5.66 -9.18
N PRO A 121 -6.48 4.78 -9.96
CA PRO A 121 -7.13 3.60 -10.50
C PRO A 121 -7.46 2.62 -9.38
N TRP A 122 -8.44 1.74 -9.61
CA TRP A 122 -8.85 0.71 -8.66
C TRP A 122 -9.28 -0.54 -9.44
N ILE A 123 -9.29 -1.70 -8.79
CA ILE A 123 -9.66 -3.00 -9.36
C ILE A 123 -11.13 -3.30 -9.08
N GLU A 124 -11.64 -2.83 -7.94
CA GLU A 124 -12.93 -3.17 -7.35
C GLU A 124 -13.09 -4.67 -7.00
N PRO A 125 -14.07 -5.02 -6.15
CA PRO A 125 -14.56 -6.39 -6.03
C PRO A 125 -15.33 -6.78 -7.32
N LYS A 126 -15.96 -7.96 -7.30
CA LYS A 126 -16.75 -8.52 -8.41
C LYS A 126 -18.25 -8.50 -8.11
N LYS A 127 -18.64 -7.69 -7.15
CA LYS A 127 -19.99 -7.58 -6.62
C LYS A 127 -20.52 -6.16 -6.81
N THR A 128 -21.64 -5.86 -6.18
CA THR A 128 -22.36 -4.60 -6.27
C THR A 128 -22.67 -4.17 -4.83
N SER A 129 -22.48 -2.90 -4.50
CA SER A 129 -22.59 -2.39 -3.13
C SER A 129 -22.55 -0.85 -3.12
N GLY A 130 -22.42 -0.24 -1.93
CA GLY A 130 -22.19 1.19 -1.76
C GLY A 130 -23.34 2.12 -2.14
N PRO A 131 -24.60 1.90 -1.70
CA PRO A 131 -25.71 2.79 -2.03
C PRO A 131 -25.62 4.17 -1.34
N SER A 132 -24.62 4.39 -0.48
CA SER A 132 -24.31 5.71 0.05
C SER A 132 -22.79 5.89 -0.01
N SER A 133 -22.03 5.13 0.78
CA SER A 133 -20.58 5.28 0.80
C SER A 133 -19.97 4.65 -0.45
N GLY A 134 -19.38 5.51 -1.26
CA GLY A 134 -18.61 5.27 -2.46
C GLY A 134 -17.80 6.54 -2.65
N GLY A 1 -2.61 7.58 14.27
CA GLY A 1 -1.54 8.54 14.58
C GLY A 1 -1.94 9.92 14.07
N SER A 2 -1.05 10.89 14.24
CA SER A 2 -1.17 12.24 13.68
C SER A 2 0.22 12.74 13.30
N SER A 3 1.23 12.51 14.14
CA SER A 3 2.62 12.53 13.70
C SER A 3 2.78 11.47 12.61
N GLY A 4 3.42 11.87 11.52
CA GLY A 4 3.58 11.04 10.34
C GLY A 4 3.94 11.90 9.15
N SER A 5 4.63 11.30 8.18
CA SER A 5 5.20 11.99 7.03
C SER A 5 4.93 11.21 5.73
N SER A 6 3.72 10.66 5.57
CA SER A 6 3.29 10.02 4.33
C SER A 6 3.32 10.98 3.14
N GLY A 7 2.31 11.85 3.08
CA GLY A 7 1.97 12.72 1.97
C GLY A 7 0.55 12.44 1.47
N SER A 8 0.06 13.35 0.64
CA SER A 8 -1.24 13.24 -0.03
C SER A 8 -1.30 11.94 -0.85
N ALA A 9 -2.50 11.42 -1.11
CA ALA A 9 -2.67 10.12 -1.74
C ALA A 9 -1.99 10.03 -3.12
N LYS A 10 -2.23 10.98 -4.03
CA LYS A 10 -1.55 10.97 -5.32
C LYS A 10 -0.04 11.18 -5.19
N ASN A 11 0.46 11.81 -4.12
CA ASN A 11 1.91 11.95 -3.89
C ASN A 11 2.59 10.60 -4.02
N ALA A 12 2.07 9.59 -3.32
CA ALA A 12 2.57 8.23 -3.35
C ALA A 12 2.38 7.59 -4.74
N TYR A 13 1.16 7.60 -5.30
CA TYR A 13 0.87 6.98 -6.60
C TYR A 13 1.75 7.57 -7.71
N THR A 14 1.96 8.89 -7.71
CA THR A 14 2.78 9.54 -8.70
C THR A 14 4.18 8.95 -8.74
N LYS A 15 4.78 8.59 -7.60
CA LYS A 15 6.13 8.04 -7.57
C LYS A 15 6.18 6.53 -7.83
N LEU A 16 5.04 5.81 -7.89
CA LEU A 16 4.98 4.38 -7.79
C LEU A 16 5.34 3.67 -9.11
N GLY A 17 5.24 4.37 -10.23
CA GLY A 17 5.45 3.82 -11.57
C GLY A 17 6.13 4.83 -12.47
N THR A 18 6.95 5.70 -11.90
CA THR A 18 7.68 6.75 -12.58
C THR A 18 9.17 6.65 -12.20
N ASP A 19 9.57 5.53 -11.59
CA ASP A 19 10.87 5.34 -10.94
C ASP A 19 11.53 4.00 -11.31
N ASP A 20 10.78 3.14 -12.00
CA ASP A 20 11.11 1.79 -12.47
C ASP A 20 11.54 0.76 -11.42
N ASN A 21 11.82 1.15 -10.17
CA ASN A 21 12.05 0.28 -9.02
C ASN A 21 10.87 0.24 -8.04
N ALA A 22 9.94 1.20 -8.15
CA ALA A 22 9.00 1.48 -7.08
C ALA A 22 7.89 0.43 -7.03
N GLN A 23 7.43 0.05 -5.84
CA GLN A 23 6.46 -1.02 -5.61
C GLN A 23 5.40 -0.58 -4.58
N LEU A 24 4.37 -1.41 -4.36
CA LEU A 24 3.24 -1.12 -3.48
C LEU A 24 2.99 -2.28 -2.51
N LEU A 25 2.76 -1.98 -1.22
CA LEU A 25 2.38 -2.97 -0.21
C LEU A 25 1.07 -2.56 0.43
N ASP A 26 0.02 -3.24 0.01
CA ASP A 26 -1.33 -3.06 0.49
C ASP A 26 -1.45 -3.82 1.83
N ILE A 27 -1.40 -3.09 2.94
CA ILE A 27 -1.52 -3.67 4.28
C ILE A 27 -2.98 -3.76 4.75
N ARG A 28 -3.97 -3.46 3.88
CA ARG A 28 -5.37 -3.53 4.27
C ARG A 28 -5.74 -4.99 4.52
N ALA A 29 -6.71 -5.22 5.40
CA ALA A 29 -7.11 -6.54 5.86
C ALA A 29 -7.64 -7.39 4.71
N THR A 30 -7.64 -8.71 4.85
CA THR A 30 -8.10 -9.58 3.76
C THR A 30 -9.60 -9.38 3.45
N ALA A 31 -10.37 -8.88 4.43
CA ALA A 31 -11.75 -8.47 4.26
C ALA A 31 -11.91 -7.24 3.35
N ASP A 32 -10.88 -6.41 3.22
CA ASP A 32 -10.90 -5.19 2.42
C ASP A 32 -11.14 -5.54 0.96
N PHE A 33 -10.43 -6.54 0.44
CA PHE A 33 -10.55 -7.02 -0.95
C PHE A 33 -11.94 -7.61 -1.27
N ARG A 34 -12.85 -7.62 -0.31
CA ARG A 34 -14.21 -8.13 -0.41
C ARG A 34 -15.24 -7.01 -0.33
N GLN A 35 -14.86 -5.86 0.24
CA GLN A 35 -15.77 -4.78 0.59
C GLN A 35 -15.33 -3.41 0.06
N VAL A 36 -14.05 -3.25 -0.25
CA VAL A 36 -13.45 -2.06 -0.85
C VAL A 36 -12.83 -2.49 -2.19
N GLY A 37 -11.93 -3.48 -2.20
CA GLY A 37 -11.30 -4.00 -3.41
C GLY A 37 -9.79 -3.95 -3.28
N SER A 38 -9.09 -3.66 -4.36
CA SER A 38 -7.65 -3.42 -4.33
C SER A 38 -7.31 -2.27 -5.28
N PRO A 39 -6.17 -1.59 -5.09
CA PRO A 39 -5.71 -0.56 -6.00
C PRO A 39 -5.25 -1.17 -7.31
N ASN A 40 -5.66 -0.58 -8.45
CA ASN A 40 -5.21 -1.03 -9.75
C ASN A 40 -3.99 -0.22 -10.12
N ILE A 41 -2.82 -0.86 -10.12
CA ILE A 41 -1.57 -0.25 -10.58
C ILE A 41 -0.94 -1.07 -11.71
N LYS A 42 -1.68 -2.01 -12.30
CA LYS A 42 -1.12 -2.95 -13.27
C LYS A 42 -0.62 -2.21 -14.51
N GLY A 43 -1.24 -1.08 -14.88
CA GLY A 43 -0.79 -0.21 -15.94
C GLY A 43 0.61 0.36 -15.68
N LEU A 44 1.05 0.42 -14.42
CA LEU A 44 2.41 0.83 -14.06
C LEU A 44 3.42 -0.32 -14.21
N GLY A 45 2.95 -1.57 -14.35
CA GLY A 45 3.82 -2.72 -14.60
C GLY A 45 3.43 -4.00 -13.87
N LYS A 46 2.70 -3.90 -12.76
CA LYS A 46 2.50 -5.00 -11.81
C LYS A 46 1.39 -4.65 -10.85
N LYS A 47 0.89 -5.63 -10.10
CA LYS A 47 -0.14 -5.36 -9.09
C LYS A 47 0.52 -4.84 -7.81
N ALA A 48 -0.30 -4.46 -6.85
CA ALA A 48 0.13 -4.28 -5.47
C ALA A 48 0.16 -5.66 -4.81
N VAL A 49 1.20 -5.94 -4.04
CA VAL A 49 1.23 -7.08 -3.13
C VAL A 49 0.29 -6.69 -1.99
N SER A 50 -0.71 -7.51 -1.65
CA SER A 50 -1.32 -7.36 -0.33
C SER A 50 -0.51 -8.19 0.66
N THR A 51 -0.29 -7.68 1.87
CA THR A 51 0.04 -8.46 3.06
C THR A 51 -0.46 -7.65 4.25
N VAL A 52 -1.54 -8.08 4.90
CA VAL A 52 -2.05 -7.41 6.10
C VAL A 52 -0.91 -7.31 7.12
N TYR A 53 -0.70 -6.13 7.70
CA TYR A 53 0.29 -5.88 8.73
C TYR A 53 -0.38 -5.91 10.11
N ASN A 54 0.23 -6.64 11.04
CA ASN A 54 -0.16 -6.57 12.46
C ASN A 54 0.73 -5.56 13.15
N GLY A 55 2.02 -5.89 13.31
CA GLY A 55 2.98 -5.18 14.16
C GLY A 55 3.33 -5.95 15.44
N GLU A 56 2.47 -6.90 15.79
CA GLU A 56 2.73 -7.98 16.73
C GLU A 56 4.01 -8.72 16.29
N ASP A 57 3.90 -9.36 15.12
CA ASP A 57 4.82 -10.29 14.52
C ASP A 57 5.69 -9.59 13.47
N LYS A 58 6.59 -8.69 13.90
CA LYS A 58 7.54 -7.99 13.01
C LYS A 58 8.29 -8.97 12.07
N PRO A 59 9.05 -9.96 12.56
CA PRO A 59 9.66 -10.99 11.71
C PRO A 59 8.57 -11.78 10.96
N GLY A 60 7.55 -12.23 11.70
CA GLY A 60 6.43 -13.00 11.19
C GLY A 60 5.46 -12.22 10.33
N PHE A 61 5.91 -11.14 9.69
CA PHE A 61 5.18 -10.36 8.71
C PHE A 61 5.97 -10.35 7.41
N LEU A 62 7.28 -10.10 7.51
CA LEU A 62 8.25 -10.10 6.42
C LEU A 62 8.28 -11.44 5.66
N LYS A 63 7.69 -12.50 6.24
CA LYS A 63 7.48 -13.83 5.68
C LYS A 63 6.66 -13.81 4.40
N LYS A 64 6.10 -12.66 4.05
CA LYS A 64 5.27 -12.48 2.88
C LYS A 64 5.87 -11.48 1.90
N LEU A 65 6.98 -10.83 2.23
CA LEU A 65 7.62 -9.83 1.38
C LEU A 65 8.92 -10.39 0.84
N SER A 66 9.70 -11.15 1.62
CA SER A 66 11.00 -11.69 1.19
C SER A 66 10.94 -12.61 -0.03
N LEU A 67 9.75 -12.98 -0.51
CA LEU A 67 9.53 -13.86 -1.65
C LEU A 67 8.52 -13.28 -2.65
N LYS A 68 8.26 -11.98 -2.57
CA LYS A 68 7.31 -11.23 -3.38
C LYS A 68 7.92 -10.09 -4.20
N PHE A 69 9.20 -9.77 -4.02
CA PHE A 69 9.87 -8.69 -4.74
C PHE A 69 11.18 -9.26 -5.28
N LYS A 70 11.58 -8.87 -6.48
CA LYS A 70 12.82 -9.34 -7.10
C LYS A 70 14.00 -8.67 -6.42
N ASP A 71 14.07 -7.35 -6.49
CA ASP A 71 15.22 -6.56 -6.07
C ASP A 71 14.76 -5.67 -4.89
N PRO A 72 14.55 -6.24 -3.70
CA PRO A 72 14.14 -5.48 -2.54
C PRO A 72 15.25 -4.50 -2.14
N GLU A 73 16.48 -4.95 -2.37
CA GLU A 73 17.76 -4.30 -2.20
C GLU A 73 17.78 -2.86 -2.73
N ASN A 74 17.04 -2.53 -3.79
CA ASN A 74 16.96 -1.18 -4.36
C ASN A 74 15.52 -0.69 -4.59
N THR A 75 14.49 -1.54 -4.46
CA THR A 75 13.11 -1.10 -4.57
C THR A 75 12.74 -0.09 -3.48
N THR A 76 12.14 1.03 -3.88
CA THR A 76 11.33 1.88 -3.03
C THR A 76 9.93 1.26 -2.88
N LEU A 77 9.54 0.81 -1.71
CA LEU A 77 8.14 0.40 -1.47
C LEU A 77 7.30 1.62 -1.05
N TYR A 78 5.98 1.50 -1.20
CA TYR A 78 4.98 2.45 -0.72
C TYR A 78 3.91 1.62 -0.03
N ILE A 79 3.71 1.79 1.28
CA ILE A 79 2.65 1.10 1.99
C ILE A 79 1.33 1.87 1.81
N LEU A 80 0.21 1.13 1.71
CA LEU A 80 -1.15 1.65 1.61
C LEU A 80 -2.01 0.92 2.65
N ASP A 81 -2.63 1.66 3.57
CA ASP A 81 -3.46 1.13 4.65
C ASP A 81 -4.93 1.55 4.49
N LYS A 82 -5.77 1.22 5.46
CA LYS A 82 -7.21 1.54 5.50
C LYS A 82 -7.44 3.04 5.65
N PHE A 83 -7.03 3.63 6.77
CA PHE A 83 -7.33 5.00 7.20
C PHE A 83 -6.08 5.55 7.89
N ASP A 84 -5.75 5.01 9.07
CA ASP A 84 -4.54 5.33 9.83
C ASP A 84 -3.60 4.14 9.89
N GLY A 85 -4.19 2.94 10.03
CA GLY A 85 -3.55 1.64 10.06
C GLY A 85 -2.23 1.69 10.80
N ASN A 86 -1.13 1.52 10.08
CA ASN A 86 0.25 1.59 10.58
C ASN A 86 1.21 2.00 9.47
N SER A 87 0.73 2.57 8.37
CA SER A 87 1.48 2.70 7.12
C SER A 87 2.89 3.25 7.33
N GLU A 88 3.02 4.32 8.13
CA GLU A 88 4.27 5.03 8.37
C GLU A 88 5.20 4.28 9.34
N LEU A 89 4.69 3.29 10.06
CA LEU A 89 5.52 2.37 10.86
C LEU A 89 6.18 1.42 9.86
N VAL A 90 5.35 0.78 9.04
CA VAL A 90 5.81 -0.18 8.05
C VAL A 90 6.77 0.51 7.07
N ALA A 91 6.63 1.81 6.81
CA ALA A 91 7.50 2.63 5.98
C ALA A 91 8.95 2.72 6.46
N GLU A 92 9.25 2.42 7.73
CA GLU A 92 10.64 2.28 8.18
C GLU A 92 11.03 0.82 8.37
N LEU A 93 10.09 -0.03 8.72
CA LEU A 93 10.40 -1.39 9.13
C LEU A 93 11.15 -2.16 8.04
N VAL A 94 10.65 -2.15 6.82
CA VAL A 94 11.21 -2.94 5.73
C VAL A 94 12.60 -2.49 5.30
N ALA A 95 12.85 -1.18 5.28
CA ALA A 95 14.15 -0.62 4.91
C ALA A 95 15.24 -1.03 5.92
N LEU A 96 14.83 -1.30 7.15
CA LEU A 96 15.68 -1.79 8.24
C LEU A 96 15.86 -3.31 8.17
N ASN A 97 15.14 -4.02 7.31
CA ASN A 97 15.08 -5.48 7.28
C ASN A 97 15.51 -6.01 5.90
N GLY A 98 16.14 -5.17 5.08
CA GLY A 98 16.81 -5.59 3.85
C GLY A 98 16.53 -4.68 2.64
N PHE A 99 15.36 -4.04 2.61
CA PHE A 99 14.99 -3.20 1.47
C PHE A 99 15.71 -1.85 1.51
N LYS A 100 15.59 -1.06 0.44
CA LYS A 100 16.25 0.24 0.37
C LYS A 100 15.57 1.27 1.27
N SER A 101 14.42 1.78 0.85
CA SER A 101 13.67 2.82 1.53
C SER A 101 12.19 2.56 1.26
N ALA A 102 11.29 3.03 2.12
CA ALA A 102 9.87 2.91 1.90
C ALA A 102 9.15 4.19 2.27
N TYR A 103 7.87 4.27 1.90
CA TYR A 103 6.98 5.41 2.03
C TYR A 103 5.63 4.92 2.54
N ALA A 104 4.76 5.86 2.86
CA ALA A 104 3.36 5.64 3.14
C ALA A 104 2.53 6.64 2.34
N ILE A 105 1.22 6.42 2.34
CA ILE A 105 0.20 7.35 1.89
C ILE A 105 -0.69 7.61 3.10
N LYS A 106 -0.97 8.89 3.36
CA LYS A 106 -1.84 9.27 4.46
C LYS A 106 -3.27 8.91 4.09
N ASP A 107 -4.11 8.74 5.11
CA ASP A 107 -5.54 8.58 4.99
C ASP A 107 -5.89 7.25 4.30
N GLY A 108 -4.89 6.40 4.04
CA GLY A 108 -5.02 5.08 3.46
C GLY A 108 -5.82 5.08 2.17
N ALA A 109 -6.64 4.05 1.97
CA ALA A 109 -7.55 3.93 0.86
C ALA A 109 -8.88 4.60 1.17
N GLU A 110 -9.41 4.31 2.36
CA GLU A 110 -10.79 4.60 2.72
C GLU A 110 -11.00 6.03 3.22
N GLY A 111 -9.93 6.76 3.54
CA GLY A 111 -10.03 8.09 4.11
C GLY A 111 -10.68 9.08 3.15
N PRO A 112 -11.26 10.19 3.66
CA PRO A 112 -11.98 11.15 2.84
C PRO A 112 -11.13 11.83 1.76
N ARG A 113 -9.80 11.74 1.85
CA ARG A 113 -8.83 12.15 0.84
C ARG A 113 -7.76 11.06 0.61
N GLY A 114 -8.01 9.83 1.04
CA GLY A 114 -7.15 8.68 0.77
C GLY A 114 -7.20 8.31 -0.71
N TRP A 115 -6.60 7.15 -1.06
CA TRP A 115 -6.41 6.68 -2.44
C TRP A 115 -7.68 6.81 -3.26
N LEU A 116 -8.79 6.24 -2.77
CA LEU A 116 -10.07 6.27 -3.48
C LEU A 116 -10.40 7.70 -3.84
N ASN A 117 -10.52 8.55 -2.82
CA ASN A 117 -10.91 9.96 -2.91
C ASN A 117 -9.75 10.85 -3.37
N SER A 118 -8.87 10.32 -4.22
CA SER A 118 -7.78 11.02 -4.88
C SER A 118 -7.85 10.88 -6.41
N SER A 119 -8.99 10.43 -6.95
CA SER A 119 -9.20 10.16 -8.37
C SER A 119 -8.12 9.22 -8.92
N LEU A 120 -7.93 8.09 -8.24
CA LEU A 120 -6.92 7.08 -8.55
C LEU A 120 -7.57 5.80 -9.05
N PRO A 121 -6.82 4.97 -9.81
CA PRO A 121 -7.34 3.72 -10.32
C PRO A 121 -7.54 2.68 -9.21
N TRP A 122 -8.56 1.83 -9.37
CA TRP A 122 -8.94 0.77 -8.45
C TRP A 122 -9.34 -0.48 -9.25
N ILE A 123 -9.36 -1.66 -8.61
CA ILE A 123 -9.71 -2.96 -9.21
C ILE A 123 -11.16 -3.32 -8.90
N GLU A 124 -11.69 -2.91 -7.74
CA GLU A 124 -12.97 -3.32 -7.14
C GLU A 124 -12.97 -4.81 -6.75
N PRO A 125 -13.93 -5.25 -5.89
CA PRO A 125 -14.23 -6.67 -5.72
C PRO A 125 -14.88 -7.23 -7.01
N LYS A 126 -15.42 -8.46 -6.96
CA LYS A 126 -16.01 -9.12 -8.12
C LYS A 126 -17.18 -8.31 -8.67
N LYS A 127 -17.26 -8.18 -10.00
CA LYS A 127 -18.50 -7.72 -10.62
C LYS A 127 -19.59 -8.72 -10.29
N THR A 128 -20.76 -8.22 -9.92
CA THR A 128 -21.85 -9.00 -9.37
C THR A 128 -23.15 -8.53 -10.03
N SER A 129 -24.23 -9.31 -9.89
CA SER A 129 -25.55 -8.96 -10.38
C SER A 129 -26.20 -8.00 -9.37
N GLY A 130 -26.57 -8.51 -8.19
CA GLY A 130 -27.24 -7.77 -7.13
C GLY A 130 -26.67 -8.22 -5.80
N PRO A 131 -25.55 -7.65 -5.33
CA PRO A 131 -24.99 -8.03 -4.04
C PRO A 131 -26.00 -7.70 -2.93
N SER A 132 -26.57 -6.49 -2.99
CA SER A 132 -27.64 -5.96 -2.17
C SER A 132 -29.01 -6.57 -2.52
N SER A 133 -29.08 -7.85 -2.88
CA SER A 133 -30.32 -8.50 -3.29
C SER A 133 -30.28 -9.96 -2.86
N GLY A 134 -30.87 -10.23 -1.70
CA GLY A 134 -30.60 -11.44 -0.96
C GLY A 134 -29.48 -11.09 -0.02
N GLY A 1 2.27 21.46 9.23
CA GLY A 1 3.67 21.07 9.25
C GLY A 1 3.93 19.83 8.41
N SER A 2 5.19 19.41 8.34
CA SER A 2 5.54 18.07 7.86
C SER A 2 5.10 17.03 8.91
N SER A 3 5.25 15.75 8.61
CA SER A 3 4.92 14.65 9.50
C SER A 3 6.18 13.81 9.74
N GLY A 4 6.55 12.94 8.80
CA GLY A 4 7.62 11.96 8.93
C GLY A 4 7.83 11.28 7.58
N SER A 5 7.08 10.21 7.31
CA SER A 5 7.19 9.36 6.11
C SER A 5 5.85 9.22 5.36
N SER A 6 4.75 9.81 5.87
CA SER A 6 3.50 9.91 5.17
C SER A 6 3.56 11.06 4.16
N GLY A 7 2.64 11.07 3.20
CA GLY A 7 2.36 12.21 2.31
C GLY A 7 1.02 12.00 1.63
N SER A 8 0.53 12.99 0.89
CA SER A 8 -0.75 12.90 0.22
C SER A 8 -0.81 11.72 -0.74
N ALA A 9 -2.02 11.26 -1.07
CA ALA A 9 -2.25 10.05 -1.83
C ALA A 9 -1.49 9.97 -3.16
N LYS A 10 -1.72 10.92 -4.07
CA LYS A 10 -1.04 10.87 -5.37
C LYS A 10 0.48 11.00 -5.20
N ASN A 11 0.99 11.58 -4.09
CA ASN A 11 2.42 11.78 -3.85
C ASN A 11 3.17 10.46 -4.04
N ALA A 12 2.61 9.39 -3.48
CA ALA A 12 3.14 8.06 -3.56
C ALA A 12 2.88 7.46 -4.95
N TYR A 13 1.60 7.39 -5.36
CA TYR A 13 1.18 6.77 -6.62
C TYR A 13 1.96 7.29 -7.83
N THR A 14 2.11 8.61 -7.97
CA THR A 14 2.87 9.24 -9.04
C THR A 14 4.25 8.58 -9.21
N LYS A 15 4.97 8.40 -8.09
CA LYS A 15 6.35 7.91 -8.11
C LYS A 15 6.41 6.42 -8.45
N LEU A 16 5.40 5.65 -8.03
CA LEU A 16 5.23 4.22 -8.31
C LEU A 16 5.24 3.90 -9.81
N GLY A 17 4.93 4.88 -10.65
CA GLY A 17 4.81 4.72 -12.10
C GLY A 17 5.80 5.56 -12.88
N THR A 18 6.93 5.90 -12.28
CA THR A 18 8.06 6.55 -12.96
C THR A 18 9.36 5.97 -12.40
N ASP A 19 9.41 5.54 -11.13
CA ASP A 19 10.38 4.55 -10.67
C ASP A 19 9.84 3.18 -11.04
N ASP A 20 10.49 2.47 -11.97
CA ASP A 20 10.09 1.11 -12.29
C ASP A 20 10.22 0.19 -11.05
N ASN A 21 11.17 0.47 -10.16
CA ASN A 21 11.51 -0.38 -9.02
C ASN A 21 10.52 -0.19 -7.88
N ALA A 22 9.80 0.94 -7.88
CA ALA A 22 8.86 1.27 -6.83
C ALA A 22 7.70 0.28 -6.83
N GLN A 23 7.04 0.08 -5.69
CA GLN A 23 6.10 -1.02 -5.47
C GLN A 23 4.94 -0.59 -4.56
N LEU A 24 3.99 -1.49 -4.29
CA LEU A 24 2.84 -1.26 -3.42
C LEU A 24 2.69 -2.41 -2.44
N LEU A 25 2.59 -2.12 -1.14
CA LEU A 25 2.31 -3.08 -0.07
C LEU A 25 1.01 -2.71 0.62
N ASP A 26 -0.06 -3.33 0.15
CA ASP A 26 -1.39 -3.15 0.69
C ASP A 26 -1.49 -3.90 2.02
N ILE A 27 -1.41 -3.15 3.12
CA ILE A 27 -1.46 -3.67 4.49
C ILE A 27 -2.89 -3.72 5.02
N ARG A 28 -3.91 -3.42 4.20
CA ARG A 28 -5.30 -3.50 4.63
C ARG A 28 -5.66 -4.95 4.95
N ALA A 29 -6.71 -5.11 5.76
CA ALA A 29 -7.21 -6.38 6.21
C ALA A 29 -7.49 -7.31 5.02
N THR A 30 -7.33 -8.61 5.20
CA THR A 30 -7.65 -9.60 4.20
C THR A 30 -9.11 -9.51 3.76
N ALA A 31 -10.03 -9.21 4.68
CA ALA A 31 -11.43 -8.98 4.40
C ALA A 31 -11.65 -7.73 3.55
N ASP A 32 -10.74 -6.76 3.63
CA ASP A 32 -10.88 -5.47 2.96
C ASP A 32 -10.85 -5.67 1.46
N PHE A 33 -10.10 -6.66 0.96
CA PHE A 33 -10.11 -7.01 -0.45
C PHE A 33 -11.44 -7.62 -0.90
N ARG A 34 -12.34 -7.98 0.03
CA ARG A 34 -13.67 -8.53 -0.24
C ARG A 34 -14.75 -7.46 -0.12
N GLN A 35 -14.67 -6.56 0.86
CA GLN A 35 -15.73 -5.59 1.11
C GLN A 35 -15.44 -4.21 0.50
N VAL A 36 -14.16 -3.86 0.34
CA VAL A 36 -13.71 -2.69 -0.39
C VAL A 36 -13.25 -3.17 -1.76
N GLY A 37 -12.06 -3.75 -1.89
CA GLY A 37 -11.40 -4.10 -3.16
C GLY A 37 -9.90 -3.83 -3.06
N SER A 38 -9.20 -3.73 -4.19
CA SER A 38 -7.73 -3.54 -4.25
C SER A 38 -7.34 -2.47 -5.28
N PRO A 39 -6.20 -1.76 -5.14
CA PRO A 39 -5.74 -0.72 -6.06
C PRO A 39 -5.19 -1.27 -7.38
N ASN A 40 -5.47 -0.60 -8.50
CA ASN A 40 -4.98 -1.04 -9.82
C ASN A 40 -3.77 -0.23 -10.21
N ILE A 41 -2.60 -0.65 -9.72
CA ILE A 41 -1.32 -0.11 -10.17
C ILE A 41 -0.76 -0.85 -11.39
N LYS A 42 -1.50 -1.81 -11.97
CA LYS A 42 -0.99 -2.66 -13.04
C LYS A 42 -0.65 -1.82 -14.27
N GLY A 43 -1.44 -0.79 -14.57
CA GLY A 43 -1.14 0.15 -15.65
C GLY A 43 0.24 0.80 -15.49
N LEU A 44 0.72 0.98 -14.26
CA LEU A 44 2.05 1.54 -13.98
C LEU A 44 3.17 0.58 -14.38
N GLY A 45 2.90 -0.73 -14.40
CA GLY A 45 3.91 -1.73 -14.71
C GLY A 45 3.62 -3.09 -14.11
N LYS A 46 2.97 -3.18 -12.95
CA LYS A 46 2.90 -4.41 -12.15
C LYS A 46 1.83 -4.31 -11.09
N LYS A 47 1.40 -5.45 -10.57
CA LYS A 47 0.32 -5.50 -9.58
C LYS A 47 0.87 -5.08 -8.21
N ALA A 48 -0.01 -4.67 -7.29
CA ALA A 48 0.34 -4.52 -5.89
C ALA A 48 0.61 -5.89 -5.25
N VAL A 49 1.24 -5.89 -4.08
CA VAL A 49 1.21 -7.02 -3.16
C VAL A 49 0.15 -6.69 -2.10
N SER A 50 -0.39 -7.70 -1.43
CA SER A 50 -1.34 -7.57 -0.32
C SER A 50 -0.88 -8.48 0.82
N THR A 51 -0.62 -7.94 2.00
CA THR A 51 -0.30 -8.68 3.21
C THR A 51 -0.70 -7.79 4.37
N VAL A 52 -1.76 -8.11 5.12
CA VAL A 52 -2.17 -7.29 6.27
C VAL A 52 -1.02 -7.26 7.29
N TYR A 53 -0.59 -6.04 7.65
CA TYR A 53 0.42 -5.82 8.69
C TYR A 53 -0.20 -6.08 10.05
N ASN A 54 0.62 -6.47 11.02
CA ASN A 54 0.20 -6.54 12.43
C ASN A 54 1.35 -6.26 13.39
N GLY A 55 1.10 -5.52 14.47
CA GLY A 55 2.15 -5.19 15.44
C GLY A 55 2.58 -6.39 16.29
N GLU A 56 1.79 -7.45 16.40
CA GLU A 56 2.16 -8.62 17.20
C GLU A 56 3.44 -9.24 16.66
N ASP A 57 3.47 -9.47 15.35
CA ASP A 57 4.27 -10.49 14.72
C ASP A 57 5.07 -9.87 13.58
N LYS A 58 6.10 -9.12 13.96
CA LYS A 58 7.13 -8.59 13.03
C LYS A 58 7.67 -9.69 12.10
N PRO A 59 8.24 -10.80 12.60
CA PRO A 59 8.66 -11.92 11.76
C PRO A 59 7.48 -12.66 11.11
N GLY A 60 6.26 -12.53 11.62
CA GLY A 60 5.08 -13.17 11.07
C GLY A 60 4.53 -12.44 9.85
N PHE A 61 5.15 -11.34 9.44
CA PHE A 61 4.73 -10.49 8.33
C PHE A 61 5.80 -10.47 7.24
N LEU A 62 7.05 -10.18 7.62
CA LEU A 62 8.21 -10.14 6.72
C LEU A 62 8.46 -11.49 6.02
N LYS A 63 7.79 -12.57 6.45
CA LYS A 63 7.83 -13.89 5.84
C LYS A 63 7.23 -13.91 4.44
N LYS A 64 6.52 -12.84 4.04
CA LYS A 64 5.97 -12.70 2.70
C LYS A 64 6.87 -11.83 1.84
N LEU A 65 7.46 -10.77 2.39
CA LEU A 65 8.05 -9.69 1.59
C LEU A 65 9.46 -10.01 1.07
N SER A 66 9.95 -11.24 1.17
CA SER A 66 10.99 -11.67 0.22
C SER A 66 10.35 -12.10 -1.09
N LEU A 67 9.36 -13.01 -1.04
CA LEU A 67 8.97 -13.83 -2.19
C LEU A 67 7.98 -13.12 -3.11
N LYS A 68 7.82 -11.82 -2.87
CA LYS A 68 6.83 -10.93 -3.45
C LYS A 68 7.48 -9.74 -4.17
N PHE A 69 8.81 -9.61 -4.08
CA PHE A 69 9.61 -8.56 -4.71
C PHE A 69 10.76 -9.20 -5.49
N LYS A 70 11.54 -8.37 -6.19
CA LYS A 70 12.69 -8.85 -6.95
C LYS A 70 13.99 -8.08 -6.74
N ASP A 71 13.90 -6.82 -6.34
CA ASP A 71 15.09 -6.01 -6.06
C ASP A 71 14.79 -5.14 -4.85
N PRO A 72 14.61 -5.72 -3.66
CA PRO A 72 14.16 -4.98 -2.49
C PRO A 72 15.15 -3.87 -2.13
N GLU A 73 16.45 -4.12 -2.31
CA GLU A 73 17.56 -3.19 -2.09
C GLU A 73 17.57 -2.02 -3.08
N ASN A 74 16.61 -1.93 -4.01
CA ASN A 74 16.37 -0.73 -4.83
C ASN A 74 14.89 -0.36 -4.90
N THR A 75 13.97 -1.21 -4.47
CA THR A 75 12.55 -0.94 -4.47
C THR A 75 12.23 0.22 -3.52
N THR A 76 11.54 1.23 -4.05
CA THR A 76 10.86 2.28 -3.31
C THR A 76 9.45 1.75 -2.97
N LEU A 77 9.28 1.02 -1.87
CA LEU A 77 7.98 0.42 -1.54
C LEU A 77 7.03 1.47 -0.96
N TYR A 78 5.78 1.46 -1.36
CA TYR A 78 4.77 2.35 -0.82
C TYR A 78 3.78 1.46 -0.08
N ILE A 79 3.65 1.61 1.24
CA ILE A 79 2.58 0.95 1.97
C ILE A 79 1.25 1.55 1.50
N LEU A 80 0.13 0.87 1.73
CA LEU A 80 -1.22 1.40 1.59
C LEU A 80 -2.06 0.73 2.67
N ASP A 81 -2.55 1.49 3.65
CA ASP A 81 -3.46 1.03 4.69
C ASP A 81 -4.89 1.54 4.45
N LYS A 82 -5.85 1.24 5.33
CA LYS A 82 -7.22 1.69 5.18
C LYS A 82 -7.34 3.19 5.35
N PHE A 83 -6.68 3.76 6.35
CA PHE A 83 -7.08 5.05 6.90
C PHE A 83 -5.96 5.75 7.68
N ASP A 84 -5.12 4.99 8.40
CA ASP A 84 -4.07 5.44 9.30
C ASP A 84 -3.19 4.20 9.55
N GLY A 85 -3.80 3.21 10.21
CA GLY A 85 -3.22 1.92 10.52
C GLY A 85 -1.88 2.11 11.19
N ASN A 86 -0.85 1.45 10.66
CA ASN A 86 0.53 1.63 11.04
C ASN A 86 1.37 1.79 9.76
N SER A 87 0.84 2.55 8.78
CA SER A 87 1.49 2.83 7.51
C SER A 87 2.90 3.40 7.68
N GLU A 88 3.06 4.46 8.49
CA GLU A 88 4.35 5.12 8.73
C GLU A 88 5.34 4.16 9.37
N LEU A 89 4.85 3.27 10.25
CA LEU A 89 5.67 2.28 10.95
C LEU A 89 6.28 1.33 9.93
N VAL A 90 5.43 0.70 9.12
CA VAL A 90 5.87 -0.24 8.12
C VAL A 90 6.78 0.49 7.12
N ALA A 91 6.54 1.77 6.84
CA ALA A 91 7.37 2.60 5.96
C ALA A 91 8.81 2.79 6.47
N GLU A 92 9.16 2.43 7.70
CA GLU A 92 10.56 2.42 8.16
C GLU A 92 11.05 1.08 8.65
N LEU A 93 10.15 0.12 8.84
CA LEU A 93 10.49 -1.23 9.26
C LEU A 93 11.23 -2.00 8.18
N VAL A 94 10.81 -1.81 6.93
CA VAL A 94 11.24 -2.63 5.81
C VAL A 94 12.63 -2.26 5.31
N ALA A 95 12.98 -0.96 5.26
CA ALA A 95 14.32 -0.54 4.90
C ALA A 95 15.33 -1.18 5.87
N LEU A 96 15.00 -1.07 7.16
CA LEU A 96 15.69 -1.68 8.30
C LEU A 96 15.71 -3.22 8.25
N ASN A 97 15.08 -3.86 7.26
CA ASN A 97 15.03 -5.30 7.08
C ASN A 97 15.52 -5.75 5.69
N GLY A 98 16.05 -4.84 4.87
CA GLY A 98 16.76 -5.19 3.64
C GLY A 98 16.32 -4.37 2.44
N PHE A 99 15.27 -3.56 2.55
CA PHE A 99 14.85 -2.70 1.46
C PHE A 99 15.63 -1.40 1.49
N LYS A 100 15.51 -0.62 0.41
CA LYS A 100 16.22 0.66 0.31
C LYS A 100 15.48 1.74 1.09
N SER A 101 14.25 2.02 0.71
CA SER A 101 13.40 3.02 1.33
C SER A 101 11.98 2.55 1.20
N ALA A 102 11.10 3.03 2.09
CA ALA A 102 9.68 2.88 1.89
C ALA A 102 8.95 4.13 2.41
N TYR A 103 7.71 4.28 1.97
CA TYR A 103 6.84 5.42 2.25
C TYR A 103 5.47 4.97 2.71
N ALA A 104 4.75 5.89 3.35
CA ALA A 104 3.34 5.76 3.64
C ALA A 104 2.55 6.75 2.77
N ILE A 105 1.31 6.40 2.47
CA ILE A 105 0.27 7.29 1.97
C ILE A 105 -0.55 7.64 3.20
N LYS A 106 -0.69 8.94 3.45
CA LYS A 106 -1.57 9.45 4.47
C LYS A 106 -3.01 9.13 4.07
N ASP A 107 -3.90 9.03 5.05
CA ASP A 107 -5.34 8.84 4.86
C ASP A 107 -5.69 7.46 4.25
N GLY A 108 -4.68 6.61 3.99
CA GLY A 108 -4.80 5.27 3.42
C GLY A 108 -5.64 5.23 2.17
N ALA A 109 -6.44 4.18 1.97
CA ALA A 109 -7.30 4.02 0.82
C ALA A 109 -8.59 4.80 1.01
N GLU A 110 -9.29 4.52 2.11
CA GLU A 110 -10.71 4.82 2.28
C GLU A 110 -10.94 6.28 2.66
N GLY A 111 -9.88 7.04 2.93
CA GLY A 111 -9.98 8.39 3.43
C GLY A 111 -10.73 9.35 2.50
N PRO A 112 -11.12 10.53 3.01
CA PRO A 112 -11.58 11.64 2.16
C PRO A 112 -10.45 12.19 1.28
N ARG A 113 -9.21 11.79 1.57
CA ARG A 113 -7.97 12.33 1.04
C ARG A 113 -6.97 11.21 0.71
N GLY A 114 -7.46 9.95 0.71
CA GLY A 114 -6.65 8.76 0.59
C GLY A 114 -6.48 8.36 -0.87
N TRP A 115 -6.23 7.09 -1.15
CA TRP A 115 -6.09 6.58 -2.51
C TRP A 115 -7.39 6.85 -3.28
N LEU A 116 -8.52 6.42 -2.70
CA LEU A 116 -9.83 6.67 -3.21
C LEU A 116 -10.10 8.14 -2.93
N ASN A 117 -11.24 8.57 -3.43
CA ASN A 117 -11.73 9.95 -3.51
C ASN A 117 -10.70 10.95 -4.09
N SER A 118 -9.67 10.45 -4.79
CA SER A 118 -8.46 11.15 -5.20
C SER A 118 -8.00 10.68 -6.59
N SER A 119 -8.96 10.27 -7.42
CA SER A 119 -8.84 9.97 -8.84
C SER A 119 -8.10 8.67 -9.15
N LEU A 120 -7.59 7.96 -8.15
CA LEU A 120 -6.62 6.89 -8.40
C LEU A 120 -7.29 5.63 -8.94
N PRO A 121 -6.57 4.80 -9.71
CA PRO A 121 -7.13 3.61 -10.31
C PRO A 121 -7.33 2.52 -9.27
N TRP A 122 -8.30 1.64 -9.53
CA TRP A 122 -8.73 0.64 -8.59
C TRP A 122 -9.19 -0.61 -9.35
N ILE A 123 -9.08 -1.80 -8.74
CA ILE A 123 -9.42 -3.08 -9.35
C ILE A 123 -10.84 -3.46 -9.01
N GLU A 124 -11.23 -3.28 -7.74
CA GLU A 124 -12.54 -3.59 -7.19
C GLU A 124 -12.84 -5.10 -7.17
N PRO A 125 -13.80 -5.58 -6.36
CA PRO A 125 -14.24 -6.96 -6.38
C PRO A 125 -15.09 -7.23 -7.63
N LYS A 126 -15.62 -8.46 -7.74
CA LYS A 126 -16.63 -8.80 -8.72
C LYS A 126 -17.94 -8.07 -8.38
N LYS A 127 -18.92 -8.13 -9.29
CA LYS A 127 -20.28 -7.64 -9.06
C LYS A 127 -20.81 -8.10 -7.71
N THR A 128 -21.17 -7.13 -6.87
CA THR A 128 -21.63 -7.30 -5.50
C THR A 128 -22.68 -6.20 -5.23
N SER A 129 -23.47 -6.34 -4.17
CA SER A 129 -24.18 -5.24 -3.53
C SER A 129 -23.54 -5.08 -2.14
N GLY A 130 -23.15 -3.85 -1.78
CA GLY A 130 -22.51 -3.55 -0.51
C GLY A 130 -23.38 -2.63 0.35
N PRO A 131 -24.50 -3.11 0.93
CA PRO A 131 -25.37 -2.33 1.80
C PRO A 131 -24.73 -2.01 3.17
N SER A 132 -23.49 -2.45 3.39
CA SER A 132 -22.75 -2.22 4.61
C SER A 132 -21.42 -1.50 4.36
N SER A 133 -21.13 -1.08 3.12
CA SER A 133 -19.86 -0.46 2.77
C SER A 133 -19.65 0.81 3.59
N GLY A 134 -18.39 1.17 3.84
CA GLY A 134 -18.00 2.25 4.71
C GLY A 134 -16.73 1.85 5.40
N GLY A 1 3.06 17.78 5.50
CA GLY A 1 4.12 18.16 4.56
C GLY A 1 5.40 17.38 4.82
N SER A 2 5.45 16.12 4.36
CA SER A 2 6.58 15.20 4.42
C SER A 2 6.83 14.59 5.81
N SER A 3 6.49 15.29 6.91
CA SER A 3 6.41 14.66 8.22
C SER A 3 5.47 13.46 8.13
N GLY A 4 5.91 12.30 8.64
CA GLY A 4 5.17 11.05 8.56
C GLY A 4 5.69 10.13 7.44
N SER A 5 6.76 10.51 6.75
CA SER A 5 7.28 9.78 5.58
C SER A 5 6.20 9.69 4.48
N SER A 6 5.32 10.70 4.44
CA SER A 6 4.04 10.65 3.78
C SER A 6 3.74 11.98 3.12
N GLY A 7 3.52 11.99 1.81
CA GLY A 7 2.86 13.08 1.11
C GLY A 7 1.37 12.79 1.00
N SER A 8 0.69 13.54 0.14
CA SER A 8 -0.66 13.24 -0.31
C SER A 8 -0.74 11.82 -0.86
N ALA A 9 -1.98 11.37 -1.05
CA ALA A 9 -2.31 10.14 -1.74
C ALA A 9 -1.63 10.03 -3.10
N LYS A 10 -1.78 11.05 -3.96
CA LYS A 10 -1.13 10.97 -5.27
C LYS A 10 0.40 10.96 -5.12
N ASN A 11 0.98 11.48 -4.02
CA ASN A 11 2.42 11.48 -3.82
C ASN A 11 2.97 10.06 -3.68
N ALA A 12 2.13 9.07 -3.33
CA ALA A 12 2.50 7.68 -3.50
C ALA A 12 2.37 7.32 -4.98
N TYR A 13 1.15 7.28 -5.50
CA TYR A 13 0.87 6.71 -6.82
C TYR A 13 1.65 7.34 -7.97
N THR A 14 1.75 8.67 -8.02
CA THR A 14 2.49 9.31 -9.09
C THR A 14 3.91 8.75 -9.13
N LYS A 15 4.54 8.63 -7.96
CA LYS A 15 5.92 8.18 -7.84
C LYS A 15 6.04 6.67 -8.02
N LEU A 16 4.98 5.89 -7.83
CA LEU A 16 4.98 4.46 -7.84
C LEU A 16 5.30 3.92 -9.26
N GLY A 17 5.11 4.72 -10.30
CA GLY A 17 5.48 4.37 -11.67
C GLY A 17 6.56 5.27 -12.25
N THR A 18 6.92 6.37 -11.55
CA THR A 18 8.00 7.25 -11.99
C THR A 18 9.36 6.55 -11.88
N ASP A 19 9.45 5.57 -10.98
CA ASP A 19 10.60 4.76 -10.67
C ASP A 19 10.13 3.34 -10.86
N ASP A 20 10.55 2.65 -11.91
CA ASP A 20 10.05 1.31 -12.21
C ASP A 20 10.26 0.34 -11.05
N ASN A 21 11.35 0.55 -10.31
CA ASN A 21 11.85 -0.32 -9.26
C ASN A 21 10.84 -0.36 -8.12
N ALA A 22 10.05 0.70 -7.97
CA ALA A 22 9.10 0.92 -6.91
C ALA A 22 8.06 -0.20 -6.87
N GLN A 23 7.39 -0.35 -5.72
CA GLN A 23 6.37 -1.36 -5.49
C GLN A 23 5.32 -0.81 -4.54
N LEU A 24 4.25 -1.59 -4.34
CA LEU A 24 3.13 -1.25 -3.48
C LEU A 24 2.90 -2.42 -2.53
N LEU A 25 2.84 -2.16 -1.23
CA LEU A 25 2.56 -3.14 -0.17
C LEU A 25 1.21 -2.80 0.42
N ASP A 26 0.20 -3.48 -0.07
CA ASP A 26 -1.15 -3.31 0.41
C ASP A 26 -1.26 -4.03 1.77
N ILE A 27 -1.30 -3.24 2.85
CA ILE A 27 -1.38 -3.74 4.22
C ILE A 27 -2.82 -3.73 4.75
N ARG A 28 -3.81 -3.37 3.94
CA ARG A 28 -5.20 -3.39 4.39
C ARG A 28 -5.59 -4.84 4.68
N ALA A 29 -6.58 -5.02 5.55
CA ALA A 29 -7.02 -6.35 5.93
C ALA A 29 -7.50 -7.10 4.70
N THR A 30 -7.39 -8.44 4.72
CA THR A 30 -7.86 -9.26 3.61
C THR A 30 -9.34 -8.99 3.34
N ALA A 31 -10.08 -8.70 4.41
CA ALA A 31 -11.47 -8.32 4.46
C ALA A 31 -11.78 -7.06 3.64
N ASP A 32 -10.86 -6.10 3.55
CA ASP A 32 -11.04 -4.88 2.75
C ASP A 32 -11.22 -5.29 1.29
N PHE A 33 -10.39 -6.23 0.83
CA PHE A 33 -10.52 -6.79 -0.51
C PHE A 33 -11.85 -7.51 -0.73
N ARG A 34 -12.61 -7.79 0.33
CA ARG A 34 -13.90 -8.47 0.25
C ARG A 34 -15.05 -7.48 0.39
N GLN A 35 -14.88 -6.35 1.08
CA GLN A 35 -15.94 -5.33 1.21
C GLN A 35 -15.73 -4.15 0.25
N VAL A 36 -14.50 -3.63 0.12
CA VAL A 36 -14.16 -2.42 -0.64
C VAL A 36 -13.50 -2.75 -2.00
N GLY A 37 -12.77 -3.86 -2.12
CA GLY A 37 -12.04 -4.20 -3.34
C GLY A 37 -10.56 -3.85 -3.18
N SER A 38 -9.84 -3.59 -4.27
CA SER A 38 -8.43 -3.24 -4.17
C SER A 38 -8.07 -2.19 -5.20
N PRO A 39 -7.00 -1.40 -4.97
CA PRO A 39 -6.49 -0.45 -5.94
C PRO A 39 -5.99 -1.18 -7.19
N ASN A 40 -5.94 -0.48 -8.32
CA ASN A 40 -5.21 -0.95 -9.51
C ASN A 40 -3.91 -0.15 -9.59
N ILE A 41 -2.81 -0.80 -9.97
CA ILE A 41 -1.57 -0.14 -10.40
C ILE A 41 -0.92 -0.86 -11.59
N LYS A 42 -1.61 -1.81 -12.22
CA LYS A 42 -0.98 -2.84 -13.05
C LYS A 42 -0.19 -2.23 -14.20
N GLY A 43 -0.74 -1.26 -14.94
CA GLY A 43 -0.01 -0.68 -16.04
C GLY A 43 1.20 0.16 -15.59
N LEU A 44 1.34 0.48 -14.30
CA LEU A 44 2.57 1.07 -13.78
C LEU A 44 3.71 0.05 -13.72
N GLY A 45 3.45 -1.25 -13.91
CA GLY A 45 4.52 -2.23 -14.07
C GLY A 45 4.14 -3.63 -13.64
N LYS A 46 3.16 -3.73 -12.75
CA LYS A 46 2.95 -4.89 -11.91
C LYS A 46 1.79 -4.55 -10.98
N LYS A 47 1.21 -5.58 -10.39
CA LYS A 47 0.19 -5.46 -9.36
C LYS A 47 0.88 -5.34 -8.01
N ALA A 48 0.30 -4.60 -7.08
CA ALA A 48 0.77 -4.55 -5.71
C ALA A 48 0.80 -5.95 -5.10
N VAL A 49 1.63 -6.11 -4.08
CA VAL A 49 1.56 -7.23 -3.15
C VAL A 49 0.41 -6.95 -2.17
N SER A 50 -0.17 -7.99 -1.56
CA SER A 50 -1.10 -7.89 -0.44
C SER A 50 -0.51 -8.66 0.73
N THR A 51 -0.32 -8.04 1.89
CA THR A 51 0.06 -8.73 3.13
C THR A 51 -0.44 -7.85 4.26
N VAL A 52 -1.49 -8.28 4.98
CA VAL A 52 -2.01 -7.50 6.09
C VAL A 52 -0.90 -7.38 7.12
N TYR A 53 -0.52 -6.15 7.44
CA TYR A 53 0.46 -5.92 8.48
C TYR A 53 -0.17 -6.19 9.85
N ASN A 54 0.64 -6.75 10.75
CA ASN A 54 0.25 -7.14 12.09
C ASN A 54 1.39 -6.71 13.02
N GLY A 55 1.06 -6.07 14.15
CA GLY A 55 2.04 -5.62 15.13
C GLY A 55 2.46 -6.68 16.12
N GLU A 56 1.90 -7.90 15.99
CA GLU A 56 2.22 -9.05 16.81
C GLU A 56 3.49 -9.69 16.22
N ASP A 57 3.35 -10.52 15.19
CA ASP A 57 4.43 -11.28 14.60
C ASP A 57 5.20 -10.40 13.62
N LYS A 58 6.06 -9.53 14.16
CA LYS A 58 7.00 -8.71 13.40
C LYS A 58 7.73 -9.53 12.30
N PRO A 59 8.50 -10.57 12.64
CA PRO A 59 9.16 -11.41 11.64
C PRO A 59 8.14 -12.22 10.83
N GLY A 60 7.02 -12.62 11.46
CA GLY A 60 6.01 -13.45 10.82
C GLY A 60 5.19 -12.73 9.76
N PHE A 61 5.49 -11.46 9.50
CA PHE A 61 4.91 -10.67 8.42
C PHE A 61 5.93 -10.47 7.32
N LEU A 62 7.16 -10.06 7.68
CA LEU A 62 8.23 -9.78 6.72
C LEU A 62 8.53 -10.99 5.82
N LYS A 63 8.23 -12.20 6.27
CA LYS A 63 8.45 -13.43 5.52
C LYS A 63 7.74 -13.42 4.18
N LYS A 64 6.65 -12.66 4.04
CA LYS A 64 5.95 -12.65 2.76
C LYS A 64 6.75 -11.83 1.77
N LEU A 65 7.33 -10.71 2.21
CA LEU A 65 8.09 -9.81 1.36
C LEU A 65 9.29 -10.54 0.78
N SER A 66 10.00 -11.32 1.59
CA SER A 66 11.24 -12.01 1.23
C SER A 66 11.13 -12.92 -0.02
N LEU A 67 9.92 -13.29 -0.46
CA LEU A 67 9.68 -14.09 -1.68
C LEU A 67 8.76 -13.40 -2.69
N LYS A 68 8.19 -12.23 -2.37
CA LYS A 68 7.26 -11.51 -3.23
C LYS A 68 7.96 -10.46 -4.09
N PHE A 69 9.23 -10.13 -3.82
CA PHE A 69 9.97 -9.08 -4.51
C PHE A 69 11.14 -9.71 -5.25
N LYS A 70 11.91 -8.90 -5.99
CA LYS A 70 13.01 -9.36 -6.82
C LYS A 70 14.27 -8.56 -6.54
N ASP A 71 14.13 -7.29 -6.20
CA ASP A 71 15.23 -6.34 -6.06
C ASP A 71 14.91 -5.34 -4.95
N PRO A 72 14.73 -5.83 -3.71
CA PRO A 72 14.20 -5.03 -2.61
C PRO A 72 15.17 -3.90 -2.24
N GLU A 73 16.47 -4.13 -2.40
CA GLU A 73 17.55 -3.22 -2.04
C GLU A 73 17.55 -1.90 -2.82
N ASN A 74 16.66 -1.74 -3.81
CA ASN A 74 16.35 -0.45 -4.40
C ASN A 74 14.88 -0.31 -4.80
N THR A 75 14.04 -1.30 -4.49
CA THR A 75 12.61 -1.19 -4.71
C THR A 75 12.07 -0.22 -3.67
N THR A 76 11.62 0.93 -4.13
CA THR A 76 11.07 1.97 -3.30
C THR A 76 9.63 1.57 -2.95
N LEU A 77 9.40 1.00 -1.77
CA LEU A 77 8.12 0.40 -1.41
C LEU A 77 7.15 1.46 -0.90
N TYR A 78 5.93 1.41 -1.37
CA TYR A 78 4.86 2.30 -0.95
C TYR A 78 3.85 1.47 -0.18
N ILE A 79 3.80 1.59 1.15
CA ILE A 79 2.76 0.92 1.93
C ILE A 79 1.44 1.66 1.76
N LEU A 80 0.31 0.94 1.76
CA LEU A 80 -1.05 1.47 1.65
C LEU A 80 -1.94 0.82 2.71
N ASP A 81 -2.42 1.59 3.70
CA ASP A 81 -3.36 1.18 4.75
C ASP A 81 -4.80 1.67 4.45
N LYS A 82 -5.79 1.28 5.25
CA LYS A 82 -7.18 1.74 5.19
C LYS A 82 -7.33 3.22 5.43
N PHE A 83 -6.73 3.83 6.46
CA PHE A 83 -7.13 5.15 6.91
C PHE A 83 -6.06 5.84 7.75
N ASP A 84 -5.36 5.06 8.55
CA ASP A 84 -4.44 5.51 9.59
C ASP A 84 -3.50 4.34 9.85
N GLY A 85 -4.07 3.26 10.39
CA GLY A 85 -3.47 1.95 10.52
C GLY A 85 -2.06 2.07 11.08
N ASN A 86 -1.07 1.78 10.22
CA ASN A 86 0.34 1.73 10.60
C ASN A 86 1.25 1.86 9.36
N SER A 87 0.80 2.48 8.25
CA SER A 87 1.57 2.57 7.02
C SER A 87 2.94 3.21 7.27
N GLU A 88 3.03 4.23 8.12
CA GLU A 88 4.29 4.89 8.41
C GLU A 88 5.23 4.01 9.21
N LEU A 89 4.69 3.11 10.04
CA LEU A 89 5.45 2.13 10.81
C LEU A 89 6.11 1.16 9.83
N VAL A 90 5.33 0.59 8.91
CA VAL A 90 5.86 -0.32 7.90
C VAL A 90 6.83 0.43 6.97
N ALA A 91 6.59 1.73 6.70
CA ALA A 91 7.49 2.57 5.92
C ALA A 91 8.85 2.75 6.60
N GLU A 92 8.95 2.60 7.93
CA GLU A 92 10.23 2.65 8.64
C GLU A 92 10.73 1.25 9.03
N LEU A 93 10.09 0.18 8.56
CA LEU A 93 10.47 -1.20 8.89
C LEU A 93 11.18 -1.85 7.71
N VAL A 94 10.57 -1.87 6.53
CA VAL A 94 11.15 -2.59 5.39
C VAL A 94 12.54 -2.07 5.05
N ALA A 95 12.73 -0.75 5.12
CA ALA A 95 13.97 -0.06 4.81
C ALA A 95 15.12 -0.41 5.78
N LEU A 96 14.81 -1.12 6.87
CA LEU A 96 15.69 -1.53 7.94
C LEU A 96 15.87 -3.06 7.95
N ASN A 97 15.23 -3.77 7.01
CA ASN A 97 15.07 -5.23 7.02
C ASN A 97 15.37 -5.87 5.67
N GLY A 98 15.96 -5.12 4.72
CA GLY A 98 16.44 -5.63 3.46
C GLY A 98 16.08 -4.75 2.26
N PHE A 99 15.32 -3.68 2.46
CA PHE A 99 15.03 -2.68 1.44
C PHE A 99 15.81 -1.39 1.77
N LYS A 100 15.72 -0.35 0.92
CA LYS A 100 16.44 0.91 1.08
C LYS A 100 15.60 2.01 1.71
N SER A 101 14.45 2.35 1.13
CA SER A 101 13.62 3.49 1.50
C SER A 101 12.16 3.14 1.21
N ALA A 102 11.24 3.52 2.10
CA ALA A 102 9.82 3.30 1.91
C ALA A 102 9.01 4.53 2.28
N TYR A 103 7.78 4.58 1.78
CA TYR A 103 6.84 5.68 1.89
C TYR A 103 5.52 5.15 2.44
N ALA A 104 4.74 6.04 3.06
CA ALA A 104 3.34 5.80 3.39
C ALA A 104 2.45 6.76 2.58
N ILE A 105 1.15 6.45 2.53
CA ILE A 105 0.12 7.31 2.00
C ILE A 105 -0.81 7.69 3.16
N LYS A 106 -0.88 8.98 3.45
CA LYS A 106 -1.78 9.49 4.47
C LYS A 106 -3.23 9.28 4.06
N ASP A 107 -4.12 9.08 5.03
CA ASP A 107 -5.55 8.78 4.88
C ASP A 107 -5.80 7.45 4.15
N GLY A 108 -4.76 6.65 3.89
CA GLY A 108 -4.86 5.31 3.33
C GLY A 108 -5.69 5.24 2.05
N ALA A 109 -6.85 4.62 2.17
CA ALA A 109 -7.76 4.34 1.08
C ALA A 109 -9.12 4.90 1.44
N GLU A 110 -9.65 4.47 2.57
CA GLU A 110 -10.99 4.77 3.06
C GLU A 110 -11.00 6.08 3.86
N GLY A 111 -10.12 7.03 3.53
CA GLY A 111 -10.14 8.39 4.04
C GLY A 111 -10.49 9.37 2.93
N PRO A 112 -11.07 10.54 3.23
CA PRO A 112 -11.47 11.54 2.22
C PRO A 112 -10.30 12.11 1.41
N ARG A 113 -9.06 11.88 1.82
CA ARG A 113 -7.87 12.32 1.13
C ARG A 113 -6.97 11.15 0.72
N GLY A 114 -7.41 9.90 0.94
CA GLY A 114 -6.63 8.71 0.68
C GLY A 114 -6.62 8.39 -0.81
N TRP A 115 -6.36 7.13 -1.15
CA TRP A 115 -6.29 6.66 -2.52
C TRP A 115 -7.63 6.86 -3.24
N LEU A 116 -8.73 6.36 -2.66
CA LEU A 116 -10.07 6.62 -3.08
C LEU A 116 -10.26 8.10 -2.81
N ASN A 117 -11.17 8.63 -3.56
CA ASN A 117 -11.55 10.05 -3.68
C ASN A 117 -10.43 10.96 -4.21
N SER A 118 -9.21 10.44 -4.40
CA SER A 118 -8.11 11.09 -5.09
C SER A 118 -8.18 10.86 -6.62
N SER A 119 -9.26 10.25 -7.13
CA SER A 119 -9.48 9.97 -8.55
C SER A 119 -8.48 8.95 -9.10
N LEU A 120 -7.99 8.08 -8.22
CA LEU A 120 -7.01 7.04 -8.55
C LEU A 120 -7.71 5.79 -9.12
N PRO A 121 -7.01 4.93 -9.87
CA PRO A 121 -7.59 3.70 -10.39
C PRO A 121 -7.83 2.66 -9.27
N TRP A 122 -8.89 1.87 -9.43
CA TRP A 122 -9.29 0.78 -8.53
C TRP A 122 -9.64 -0.44 -9.39
N ILE A 123 -9.49 -1.67 -8.88
CA ILE A 123 -9.88 -2.92 -9.55
C ILE A 123 -11.36 -3.24 -9.27
N GLU A 124 -11.86 -2.83 -8.10
CA GLU A 124 -13.15 -3.17 -7.50
C GLU A 124 -13.33 -4.67 -7.18
N PRO A 125 -14.22 -4.97 -6.22
CA PRO A 125 -14.62 -6.34 -5.92
C PRO A 125 -15.59 -6.81 -7.01
N LYS A 126 -16.10 -8.04 -6.86
CA LYS A 126 -16.82 -8.76 -7.91
C LYS A 126 -18.31 -8.90 -7.61
N LYS A 127 -18.78 -8.02 -6.73
CA LYS A 127 -20.18 -7.78 -6.41
C LYS A 127 -20.61 -6.42 -6.93
N THR A 128 -21.91 -6.17 -6.92
CA THR A 128 -22.51 -4.90 -7.30
C THR A 128 -23.54 -4.42 -6.26
N SER A 129 -23.74 -5.18 -5.18
CA SER A 129 -24.59 -4.83 -4.07
C SER A 129 -23.81 -3.95 -3.08
N GLY A 130 -23.94 -2.63 -3.13
CA GLY A 130 -23.29 -1.75 -2.17
C GLY A 130 -24.02 -0.43 -1.95
N PRO A 131 -25.34 -0.40 -1.73
CA PRO A 131 -26.12 0.85 -1.67
C PRO A 131 -25.88 1.67 -0.39
N SER A 132 -24.91 1.29 0.46
CA SER A 132 -24.68 1.86 1.78
C SER A 132 -23.18 1.96 2.10
N SER A 133 -22.30 1.79 1.11
CA SER A 133 -20.86 1.68 1.35
C SER A 133 -20.33 2.93 2.05
N GLY A 134 -20.64 4.11 1.52
CA GLY A 134 -20.05 5.36 2.01
C GLY A 134 -18.57 5.43 1.66
N GLY A 1 9.19 21.09 4.62
CA GLY A 1 9.07 19.73 4.08
C GLY A 1 9.12 18.71 5.20
N SER A 2 10.15 17.86 5.22
CA SER A 2 10.28 16.79 6.19
C SER A 2 11.73 16.29 6.21
N SER A 3 11.95 15.27 7.04
CA SER A 3 13.09 14.38 7.07
C SER A 3 12.65 12.93 6.77
N GLY A 4 11.35 12.67 6.69
CA GLY A 4 10.78 11.33 6.63
C GLY A 4 9.41 11.38 7.30
N SER A 5 8.36 11.68 6.54
CA SER A 5 6.98 11.51 6.94
C SER A 5 6.14 11.11 5.72
N SER A 6 4.90 10.68 5.92
CA SER A 6 3.98 10.18 4.88
C SER A 6 3.77 11.20 3.75
N GLY A 7 3.28 10.74 2.60
CA GLY A 7 2.92 11.57 1.47
C GLY A 7 1.41 11.77 1.39
N SER A 8 0.99 12.82 0.68
CA SER A 8 -0.37 12.98 0.20
C SER A 8 -0.71 11.83 -0.74
N ALA A 9 -1.98 11.57 -1.02
CA ALA A 9 -2.36 10.31 -1.65
C ALA A 9 -1.69 10.06 -3.00
N LYS A 10 -1.76 10.96 -4.00
CA LYS A 10 -1.05 10.77 -5.27
C LYS A 10 0.46 10.66 -5.10
N ASN A 11 1.06 11.12 -3.98
CA ASN A 11 2.51 11.10 -3.81
C ASN A 11 3.07 9.73 -4.22
N ALA A 12 2.46 8.65 -3.71
CA ALA A 12 2.85 7.29 -4.05
C ALA A 12 2.57 6.97 -5.52
N TYR A 13 1.32 7.02 -6.00
CA TYR A 13 0.95 6.65 -7.37
C TYR A 13 1.77 7.40 -8.42
N THR A 14 1.97 8.71 -8.22
CA THR A 14 2.79 9.53 -9.10
C THR A 14 4.16 8.90 -9.26
N LYS A 15 4.80 8.52 -8.14
CA LYS A 15 6.08 7.85 -8.11
C LYS A 15 5.95 6.49 -8.79
N LEU A 16 5.02 5.61 -8.38
CA LEU A 16 4.85 4.27 -8.93
C LEU A 16 4.91 4.28 -10.46
N GLY A 17 4.20 5.22 -11.09
CA GLY A 17 4.07 5.27 -12.55
C GLY A 17 5.20 5.98 -13.25
N THR A 18 6.25 6.36 -12.54
CA THR A 18 7.43 6.98 -13.07
C THR A 18 8.69 6.28 -12.53
N ASP A 19 8.51 5.25 -11.70
CA ASP A 19 9.55 4.53 -10.99
C ASP A 19 9.25 3.04 -11.12
N ASP A 20 9.89 2.40 -12.08
CA ASP A 20 9.78 0.97 -12.30
C ASP A 20 10.25 0.18 -11.06
N ASN A 21 11.14 0.78 -10.25
CA ASN A 21 11.70 0.17 -9.05
C ASN A 21 10.74 0.31 -7.87
N ALA A 22 9.73 1.17 -7.96
CA ALA A 22 8.76 1.34 -6.90
C ALA A 22 7.85 0.11 -6.80
N GLN A 23 7.13 -0.04 -5.68
CA GLN A 23 6.18 -1.12 -5.43
C GLN A 23 5.04 -0.63 -4.54
N LEU A 24 4.01 -1.46 -4.32
CA LEU A 24 2.91 -1.20 -3.39
C LEU A 24 2.79 -2.40 -2.43
N LEU A 25 2.73 -2.15 -1.12
CA LEU A 25 2.44 -3.16 -0.09
C LEU A 25 1.08 -2.81 0.52
N ASP A 26 0.03 -3.46 0.03
CA ASP A 26 -1.31 -3.28 0.52
C ASP A 26 -1.39 -3.96 1.90
N ILE A 27 -1.29 -3.18 2.99
CA ILE A 27 -1.41 -3.70 4.36
C ILE A 27 -2.86 -3.72 4.86
N ARG A 28 -3.81 -3.33 4.00
CA ARG A 28 -5.23 -3.40 4.34
C ARG A 28 -5.64 -4.84 4.60
N ALA A 29 -6.70 -5.00 5.38
CA ALA A 29 -7.21 -6.27 5.83
C ALA A 29 -7.48 -7.19 4.65
N THR A 30 -7.40 -8.50 4.90
CA THR A 30 -7.78 -9.49 3.92
C THR A 30 -9.25 -9.32 3.54
N ALA A 31 -10.11 -8.98 4.50
CA ALA A 31 -11.51 -8.67 4.30
C ALA A 31 -11.72 -7.51 3.33
N ASP A 32 -10.85 -6.51 3.40
CA ASP A 32 -11.01 -5.28 2.62
C ASP A 32 -10.86 -5.58 1.12
N PHE A 33 -10.08 -6.58 0.70
CA PHE A 33 -10.03 -6.95 -0.71
C PHE A 33 -11.34 -7.60 -1.18
N ARG A 34 -12.18 -8.07 -0.25
CA ARG A 34 -13.45 -8.73 -0.55
C ARG A 34 -14.56 -7.70 -0.76
N GLN A 35 -14.50 -6.59 -0.02
CA GLN A 35 -15.61 -5.65 0.12
C GLN A 35 -15.28 -4.28 -0.49
N VAL A 36 -14.00 -3.89 -0.54
CA VAL A 36 -13.52 -2.65 -1.15
C VAL A 36 -12.83 -2.98 -2.48
N GLY A 37 -11.98 -4.00 -2.53
CA GLY A 37 -11.16 -4.32 -3.69
C GLY A 37 -9.69 -3.98 -3.40
N SER A 38 -8.87 -3.84 -4.44
CA SER A 38 -7.44 -3.50 -4.33
C SER A 38 -7.08 -2.36 -5.30
N PRO A 39 -5.93 -1.69 -5.14
CA PRO A 39 -5.46 -0.67 -6.07
C PRO A 39 -5.01 -1.25 -7.43
N ASN A 40 -5.61 -0.78 -8.53
CA ASN A 40 -5.30 -1.21 -9.89
C ASN A 40 -4.10 -0.44 -10.43
N ILE A 41 -2.90 -0.87 -10.02
CA ILE A 41 -1.64 -0.27 -10.41
C ILE A 41 -0.89 -1.08 -11.49
N LYS A 42 -1.53 -2.13 -12.04
CA LYS A 42 -0.89 -3.03 -12.99
C LYS A 42 -0.29 -2.25 -14.17
N GLY A 43 -1.01 -1.27 -14.69
CA GLY A 43 -0.56 -0.42 -15.78
C GLY A 43 0.63 0.47 -15.44
N LEU A 44 0.97 0.63 -14.15
CA LEU A 44 2.20 1.32 -13.73
C LEU A 44 3.40 0.37 -13.77
N GLY A 45 3.17 -0.94 -13.96
CA GLY A 45 4.23 -1.90 -14.21
C GLY A 45 3.98 -3.29 -13.64
N LYS A 46 3.12 -3.43 -12.62
CA LYS A 46 2.89 -4.65 -11.86
C LYS A 46 1.82 -4.40 -10.82
N LYS A 47 1.26 -5.47 -10.25
CA LYS A 47 0.20 -5.40 -9.25
C LYS A 47 0.80 -5.17 -7.87
N ALA A 48 -0.03 -4.75 -6.93
CA ALA A 48 0.36 -4.55 -5.54
C ALA A 48 0.45 -5.90 -4.81
N VAL A 49 1.21 -5.94 -3.72
CA VAL A 49 1.39 -7.11 -2.87
C VAL A 49 0.47 -6.94 -1.66
N SER A 50 -0.55 -7.80 -1.53
CA SER A 50 -1.43 -7.78 -0.38
C SER A 50 -0.81 -8.58 0.78
N THR A 51 -0.53 -7.97 1.92
CA THR A 51 -0.22 -8.67 3.17
C THR A 51 -0.64 -7.73 4.31
N VAL A 52 -1.76 -8.01 4.99
CA VAL A 52 -2.16 -7.25 6.17
C VAL A 52 -1.05 -7.28 7.23
N TYR A 53 -0.67 -6.11 7.72
CA TYR A 53 0.26 -5.95 8.83
C TYR A 53 -0.46 -6.28 10.13
N ASN A 54 0.30 -6.76 11.14
CA ASN A 54 -0.28 -7.13 12.43
C ASN A 54 0.44 -6.58 13.67
N GLY A 55 1.58 -5.89 13.53
CA GLY A 55 2.27 -5.25 14.66
C GLY A 55 3.06 -6.26 15.45
N GLU A 56 2.35 -7.14 16.14
CA GLU A 56 2.86 -8.26 16.93
C GLU A 56 3.96 -8.99 16.16
N ASP A 57 3.54 -9.61 15.07
CA ASP A 57 4.37 -10.43 14.21
C ASP A 57 5.16 -9.55 13.25
N LYS A 58 6.07 -8.71 13.76
CA LYS A 58 7.14 -8.12 12.94
C LYS A 58 7.83 -9.19 12.07
N PRO A 59 8.38 -10.29 12.64
CA PRO A 59 8.94 -11.37 11.85
C PRO A 59 7.88 -12.03 10.98
N GLY A 60 6.72 -12.40 11.55
CA GLY A 60 5.61 -13.08 10.89
C GLY A 60 4.83 -12.18 9.96
N PHE A 61 5.50 -11.28 9.29
CA PHE A 61 4.97 -10.35 8.33
C PHE A 61 5.99 -10.21 7.22
N LEU A 62 7.22 -9.84 7.59
CA LEU A 62 8.36 -9.73 6.68
C LEU A 62 8.58 -11.01 5.86
N LYS A 63 8.14 -12.18 6.35
CA LYS A 63 8.25 -13.45 5.65
C LYS A 63 7.51 -13.45 4.33
N LYS A 64 6.45 -12.66 4.20
CA LYS A 64 5.66 -12.61 2.99
C LYS A 64 6.36 -11.75 1.95
N LEU A 65 7.17 -10.78 2.39
CA LEU A 65 7.87 -9.91 1.47
C LEU A 65 9.02 -10.68 0.81
N SER A 66 9.71 -11.58 1.52
CA SER A 66 10.94 -12.23 1.06
C SER A 66 10.81 -13.12 -0.17
N LEU A 67 9.62 -13.28 -0.74
CA LEU A 67 9.35 -14.04 -1.96
C LEU A 67 8.31 -13.34 -2.85
N LYS A 68 8.05 -12.05 -2.60
CA LYS A 68 7.08 -11.24 -3.33
C LYS A 68 7.75 -10.15 -4.17
N PHE A 69 9.04 -9.85 -3.96
CA PHE A 69 9.74 -8.76 -4.62
C PHE A 69 10.91 -9.30 -5.43
N LYS A 70 11.53 -8.48 -6.28
CA LYS A 70 12.65 -8.92 -7.11
C LYS A 70 13.97 -8.30 -6.68
N ASP A 71 13.96 -7.01 -6.38
CA ASP A 71 15.14 -6.24 -6.03
C ASP A 71 14.78 -5.38 -4.82
N PRO A 72 14.62 -5.97 -3.63
CA PRO A 72 14.13 -5.24 -2.47
C PRO A 72 15.14 -4.18 -2.04
N GLU A 73 16.44 -4.50 -2.06
CA GLU A 73 17.55 -3.66 -1.65
C GLU A 73 17.62 -2.32 -2.38
N ASN A 74 16.95 -2.18 -3.55
CA ASN A 74 16.83 -0.93 -4.28
C ASN A 74 15.37 -0.48 -4.42
N THR A 75 14.40 -1.38 -4.24
CA THR A 75 12.98 -1.08 -4.36
C THR A 75 12.59 -0.01 -3.34
N THR A 76 11.91 1.04 -3.83
CA THR A 76 11.22 2.01 -3.00
C THR A 76 9.80 1.48 -2.79
N LEU A 77 9.55 0.84 -1.65
CA LEU A 77 8.19 0.38 -1.36
C LEU A 77 7.32 1.61 -1.06
N TYR A 78 6.02 1.47 -1.28
CA TYR A 78 4.98 2.40 -0.85
C TYR A 78 3.93 1.53 -0.16
N ILE A 79 3.84 1.54 1.17
CA ILE A 79 2.74 0.84 1.83
C ILE A 79 1.42 1.54 1.50
N LEU A 80 0.27 0.89 1.69
CA LEU A 80 -1.06 1.49 1.54
C LEU A 80 -1.98 0.86 2.60
N ASP A 81 -2.26 1.59 3.68
CA ASP A 81 -3.21 1.23 4.76
C ASP A 81 -4.65 1.60 4.36
N LYS A 82 -5.65 1.36 5.20
CA LYS A 82 -7.07 1.59 4.92
C LYS A 82 -7.45 3.00 5.31
N PHE A 83 -7.52 3.29 6.60
CA PHE A 83 -7.87 4.63 7.06
C PHE A 83 -6.65 5.30 7.68
N ASP A 84 -6.30 4.93 8.91
CA ASP A 84 -5.30 5.63 9.70
C ASP A 84 -4.13 4.69 9.86
N GLY A 85 -4.33 3.64 10.65
CA GLY A 85 -3.55 2.44 10.62
C GLY A 85 -2.14 2.64 11.12
N ASN A 86 -1.22 1.98 10.43
CA ASN A 86 0.16 1.77 10.82
C ASN A 86 1.11 1.87 9.62
N SER A 87 0.62 2.36 8.48
CA SER A 87 1.37 2.64 7.26
C SER A 87 2.78 3.17 7.56
N GLU A 88 2.87 4.24 8.33
CA GLU A 88 4.11 4.98 8.61
C GLU A 88 5.06 4.18 9.51
N LEU A 89 4.53 3.17 10.22
CA LEU A 89 5.28 2.26 11.08
C LEU A 89 5.94 1.19 10.21
N VAL A 90 5.17 0.58 9.30
CA VAL A 90 5.70 -0.35 8.30
C VAL A 90 6.72 0.39 7.41
N ALA A 91 6.48 1.68 7.10
CA ALA A 91 7.31 2.49 6.22
C ALA A 91 8.69 2.79 6.82
N GLU A 92 8.94 2.44 8.09
CA GLU A 92 10.25 2.53 8.75
C GLU A 92 10.77 1.15 9.16
N LEU A 93 10.15 0.06 8.71
CA LEU A 93 10.57 -1.30 9.02
C LEU A 93 11.23 -1.93 7.81
N VAL A 94 10.54 -1.98 6.67
CA VAL A 94 11.04 -2.69 5.48
C VAL A 94 12.41 -2.13 5.08
N ALA A 95 12.56 -0.81 5.09
CA ALA A 95 13.77 -0.10 4.70
C ALA A 95 14.97 -0.41 5.62
N LEU A 96 14.74 -1.02 6.78
CA LEU A 96 15.76 -1.39 7.74
C LEU A 96 15.98 -2.91 7.73
N ASN A 97 15.05 -3.66 7.12
CA ASN A 97 14.97 -5.12 7.15
C ASN A 97 15.28 -5.71 5.78
N GLY A 98 15.91 -4.95 4.89
CA GLY A 98 16.44 -5.45 3.63
C GLY A 98 15.91 -4.75 2.39
N PHE A 99 15.07 -3.71 2.53
CA PHE A 99 14.68 -2.87 1.41
C PHE A 99 15.43 -1.54 1.47
N LYS A 100 15.34 -0.70 0.43
CA LYS A 100 16.11 0.55 0.40
C LYS A 100 15.54 1.62 1.32
N SER A 101 14.49 2.29 0.87
CA SER A 101 13.83 3.42 1.51
C SER A 101 12.34 3.25 1.27
N ALA A 102 11.50 3.62 2.23
CA ALA A 102 10.08 3.34 2.17
C ALA A 102 9.26 4.57 2.50
N TYR A 103 7.97 4.48 2.20
CA TYR A 103 6.98 5.55 2.13
C TYR A 103 5.64 5.06 2.69
N ALA A 104 4.81 6.01 3.10
CA ALA A 104 3.43 5.81 3.46
C ALA A 104 2.56 6.81 2.72
N ILE A 105 1.30 6.47 2.48
CA ILE A 105 0.26 7.35 1.95
C ILE A 105 -0.66 7.65 3.12
N LYS A 106 -0.86 8.94 3.38
CA LYS A 106 -1.77 9.38 4.41
C LYS A 106 -3.23 9.10 4.01
N ASP A 107 -4.13 9.00 5.00
CA ASP A 107 -5.52 8.51 4.84
C ASP A 107 -5.66 7.15 4.12
N GLY A 108 -4.56 6.43 3.87
CA GLY A 108 -4.57 5.11 3.26
C GLY A 108 -5.38 5.08 1.97
N ALA A 109 -6.43 4.26 1.93
CA ALA A 109 -7.34 4.12 0.82
C ALA A 109 -8.65 4.85 1.08
N GLU A 110 -9.23 4.65 2.26
CA GLU A 110 -10.61 4.96 2.58
C GLU A 110 -10.78 6.36 3.16
N GLY A 111 -9.70 7.00 3.66
CA GLY A 111 -9.78 8.27 4.36
C GLY A 111 -10.21 9.41 3.43
N PRO A 112 -10.61 10.58 3.96
CA PRO A 112 -11.24 11.64 3.17
C PRO A 112 -10.33 12.24 2.11
N ARG A 113 -9.02 12.00 2.20
CA ARG A 113 -8.04 12.33 1.16
C ARG A 113 -7.08 11.17 0.90
N GLY A 114 -7.49 9.93 1.16
CA GLY A 114 -6.74 8.73 0.85
C GLY A 114 -6.86 8.40 -0.64
N TRP A 115 -6.35 7.23 -1.04
CA TRP A 115 -6.25 6.75 -2.42
C TRP A 115 -7.57 6.94 -3.19
N LEU A 116 -8.69 6.43 -2.67
CA LEU A 116 -9.98 6.52 -3.38
C LEU A 116 -10.36 7.98 -3.58
N ASN A 117 -10.10 8.83 -2.59
CA ASN A 117 -10.37 10.27 -2.64
C ASN A 117 -9.31 11.06 -3.41
N SER A 118 -8.30 10.40 -3.97
CA SER A 118 -7.17 11.01 -4.65
C SER A 118 -7.38 11.10 -6.16
N SER A 119 -8.54 10.65 -6.66
CA SER A 119 -8.80 10.50 -8.09
C SER A 119 -7.81 9.52 -8.70
N LEU A 120 -7.78 8.30 -8.18
CA LEU A 120 -6.89 7.19 -8.56
C LEU A 120 -7.74 5.99 -8.98
N PRO A 121 -7.17 5.04 -9.77
CA PRO A 121 -7.87 3.84 -10.19
C PRO A 121 -8.10 2.89 -9.01
N TRP A 122 -8.95 1.89 -9.24
CA TRP A 122 -9.20 0.78 -8.31
C TRP A 122 -9.50 -0.50 -9.10
N ILE A 123 -9.43 -1.68 -8.46
CA ILE A 123 -9.74 -2.97 -9.07
C ILE A 123 -11.20 -3.32 -8.80
N GLU A 124 -11.71 -3.02 -7.61
CA GLU A 124 -12.98 -3.49 -7.04
C GLU A 124 -13.03 -5.02 -6.87
N PRO A 125 -13.93 -5.53 -6.00
CA PRO A 125 -14.29 -6.94 -6.01
C PRO A 125 -15.12 -7.30 -7.26
N LYS A 126 -15.63 -8.53 -7.31
CA LYS A 126 -16.27 -9.14 -8.48
C LYS A 126 -17.76 -9.40 -8.26
N LYS A 127 -18.27 -8.84 -7.18
CA LYS A 127 -19.66 -8.89 -6.78
C LYS A 127 -20.14 -7.46 -6.52
N THR A 128 -21.46 -7.30 -6.40
CA THR A 128 -22.12 -6.03 -6.27
C THR A 128 -23.24 -6.25 -5.24
N SER A 129 -23.34 -5.42 -4.20
CA SER A 129 -24.31 -5.60 -3.14
C SER A 129 -24.55 -4.28 -2.40
N GLY A 130 -25.69 -4.19 -1.70
CA GLY A 130 -26.10 -3.12 -0.80
C GLY A 130 -25.65 -1.72 -1.26
N PRO A 131 -26.16 -1.20 -2.38
CA PRO A 131 -25.62 -0.01 -3.05
C PRO A 131 -25.82 1.32 -2.31
N SER A 132 -26.47 1.32 -1.14
CA SER A 132 -26.56 2.48 -0.26
C SER A 132 -26.59 2.01 1.20
N SER A 133 -25.87 0.93 1.48
CA SER A 133 -25.98 0.17 2.72
C SER A 133 -24.67 0.15 3.52
N GLY A 134 -23.62 0.85 3.09
CA GLY A 134 -22.36 0.92 3.80
C GLY A 134 -21.41 1.85 3.08
N GLY A 1 1.73 9.00 17.06
CA GLY A 1 1.93 8.87 15.61
C GLY A 1 3.38 9.11 15.25
N SER A 2 3.64 9.63 14.05
CA SER A 2 4.96 10.07 13.61
C SER A 2 4.76 10.98 12.39
N SER A 3 5.84 11.30 11.69
CA SER A 3 5.83 11.82 10.34
C SER A 3 7.11 11.35 9.63
N GLY A 4 7.38 11.85 8.43
CA GLY A 4 8.61 11.62 7.68
C GLY A 4 8.32 11.46 6.19
N SER A 5 7.38 10.58 5.83
CA SER A 5 7.17 10.15 4.45
C SER A 5 5.70 10.22 4.00
N SER A 6 4.76 10.58 4.89
CA SER A 6 3.34 10.66 4.54
C SER A 6 2.99 11.96 3.84
N GLY A 7 2.98 11.91 2.51
CA GLY A 7 2.40 12.93 1.65
C GLY A 7 0.93 12.59 1.39
N SER A 8 0.31 13.42 0.55
CA SER A 8 -1.05 13.23 0.04
C SER A 8 -1.16 11.92 -0.75
N ALA A 9 -2.38 11.45 -0.99
CA ALA A 9 -2.63 10.18 -1.66
C ALA A 9 -1.94 10.08 -3.03
N LYS A 10 -2.18 11.04 -3.93
CA LYS A 10 -1.52 11.04 -5.22
C LYS A 10 0.00 11.07 -5.06
N ASN A 11 0.54 11.68 -4.00
CA ASN A 11 1.98 11.81 -3.86
C ASN A 11 2.67 10.45 -3.80
N ALA A 12 1.99 9.42 -3.30
CA ALA A 12 2.51 8.06 -3.36
C ALA A 12 2.34 7.52 -4.78
N TYR A 13 1.11 7.40 -5.29
CA TYR A 13 0.86 6.76 -6.59
C TYR A 13 1.61 7.41 -7.75
N THR A 14 1.65 8.75 -7.81
CA THR A 14 2.39 9.44 -8.84
C THR A 14 3.84 8.92 -8.91
N LYS A 15 4.45 8.54 -7.78
CA LYS A 15 5.86 8.21 -7.70
C LYS A 15 6.13 6.70 -7.70
N LEU A 16 5.07 5.89 -7.66
CA LEU A 16 5.10 4.45 -7.72
C LEU A 16 5.46 3.98 -9.15
N GLY A 17 5.14 4.81 -10.16
CA GLY A 17 5.30 4.50 -11.58
C GLY A 17 6.16 5.54 -12.27
N THR A 18 7.19 6.06 -11.59
CA THR A 18 8.21 6.94 -12.15
C THR A 18 9.63 6.41 -11.93
N ASP A 19 9.76 5.24 -11.32
CA ASP A 19 11.05 4.68 -10.87
C ASP A 19 11.30 3.25 -11.35
N ASP A 20 10.23 2.59 -11.78
CA ASP A 20 10.01 1.19 -12.16
C ASP A 20 10.38 0.13 -11.11
N ASN A 21 11.47 0.35 -10.37
CA ASN A 21 11.86 -0.45 -9.22
C ASN A 21 10.83 -0.31 -8.10
N ALA A 22 10.11 0.82 -8.04
CA ALA A 22 9.11 1.14 -7.04
C ALA A 22 7.99 0.08 -6.98
N GLN A 23 7.37 -0.07 -5.81
CA GLN A 23 6.45 -1.17 -5.50
C GLN A 23 5.33 -0.73 -4.53
N LEU A 24 4.32 -1.60 -4.31
CA LEU A 24 3.15 -1.30 -3.51
C LEU A 24 2.81 -2.47 -2.59
N LEU A 25 2.83 -2.22 -1.28
CA LEU A 25 2.54 -3.20 -0.23
C LEU A 25 1.23 -2.80 0.41
N ASP A 26 0.18 -3.44 -0.06
CA ASP A 26 -1.16 -3.24 0.45
C ASP A 26 -1.25 -3.94 1.80
N ILE A 27 -1.23 -3.15 2.90
CA ILE A 27 -1.26 -3.67 4.25
C ILE A 27 -2.69 -3.83 4.78
N ARG A 28 -3.72 -3.59 3.96
CA ARG A 28 -5.09 -3.64 4.45
C ARG A 28 -5.44 -5.07 4.84
N ALA A 29 -6.37 -5.20 5.79
CA ALA A 29 -6.98 -6.45 6.22
C ALA A 29 -7.43 -7.26 5.01
N THR A 30 -7.30 -8.58 5.08
CA THR A 30 -7.67 -9.46 3.98
C THR A 30 -9.17 -9.36 3.63
N ALA A 31 -10.02 -8.92 4.56
CA ALA A 31 -11.42 -8.66 4.30
C ALA A 31 -11.65 -7.44 3.39
N ASP A 32 -10.66 -6.56 3.21
CA ASP A 32 -10.78 -5.36 2.40
C ASP A 32 -10.93 -5.73 0.93
N PHE A 33 -10.08 -6.65 0.45
CA PHE A 33 -10.11 -7.23 -0.89
C PHE A 33 -11.39 -8.01 -1.19
N ARG A 34 -12.33 -8.08 -0.23
CA ARG A 34 -13.64 -8.69 -0.34
C ARG A 34 -14.77 -7.66 -0.24
N GLN A 35 -14.55 -6.53 0.43
CA GLN A 35 -15.50 -5.43 0.49
C GLN A 35 -15.05 -4.29 -0.43
N VAL A 36 -14.05 -3.48 -0.04
CA VAL A 36 -13.54 -2.35 -0.81
C VAL A 36 -12.89 -2.79 -2.13
N GLY A 37 -11.91 -3.69 -2.11
CA GLY A 37 -11.27 -4.19 -3.32
C GLY A 37 -9.77 -4.05 -3.24
N SER A 38 -9.14 -3.71 -4.36
CA SER A 38 -7.74 -3.36 -4.37
C SER A 38 -7.49 -2.20 -5.33
N PRO A 39 -6.41 -1.42 -5.13
CA PRO A 39 -5.99 -0.39 -6.06
C PRO A 39 -5.51 -1.01 -7.37
N ASN A 40 -5.79 -0.36 -8.50
CA ASN A 40 -5.24 -0.76 -9.80
C ASN A 40 -3.94 -0.01 -10.01
N ILE A 41 -2.82 -0.75 -10.04
CA ILE A 41 -1.50 -0.19 -10.38
C ILE A 41 -0.80 -1.07 -11.44
N LYS A 42 -1.49 -2.09 -11.95
CA LYS A 42 -0.87 -3.13 -12.77
C LYS A 42 -0.24 -2.53 -14.01
N GLY A 43 -0.90 -1.54 -14.62
CA GLY A 43 -0.37 -0.83 -15.76
C GLY A 43 0.98 -0.16 -15.51
N LEU A 44 1.33 0.20 -14.27
CA LEU A 44 2.63 0.81 -13.97
C LEU A 44 3.77 -0.19 -14.11
N GLY A 45 3.52 -1.49 -13.97
CA GLY A 45 4.57 -2.51 -14.03
C GLY A 45 4.26 -3.82 -13.35
N LYS A 46 3.29 -3.86 -12.44
CA LYS A 46 3.01 -5.03 -11.60
C LYS A 46 1.82 -4.71 -10.70
N LYS A 47 1.18 -5.75 -10.18
CA LYS A 47 0.09 -5.61 -9.22
C LYS A 47 0.68 -5.21 -7.86
N ALA A 48 -0.14 -4.61 -6.99
CA ALA A 48 0.21 -4.49 -5.59
C ALA A 48 0.30 -5.89 -4.97
N VAL A 49 1.25 -6.07 -4.05
CA VAL A 49 1.27 -7.21 -3.13
C VAL A 49 0.12 -7.00 -2.13
N SER A 50 -0.25 -8.04 -1.38
CA SER A 50 -1.35 -8.01 -0.43
C SER A 50 -0.98 -8.84 0.80
N THR A 51 -0.63 -8.17 1.89
CA THR A 51 -0.18 -8.80 3.11
C THR A 51 -0.61 -7.86 4.23
N VAL A 52 -1.69 -8.19 4.94
CA VAL A 52 -2.18 -7.36 6.03
C VAL A 52 -1.03 -7.15 7.03
N TYR A 53 -0.75 -5.89 7.40
CA TYR A 53 0.23 -5.63 8.45
C TYR A 53 -0.35 -6.09 9.77
N ASN A 54 0.47 -6.82 10.52
CA ASN A 54 0.14 -7.30 11.86
C ASN A 54 1.31 -6.97 12.76
N GLY A 55 1.28 -5.81 13.41
CA GLY A 55 2.30 -5.38 14.37
C GLY A 55 2.52 -6.37 15.51
N GLU A 56 1.59 -7.30 15.72
CA GLU A 56 1.74 -8.48 16.55
C GLU A 56 3.10 -9.15 16.39
N ASP A 57 3.52 -9.40 15.15
CA ASP A 57 4.59 -10.36 14.87
C ASP A 57 5.43 -9.85 13.71
N LYS A 58 6.43 -9.02 14.03
CA LYS A 58 7.33 -8.41 13.05
C LYS A 58 7.85 -9.41 12.00
N PRO A 59 8.54 -10.50 12.35
CA PRO A 59 9.00 -11.47 11.38
C PRO A 59 7.82 -12.15 10.68
N GLY A 60 6.75 -12.45 11.42
CA GLY A 60 5.50 -13.03 10.92
C GLY A 60 4.67 -12.14 10.01
N PHE A 61 5.24 -11.08 9.47
CA PHE A 61 4.66 -10.27 8.41
C PHE A 61 5.68 -10.20 7.28
N LEU A 62 6.92 -9.85 7.62
CA LEU A 62 8.06 -9.81 6.70
C LEU A 62 8.23 -11.11 5.92
N LYS A 63 7.79 -12.25 6.47
CA LYS A 63 7.84 -13.54 5.82
C LYS A 63 7.12 -13.58 4.50
N LYS A 64 6.16 -12.69 4.26
CA LYS A 64 5.46 -12.68 2.99
C LYS A 64 6.23 -11.88 1.96
N LEU A 65 7.02 -10.89 2.39
CA LEU A 65 7.70 -10.00 1.47
C LEU A 65 8.86 -10.73 0.81
N SER A 66 9.58 -11.59 1.52
CA SER A 66 10.85 -12.17 1.04
C SER A 66 10.70 -13.13 -0.16
N LEU A 67 9.49 -13.34 -0.68
CA LEU A 67 9.18 -14.16 -1.86
C LEU A 67 8.34 -13.39 -2.90
N LYS A 68 8.04 -12.11 -2.65
CA LYS A 68 7.10 -11.29 -3.40
C LYS A 68 7.81 -10.18 -4.19
N PHE A 69 9.10 -9.95 -3.97
CA PHE A 69 9.87 -8.85 -4.56
C PHE A 69 11.13 -9.38 -5.25
N LYS A 70 11.76 -8.53 -6.07
CA LYS A 70 12.82 -8.93 -7.00
C LYS A 70 14.15 -8.28 -6.67
N ASP A 71 14.10 -7.02 -6.25
CA ASP A 71 15.24 -6.17 -6.00
C ASP A 71 14.90 -5.25 -4.83
N PRO A 72 14.70 -5.82 -3.62
CA PRO A 72 14.24 -5.04 -2.48
C PRO A 72 15.24 -3.92 -2.17
N GLU A 73 16.54 -4.18 -2.33
CA GLU A 73 17.63 -3.22 -2.13
C GLU A 73 17.60 -2.05 -3.12
N ASN A 74 16.73 -2.02 -4.15
CA ASN A 74 16.54 -0.86 -5.02
C ASN A 74 15.08 -0.41 -5.07
N THR A 75 14.15 -1.23 -4.58
CA THR A 75 12.75 -0.89 -4.48
C THR A 75 12.52 0.18 -3.40
N THR A 76 11.91 1.30 -3.78
CA THR A 76 11.08 2.13 -2.92
C THR A 76 9.77 1.36 -2.71
N LEU A 77 9.50 0.87 -1.50
CA LEU A 77 8.17 0.36 -1.22
C LEU A 77 7.22 1.51 -0.87
N TYR A 78 5.96 1.39 -1.26
CA TYR A 78 4.89 2.30 -0.85
C TYR A 78 3.89 1.43 -0.09
N ILE A 79 3.79 1.60 1.23
CA ILE A 79 2.74 0.96 2.01
C ILE A 79 1.43 1.69 1.76
N LEU A 80 0.31 0.96 1.72
CA LEU A 80 -1.04 1.51 1.57
C LEU A 80 -1.94 0.81 2.59
N ASP A 81 -2.51 1.55 3.55
CA ASP A 81 -3.43 1.06 4.57
C ASP A 81 -4.86 1.56 4.32
N LYS A 82 -5.83 1.18 5.17
CA LYS A 82 -7.22 1.63 5.09
C LYS A 82 -7.32 3.14 5.29
N PHE A 83 -6.63 3.74 6.26
CA PHE A 83 -6.94 5.07 6.74
C PHE A 83 -5.76 5.72 7.45
N ASP A 84 -5.07 4.95 8.28
CA ASP A 84 -4.00 5.39 9.16
C ASP A 84 -3.17 4.18 9.55
N GLY A 85 -3.83 3.19 10.18
CA GLY A 85 -3.32 1.87 10.45
C GLY A 85 -1.99 1.93 11.17
N ASN A 86 -0.92 1.63 10.43
CA ASN A 86 0.47 1.75 10.88
C ASN A 86 1.37 2.09 9.67
N SER A 87 0.84 2.67 8.59
CA SER A 87 1.56 2.79 7.32
C SER A 87 2.95 3.41 7.51
N GLU A 88 3.06 4.43 8.36
CA GLU A 88 4.31 5.13 8.66
C GLU A 88 5.32 4.21 9.35
N LEU A 89 4.84 3.41 10.32
CA LEU A 89 5.65 2.40 11.02
C LEU A 89 6.29 1.47 9.99
N VAL A 90 5.48 0.95 9.06
CA VAL A 90 5.97 0.01 8.08
C VAL A 90 6.91 0.72 7.07
N ALA A 91 6.72 2.01 6.81
CA ALA A 91 7.55 2.82 5.90
C ALA A 91 8.98 2.98 6.42
N GLU A 92 9.20 2.88 7.74
CA GLU A 92 10.53 2.91 8.32
C GLU A 92 11.04 1.51 8.70
N LEU A 93 10.28 0.46 8.38
CA LEU A 93 10.57 -0.90 8.82
C LEU A 93 11.17 -1.74 7.69
N VAL A 94 10.54 -1.78 6.52
CA VAL A 94 11.05 -2.64 5.43
C VAL A 94 12.46 -2.25 5.03
N ALA A 95 12.78 -0.96 5.08
CA ALA A 95 14.09 -0.41 4.79
C ALA A 95 15.17 -1.03 5.70
N LEU A 96 14.81 -1.36 6.94
CA LEU A 96 15.70 -1.95 7.93
C LEU A 96 15.72 -3.48 7.82
N ASN A 97 14.89 -4.06 6.94
CA ASN A 97 14.68 -5.50 6.81
C ASN A 97 15.04 -6.02 5.42
N GLY A 98 15.79 -5.23 4.65
CA GLY A 98 16.39 -5.66 3.38
C GLY A 98 16.12 -4.70 2.23
N PHE A 99 15.20 -3.74 2.40
CA PHE A 99 14.86 -2.81 1.32
C PHE A 99 15.71 -1.56 1.36
N LYS A 100 15.62 -0.78 0.28
CA LYS A 100 16.28 0.51 0.23
C LYS A 100 15.57 1.47 1.19
N SER A 101 14.33 1.84 0.85
CA SER A 101 13.56 2.92 1.45
C SER A 101 12.09 2.56 1.32
N ALA A 102 11.22 3.22 2.09
CA ALA A 102 9.78 3.10 1.89
C ALA A 102 9.02 4.37 2.28
N TYR A 103 7.73 4.39 1.94
CA TYR A 103 6.83 5.53 2.05
C TYR A 103 5.48 5.06 2.58
N ALA A 104 4.74 5.99 3.18
CA ALA A 104 3.35 5.84 3.56
C ALA A 104 2.49 6.84 2.76
N ILE A 105 1.19 6.56 2.68
CA ILE A 105 0.17 7.46 2.12
C ILE A 105 -0.74 7.85 3.27
N LYS A 106 -0.95 9.16 3.46
CA LYS A 106 -1.91 9.64 4.44
C LYS A 106 -3.32 9.22 4.02
N ASP A 107 -4.22 9.10 4.99
CA ASP A 107 -5.65 8.83 4.78
C ASP A 107 -5.88 7.48 4.08
N GLY A 108 -4.82 6.66 3.95
CA GLY A 108 -4.77 5.37 3.29
C GLY A 108 -5.63 5.32 2.03
N ALA A 109 -6.53 4.35 1.96
CA ALA A 109 -7.47 4.18 0.86
C ALA A 109 -8.76 4.96 1.13
N GLU A 110 -9.32 4.76 2.32
CA GLU A 110 -10.71 5.03 2.67
C GLU A 110 -10.93 6.43 3.27
N GLY A 111 -9.85 7.17 3.55
CA GLY A 111 -9.87 8.44 4.26
C GLY A 111 -10.30 9.61 3.38
N PRO A 112 -10.51 10.82 3.94
CA PRO A 112 -11.16 11.93 3.25
C PRO A 112 -10.38 12.49 2.07
N ARG A 113 -9.09 12.16 1.96
CA ARG A 113 -8.23 12.41 0.82
C ARG A 113 -7.29 11.22 0.61
N GLY A 114 -7.75 10.02 0.98
CA GLY A 114 -7.06 8.77 0.70
C GLY A 114 -7.11 8.47 -0.79
N TRP A 115 -6.65 7.26 -1.15
CA TRP A 115 -6.54 6.76 -2.52
C TRP A 115 -7.87 6.96 -3.27
N LEU A 116 -8.94 6.36 -2.74
CA LEU A 116 -10.28 6.36 -3.35
C LEU A 116 -10.74 7.81 -3.57
N ASN A 117 -10.61 8.61 -2.52
CA ASN A 117 -10.98 10.03 -2.47
C ASN A 117 -10.16 10.92 -3.40
N SER A 118 -9.23 10.40 -4.19
CA SER A 118 -8.27 11.19 -4.96
C SER A 118 -8.25 10.83 -6.46
N SER A 119 -9.36 10.30 -6.99
CA SER A 119 -9.57 10.04 -8.42
C SER A 119 -8.66 8.93 -8.96
N LEU A 120 -7.97 8.20 -8.07
CA LEU A 120 -7.00 7.19 -8.42
C LEU A 120 -7.72 5.95 -8.99
N PRO A 121 -7.02 5.12 -9.79
CA PRO A 121 -7.55 3.88 -10.35
C PRO A 121 -7.79 2.81 -9.27
N TRP A 122 -8.75 1.91 -9.54
CA TRP A 122 -9.15 0.83 -8.64
C TRP A 122 -9.42 -0.45 -9.43
N ILE A 123 -9.58 -1.60 -8.75
CA ILE A 123 -9.98 -2.88 -9.34
C ILE A 123 -11.34 -3.30 -8.82
N GLU A 124 -11.59 -3.14 -7.51
CA GLU A 124 -12.81 -3.55 -6.80
C GLU A 124 -13.00 -5.09 -6.80
N PRO A 125 -13.93 -5.64 -6.00
CA PRO A 125 -14.37 -7.03 -6.12
C PRO A 125 -15.13 -7.26 -7.45
N LYS A 126 -15.91 -8.34 -7.56
CA LYS A 126 -16.86 -8.53 -8.67
C LYS A 126 -18.31 -8.28 -8.26
N LYS A 127 -18.47 -7.57 -7.16
CA LYS A 127 -19.77 -7.12 -6.68
C LYS A 127 -19.63 -5.75 -6.05
N THR A 128 -19.89 -4.73 -6.86
CA THR A 128 -19.97 -3.34 -6.46
C THR A 128 -21.06 -3.20 -5.40
N SER A 129 -20.66 -3.01 -4.14
CA SER A 129 -21.54 -2.97 -2.98
C SER A 129 -21.82 -1.51 -2.60
N GLY A 130 -22.36 -1.24 -1.40
CA GLY A 130 -22.62 0.10 -0.92
C GLY A 130 -23.04 0.09 0.56
N PRO A 131 -22.10 0.01 1.51
CA PRO A 131 -22.36 -0.02 2.95
C PRO A 131 -22.60 1.40 3.46
N SER A 132 -23.84 1.89 3.38
CA SER A 132 -24.19 3.28 3.69
C SER A 132 -23.23 4.27 3.02
N SER A 133 -22.83 4.00 1.78
CA SER A 133 -21.82 4.76 1.08
C SER A 133 -22.36 6.15 0.68
N GLY A 134 -21.44 7.08 0.47
CA GLY A 134 -21.67 8.46 0.12
C GLY A 134 -20.32 9.15 0.19
N GLY A 1 0.51 24.47 7.66
CA GLY A 1 0.29 23.55 8.79
C GLY A 1 1.30 22.40 8.75
N SER A 2 0.92 21.26 9.31
CA SER A 2 1.74 20.05 9.38
C SER A 2 2.16 19.56 7.99
N SER A 3 3.24 18.78 7.92
CA SER A 3 3.87 18.29 6.70
C SER A 3 4.03 16.75 6.69
N GLY A 4 3.58 16.06 7.73
CA GLY A 4 3.42 14.60 7.77
C GLY A 4 4.74 13.83 7.77
N SER A 5 4.65 12.52 7.55
CA SER A 5 5.75 11.57 7.52
C SER A 5 5.67 10.69 6.26
N SER A 6 4.48 10.16 5.98
CA SER A 6 4.11 9.42 4.77
C SER A 6 4.28 10.30 3.53
N GLY A 7 3.29 11.13 3.28
CA GLY A 7 3.11 11.94 2.09
C GLY A 7 1.65 11.82 1.63
N SER A 8 1.27 12.63 0.64
CA SER A 8 -0.06 12.66 0.09
C SER A 8 -0.45 11.30 -0.49
N ALA A 9 -1.74 11.19 -0.76
CA ALA A 9 -2.31 10.11 -1.52
C ALA A 9 -1.68 10.05 -2.90
N LYS A 10 -1.78 11.12 -3.69
CA LYS A 10 -1.25 11.04 -5.05
C LYS A 10 0.26 10.85 -5.01
N ASN A 11 0.96 11.52 -4.08
CA ASN A 11 2.42 11.51 -4.01
C ASN A 11 3.03 10.12 -4.22
N ALA A 12 2.55 9.11 -3.49
CA ALA A 12 3.05 7.76 -3.58
C ALA A 12 2.77 7.17 -4.97
N TYR A 13 1.50 7.14 -5.39
CA TYR A 13 1.09 6.63 -6.70
C TYR A 13 1.81 7.32 -7.84
N THR A 14 2.04 8.63 -7.72
CA THR A 14 2.75 9.42 -8.70
C THR A 14 4.08 8.71 -8.99
N LYS A 15 4.87 8.45 -7.94
CA LYS A 15 6.15 7.77 -8.08
C LYS A 15 6.01 6.38 -8.66
N LEU A 16 4.98 5.60 -8.31
CA LEU A 16 4.78 4.29 -8.92
C LEU A 16 4.74 4.35 -10.45
N GLY A 17 4.30 5.46 -11.04
CA GLY A 17 4.22 5.60 -12.49
C GLY A 17 5.41 6.28 -13.13
N THR A 18 6.47 6.57 -12.38
CA THR A 18 7.73 7.09 -12.92
C THR A 18 8.84 6.04 -12.81
N ASP A 19 8.63 5.02 -11.97
CA ASP A 19 9.66 4.24 -11.33
C ASP A 19 9.22 2.80 -11.27
N ASP A 20 9.70 1.97 -12.18
CA ASP A 20 9.50 0.52 -12.17
C ASP A 20 9.99 -0.14 -10.87
N ASN A 21 10.90 0.52 -10.14
CA ASN A 21 11.47 0.09 -8.87
C ASN A 21 10.59 0.52 -7.69
N ALA A 22 9.61 1.39 -7.89
CA ALA A 22 8.68 1.73 -6.83
C ALA A 22 7.72 0.56 -6.65
N GLN A 23 7.17 0.35 -5.44
CA GLN A 23 6.32 -0.81 -5.14
C GLN A 23 5.15 -0.44 -4.25
N LEU A 24 4.25 -1.41 -4.02
CA LEU A 24 3.02 -1.20 -3.26
C LEU A 24 2.76 -2.37 -2.34
N LEU A 25 2.69 -2.11 -1.04
CA LEU A 25 2.39 -3.11 0.00
C LEU A 25 1.05 -2.76 0.60
N ASP A 26 0.06 -3.51 0.15
CA ASP A 26 -1.34 -3.32 0.46
C ASP A 26 -1.60 -4.04 1.78
N ILE A 27 -1.51 -3.29 2.90
CA ILE A 27 -1.61 -3.83 4.26
C ILE A 27 -3.07 -3.88 4.73
N ARG A 28 -4.03 -3.48 3.91
CA ARG A 28 -5.45 -3.54 4.24
C ARG A 28 -5.86 -5.00 4.44
N ALA A 29 -6.89 -5.20 5.26
CA ALA A 29 -7.24 -6.54 5.73
C ALA A 29 -7.76 -7.42 4.60
N THR A 30 -7.72 -8.74 4.79
CA THR A 30 -8.20 -9.67 3.78
C THR A 30 -9.69 -9.42 3.45
N ALA A 31 -10.48 -8.97 4.42
CA ALA A 31 -11.88 -8.67 4.20
C ALA A 31 -12.11 -7.41 3.36
N ASP A 32 -11.14 -6.50 3.29
CA ASP A 32 -11.30 -5.23 2.60
C ASP A 32 -11.15 -5.39 1.09
N PHE A 33 -10.46 -6.42 0.61
CA PHE A 33 -10.47 -6.74 -0.83
C PHE A 33 -11.86 -7.21 -1.26
N ARG A 34 -12.71 -7.64 -0.32
CA ARG A 34 -14.04 -8.17 -0.63
C ARG A 34 -15.09 -7.08 -0.62
N GLN A 35 -14.91 -6.07 0.24
CA GLN A 35 -15.93 -5.11 0.67
C GLN A 35 -15.61 -3.67 0.31
N VAL A 36 -14.39 -3.45 -0.16
CA VAL A 36 -13.95 -2.24 -0.84
C VAL A 36 -13.35 -2.59 -2.22
N GLY A 37 -12.60 -3.69 -2.36
CA GLY A 37 -11.91 -4.04 -3.60
C GLY A 37 -10.41 -3.79 -3.45
N SER A 38 -9.68 -3.66 -4.56
CA SER A 38 -8.22 -3.50 -4.54
C SER A 38 -7.75 -2.38 -5.48
N PRO A 39 -6.60 -1.73 -5.24
CA PRO A 39 -6.07 -0.65 -6.08
C PRO A 39 -5.52 -1.17 -7.40
N ASN A 40 -5.72 -0.46 -8.52
CA ASN A 40 -5.20 -0.87 -9.83
C ASN A 40 -3.93 -0.11 -10.18
N ILE A 41 -2.82 -0.57 -9.60
CA ILE A 41 -1.49 -0.13 -10.04
C ILE A 41 -0.94 -0.98 -11.20
N LYS A 42 -1.68 -2.00 -11.68
CA LYS A 42 -1.11 -3.01 -12.58
C LYS A 42 -0.65 -2.39 -13.90
N GLY A 43 -1.38 -1.41 -14.42
CA GLY A 43 -1.00 -0.67 -15.62
C GLY A 43 0.29 0.15 -15.45
N LEU A 44 0.84 0.29 -14.24
CA LEU A 44 2.13 0.94 -14.00
C LEU A 44 3.27 -0.07 -14.12
N GLY A 45 3.00 -1.38 -14.16
CA GLY A 45 4.03 -2.42 -14.26
C GLY A 45 3.70 -3.72 -13.53
N LYS A 46 2.94 -3.70 -12.43
CA LYS A 46 2.63 -4.88 -11.62
C LYS A 46 1.62 -4.50 -10.58
N LYS A 47 0.99 -5.48 -9.96
CA LYS A 47 0.04 -5.25 -8.89
C LYS A 47 0.78 -5.04 -7.58
N ALA A 48 0.05 -4.54 -6.58
CA ALA A 48 0.51 -4.56 -5.21
C ALA A 48 0.64 -6.00 -4.73
N VAL A 49 1.57 -6.22 -3.81
CA VAL A 49 1.58 -7.35 -2.92
C VAL A 49 0.57 -6.99 -1.83
N SER A 50 -0.33 -7.90 -1.48
CA SER A 50 -1.17 -7.74 -0.31
C SER A 50 -0.60 -8.61 0.80
N THR A 51 -0.44 -8.08 2.01
CA THR A 51 -0.09 -8.81 3.21
C THR A 51 -0.54 -7.92 4.35
N VAL A 52 -1.55 -8.35 5.10
CA VAL A 52 -2.07 -7.56 6.22
C VAL A 52 -0.94 -7.41 7.23
N TYR A 53 -0.57 -6.17 7.54
CA TYR A 53 0.45 -5.93 8.55
C TYR A 53 -0.04 -6.36 9.93
N ASN A 54 0.89 -6.86 10.73
CA ASN A 54 0.70 -7.24 12.13
C ASN A 54 1.87 -6.70 12.95
N GLY A 55 1.60 -5.79 13.89
CA GLY A 55 2.58 -5.42 14.90
C GLY A 55 2.77 -6.48 15.97
N GLU A 56 1.87 -7.48 16.07
CA GLU A 56 2.08 -8.63 16.94
C GLU A 56 3.36 -9.36 16.53
N ASP A 57 3.58 -9.52 15.22
CA ASP A 57 4.57 -10.42 14.65
C ASP A 57 5.36 -9.70 13.54
N LYS A 58 6.25 -8.79 13.94
CA LYS A 58 7.16 -8.07 13.05
C LYS A 58 7.85 -9.01 12.04
N PRO A 59 8.69 -9.99 12.48
CA PRO A 59 9.27 -10.97 11.58
C PRO A 59 8.20 -11.87 10.94
N GLY A 60 7.11 -12.17 11.67
CA GLY A 60 6.00 -12.97 11.18
C GLY A 60 5.21 -12.32 10.07
N PHE A 61 5.50 -11.07 9.72
CA PHE A 61 4.94 -10.36 8.58
C PHE A 61 5.97 -10.29 7.45
N LEU A 62 7.22 -9.93 7.75
CA LEU A 62 8.30 -9.84 6.78
C LEU A 62 8.54 -11.15 6.03
N LYS A 63 8.06 -12.30 6.55
CA LYS A 63 8.19 -13.61 5.92
C LYS A 63 7.47 -13.70 4.59
N LYS A 64 6.60 -12.75 4.29
CA LYS A 64 5.92 -12.65 3.02
C LYS A 64 6.80 -11.91 2.04
N LEU A 65 7.29 -10.75 2.44
CA LEU A 65 7.98 -9.83 1.53
C LEU A 65 9.22 -10.50 0.96
N SER A 66 9.96 -11.26 1.76
CA SER A 66 11.22 -11.88 1.34
C SER A 66 11.11 -12.90 0.20
N LEU A 67 9.93 -13.19 -0.34
CA LEU A 67 9.72 -14.02 -1.53
C LEU A 67 8.85 -13.33 -2.60
N LYS A 68 8.58 -12.02 -2.46
CA LYS A 68 7.58 -11.28 -3.22
C LYS A 68 8.14 -10.16 -4.08
N PHE A 69 9.44 -9.85 -3.97
CA PHE A 69 10.07 -8.74 -4.67
C PHE A 69 11.28 -9.24 -5.42
N LYS A 70 11.57 -8.66 -6.58
CA LYS A 70 12.72 -9.05 -7.40
C LYS A 70 14.01 -8.33 -7.02
N ASP A 71 13.88 -7.11 -6.49
CA ASP A 71 15.00 -6.26 -6.16
C ASP A 71 14.60 -5.42 -4.96
N PRO A 72 14.43 -6.01 -3.77
CA PRO A 72 14.01 -5.23 -2.61
C PRO A 72 15.12 -4.23 -2.21
N GLU A 73 16.38 -4.60 -2.44
CA GLU A 73 17.55 -3.83 -2.04
C GLU A 73 17.59 -2.45 -2.69
N ASN A 74 17.02 -2.27 -3.89
CA ASN A 74 16.92 -0.98 -4.58
C ASN A 74 15.48 -0.55 -4.83
N THR A 75 14.48 -1.36 -4.46
CA THR A 75 13.07 -0.98 -4.57
C THR A 75 12.73 0.12 -3.56
N THR A 76 11.79 0.98 -3.93
CA THR A 76 11.19 1.99 -3.07
C THR A 76 9.74 1.59 -2.79
N LEU A 77 9.47 0.94 -1.65
CA LEU A 77 8.13 0.48 -1.32
C LEU A 77 7.26 1.66 -0.89
N TYR A 78 5.94 1.60 -1.13
CA TYR A 78 4.95 2.56 -0.65
C TYR A 78 3.75 1.78 -0.06
N ILE A 79 3.57 1.79 1.26
CA ILE A 79 2.50 1.02 1.92
C ILE A 79 1.15 1.72 1.82
N LEU A 80 0.06 0.95 1.76
CA LEU A 80 -1.31 1.44 1.62
C LEU A 80 -2.20 0.78 2.70
N ASP A 81 -2.63 1.55 3.70
CA ASP A 81 -3.60 1.15 4.73
C ASP A 81 -5.04 1.57 4.35
N LYS A 82 -6.03 1.19 5.16
CA LYS A 82 -7.42 1.61 5.13
C LYS A 82 -7.54 3.10 5.41
N PHE A 83 -6.96 3.61 6.51
CA PHE A 83 -7.02 5.00 6.91
C PHE A 83 -5.66 5.44 7.46
N ASP A 84 -5.14 4.73 8.46
CA ASP A 84 -3.93 5.08 9.21
C ASP A 84 -3.17 3.77 9.39
N GLY A 85 -3.77 2.88 10.18
CA GLY A 85 -3.28 1.56 10.49
C GLY A 85 -1.95 1.72 11.20
N ASN A 86 -0.90 1.31 10.50
CA ASN A 86 0.49 1.46 10.89
C ASN A 86 1.31 1.68 9.62
N SER A 87 0.73 2.28 8.57
CA SER A 87 1.37 2.49 7.27
C SER A 87 2.78 3.10 7.45
N GLU A 88 2.86 4.19 8.20
CA GLU A 88 4.08 4.94 8.49
C GLU A 88 5.05 4.15 9.37
N LEU A 89 4.61 3.12 10.09
CA LEU A 89 5.45 2.21 10.86
C LEU A 89 6.12 1.23 9.90
N VAL A 90 5.32 0.61 9.04
CA VAL A 90 5.79 -0.43 8.15
C VAL A 90 6.76 0.17 7.12
N ALA A 91 6.59 1.45 6.78
CA ALA A 91 7.50 2.19 5.92
C ALA A 91 8.90 2.20 6.55
N GLU A 92 8.98 2.38 7.86
CA GLU A 92 10.24 2.41 8.61
C GLU A 92 10.58 1.03 9.18
N LEU A 93 9.96 -0.04 8.66
CA LEU A 93 10.34 -1.40 8.98
C LEU A 93 11.08 -2.00 7.79
N VAL A 94 10.51 -1.95 6.58
CA VAL A 94 11.12 -2.62 5.43
C VAL A 94 12.51 -2.09 5.09
N ALA A 95 12.67 -0.76 5.04
CA ALA A 95 13.97 -0.15 4.76
C ALA A 95 14.97 -0.60 5.83
N LEU A 96 14.55 -0.50 7.09
CA LEU A 96 15.29 -0.90 8.29
C LEU A 96 15.49 -2.42 8.39
N ASN A 97 15.04 -3.21 7.40
CA ASN A 97 15.17 -4.67 7.30
C ASN A 97 15.77 -5.07 5.93
N GLY A 98 16.43 -4.16 5.22
CA GLY A 98 17.22 -4.51 4.05
C GLY A 98 16.49 -4.33 2.72
N PHE A 99 15.50 -3.45 2.66
CA PHE A 99 15.11 -2.77 1.41
C PHE A 99 15.84 -1.42 1.37
N LYS A 100 15.72 -0.66 0.28
CA LYS A 100 16.37 0.66 0.14
C LYS A 100 15.75 1.68 1.11
N SER A 101 14.62 2.27 0.72
CA SER A 101 13.92 3.34 1.40
C SER A 101 12.43 3.14 1.14
N ALA A 102 11.56 3.64 2.02
CA ALA A 102 10.16 3.30 1.95
C ALA A 102 9.29 4.44 2.47
N TYR A 103 8.04 4.44 2.01
CA TYR A 103 7.05 5.50 2.15
C TYR A 103 5.72 4.92 2.59
N ALA A 104 4.77 5.80 2.91
CA ALA A 104 3.38 5.47 3.16
C ALA A 104 2.52 6.52 2.42
N ILE A 105 1.20 6.35 2.49
CA ILE A 105 0.19 7.27 1.97
C ILE A 105 -0.69 7.65 3.16
N LYS A 106 -0.85 8.96 3.43
CA LYS A 106 -1.85 9.43 4.40
C LYS A 106 -3.26 9.08 3.94
N ASP A 107 -4.19 8.99 4.88
CA ASP A 107 -5.61 8.65 4.68
C ASP A 107 -5.80 7.24 4.09
N GLY A 108 -4.74 6.50 3.79
CA GLY A 108 -4.81 5.17 3.21
C GLY A 108 -5.65 5.15 1.94
N ALA A 109 -6.53 4.16 1.80
CA ALA A 109 -7.40 3.99 0.66
C ALA A 109 -8.71 4.73 0.88
N GLU A 110 -9.37 4.45 2.00
CA GLU A 110 -10.77 4.78 2.24
C GLU A 110 -10.91 6.12 3.00
N GLY A 111 -9.80 6.73 3.45
CA GLY A 111 -9.82 8.00 4.15
C GLY A 111 -10.31 9.15 3.24
N PRO A 112 -10.55 10.34 3.80
CA PRO A 112 -11.34 11.37 3.13
C PRO A 112 -10.68 11.92 1.89
N ARG A 113 -9.35 11.85 1.78
CA ARG A 113 -8.62 12.09 0.55
C ARG A 113 -7.52 11.03 0.42
N GLY A 114 -7.81 9.80 0.82
CA GLY A 114 -6.94 8.66 0.55
C GLY A 114 -7.06 8.29 -0.93
N TRP A 115 -6.55 7.12 -1.31
CA TRP A 115 -6.51 6.60 -2.67
C TRP A 115 -7.83 6.82 -3.42
N LEU A 116 -8.92 6.30 -2.86
CA LEU A 116 -10.24 6.30 -3.50
C LEU A 116 -10.81 7.70 -3.67
N ASN A 117 -10.25 8.68 -2.96
CA ASN A 117 -10.67 10.07 -2.92
C ASN A 117 -9.50 10.98 -3.32
N SER A 118 -8.62 10.48 -4.21
CA SER A 118 -7.51 11.23 -4.80
C SER A 118 -7.44 10.98 -6.32
N SER A 119 -8.52 10.47 -6.94
CA SER A 119 -8.57 10.06 -8.34
C SER A 119 -7.52 8.99 -8.64
N LEU A 120 -7.19 8.15 -7.65
CA LEU A 120 -6.26 7.06 -7.87
C LEU A 120 -7.04 5.81 -8.27
N PRO A 121 -6.45 4.97 -9.14
CA PRO A 121 -7.19 3.94 -9.85
C PRO A 121 -7.48 2.71 -9.00
N TRP A 122 -8.58 2.04 -9.31
CA TRP A 122 -9.06 0.89 -8.55
C TRP A 122 -9.29 -0.26 -9.53
N ILE A 123 -9.05 -1.50 -9.09
CA ILE A 123 -9.56 -2.66 -9.80
C ILE A 123 -11.05 -2.74 -9.48
N GLU A 124 -11.42 -2.72 -8.19
CA GLU A 124 -12.78 -2.85 -7.62
C GLU A 124 -13.24 -4.32 -7.56
N PRO A 125 -14.27 -4.65 -6.77
CA PRO A 125 -14.80 -6.00 -6.61
C PRO A 125 -15.51 -6.53 -7.87
N LYS A 126 -16.15 -7.70 -7.73
CA LYS A 126 -17.02 -8.33 -8.73
C LYS A 126 -18.44 -8.56 -8.21
N LYS A 127 -18.76 -7.89 -7.12
CA LYS A 127 -20.06 -7.81 -6.43
C LYS A 127 -20.13 -6.42 -5.79
N THR A 128 -21.33 -5.94 -5.48
CA THR A 128 -21.53 -4.63 -4.86
C THR A 128 -20.99 -4.56 -3.43
N SER A 129 -21.23 -5.61 -2.63
CA SER A 129 -20.77 -5.79 -1.25
C SER A 129 -21.25 -4.77 -0.21
N GLY A 130 -21.99 -3.72 -0.59
CA GLY A 130 -22.50 -2.68 0.30
C GLY A 130 -23.99 -2.85 0.51
N PRO A 131 -24.46 -3.61 1.53
CA PRO A 131 -25.89 -3.90 1.73
C PRO A 131 -26.74 -2.68 2.12
N SER A 132 -26.10 -1.56 2.45
CA SER A 132 -26.78 -0.33 2.89
C SER A 132 -26.04 0.93 2.42
N SER A 133 -25.01 0.82 1.57
CA SER A 133 -24.38 1.98 0.94
C SER A 133 -25.42 2.67 0.06
N GLY A 134 -25.64 3.97 0.23
CA GLY A 134 -26.69 4.70 -0.47
C GLY A 134 -26.71 6.10 0.06
N GLY A 1 8.65 15.72 2.79
CA GLY A 1 9.94 15.56 2.09
C GLY A 1 10.54 14.20 2.38
N SER A 2 11.67 13.91 1.74
CA SER A 2 12.44 12.67 1.86
C SER A 2 13.21 12.61 3.19
N SER A 3 12.49 12.38 4.30
CA SER A 3 13.01 11.98 5.60
C SER A 3 12.31 10.66 5.97
N GLY A 4 11.22 10.69 6.74
CA GLY A 4 10.45 9.51 7.10
C GLY A 4 9.03 9.88 7.55
N SER A 5 8.39 10.84 6.89
CA SER A 5 7.05 11.31 7.20
C SER A 5 6.18 11.28 5.96
N SER A 6 4.88 11.01 6.15
CA SER A 6 3.90 10.84 5.09
C SER A 6 3.70 12.11 4.24
N GLY A 7 2.99 11.95 3.13
CA GLY A 7 2.49 13.00 2.27
C GLY A 7 1.21 12.50 1.57
N SER A 8 0.59 13.39 0.79
CA SER A 8 -0.71 13.20 0.16
C SER A 8 -0.81 11.92 -0.66
N ALA A 9 -2.03 11.47 -0.91
CA ALA A 9 -2.33 10.25 -1.64
C ALA A 9 -1.60 10.14 -2.96
N LYS A 10 -1.80 11.10 -3.88
CA LYS A 10 -1.16 11.07 -5.19
C LYS A 10 0.35 11.00 -5.09
N ASN A 11 0.98 11.37 -3.97
CA ASN A 11 2.44 11.39 -3.85
C ASN A 11 3.01 10.02 -4.22
N ALA A 12 2.40 8.94 -3.72
CA ALA A 12 2.85 7.57 -3.87
C ALA A 12 2.56 7.05 -5.29
N TYR A 13 1.31 7.10 -5.76
CA TYR A 13 0.93 6.68 -7.11
C TYR A 13 1.76 7.39 -8.17
N THR A 14 1.98 8.70 -7.99
CA THR A 14 2.79 9.47 -8.91
C THR A 14 4.16 8.81 -9.06
N LYS A 15 4.74 8.36 -7.95
CA LYS A 15 6.03 7.70 -7.94
C LYS A 15 5.93 6.37 -8.67
N LEU A 16 4.98 5.50 -8.35
CA LEU A 16 4.88 4.19 -9.02
C LEU A 16 4.89 4.33 -10.55
N GLY A 17 4.30 5.40 -11.08
CA GLY A 17 4.19 5.60 -12.52
C GLY A 17 5.35 6.39 -13.12
N THR A 18 6.36 6.74 -12.33
CA THR A 18 7.55 7.49 -12.70
C THR A 18 8.81 6.70 -12.31
N ASP A 19 8.67 5.57 -11.61
CA ASP A 19 9.73 4.85 -10.92
C ASP A 19 9.52 3.38 -11.18
N ASP A 20 10.33 2.80 -12.07
CA ASP A 20 10.22 1.39 -12.42
C ASP A 20 10.39 0.46 -11.22
N ASN A 21 11.23 0.87 -10.26
CA ASN A 21 11.60 0.04 -9.10
C ASN A 21 10.46 0.00 -8.09
N ALA A 22 9.64 1.05 -8.05
CA ALA A 22 8.68 1.28 -6.99
C ALA A 22 7.67 0.13 -6.91
N GLN A 23 7.14 -0.13 -5.72
CA GLN A 23 6.24 -1.24 -5.42
C GLN A 23 5.14 -0.81 -4.47
N LEU A 24 4.17 -1.70 -4.19
CA LEU A 24 3.01 -1.39 -3.36
C LEU A 24 2.73 -2.53 -2.38
N LEU A 25 2.63 -2.24 -1.08
CA LEU A 25 2.35 -3.21 -0.01
C LEU A 25 1.02 -2.87 0.63
N ASP A 26 -0.05 -3.48 0.11
CA ASP A 26 -1.40 -3.31 0.63
C ASP A 26 -1.52 -4.11 1.95
N ILE A 27 -1.36 -3.41 3.08
CA ILE A 27 -1.40 -3.96 4.43
C ILE A 27 -2.84 -4.09 4.95
N ARG A 28 -3.85 -3.76 4.14
CA ARG A 28 -5.24 -3.85 4.58
C ARG A 28 -5.60 -5.32 4.79
N ALA A 29 -6.59 -5.60 5.63
CA ALA A 29 -7.08 -6.96 5.84
C ALA A 29 -7.56 -7.55 4.52
N THR A 30 -7.51 -8.87 4.37
CA THR A 30 -7.94 -9.52 3.12
C THR A 30 -9.44 -9.32 2.87
N ALA A 31 -10.19 -9.08 3.94
CA ALA A 31 -11.57 -8.62 3.94
C ALA A 31 -11.77 -7.33 3.13
N ASP A 32 -10.80 -6.44 3.13
CA ASP A 32 -10.93 -5.13 2.49
C ASP A 32 -10.96 -5.26 0.99
N PHE A 33 -10.34 -6.29 0.42
CA PHE A 33 -10.48 -6.63 -1.00
C PHE A 33 -11.89 -7.12 -1.34
N ARG A 34 -12.69 -7.48 -0.33
CA ARG A 34 -14.05 -7.98 -0.52
C ARG A 34 -15.07 -6.86 -0.40
N GLN A 35 -14.76 -5.79 0.34
CA GLN A 35 -15.69 -4.71 0.64
C GLN A 35 -15.28 -3.37 0.02
N VAL A 36 -13.99 -3.13 -0.18
CA VAL A 36 -13.42 -1.93 -0.79
C VAL A 36 -12.81 -2.27 -2.17
N GLY A 37 -12.25 -3.46 -2.35
CA GLY A 37 -11.51 -3.80 -3.58
C GLY A 37 -10.02 -3.56 -3.38
N SER A 38 -9.22 -3.65 -4.44
CA SER A 38 -7.76 -3.53 -4.42
C SER A 38 -7.28 -2.42 -5.36
N PRO A 39 -6.08 -1.85 -5.15
CA PRO A 39 -5.52 -0.85 -6.07
C PRO A 39 -5.20 -1.48 -7.44
N ASN A 40 -5.66 -0.83 -8.50
CA ASN A 40 -5.31 -1.13 -9.89
C ASN A 40 -4.09 -0.31 -10.28
N ILE A 41 -2.94 -0.64 -9.70
CA ILE A 41 -1.65 -0.15 -10.20
C ILE A 41 -1.16 -1.01 -11.38
N LYS A 42 -1.95 -1.98 -11.84
CA LYS A 42 -1.53 -2.97 -12.81
C LYS A 42 -1.08 -2.30 -14.11
N GLY A 43 -1.75 -1.22 -14.54
CA GLY A 43 -1.35 -0.42 -15.69
C GLY A 43 -0.18 0.53 -15.41
N LEU A 44 0.60 0.34 -14.33
CA LEU A 44 1.87 1.01 -14.14
C LEU A 44 3.02 0.02 -14.35
N GLY A 45 2.76 -1.30 -14.34
CA GLY A 45 3.81 -2.30 -14.47
C GLY A 45 3.56 -3.59 -13.71
N LYS A 46 2.63 -3.61 -12.75
CA LYS A 46 2.27 -4.77 -11.93
C LYS A 46 1.24 -4.43 -10.90
N LYS A 47 0.62 -5.45 -10.32
CA LYS A 47 -0.13 -5.36 -9.10
C LYS A 47 0.73 -5.08 -7.89
N ALA A 48 -0.03 -4.80 -6.84
CA ALA A 48 0.45 -4.68 -5.47
C ALA A 48 0.63 -6.07 -4.87
N VAL A 49 1.49 -6.20 -3.87
CA VAL A 49 1.43 -7.28 -2.89
C VAL A 49 0.29 -6.95 -1.93
N SER A 50 -0.32 -8.00 -1.37
CA SER A 50 -1.29 -7.90 -0.29
C SER A 50 -0.75 -8.75 0.85
N THR A 51 -0.40 -8.15 1.99
CA THR A 51 -0.03 -8.88 3.20
C THR A 51 -0.47 -8.02 4.37
N VAL A 52 -1.51 -8.44 5.09
CA VAL A 52 -2.04 -7.72 6.23
C VAL A 52 -0.90 -7.53 7.25
N TYR A 53 -0.57 -6.29 7.60
CA TYR A 53 0.42 -6.04 8.62
C TYR A 53 -0.16 -6.42 9.99
N ASN A 54 0.67 -7.09 10.80
CA ASN A 54 0.35 -7.48 12.17
C ASN A 54 1.59 -7.15 13.00
N GLY A 55 1.53 -6.15 13.89
CA GLY A 55 2.67 -5.76 14.71
C GLY A 55 3.04 -6.79 15.77
N GLU A 56 2.15 -7.76 15.98
CA GLU A 56 2.26 -8.91 16.86
C GLU A 56 3.54 -9.72 16.60
N ASP A 57 3.97 -9.83 15.34
CA ASP A 57 5.14 -10.63 14.96
C ASP A 57 5.81 -10.00 13.74
N LYS A 58 6.74 -9.06 13.99
CA LYS A 58 7.48 -8.36 12.94
C LYS A 58 8.11 -9.29 11.90
N PRO A 59 9.00 -10.24 12.29
CA PRO A 59 9.59 -11.17 11.35
C PRO A 59 8.53 -12.12 10.81
N GLY A 60 7.59 -12.56 11.63
CA GLY A 60 6.42 -13.34 11.25
C GLY A 60 5.42 -12.60 10.38
N PHE A 61 5.77 -11.42 9.86
CA PHE A 61 5.06 -10.70 8.82
C PHE A 61 6.00 -10.52 7.61
N LEU A 62 7.24 -10.06 7.85
CA LEU A 62 8.28 -9.88 6.83
C LEU A 62 8.57 -11.18 6.06
N LYS A 63 8.20 -12.34 6.60
CA LYS A 63 8.27 -13.65 5.97
C LYS A 63 7.49 -13.73 4.67
N LYS A 64 6.63 -12.75 4.37
CA LYS A 64 6.04 -12.65 3.06
C LYS A 64 6.95 -11.83 2.13
N LEU A 65 7.39 -10.66 2.57
CA LEU A 65 8.15 -9.73 1.75
C LEU A 65 9.49 -10.33 1.31
N SER A 66 10.12 -11.16 2.14
CA SER A 66 11.43 -11.78 1.89
C SER A 66 11.46 -12.69 0.66
N LEU A 67 10.31 -12.97 0.06
CA LEU A 67 10.18 -13.84 -1.09
C LEU A 67 9.25 -13.25 -2.14
N LYS A 68 8.36 -12.33 -1.77
CA LYS A 68 7.48 -11.63 -2.71
C LYS A 68 8.25 -10.68 -3.62
N PHE A 69 9.47 -10.24 -3.31
CA PHE A 69 10.14 -9.18 -4.08
C PHE A 69 11.48 -9.66 -4.61
N LYS A 70 11.79 -9.36 -5.87
CA LYS A 70 13.07 -9.73 -6.49
C LYS A 70 14.23 -8.87 -6.02
N ASP A 71 14.01 -7.58 -5.88
CA ASP A 71 15.07 -6.60 -5.71
C ASP A 71 14.67 -5.62 -4.61
N PRO A 72 14.55 -6.09 -3.35
CA PRO A 72 14.11 -5.22 -2.26
C PRO A 72 15.11 -4.08 -2.05
N GLU A 73 16.41 -4.36 -2.20
CA GLU A 73 17.52 -3.45 -1.94
C GLU A 73 17.56 -2.19 -2.82
N ASN A 74 16.78 -2.10 -3.91
CA ASN A 74 16.63 -0.85 -4.69
C ASN A 74 15.16 -0.49 -4.90
N THR A 75 14.23 -1.30 -4.40
CA THR A 75 12.82 -1.05 -4.50
C THR A 75 12.41 -0.04 -3.44
N THR A 76 11.79 1.06 -3.89
CA THR A 76 11.05 1.96 -3.03
C THR A 76 9.66 1.36 -2.81
N LEU A 77 9.39 0.80 -1.64
CA LEU A 77 8.07 0.29 -1.31
C LEU A 77 7.17 1.44 -0.88
N TYR A 78 5.91 1.36 -1.27
CA TYR A 78 4.85 2.27 -0.86
C TYR A 78 3.81 1.40 -0.15
N ILE A 79 3.75 1.45 1.18
CA ILE A 79 2.67 0.77 1.89
C ILE A 79 1.33 1.42 1.52
N LEU A 80 0.20 0.74 1.70
CA LEU A 80 -1.16 1.28 1.57
C LEU A 80 -2.03 0.63 2.66
N ASP A 81 -2.50 1.39 3.66
CA ASP A 81 -3.48 0.96 4.68
C ASP A 81 -4.89 1.40 4.25
N LYS A 82 -5.94 1.12 5.01
CA LYS A 82 -7.31 1.48 4.69
C LYS A 82 -7.58 2.91 5.12
N PHE A 83 -7.26 3.19 6.36
CA PHE A 83 -7.37 4.52 6.94
C PHE A 83 -6.06 4.92 7.60
N ASP A 84 -5.86 4.46 8.84
CA ASP A 84 -4.83 4.97 9.74
C ASP A 84 -3.80 3.90 9.98
N GLY A 85 -4.28 2.73 10.43
CA GLY A 85 -3.52 1.53 10.65
C GLY A 85 -2.15 1.81 11.25
N ASN A 86 -1.12 1.38 10.54
CA ASN A 86 0.29 1.54 10.90
C ASN A 86 1.16 1.72 9.65
N SER A 87 0.60 2.27 8.56
CA SER A 87 1.28 2.57 7.30
C SER A 87 2.71 3.08 7.50
N GLU A 88 2.85 4.14 8.29
CA GLU A 88 4.12 4.80 8.58
C GLU A 88 5.11 3.90 9.31
N LEU A 89 4.63 3.03 10.20
CA LEU A 89 5.47 2.10 10.95
C LEU A 89 6.18 1.19 9.97
N VAL A 90 5.41 0.58 9.08
CA VAL A 90 5.89 -0.33 8.05
C VAL A 90 6.86 0.42 7.11
N ALA A 91 6.61 1.72 6.83
CA ALA A 91 7.46 2.56 6.00
C ALA A 91 8.86 2.78 6.61
N GLU A 92 9.07 2.46 7.89
CA GLU A 92 10.39 2.48 8.54
C GLU A 92 10.66 1.14 9.23
N LEU A 93 10.15 0.05 8.65
CA LEU A 93 10.54 -1.31 9.00
C LEU A 93 11.28 -1.91 7.83
N VAL A 94 10.69 -1.90 6.62
CA VAL A 94 11.26 -2.59 5.47
C VAL A 94 12.66 -2.08 5.15
N ALA A 95 12.85 -0.75 5.14
CA ALA A 95 14.11 -0.13 4.79
C ALA A 95 15.23 -0.50 5.79
N LEU A 96 14.86 -0.89 7.01
CA LEU A 96 15.76 -1.26 8.10
C LEU A 96 15.96 -2.79 8.12
N ASN A 97 15.15 -3.54 7.35
CA ASN A 97 15.16 -4.99 7.26
C ASN A 97 15.64 -5.45 5.87
N GLY A 98 16.20 -4.57 5.04
CA GLY A 98 16.88 -4.95 3.80
C GLY A 98 16.24 -4.43 2.53
N PHE A 99 15.21 -3.58 2.60
CA PHE A 99 14.78 -2.82 1.43
C PHE A 99 15.60 -1.52 1.31
N LYS A 100 15.40 -0.77 0.21
CA LYS A 100 15.98 0.56 0.06
C LYS A 100 15.35 1.55 1.04
N SER A 101 14.30 2.26 0.62
CA SER A 101 13.64 3.33 1.35
C SER A 101 12.14 3.14 1.13
N ALA A 102 11.27 3.51 2.06
CA ALA A 102 9.84 3.30 1.90
C ALA A 102 9.04 4.54 2.26
N TYR A 103 7.74 4.47 2.01
CA TYR A 103 6.79 5.57 2.11
C TYR A 103 5.46 5.04 2.63
N ALA A 104 4.70 5.93 3.25
CA ALA A 104 3.28 5.75 3.55
C ALA A 104 2.46 6.77 2.75
N ILE A 105 1.20 6.41 2.47
CA ILE A 105 0.17 7.28 1.93
C ILE A 105 -0.74 7.55 3.13
N LYS A 106 -1.01 8.83 3.41
CA LYS A 106 -1.94 9.18 4.47
C LYS A 106 -3.37 8.93 4.03
N ASP A 107 -4.28 8.80 5.00
CA ASP A 107 -5.69 8.43 4.82
C ASP A 107 -5.86 7.10 4.05
N GLY A 108 -4.78 6.33 3.91
CA GLY A 108 -4.74 5.03 3.27
C GLY A 108 -5.50 5.00 1.96
N ALA A 109 -6.50 4.13 1.86
CA ALA A 109 -7.35 3.99 0.71
C ALA A 109 -8.62 4.80 0.87
N GLU A 110 -9.28 4.68 2.01
CA GLU A 110 -10.69 5.03 2.17
C GLU A 110 -10.90 6.49 2.58
N GLY A 111 -9.88 7.18 3.10
CA GLY A 111 -10.07 8.49 3.71
C GLY A 111 -10.43 9.56 2.67
N PRO A 112 -10.86 10.76 3.11
CA PRO A 112 -11.29 11.84 2.24
C PRO A 112 -10.14 12.40 1.39
N ARG A 113 -8.91 12.04 1.75
CA ARG A 113 -7.69 12.35 1.05
C ARG A 113 -6.84 11.10 0.82
N GLY A 114 -7.41 9.90 0.99
CA GLY A 114 -6.75 8.63 0.74
C GLY A 114 -6.62 8.37 -0.76
N TRP A 115 -6.33 7.13 -1.13
CA TRP A 115 -6.17 6.70 -2.51
C TRP A 115 -7.44 6.93 -3.32
N LEU A 116 -8.58 6.46 -2.79
CA LEU A 116 -9.89 6.71 -3.32
C LEU A 116 -10.17 8.16 -3.07
N ASN A 117 -11.28 8.53 -3.67
CA ASN A 117 -11.81 9.86 -3.89
C ASN A 117 -10.72 10.93 -4.02
N SER A 118 -9.70 10.63 -4.86
CA SER A 118 -8.51 11.46 -5.09
C SER A 118 -7.97 11.35 -6.52
N SER A 119 -8.69 10.69 -7.44
CA SER A 119 -8.48 10.61 -8.90
C SER A 119 -7.70 9.35 -9.31
N LEU A 120 -7.33 8.48 -8.38
CA LEU A 120 -6.45 7.34 -8.66
C LEU A 120 -7.25 6.15 -9.19
N PRO A 121 -6.60 5.22 -9.92
CA PRO A 121 -7.27 4.01 -10.41
C PRO A 121 -7.55 3.06 -9.25
N TRP A 122 -8.50 2.14 -9.42
CA TRP A 122 -8.85 1.09 -8.47
C TRP A 122 -9.43 -0.11 -9.20
N ILE A 123 -9.25 -1.34 -8.70
CA ILE A 123 -9.80 -2.55 -9.33
C ILE A 123 -11.29 -2.65 -9.02
N GLU A 124 -11.71 -2.20 -7.84
CA GLU A 124 -13.01 -2.38 -7.21
C GLU A 124 -13.26 -3.84 -6.77
N PRO A 125 -14.23 -4.07 -5.86
CA PRO A 125 -14.74 -5.40 -5.59
C PRO A 125 -15.63 -5.87 -6.75
N LYS A 126 -16.26 -7.04 -6.58
CA LYS A 126 -17.20 -7.62 -7.57
C LYS A 126 -18.58 -7.86 -6.98
N LYS A 127 -18.92 -7.12 -5.93
CA LYS A 127 -20.26 -7.11 -5.36
C LYS A 127 -21.26 -6.45 -6.32
N THR A 128 -21.68 -7.18 -7.34
CA THR A 128 -22.80 -6.84 -8.22
C THR A 128 -24.12 -7.02 -7.46
N SER A 129 -24.30 -6.32 -6.33
CA SER A 129 -25.58 -6.26 -5.62
C SER A 129 -25.70 -5.00 -4.79
N GLY A 130 -26.94 -4.66 -4.41
CA GLY A 130 -27.32 -3.58 -3.51
C GLY A 130 -28.39 -2.69 -4.15
N PRO A 131 -28.99 -1.75 -3.40
CA PRO A 131 -29.91 -0.78 -3.97
C PRO A 131 -29.24 0.13 -5.01
N SER A 132 -27.92 0.34 -4.94
CA SER A 132 -27.15 1.11 -5.91
C SER A 132 -26.36 0.20 -6.86
N SER A 133 -26.71 -1.08 -7.01
CA SER A 133 -26.04 -2.01 -7.92
C SER A 133 -26.00 -1.40 -9.33
N GLY A 134 -27.14 -0.99 -9.87
CA GLY A 134 -27.32 -0.92 -11.31
C GLY A 134 -27.32 -2.33 -11.88
N GLY A 1 -0.30 18.54 12.31
CA GLY A 1 0.86 18.28 13.17
C GLY A 1 2.07 17.89 12.32
N SER A 2 3.16 17.48 12.97
CA SER A 2 4.43 17.14 12.33
C SER A 2 4.32 15.90 11.44
N SER A 3 5.38 15.59 10.68
CA SER A 3 5.42 14.53 9.69
C SER A 3 6.84 13.94 9.68
N GLY A 4 6.99 12.67 9.35
CA GLY A 4 8.25 11.96 9.16
C GLY A 4 8.45 11.74 7.67
N SER A 5 7.93 10.63 7.14
CA SER A 5 8.20 10.12 5.79
C SER A 5 6.96 10.07 4.88
N SER A 6 5.81 10.65 5.26
CA SER A 6 4.53 10.46 4.57
C SER A 6 4.10 11.69 3.76
N GLY A 7 2.96 11.59 3.08
CA GLY A 7 2.38 12.66 2.29
C GLY A 7 1.05 12.22 1.68
N SER A 8 0.41 13.11 0.93
CA SER A 8 -0.92 12.96 0.36
C SER A 8 -1.03 11.74 -0.56
N ALA A 9 -2.24 11.32 -0.89
CA ALA A 9 -2.50 10.11 -1.65
C ALA A 9 -1.82 10.11 -3.03
N LYS A 10 -1.99 11.16 -3.83
CA LYS A 10 -1.27 11.21 -5.11
C LYS A 10 0.25 11.25 -4.90
N ASN A 11 0.72 11.71 -3.73
CA ASN A 11 2.14 11.79 -3.39
C ASN A 11 2.77 10.41 -3.16
N ALA A 12 2.01 9.32 -3.20
CA ALA A 12 2.55 7.98 -3.33
C ALA A 12 2.37 7.45 -4.75
N TYR A 13 1.14 7.42 -5.28
CA TYR A 13 0.82 6.88 -6.60
C TYR A 13 1.69 7.45 -7.73
N THR A 14 1.92 8.76 -7.75
CA THR A 14 2.71 9.39 -8.80
C THR A 14 4.03 8.64 -9.03
N LYS A 15 4.80 8.43 -7.95
CA LYS A 15 6.09 7.77 -7.94
C LYS A 15 6.02 6.41 -8.60
N LEU A 16 5.03 5.57 -8.26
CA LEU A 16 4.88 4.25 -8.86
C LEU A 16 4.96 4.24 -10.38
N GLY A 17 4.54 5.30 -11.05
CA GLY A 17 4.54 5.34 -12.52
C GLY A 17 5.71 6.10 -13.14
N THR A 18 6.69 6.55 -12.37
CA THR A 18 7.84 7.35 -12.82
C THR A 18 9.14 6.82 -12.21
N ASP A 19 9.01 5.74 -11.46
CA ASP A 19 10.05 5.00 -10.77
C ASP A 19 9.74 3.55 -11.06
N ASP A 20 10.33 2.96 -12.10
CA ASP A 20 10.18 1.54 -12.45
C ASP A 20 10.61 0.61 -11.30
N ASN A 21 11.38 1.11 -10.33
CA ASN A 21 11.77 0.38 -9.12
C ASN A 21 10.66 0.34 -8.07
N ALA A 22 9.64 1.19 -8.16
CA ALA A 22 8.67 1.36 -7.09
C ALA A 22 7.67 0.20 -7.02
N GLN A 23 7.04 0.01 -5.86
CA GLN A 23 6.09 -1.07 -5.57
C GLN A 23 5.03 -0.59 -4.58
N LEU A 24 4.03 -1.44 -4.31
CA LEU A 24 2.92 -1.19 -3.42
C LEU A 24 2.74 -2.40 -2.49
N LEU A 25 2.67 -2.14 -1.18
CA LEU A 25 2.35 -3.13 -0.15
C LEU A 25 1.05 -2.76 0.53
N ASP A 26 -0.04 -3.39 0.10
CA ASP A 26 -1.37 -3.24 0.63
C ASP A 26 -1.45 -4.00 1.97
N ILE A 27 -1.34 -3.26 3.07
CA ILE A 27 -1.43 -3.79 4.44
C ILE A 27 -2.86 -3.86 4.97
N ARG A 28 -3.87 -3.70 4.11
CA ARG A 28 -5.27 -3.75 4.51
C ARG A 28 -5.67 -5.20 4.78
N ALA A 29 -6.75 -5.40 5.52
CA ALA A 29 -7.21 -6.71 5.96
C ALA A 29 -7.64 -7.56 4.78
N THR A 30 -7.66 -8.88 4.93
CA THR A 30 -8.04 -9.75 3.83
C THR A 30 -9.50 -9.48 3.39
N ALA A 31 -10.36 -9.08 4.34
CA ALA A 31 -11.75 -8.70 4.10
C ALA A 31 -11.88 -7.46 3.23
N ASP A 32 -10.95 -6.51 3.37
CA ASP A 32 -11.00 -5.26 2.63
C ASP A 32 -10.98 -5.55 1.12
N PHE A 33 -10.15 -6.49 0.66
CA PHE A 33 -10.11 -6.78 -0.77
C PHE A 33 -11.39 -7.51 -1.24
N ARG A 34 -12.31 -7.86 -0.33
CA ARG A 34 -13.62 -8.43 -0.64
C ARG A 34 -14.67 -7.33 -0.77
N GLN A 35 -14.67 -6.37 0.16
CA GLN A 35 -15.74 -5.38 0.31
C GLN A 35 -15.39 -4.04 -0.35
N VAL A 36 -14.10 -3.73 -0.47
CA VAL A 36 -13.54 -2.51 -1.05
C VAL A 36 -12.89 -2.83 -2.42
N GLY A 37 -12.26 -3.99 -2.56
CA GLY A 37 -11.41 -4.32 -3.70
C GLY A 37 -10.06 -3.60 -3.56
N SER A 38 -9.13 -3.81 -4.49
CA SER A 38 -7.74 -3.35 -4.38
C SER A 38 -7.43 -2.23 -5.39
N PRO A 39 -6.36 -1.43 -5.22
CA PRO A 39 -5.93 -0.42 -6.18
C PRO A 39 -5.45 -1.05 -7.48
N ASN A 40 -5.71 -0.40 -8.63
CA ASN A 40 -5.23 -0.89 -9.93
C ASN A 40 -3.95 -0.18 -10.29
N ILE A 41 -2.82 -0.76 -9.88
CA ILE A 41 -1.51 -0.30 -10.31
C ILE A 41 -0.91 -1.19 -11.41
N LYS A 42 -1.68 -2.14 -11.96
CA LYS A 42 -1.14 -3.06 -12.96
C LYS A 42 -0.81 -2.34 -14.28
N GLY A 43 -1.41 -1.18 -14.55
CA GLY A 43 -0.97 -0.33 -15.65
C GLY A 43 0.42 0.24 -15.39
N LEU A 44 0.76 0.50 -14.12
CA LEU A 44 2.11 0.83 -13.62
C LEU A 44 2.99 -0.44 -13.51
N GLY A 45 2.64 -1.51 -14.23
CA GLY A 45 3.58 -2.58 -14.55
C GLY A 45 3.38 -3.86 -13.73
N LYS A 46 2.63 -3.82 -12.63
CA LYS A 46 2.51 -4.97 -11.73
C LYS A 46 1.41 -4.77 -10.72
N LYS A 47 0.99 -5.85 -10.08
CA LYS A 47 -0.01 -5.81 -9.04
C LYS A 47 0.62 -5.26 -7.76
N ALA A 48 -0.21 -4.74 -6.86
CA ALA A 48 0.13 -4.51 -5.48
C ALA A 48 0.15 -5.85 -4.73
N VAL A 49 0.96 -5.97 -3.68
CA VAL A 49 1.15 -7.18 -2.89
C VAL A 49 0.40 -7.03 -1.54
N SER A 50 -0.64 -7.84 -1.33
CA SER A 50 -1.40 -7.85 -0.09
C SER A 50 -0.62 -8.56 1.03
N THR A 51 -0.44 -7.96 2.22
CA THR A 51 -0.05 -8.64 3.45
C THR A 51 -0.51 -7.79 4.64
N VAL A 52 -1.53 -8.22 5.38
CA VAL A 52 -2.05 -7.43 6.50
C VAL A 52 -0.98 -7.27 7.58
N TYR A 53 -0.71 -6.04 8.01
CA TYR A 53 0.21 -5.77 9.11
C TYR A 53 -0.51 -5.93 10.45
N ASN A 54 0.16 -6.56 11.42
CA ASN A 54 -0.24 -6.50 12.83
C ASN A 54 0.78 -5.65 13.57
N GLY A 55 2.00 -6.17 13.72
CA GLY A 55 3.13 -5.49 14.33
C GLY A 55 3.68 -6.21 15.56
N GLU A 56 2.98 -7.24 16.01
CA GLU A 56 3.43 -8.16 17.05
C GLU A 56 4.72 -8.84 16.57
N ASP A 57 4.57 -9.78 15.64
CA ASP A 57 5.58 -10.62 15.04
C ASP A 57 6.18 -9.88 13.85
N LYS A 58 7.17 -9.03 14.12
CA LYS A 58 7.94 -8.25 13.14
C LYS A 58 8.47 -9.15 12.01
N PRO A 59 9.28 -10.19 12.29
CA PRO A 59 9.69 -11.13 11.26
C PRO A 59 8.50 -11.92 10.70
N GLY A 60 7.52 -12.26 11.54
CA GLY A 60 6.28 -12.97 11.21
C GLY A 60 5.28 -12.16 10.38
N PHE A 61 5.77 -11.21 9.61
CA PHE A 61 4.99 -10.37 8.74
C PHE A 61 5.80 -10.20 7.45
N LEU A 62 7.04 -9.74 7.62
CA LEU A 62 8.07 -9.62 6.60
C LEU A 62 8.27 -10.91 5.80
N LYS A 63 7.90 -12.08 6.36
CA LYS A 63 7.99 -13.34 5.68
C LYS A 63 7.22 -13.37 4.38
N LYS A 64 6.17 -12.56 4.21
CA LYS A 64 5.47 -12.59 2.92
C LYS A 64 6.23 -11.82 1.84
N LEU A 65 7.16 -10.94 2.20
CA LEU A 65 7.89 -10.09 1.26
C LEU A 65 9.09 -10.83 0.67
N SER A 66 9.71 -11.74 1.43
CA SER A 66 10.96 -12.38 1.06
C SER A 66 10.89 -13.26 -0.20
N LEU A 67 9.70 -13.48 -0.73
CA LEU A 67 9.41 -14.26 -1.94
C LEU A 67 8.60 -13.46 -2.97
N LYS A 68 8.46 -12.14 -2.78
CA LYS A 68 7.62 -11.30 -3.62
C LYS A 68 8.39 -10.40 -4.56
N PHE A 69 9.62 -10.00 -4.22
CA PHE A 69 10.26 -8.89 -4.90
C PHE A 69 11.67 -9.32 -5.28
N LYS A 70 12.10 -9.04 -6.51
CA LYS A 70 13.36 -9.53 -7.02
C LYS A 70 14.53 -8.68 -6.51
N ASP A 71 14.28 -7.41 -6.18
CA ASP A 71 15.33 -6.43 -5.92
C ASP A 71 14.95 -5.52 -4.76
N PRO A 72 14.75 -6.08 -3.55
CA PRO A 72 14.17 -5.32 -2.46
C PRO A 72 15.12 -4.21 -2.05
N GLU A 73 16.44 -4.45 -2.08
CA GLU A 73 17.47 -3.48 -1.73
C GLU A 73 17.59 -2.32 -2.74
N ASN A 74 16.77 -2.27 -3.79
CA ASN A 74 16.65 -1.08 -4.64
C ASN A 74 15.21 -0.65 -4.91
N THR A 75 14.23 -1.50 -4.61
CA THR A 75 12.81 -1.26 -4.81
C THR A 75 12.31 -0.22 -3.78
N THR A 76 11.65 0.87 -4.19
CA THR A 76 11.02 1.78 -3.23
C THR A 76 9.57 1.32 -2.96
N LEU A 77 9.28 0.83 -1.75
CA LEU A 77 7.94 0.34 -1.42
C LEU A 77 7.10 1.49 -0.85
N TYR A 78 5.80 1.47 -1.16
CA TYR A 78 4.83 2.47 -0.73
C TYR A 78 3.68 1.74 -0.04
N ILE A 79 3.70 1.64 1.30
CA ILE A 79 2.68 0.92 2.05
C ILE A 79 1.36 1.68 2.01
N LEU A 80 0.24 0.95 1.87
CA LEU A 80 -1.11 1.50 1.69
C LEU A 80 -2.08 0.84 2.69
N ASP A 81 -2.50 1.54 3.74
CA ASP A 81 -3.52 1.11 4.70
C ASP A 81 -4.94 1.51 4.26
N LYS A 82 -5.97 1.02 4.97
CA LYS A 82 -7.35 1.44 4.89
C LYS A 82 -7.46 2.94 5.06
N PHE A 83 -7.01 3.51 6.18
CA PHE A 83 -7.40 4.87 6.55
C PHE A 83 -6.26 5.65 7.17
N ASP A 84 -5.39 4.97 7.93
CA ASP A 84 -4.36 5.60 8.74
C ASP A 84 -3.45 4.50 9.31
N GLY A 85 -4.06 3.59 10.08
CA GLY A 85 -3.57 2.30 10.54
C GLY A 85 -2.18 2.36 11.13
N ASN A 86 -1.19 1.98 10.31
CA ASN A 86 0.20 1.80 10.70
C ASN A 86 1.14 2.04 9.52
N SER A 87 0.71 2.66 8.41
CA SER A 87 1.52 2.71 7.19
C SER A 87 2.93 3.27 7.45
N GLU A 88 3.05 4.29 8.29
CA GLU A 88 4.32 4.90 8.63
C GLU A 88 5.22 3.90 9.33
N LEU A 89 4.67 3.18 10.31
CA LEU A 89 5.37 2.16 11.08
C LEU A 89 5.98 1.13 10.13
N VAL A 90 5.23 0.70 9.12
CA VAL A 90 5.71 -0.30 8.18
C VAL A 90 6.70 0.29 7.17
N ALA A 91 6.56 1.58 6.83
CA ALA A 91 7.57 2.26 6.04
C ALA A 91 8.88 2.18 6.80
N GLU A 92 8.86 2.41 8.12
CA GLU A 92 10.06 2.33 8.93
C GLU A 92 10.31 0.90 9.45
N LEU A 93 9.95 -0.11 8.65
CA LEU A 93 10.18 -1.52 8.96
C LEU A 93 10.86 -2.22 7.80
N VAL A 94 10.26 -2.22 6.61
CA VAL A 94 10.85 -2.91 5.45
C VAL A 94 12.24 -2.36 5.14
N ALA A 95 12.40 -1.03 5.20
CA ALA A 95 13.64 -0.34 4.89
C ALA A 95 14.76 -0.68 5.89
N LEU A 96 14.43 -1.33 7.01
CA LEU A 96 15.36 -1.72 8.06
C LEU A 96 15.45 -3.25 8.15
N ASN A 97 14.90 -3.97 7.16
CA ASN A 97 14.85 -5.43 7.10
C ASN A 97 15.32 -5.95 5.73
N GLY A 98 16.02 -5.13 4.94
CA GLY A 98 16.62 -5.55 3.68
C GLY A 98 16.01 -4.89 2.45
N PHE A 99 15.14 -3.90 2.60
CA PHE A 99 14.83 -2.95 1.53
C PHE A 99 15.63 -1.67 1.79
N LYS A 100 15.69 -0.75 0.82
CA LYS A 100 16.48 0.50 0.93
C LYS A 100 15.70 1.54 1.73
N SER A 101 14.56 1.97 1.17
CA SER A 101 13.70 3.01 1.69
C SER A 101 12.26 2.59 1.48
N ALA A 102 11.34 3.19 2.24
CA ALA A 102 9.91 3.01 2.06
C ALA A 102 9.16 4.27 2.43
N TYR A 103 7.88 4.26 2.08
CA TYR A 103 6.95 5.37 2.09
C TYR A 103 5.59 4.92 2.62
N ALA A 104 4.76 5.89 3.03
CA ALA A 104 3.45 5.70 3.64
C ALA A 104 2.49 6.78 3.14
N ILE A 105 1.30 6.38 2.71
CA ILE A 105 0.26 7.29 2.19
C ILE A 105 -0.63 7.71 3.35
N LYS A 106 -0.88 9.01 3.45
CA LYS A 106 -1.86 9.56 4.38
C LYS A 106 -3.28 9.27 3.90
N ASP A 107 -4.21 9.16 4.85
CA ASP A 107 -5.62 8.82 4.64
C ASP A 107 -5.80 7.43 4.02
N GLY A 108 -4.72 6.65 3.88
CA GLY A 108 -4.65 5.37 3.21
C GLY A 108 -5.47 5.39 1.92
N ALA A 109 -6.55 4.61 1.87
CA ALA A 109 -7.36 4.45 0.69
C ALA A 109 -8.79 4.94 0.89
N GLU A 110 -9.35 4.73 2.08
CA GLU A 110 -10.73 5.01 2.45
C GLU A 110 -10.91 6.43 2.98
N GLY A 111 -9.81 7.10 3.37
CA GLY A 111 -9.86 8.39 4.02
C GLY A 111 -10.34 9.49 3.08
N PRO A 112 -10.69 10.68 3.62
CA PRO A 112 -11.39 11.70 2.86
C PRO A 112 -10.58 12.31 1.72
N ARG A 113 -9.26 12.13 1.71
CA ARG A 113 -8.39 12.42 0.58
C ARG A 113 -7.39 11.28 0.37
N GLY A 114 -7.71 10.07 0.83
CA GLY A 114 -6.92 8.87 0.59
C GLY A 114 -7.03 8.45 -0.88
N TRP A 115 -6.46 7.31 -1.24
CA TRP A 115 -6.33 6.80 -2.61
C TRP A 115 -7.62 6.96 -3.42
N LEU A 116 -8.74 6.39 -2.96
CA LEU A 116 -10.03 6.46 -3.66
C LEU A 116 -10.37 7.92 -3.94
N ASN A 117 -10.34 8.71 -2.87
CA ASN A 117 -10.67 10.11 -2.82
C ASN A 117 -9.59 11.01 -3.44
N SER A 118 -8.66 10.45 -4.19
CA SER A 118 -7.59 11.15 -4.86
C SER A 118 -7.60 10.88 -6.37
N SER A 119 -8.75 10.42 -6.92
CA SER A 119 -8.95 10.25 -8.36
C SER A 119 -8.00 9.21 -8.95
N LEU A 120 -7.61 8.20 -8.16
CA LEU A 120 -6.65 7.18 -8.56
C LEU A 120 -7.35 5.94 -9.15
N PRO A 121 -6.64 5.08 -9.89
CA PRO A 121 -7.22 3.86 -10.47
C PRO A 121 -7.51 2.78 -9.41
N TRP A 122 -8.53 1.95 -9.66
CA TRP A 122 -8.96 0.90 -8.75
C TRP A 122 -9.26 -0.39 -9.52
N ILE A 123 -9.13 -1.55 -8.89
CA ILE A 123 -9.53 -2.83 -9.46
C ILE A 123 -10.99 -3.04 -9.12
N GLU A 124 -11.33 -3.03 -7.82
CA GLU A 124 -12.66 -3.27 -7.24
C GLU A 124 -12.98 -4.78 -7.19
N PRO A 125 -13.91 -5.21 -6.31
CA PRO A 125 -14.34 -6.59 -6.22
C PRO A 125 -15.15 -6.96 -7.46
N LYS A 126 -16.41 -6.53 -7.48
CA LYS A 126 -17.33 -6.57 -8.63
C LYS A 126 -18.11 -5.25 -8.65
N LYS A 127 -18.74 -4.97 -9.79
CA LYS A 127 -19.66 -3.84 -9.96
C LYS A 127 -21.06 -4.12 -9.40
N THR A 128 -21.18 -5.08 -8.49
CA THR A 128 -22.40 -5.37 -7.75
C THR A 128 -22.79 -4.13 -6.94
N SER A 129 -24.06 -3.72 -7.01
CA SER A 129 -24.64 -2.66 -6.21
C SER A 129 -24.63 -3.06 -4.72
N GLY A 130 -23.73 -2.48 -3.92
CA GLY A 130 -23.51 -2.79 -2.52
C GLY A 130 -23.22 -1.51 -1.74
N PRO A 131 -24.23 -0.69 -1.43
CA PRO A 131 -24.05 0.63 -0.84
C PRO A 131 -23.66 0.62 0.64
N SER A 132 -23.88 -0.50 1.35
CA SER A 132 -23.48 -0.66 2.74
C SER A 132 -22.51 -1.83 2.83
N SER A 133 -22.99 -3.02 2.48
CA SER A 133 -22.32 -4.32 2.48
C SER A 133 -22.41 -5.04 3.84
N GLY A 134 -22.85 -4.36 4.91
CA GLY A 134 -23.32 -5.02 6.12
C GLY A 134 -24.82 -5.15 6.03
N GLY A 1 6.51 22.64 11.14
CA GLY A 1 6.11 21.65 10.15
C GLY A 1 6.16 20.26 10.74
N SER A 2 5.31 19.37 10.24
CA SER A 2 5.48 17.93 10.36
C SER A 2 5.01 17.32 9.04
N SER A 3 5.72 16.30 8.55
CA SER A 3 5.40 15.61 7.30
C SER A 3 6.00 14.20 7.22
N GLY A 4 6.98 13.85 8.07
CA GLY A 4 7.57 12.51 8.13
C GLY A 4 8.01 12.00 6.75
N SER A 5 7.89 10.69 6.55
CA SER A 5 8.17 10.01 5.27
C SER A 5 6.86 9.53 4.60
N SER A 6 5.70 9.89 5.15
CA SER A 6 4.39 9.76 4.53
C SER A 6 4.22 10.78 3.38
N GLY A 7 3.02 10.88 2.81
CA GLY A 7 2.66 11.93 1.88
C GLY A 7 1.16 11.93 1.60
N SER A 8 0.70 12.84 0.74
CA SER A 8 -0.63 12.76 0.17
C SER A 8 -0.80 11.42 -0.54
N ALA A 9 -2.04 11.08 -0.82
CA ALA A 9 -2.37 9.87 -1.54
C ALA A 9 -1.71 9.83 -2.91
N LYS A 10 -1.81 10.93 -3.65
CA LYS A 10 -1.16 10.97 -4.96
C LYS A 10 0.35 11.10 -4.80
N ASN A 11 0.88 11.51 -3.64
CA ASN A 11 2.32 11.54 -3.42
C ASN A 11 2.91 10.14 -3.48
N ALA A 12 2.11 9.11 -3.19
CA ALA A 12 2.52 7.73 -3.40
C ALA A 12 2.28 7.36 -4.88
N TYR A 13 1.04 7.43 -5.38
CA TYR A 13 0.73 6.96 -6.73
C TYR A 13 1.54 7.63 -7.85
N THR A 14 1.67 8.96 -7.86
CA THR A 14 2.50 9.68 -8.83
C THR A 14 3.99 9.26 -8.81
N LYS A 15 4.41 8.55 -7.76
CA LYS A 15 5.78 8.13 -7.52
C LYS A 15 5.94 6.61 -7.56
N LEU A 16 4.91 5.87 -7.95
CA LEU A 16 4.86 4.44 -7.99
C LEU A 16 5.18 3.90 -9.40
N GLY A 17 5.02 4.69 -10.45
CA GLY A 17 5.21 4.28 -11.85
C GLY A 17 6.02 5.29 -12.66
N THR A 18 6.98 5.94 -12.02
CA THR A 18 8.02 6.77 -12.62
C THR A 18 9.32 5.96 -12.68
N ASP A 19 9.54 5.09 -11.69
CA ASP A 19 10.62 4.16 -11.49
C ASP A 19 10.05 2.75 -11.57
N ASP A 20 10.72 1.82 -12.24
CA ASP A 20 10.30 0.42 -12.27
C ASP A 20 10.47 -0.23 -10.89
N ASN A 21 11.40 0.29 -10.08
CA ASN A 21 11.78 -0.31 -8.80
C ASN A 21 10.86 0.17 -7.68
N ALA A 22 9.98 1.12 -7.95
CA ALA A 22 8.98 1.57 -7.00
C ALA A 22 7.88 0.50 -6.90
N GLN A 23 7.32 0.25 -5.71
CA GLN A 23 6.44 -0.89 -5.48
C GLN A 23 5.26 -0.56 -4.55
N LEU A 24 4.34 -1.51 -4.36
CA LEU A 24 3.10 -1.33 -3.59
C LEU A 24 2.91 -2.48 -2.61
N LEU A 25 2.73 -2.17 -1.31
CA LEU A 25 2.43 -3.15 -0.26
C LEU A 25 1.12 -2.76 0.42
N ASP A 26 0.07 -3.44 -0.01
CA ASP A 26 -1.27 -3.26 0.52
C ASP A 26 -1.36 -4.02 1.84
N ILE A 27 -1.31 -3.28 2.96
CA ILE A 27 -1.37 -3.84 4.30
C ILE A 27 -2.81 -3.95 4.81
N ARG A 28 -3.83 -3.65 3.98
CA ARG A 28 -5.22 -3.73 4.40
C ARG A 28 -5.60 -5.18 4.67
N ALA A 29 -6.65 -5.37 5.47
CA ALA A 29 -7.06 -6.68 5.95
C ALA A 29 -7.51 -7.58 4.80
N THR A 30 -7.41 -8.90 4.96
CA THR A 30 -7.77 -9.82 3.88
C THR A 30 -9.28 -9.78 3.58
N ALA A 31 -10.10 -9.31 4.52
CA ALA A 31 -11.51 -9.01 4.33
C ALA A 31 -11.72 -7.74 3.51
N ASP A 32 -10.77 -6.81 3.50
CA ASP A 32 -10.90 -5.49 2.87
C ASP A 32 -10.80 -5.60 1.35
N PHE A 33 -10.13 -6.62 0.83
CA PHE A 33 -10.21 -6.94 -0.59
C PHE A 33 -11.60 -7.46 -0.99
N ARG A 34 -12.49 -7.72 -0.02
CA ARG A 34 -13.84 -8.23 -0.24
C ARG A 34 -14.87 -7.12 -0.03
N GLN A 35 -14.59 -6.16 0.87
CA GLN A 35 -15.51 -5.06 1.14
C GLN A 35 -15.12 -3.72 0.48
N VAL A 36 -13.84 -3.42 0.29
CA VAL A 36 -13.37 -2.20 -0.39
C VAL A 36 -12.79 -2.50 -1.79
N GLY A 37 -11.98 -3.55 -1.96
CA GLY A 37 -11.37 -3.93 -3.24
C GLY A 37 -9.85 -3.83 -3.17
N SER A 38 -9.15 -3.61 -4.30
CA SER A 38 -7.69 -3.46 -4.34
C SER A 38 -7.25 -2.40 -5.38
N PRO A 39 -6.03 -1.82 -5.26
CA PRO A 39 -5.53 -0.79 -6.15
C PRO A 39 -5.13 -1.33 -7.53
N ASN A 40 -5.65 -0.72 -8.61
CA ASN A 40 -5.20 -0.99 -9.97
C ASN A 40 -3.95 -0.17 -10.24
N ILE A 41 -2.79 -0.78 -10.02
CA ILE A 41 -1.51 -0.18 -10.39
C ILE A 41 -0.92 -0.89 -11.61
N LYS A 42 -1.67 -1.82 -12.21
CA LYS A 42 -1.16 -2.70 -13.26
C LYS A 42 -0.77 -1.93 -14.52
N GLY A 43 -1.45 -0.83 -14.83
CA GLY A 43 -1.06 0.02 -15.96
C GLY A 43 0.31 0.68 -15.78
N LEU A 44 0.89 0.64 -14.59
CA LEU A 44 2.25 1.12 -14.32
C LEU A 44 3.29 0.03 -14.61
N GLY A 45 2.87 -1.21 -14.83
CA GLY A 45 3.75 -2.34 -15.09
C GLY A 45 3.24 -3.65 -14.50
N LYS A 46 2.67 -3.62 -13.29
CA LYS A 46 2.61 -4.79 -12.42
C LYS A 46 1.56 -4.65 -11.35
N LYS A 47 1.16 -5.77 -10.75
CA LYS A 47 0.15 -5.75 -9.70
C LYS A 47 0.83 -5.40 -8.37
N ALA A 48 0.04 -4.99 -7.37
CA ALA A 48 0.52 -4.81 -6.01
C ALA A 48 0.82 -6.16 -5.37
N VAL A 49 1.40 -6.13 -4.17
CA VAL A 49 1.42 -7.23 -3.22
C VAL A 49 0.36 -6.90 -2.16
N SER A 50 -0.26 -7.91 -1.55
CA SER A 50 -1.21 -7.76 -0.46
C SER A 50 -0.75 -8.64 0.71
N THR A 51 -0.43 -8.04 1.86
CA THR A 51 -0.04 -8.75 3.08
C THR A 51 -0.44 -7.88 4.24
N VAL A 52 -1.50 -8.26 4.96
CA VAL A 52 -1.95 -7.53 6.14
C VAL A 52 -0.79 -7.45 7.12
N TYR A 53 -0.39 -6.24 7.48
CA TYR A 53 0.54 -6.06 8.59
C TYR A 53 -0.16 -6.55 9.86
N ASN A 54 0.61 -7.17 10.75
CA ASN A 54 0.17 -7.64 12.06
C ASN A 54 1.30 -7.29 13.03
N GLY A 55 1.15 -6.16 13.72
CA GLY A 55 2.14 -5.66 14.67
C GLY A 55 2.39 -6.59 15.86
N GLU A 56 1.51 -7.58 16.05
CA GLU A 56 1.72 -8.69 16.96
C GLU A 56 3.05 -9.40 16.67
N ASP A 57 3.43 -9.55 15.41
CA ASP A 57 4.57 -10.36 15.00
C ASP A 57 5.42 -9.62 13.98
N LYS A 58 6.16 -8.63 14.47
CA LYS A 58 7.05 -7.78 13.69
C LYS A 58 7.88 -8.56 12.67
N PRO A 59 8.75 -9.50 13.08
CA PRO A 59 9.60 -10.23 12.15
C PRO A 59 8.75 -11.21 11.33
N GLY A 60 7.86 -11.97 11.96
CA GLY A 60 7.09 -13.04 11.34
C GLY A 60 5.98 -12.57 10.43
N PHE A 61 5.93 -11.29 10.07
CA PHE A 61 5.10 -10.71 9.02
C PHE A 61 5.89 -10.59 7.71
N LEU A 62 7.19 -10.34 7.79
CA LEU A 62 8.04 -10.06 6.62
C LEU A 62 8.17 -11.30 5.71
N LYS A 63 7.67 -12.46 6.14
CA LYS A 63 7.78 -13.74 5.45
C LYS A 63 7.19 -13.68 4.05
N LYS A 64 6.26 -12.76 3.83
CA LYS A 64 5.58 -12.61 2.57
C LYS A 64 6.30 -11.67 1.62
N LEU A 65 7.21 -10.83 2.10
CA LEU A 65 7.90 -9.87 1.25
C LEU A 65 9.09 -10.54 0.57
N SER A 66 9.87 -11.33 1.28
CA SER A 66 11.15 -11.87 0.82
C SER A 66 11.07 -12.74 -0.45
N LEU A 67 9.88 -13.16 -0.88
CA LEU A 67 9.63 -13.93 -2.10
C LEU A 67 8.70 -13.21 -3.09
N LYS A 68 8.33 -11.96 -2.83
CA LYS A 68 7.41 -11.16 -3.64
C LYS A 68 8.10 -10.03 -4.39
N PHE A 69 9.36 -9.76 -4.07
CA PHE A 69 10.14 -8.67 -4.61
C PHE A 69 11.47 -9.29 -5.04
N LYS A 70 11.84 -9.11 -6.30
CA LYS A 70 13.16 -9.52 -6.82
C LYS A 70 14.27 -8.77 -6.11
N ASP A 71 14.01 -7.49 -5.86
CA ASP A 71 15.03 -6.51 -5.61
C ASP A 71 14.55 -5.62 -4.48
N PRO A 72 14.37 -6.17 -3.27
CA PRO A 72 13.94 -5.35 -2.15
C PRO A 72 15.03 -4.30 -1.86
N GLU A 73 16.30 -4.70 -1.97
CA GLU A 73 17.49 -3.95 -1.65
C GLU A 73 17.63 -2.62 -2.40
N ASN A 74 16.98 -2.45 -3.57
CA ASN A 74 16.93 -1.20 -4.32
C ASN A 74 15.49 -0.77 -4.62
N THR A 75 14.47 -1.50 -4.15
CA THR A 75 13.07 -1.13 -4.32
C THR A 75 12.74 0.08 -3.44
N THR A 76 11.81 0.92 -3.90
CA THR A 76 11.17 1.97 -3.11
C THR A 76 9.71 1.57 -2.88
N LEU A 77 9.39 0.95 -1.74
CA LEU A 77 8.05 0.48 -1.45
C LEU A 77 7.15 1.65 -1.05
N TYR A 78 5.85 1.56 -1.35
CA TYR A 78 4.84 2.50 -0.92
C TYR A 78 3.72 1.68 -0.29
N ILE A 79 3.64 1.69 1.04
CA ILE A 79 2.59 0.98 1.77
C ILE A 79 1.25 1.63 1.48
N LEU A 80 0.14 0.89 1.56
CA LEU A 80 -1.21 1.40 1.45
C LEU A 80 -2.04 0.70 2.53
N ASP A 81 -2.67 1.44 3.43
CA ASP A 81 -3.55 0.93 4.49
C ASP A 81 -4.99 1.42 4.26
N LYS A 82 -5.93 1.07 5.14
CA LYS A 82 -7.30 1.52 5.04
C LYS A 82 -7.37 3.03 5.26
N PHE A 83 -6.82 3.57 6.35
CA PHE A 83 -7.13 4.93 6.76
C PHE A 83 -6.02 5.58 7.59
N ASP A 84 -5.39 4.79 8.45
CA ASP A 84 -4.52 5.21 9.54
C ASP A 84 -3.57 4.04 9.69
N GLY A 85 -4.08 2.95 10.30
CA GLY A 85 -3.38 1.69 10.45
C GLY A 85 -2.03 1.95 11.09
N ASN A 86 -0.97 1.63 10.35
CA ASN A 86 0.40 1.86 10.74
C ASN A 86 1.24 2.07 9.48
N SER A 87 0.70 2.68 8.42
CA SER A 87 1.42 2.84 7.15
C SER A 87 2.83 3.40 7.37
N GLU A 88 2.94 4.41 8.25
CA GLU A 88 4.17 5.15 8.51
C GLU A 88 5.18 4.32 9.32
N LEU A 89 4.71 3.28 10.02
CA LEU A 89 5.54 2.28 10.70
C LEU A 89 6.23 1.43 9.64
N VAL A 90 5.42 0.81 8.79
CA VAL A 90 5.91 -0.16 7.82
C VAL A 90 6.87 0.57 6.84
N ALA A 91 6.66 1.87 6.60
CA ALA A 91 7.46 2.72 5.73
C ALA A 91 8.91 2.91 6.22
N GLU A 92 9.17 2.81 7.52
CA GLU A 92 10.55 2.73 8.00
C GLU A 92 11.01 1.28 8.09
N LEU A 93 10.09 0.39 8.48
CA LEU A 93 10.46 -0.93 8.91
C LEU A 93 11.02 -1.77 7.78
N VAL A 94 10.37 -1.83 6.61
CA VAL A 94 10.85 -2.67 5.52
C VAL A 94 12.28 -2.29 5.14
N ALA A 95 12.57 -0.99 5.08
CA ALA A 95 13.88 -0.48 4.77
C ALA A 95 14.90 -1.01 5.78
N LEU A 96 14.61 -0.81 7.06
CA LEU A 96 15.40 -1.31 8.19
C LEU A 96 15.55 -2.85 8.19
N ASN A 97 14.73 -3.57 7.43
CA ASN A 97 14.68 -5.03 7.35
C ASN A 97 15.12 -5.51 5.96
N GLY A 98 15.81 -4.65 5.18
CA GLY A 98 16.56 -5.06 4.01
C GLY A 98 16.08 -4.44 2.71
N PHE A 99 15.01 -3.64 2.73
CA PHE A 99 14.65 -2.85 1.57
C PHE A 99 15.45 -1.55 1.54
N LYS A 100 15.35 -0.79 0.44
CA LYS A 100 16.12 0.45 0.36
C LYS A 100 15.52 1.54 1.26
N SER A 101 14.34 2.02 0.87
CA SER A 101 13.56 3.06 1.55
C SER A 101 12.10 2.83 1.24
N ALA A 102 11.18 3.23 2.11
CA ALA A 102 9.76 3.10 1.82
C ALA A 102 8.98 4.33 2.27
N TYR A 103 7.73 4.38 1.85
CA TYR A 103 6.83 5.51 1.95
C TYR A 103 5.50 5.03 2.50
N ALA A 104 4.73 5.97 3.04
CA ALA A 104 3.34 5.79 3.42
C ALA A 104 2.49 6.79 2.65
N ILE A 105 1.18 6.53 2.61
CA ILE A 105 0.16 7.41 2.07
C ILE A 105 -0.72 7.77 3.27
N LYS A 106 -1.00 9.05 3.44
CA LYS A 106 -1.94 9.53 4.44
C LYS A 106 -3.35 9.16 4.04
N ASP A 107 -4.24 8.97 5.03
CA ASP A 107 -5.64 8.60 4.83
C ASP A 107 -5.82 7.24 4.15
N GLY A 108 -4.75 6.47 3.94
CA GLY A 108 -4.76 5.17 3.29
C GLY A 108 -5.64 5.18 2.04
N ALA A 109 -6.58 4.25 1.94
CA ALA A 109 -7.48 4.11 0.82
C ALA A 109 -8.80 4.85 1.08
N GLU A 110 -9.33 4.76 2.30
CA GLU A 110 -10.69 5.08 2.67
C GLU A 110 -10.84 6.48 3.25
N GLY A 111 -9.75 7.14 3.62
CA GLY A 111 -9.80 8.42 4.33
C GLY A 111 -10.32 9.54 3.43
N PRO A 112 -10.67 10.70 4.00
CA PRO A 112 -11.31 11.81 3.29
C PRO A 112 -10.45 12.41 2.18
N ARG A 113 -9.14 12.14 2.19
CA ARG A 113 -8.22 12.41 1.09
C ARG A 113 -7.27 11.22 0.93
N GLY A 114 -7.78 10.00 1.05
CA GLY A 114 -7.04 8.77 0.83
C GLY A 114 -6.82 8.55 -0.66
N TRP A 115 -6.56 7.30 -1.04
CA TRP A 115 -6.40 6.87 -2.42
C TRP A 115 -7.70 7.04 -3.19
N LEU A 116 -8.84 6.64 -2.60
CA LEU A 116 -10.14 6.94 -3.12
C LEU A 116 -10.29 8.44 -3.06
N ASN A 117 -11.42 8.82 -3.59
CA ASN A 117 -11.96 10.17 -3.72
C ASN A 117 -10.97 11.22 -4.26
N SER A 118 -9.89 10.76 -4.90
CA SER A 118 -8.71 11.52 -5.31
C SER A 118 -8.32 11.20 -6.77
N SER A 119 -9.24 10.57 -7.51
CA SER A 119 -9.11 10.14 -8.90
C SER A 119 -7.89 9.26 -9.18
N LEU A 120 -7.52 8.42 -8.21
CA LEU A 120 -6.59 7.32 -8.41
C LEU A 120 -7.35 6.08 -8.85
N PRO A 121 -6.70 5.18 -9.61
CA PRO A 121 -7.37 4.02 -10.18
C PRO A 121 -7.67 2.97 -9.11
N TRP A 122 -8.59 2.04 -9.37
CA TRP A 122 -8.92 0.96 -8.45
C TRP A 122 -9.39 -0.27 -9.24
N ILE A 123 -9.09 -1.48 -8.75
CA ILE A 123 -9.57 -2.75 -9.31
C ILE A 123 -10.97 -3.04 -8.82
N GLU A 124 -11.26 -2.72 -7.54
CA GLU A 124 -12.56 -2.96 -6.89
C GLU A 124 -12.90 -4.46 -6.85
N PRO A 125 -13.93 -4.91 -6.11
CA PRO A 125 -14.48 -6.26 -6.22
C PRO A 125 -15.23 -6.44 -7.56
N LYS A 126 -16.10 -7.46 -7.64
CA LYS A 126 -17.11 -7.63 -8.68
C LYS A 126 -18.53 -7.67 -8.09
N LYS A 127 -18.71 -7.04 -6.95
CA LYS A 127 -19.93 -7.12 -6.12
C LYS A 127 -20.30 -5.73 -5.64
N THR A 128 -21.59 -5.45 -5.51
CA THR A 128 -22.13 -4.10 -5.53
C THR A 128 -23.11 -3.96 -4.35
N SER A 129 -22.57 -3.90 -3.14
CA SER A 129 -23.28 -4.27 -1.92
C SER A 129 -22.63 -3.54 -0.72
N GLY A 130 -23.22 -2.43 -0.26
CA GLY A 130 -22.62 -1.57 0.75
C GLY A 130 -21.60 -0.62 0.12
N PRO A 131 -22.03 0.39 -0.65
CA PRO A 131 -21.15 1.15 -1.52
C PRO A 131 -20.17 2.02 -0.74
N SER A 132 -20.62 2.67 0.34
CA SER A 132 -19.73 3.43 1.19
C SER A 132 -18.98 2.49 2.13
N SER A 133 -19.73 1.88 3.05
CA SER A 133 -19.21 1.47 4.35
C SER A 133 -18.58 0.07 4.36
N GLY A 134 -18.58 -0.64 3.23
CA GLY A 134 -18.18 -2.03 3.17
C GLY A 134 -19.18 -2.95 3.85
N GLY A 1 2.16 16.97 12.19
CA GLY A 1 3.44 16.85 11.47
C GLY A 1 3.20 16.49 10.02
N SER A 2 3.42 17.42 9.10
CA SER A 2 3.46 17.12 7.67
C SER A 2 4.89 16.87 7.21
N SER A 3 5.91 17.13 8.04
CA SER A 3 7.27 16.67 7.79
C SER A 3 7.32 15.14 7.82
N GLY A 4 8.38 14.56 7.26
CA GLY A 4 8.62 13.12 7.25
C GLY A 4 8.23 12.47 5.92
N SER A 5 8.23 11.14 5.93
CA SER A 5 8.07 10.25 4.78
C SER A 5 6.61 10.09 4.32
N SER A 6 5.64 10.55 5.10
CA SER A 6 4.23 10.60 4.71
C SER A 6 4.03 11.57 3.53
N GLY A 7 2.83 11.62 2.95
CA GLY A 7 2.46 12.59 1.93
C GLY A 7 1.01 12.44 1.51
N SER A 8 0.54 13.36 0.67
CA SER A 8 -0.76 13.25 0.02
C SER A 8 -0.84 11.96 -0.79
N ALA A 9 -2.05 11.49 -1.08
CA ALA A 9 -2.30 10.23 -1.75
C ALA A 9 -1.46 10.05 -3.01
N LYS A 10 -1.60 10.96 -3.97
CA LYS A 10 -0.87 10.82 -5.22
C LYS A 10 0.64 10.99 -5.03
N ASN A 11 1.12 11.55 -3.92
CA ASN A 11 2.56 11.65 -3.68
C ASN A 11 3.21 10.27 -3.78
N ALA A 12 2.48 9.22 -3.39
CA ALA A 12 2.89 7.83 -3.58
C ALA A 12 2.60 7.36 -5.01
N TYR A 13 1.34 7.33 -5.45
CA TYR A 13 0.95 6.79 -6.77
C TYR A 13 1.76 7.38 -7.92
N THR A 14 1.92 8.70 -8.00
CA THR A 14 2.75 9.30 -9.03
C THR A 14 4.14 8.66 -9.11
N LYS A 15 4.76 8.33 -7.98
CA LYS A 15 6.09 7.74 -7.96
C LYS A 15 6.04 6.34 -8.57
N LEU A 16 5.06 5.50 -8.19
CA LEU A 16 4.88 4.19 -8.82
C LEU A 16 4.82 4.31 -10.35
N GLY A 17 4.27 5.40 -10.86
CA GLY A 17 4.06 5.63 -12.28
C GLY A 17 5.24 6.28 -12.99
N THR A 18 6.34 6.56 -12.29
CA THR A 18 7.53 7.22 -12.81
C THR A 18 8.81 6.45 -12.39
N ASP A 19 8.66 5.38 -11.61
CA ASP A 19 9.73 4.66 -10.93
C ASP A 19 9.57 3.18 -11.23
N ASP A 20 10.40 2.68 -12.15
CA ASP A 20 10.34 1.29 -12.59
C ASP A 20 10.75 0.32 -11.48
N ASN A 21 11.23 0.82 -10.34
CA ASN A 21 11.54 0.00 -9.17
C ASN A 21 10.54 0.24 -8.03
N ALA A 22 9.69 1.27 -8.04
CA ALA A 22 8.76 1.49 -6.94
C ALA A 22 7.69 0.40 -6.92
N GLN A 23 7.09 0.13 -5.76
CA GLN A 23 6.12 -0.94 -5.54
C GLN A 23 5.02 -0.49 -4.58
N LEU A 24 3.98 -1.33 -4.38
CA LEU A 24 2.87 -1.09 -3.48
C LEU A 24 2.67 -2.30 -2.56
N LEU A 25 2.68 -2.09 -1.24
CA LEU A 25 2.38 -3.12 -0.25
C LEU A 25 1.10 -2.74 0.46
N ASP A 26 0.01 -3.35 0.00
CA ASP A 26 -1.30 -3.20 0.59
C ASP A 26 -1.30 -4.00 1.90
N ILE A 27 -1.14 -3.31 3.05
CA ILE A 27 -1.12 -3.91 4.38
C ILE A 27 -2.53 -4.16 4.95
N ARG A 28 -3.58 -3.94 4.16
CA ARG A 28 -4.94 -4.06 4.66
C ARG A 28 -5.28 -5.53 4.94
N ALA A 29 -6.32 -5.71 5.73
CA ALA A 29 -6.91 -6.99 6.11
C ALA A 29 -7.23 -7.82 4.87
N THR A 30 -7.21 -9.15 4.94
CA THR A 30 -7.54 -9.96 3.76
C THR A 30 -8.98 -9.74 3.31
N ALA A 31 -9.90 -9.42 4.24
CA ALA A 31 -11.26 -9.08 3.91
C ALA A 31 -11.38 -7.74 3.19
N ASP A 32 -10.37 -6.87 3.25
CA ASP A 32 -10.44 -5.56 2.61
C ASP A 32 -10.47 -5.72 1.10
N PHE A 33 -9.74 -6.70 0.57
CA PHE A 33 -9.78 -7.10 -0.84
C PHE A 33 -11.13 -7.71 -1.24
N ARG A 34 -12.06 -7.91 -0.29
CA ARG A 34 -13.39 -8.47 -0.49
C ARG A 34 -14.48 -7.42 -0.22
N GLN A 35 -14.23 -6.45 0.67
CA GLN A 35 -15.23 -5.47 1.10
C GLN A 35 -14.98 -4.07 0.53
N VAL A 36 -13.76 -3.81 0.05
CA VAL A 36 -13.32 -2.58 -0.61
C VAL A 36 -12.77 -2.92 -2.01
N GLY A 37 -12.04 -4.05 -2.14
CA GLY A 37 -11.27 -4.39 -3.31
C GLY A 37 -9.82 -3.97 -3.12
N SER A 38 -9.03 -3.90 -4.20
CA SER A 38 -7.61 -3.59 -4.18
C SER A 38 -7.29 -2.30 -4.96
N PRO A 39 -6.17 -1.62 -4.71
CA PRO A 39 -5.72 -0.53 -5.56
C PRO A 39 -5.31 -1.09 -6.92
N ASN A 40 -5.54 -0.34 -8.00
CA ASN A 40 -5.10 -0.74 -9.34
C ASN A 40 -3.81 -0.01 -9.63
N ILE A 41 -2.77 -0.75 -9.99
CA ILE A 41 -1.49 -0.15 -10.39
C ILE A 41 -0.87 -0.86 -11.60
N LYS A 42 -1.60 -1.76 -12.27
CA LYS A 42 -1.03 -2.60 -13.32
C LYS A 42 -0.63 -1.78 -14.56
N GLY A 43 -1.20 -0.60 -14.78
CA GLY A 43 -0.74 0.34 -15.79
C GLY A 43 0.56 1.03 -15.40
N LEU A 44 0.95 0.97 -14.11
CA LEU A 44 2.21 1.45 -13.55
C LEU A 44 3.27 0.34 -13.55
N GLY A 45 3.02 -0.77 -14.25
CA GLY A 45 4.06 -1.74 -14.57
C GLY A 45 3.87 -3.10 -13.93
N LYS A 46 3.03 -3.20 -12.90
CA LYS A 46 2.97 -4.34 -11.98
C LYS A 46 1.79 -4.21 -11.03
N LYS A 47 1.45 -5.28 -10.33
CA LYS A 47 0.32 -5.34 -9.41
C LYS A 47 0.79 -5.03 -8.00
N ALA A 48 -0.13 -4.58 -7.13
CA ALA A 48 0.16 -4.42 -5.70
C ALA A 48 0.25 -5.80 -5.05
N VAL A 49 1.27 -6.01 -4.22
CA VAL A 49 1.34 -7.16 -3.35
C VAL A 49 0.37 -6.92 -2.18
N SER A 50 -0.18 -7.99 -1.60
CA SER A 50 -1.02 -7.92 -0.42
C SER A 50 -0.53 -8.88 0.65
N THR A 51 -0.56 -8.44 1.89
CA THR A 51 -0.43 -9.16 3.15
C THR A 51 -1.11 -8.23 4.16
N VAL A 52 -1.64 -8.70 5.28
CA VAL A 52 -2.04 -7.80 6.35
C VAL A 52 -0.86 -7.65 7.32
N TYR A 53 -0.43 -6.41 7.58
CA TYR A 53 0.49 -6.15 8.68
C TYR A 53 -0.33 -6.32 9.96
N ASN A 54 0.28 -6.87 10.99
CA ASN A 54 -0.32 -6.90 12.33
C ASN A 54 0.82 -6.68 13.29
N GLY A 55 0.78 -5.61 14.09
CA GLY A 55 1.85 -5.30 15.03
C GLY A 55 1.94 -6.29 16.20
N GLU A 56 1.21 -7.40 16.16
CA GLU A 56 1.38 -8.55 17.02
C GLU A 56 2.69 -9.27 16.63
N ASP A 57 2.68 -9.98 15.52
CA ASP A 57 3.72 -10.86 15.03
C ASP A 57 4.63 -10.05 14.10
N LYS A 58 5.39 -9.13 14.70
CA LYS A 58 6.39 -8.29 14.02
C LYS A 58 7.30 -9.07 13.06
N PRO A 59 8.07 -10.07 13.49
CA PRO A 59 8.90 -10.88 12.59
C PRO A 59 8.04 -11.76 11.68
N GLY A 60 6.96 -12.35 12.20
CA GLY A 60 6.06 -13.29 11.55
C GLY A 60 5.17 -12.65 10.48
N PHE A 61 5.71 -11.72 9.73
CA PHE A 61 5.03 -10.87 8.79
C PHE A 61 5.91 -10.70 7.56
N LEU A 62 7.16 -10.29 7.78
CA LEU A 62 8.15 -10.10 6.71
C LEU A 62 8.44 -11.39 5.94
N LYS A 63 8.03 -12.55 6.50
CA LYS A 63 7.99 -13.85 5.86
C LYS A 63 7.15 -13.86 4.58
N LYS A 64 6.35 -12.82 4.32
CA LYS A 64 5.56 -12.72 3.12
C LYS A 64 6.27 -11.92 2.04
N LEU A 65 6.87 -10.78 2.41
CA LEU A 65 7.55 -9.90 1.47
C LEU A 65 8.75 -10.62 0.87
N SER A 66 9.49 -11.41 1.66
CA SER A 66 10.79 -11.95 1.25
C SER A 66 10.77 -12.90 0.02
N LEU A 67 9.60 -13.22 -0.55
CA LEU A 67 9.48 -13.97 -1.78
C LEU A 67 8.53 -13.33 -2.80
N LYS A 68 8.14 -12.07 -2.59
CA LYS A 68 7.22 -11.31 -3.43
C LYS A 68 7.87 -10.20 -4.24
N PHE A 69 9.14 -9.93 -4.04
CA PHE A 69 9.87 -8.90 -4.78
C PHE A 69 11.06 -9.56 -5.47
N LYS A 70 11.77 -8.84 -6.32
CA LYS A 70 13.01 -9.31 -6.95
C LYS A 70 14.16 -8.53 -6.34
N ASP A 71 14.10 -7.21 -6.45
CA ASP A 71 15.21 -6.31 -6.16
C ASP A 71 14.83 -5.36 -5.01
N PRO A 72 14.60 -5.87 -3.77
CA PRO A 72 14.03 -5.08 -2.69
C PRO A 72 14.98 -3.96 -2.26
N GLU A 73 16.27 -4.28 -2.25
CA GLU A 73 17.44 -3.42 -2.07
C GLU A 73 17.53 -2.26 -3.07
N ASN A 74 16.59 -2.10 -3.99
CA ASN A 74 16.47 -0.91 -4.84
C ASN A 74 15.01 -0.50 -5.06
N THR A 75 14.06 -1.24 -4.48
CA THR A 75 12.65 -1.09 -4.73
C THR A 75 12.05 -0.16 -3.68
N THR A 76 11.61 1.03 -4.10
CA THR A 76 11.01 1.95 -3.16
C THR A 76 9.60 1.45 -2.86
N LEU A 77 9.38 0.86 -1.69
CA LEU A 77 8.06 0.36 -1.36
C LEU A 77 7.17 1.51 -0.88
N TYR A 78 5.88 1.45 -1.19
CA TYR A 78 4.87 2.39 -0.70
C TYR A 78 3.82 1.54 0.00
N ILE A 79 3.72 1.64 1.32
CA ILE A 79 2.66 0.96 2.07
C ILE A 79 1.35 1.72 1.88
N LEU A 80 0.23 0.97 1.82
CA LEU A 80 -1.14 1.47 1.75
C LEU A 80 -1.96 0.70 2.79
N ASP A 81 -2.64 1.40 3.71
CA ASP A 81 -3.55 0.83 4.71
C ASP A 81 -4.99 1.32 4.50
N LYS A 82 -5.93 0.92 5.36
CA LYS A 82 -7.32 1.38 5.27
C LYS A 82 -7.41 2.89 5.38
N PHE A 83 -6.73 3.53 6.32
CA PHE A 83 -6.95 4.94 6.61
C PHE A 83 -5.73 5.63 7.23
N ASP A 84 -5.09 4.99 8.20
CA ASP A 84 -4.12 5.65 9.08
C ASP A 84 -3.16 4.60 9.61
N GLY A 85 -3.75 3.60 10.28
CA GLY A 85 -3.17 2.32 10.66
C GLY A 85 -1.75 2.49 11.18
N ASN A 86 -0.80 2.01 10.38
CA ASN A 86 0.60 1.83 10.74
C ASN A 86 1.51 1.99 9.51
N SER A 87 1.04 2.66 8.46
CA SER A 87 1.75 2.73 7.19
C SER A 87 3.16 3.28 7.36
N GLU A 88 3.34 4.37 8.11
CA GLU A 88 4.67 4.93 8.35
C GLU A 88 5.58 3.95 9.06
N LEU A 89 5.02 3.17 9.99
CA LEU A 89 5.73 2.20 10.81
C LEU A 89 6.40 1.18 9.89
N VAL A 90 5.60 0.62 8.97
CA VAL A 90 6.06 -0.37 8.02
C VAL A 90 6.99 0.29 6.98
N ALA A 91 6.79 1.58 6.65
CA ALA A 91 7.67 2.35 5.76
C ALA A 91 9.07 2.54 6.37
N GLU A 92 9.24 2.37 7.67
CA GLU A 92 10.52 2.31 8.34
C GLU A 92 10.74 0.94 8.99
N LEU A 93 10.10 -0.11 8.46
CA LEU A 93 10.37 -1.50 8.85
C LEU A 93 11.08 -2.19 7.69
N VAL A 94 10.50 -2.12 6.49
CA VAL A 94 11.08 -2.79 5.32
C VAL A 94 12.46 -2.22 4.99
N ALA A 95 12.60 -0.89 5.06
CA ALA A 95 13.82 -0.17 4.75
C ALA A 95 14.93 -0.42 5.78
N LEU A 96 14.63 -1.16 6.85
CA LEU A 96 15.56 -1.57 7.88
C LEU A 96 15.79 -3.09 7.81
N ASN A 97 14.94 -3.84 7.10
CA ASN A 97 14.99 -5.30 7.04
C ASN A 97 15.60 -5.81 5.74
N GLY A 98 15.75 -4.96 4.72
CA GLY A 98 16.50 -5.30 3.51
C GLY A 98 16.07 -4.53 2.26
N PHE A 99 15.08 -3.65 2.33
CA PHE A 99 14.80 -2.67 1.28
C PHE A 99 15.70 -1.44 1.51
N LYS A 100 15.76 -0.51 0.55
CA LYS A 100 16.57 0.70 0.65
C LYS A 100 15.81 1.77 1.44
N SER A 101 14.62 2.15 0.96
CA SER A 101 13.75 3.17 1.51
C SER A 101 12.30 2.74 1.28
N ALA A 102 11.36 3.27 2.05
CA ALA A 102 9.94 3.08 1.79
C ALA A 102 9.13 4.29 2.25
N TYR A 103 7.84 4.28 1.94
CA TYR A 103 6.90 5.38 2.04
C TYR A 103 5.56 4.89 2.55
N ALA A 104 4.69 5.83 2.94
CA ALA A 104 3.32 5.61 3.35
C ALA A 104 2.42 6.62 2.62
N ILE A 105 1.10 6.41 2.68
CA ILE A 105 0.09 7.32 2.15
C ILE A 105 -0.85 7.72 3.28
N LYS A 106 -1.00 9.04 3.50
CA LYS A 106 -1.91 9.58 4.50
C LYS A 106 -3.35 9.35 4.05
N ASP A 107 -4.28 9.18 5.00
CA ASP A 107 -5.69 8.87 4.77
C ASP A 107 -5.92 7.51 4.08
N GLY A 108 -4.87 6.68 3.97
CA GLY A 108 -4.85 5.31 3.44
C GLY A 108 -5.62 5.20 2.14
N ALA A 109 -6.47 4.19 2.04
CA ALA A 109 -7.35 4.01 0.91
C ALA A 109 -8.62 4.81 1.13
N GLU A 110 -9.30 4.59 2.26
CA GLU A 110 -10.70 4.95 2.44
C GLU A 110 -10.90 6.47 2.52
N GLY A 111 -9.91 7.23 3.00
CA GLY A 111 -10.17 8.57 3.51
C GLY A 111 -10.59 9.57 2.43
N PRO A 112 -11.12 10.74 2.82
CA PRO A 112 -11.50 11.81 1.88
C PRO A 112 -10.31 12.37 1.10
N ARG A 113 -9.10 12.04 1.51
CA ARG A 113 -7.85 12.38 0.86
C ARG A 113 -6.95 11.15 0.71
N GLY A 114 -7.49 9.95 0.87
CA GLY A 114 -6.74 8.71 0.70
C GLY A 114 -6.55 8.43 -0.78
N TRP A 115 -6.22 7.19 -1.12
CA TRP A 115 -6.14 6.73 -2.49
C TRP A 115 -7.46 6.99 -3.19
N LEU A 116 -8.58 6.61 -2.57
CA LEU A 116 -9.90 6.85 -3.03
C LEU A 116 -10.19 8.32 -2.83
N ASN A 117 -11.27 8.70 -3.47
CA ASN A 117 -11.77 10.07 -3.68
C ASN A 117 -10.76 11.01 -4.38
N SER A 118 -9.57 10.55 -4.79
CA SER A 118 -8.46 11.39 -5.24
C SER A 118 -8.12 11.22 -6.74
N SER A 119 -9.05 10.70 -7.55
CA SER A 119 -8.85 10.41 -8.97
C SER A 119 -7.70 9.40 -9.18
N LEU A 120 -7.59 8.39 -8.31
CA LEU A 120 -6.69 7.25 -8.52
C LEU A 120 -7.48 6.02 -8.92
N PRO A 121 -6.88 5.09 -9.68
CA PRO A 121 -7.56 3.91 -10.18
C PRO A 121 -7.72 2.85 -9.08
N TRP A 122 -8.68 1.94 -9.25
CA TRP A 122 -8.99 0.88 -8.28
C TRP A 122 -9.33 -0.42 -9.00
N ILE A 123 -9.26 -1.57 -8.30
CA ILE A 123 -9.56 -2.89 -8.87
C ILE A 123 -10.95 -3.34 -8.46
N GLU A 124 -11.37 -3.07 -7.22
CA GLU A 124 -12.68 -3.41 -6.65
C GLU A 124 -12.92 -4.94 -6.56
N PRO A 125 -13.86 -5.41 -5.72
CA PRO A 125 -14.21 -6.82 -5.65
C PRO A 125 -14.88 -7.27 -6.96
N LYS A 126 -16.12 -6.83 -7.16
CA LYS A 126 -16.98 -7.05 -8.30
C LYS A 126 -17.85 -5.78 -8.37
N LYS A 127 -18.32 -5.40 -9.56
CA LYS A 127 -19.09 -4.16 -9.71
C LYS A 127 -20.40 -4.24 -8.95
N THR A 128 -20.74 -3.16 -8.29
CA THR A 128 -21.90 -3.02 -7.44
C THR A 128 -22.78 -1.89 -7.99
N SER A 129 -23.77 -1.47 -7.22
CA SER A 129 -24.72 -0.41 -7.55
C SER A 129 -24.96 0.39 -6.27
N GLY A 130 -25.78 1.44 -6.29
CA GLY A 130 -25.90 2.35 -5.15
C GLY A 130 -27.27 3.03 -5.09
N PRO A 131 -28.38 2.30 -4.97
CA PRO A 131 -29.73 2.87 -4.83
C PRO A 131 -29.96 3.55 -3.47
N SER A 132 -28.92 3.72 -2.65
CA SER A 132 -28.95 4.52 -1.43
C SER A 132 -27.62 5.27 -1.27
N SER A 133 -26.88 5.50 -2.37
CA SER A 133 -25.63 6.23 -2.32
C SER A 133 -25.92 7.72 -2.09
N GLY A 134 -25.38 8.27 -1.01
CA GLY A 134 -25.36 9.70 -0.71
C GLY A 134 -24.07 10.03 0.02
N GLY A 1 1.39 17.69 9.88
CA GLY A 1 1.60 16.81 8.74
C GLY A 1 3.07 16.42 8.60
N SER A 2 3.44 15.95 7.40
CA SER A 2 4.80 15.60 7.02
C SER A 2 5.24 16.44 5.83
N SER A 3 6.55 16.44 5.60
CA SER A 3 7.23 16.87 4.40
C SER A 3 8.23 15.75 4.08
N GLY A 4 8.44 15.44 2.80
CA GLY A 4 9.20 14.26 2.41
C GLY A 4 8.32 13.02 2.59
N SER A 5 8.21 12.50 3.82
CA SER A 5 7.37 11.36 4.14
C SER A 5 5.87 11.70 4.03
N SER A 6 5.05 10.65 4.08
CA SER A 6 3.62 10.66 4.38
C SER A 6 2.78 11.67 3.55
N GLY A 7 3.10 11.85 2.27
CA GLY A 7 2.42 12.78 1.40
C GLY A 7 0.99 12.34 1.07
N SER A 8 0.30 13.19 0.33
CA SER A 8 -1.04 12.96 -0.18
C SER A 8 -1.10 11.67 -1.00
N ALA A 9 -2.30 11.15 -1.24
CA ALA A 9 -2.51 9.89 -1.93
C ALA A 9 -1.82 9.84 -3.29
N LYS A 10 -2.07 10.85 -4.13
CA LYS A 10 -1.42 10.95 -5.44
C LYS A 10 0.10 10.93 -5.32
N ASN A 11 0.71 11.38 -4.22
CA ASN A 11 2.15 11.50 -4.11
C ASN A 11 2.82 10.14 -4.33
N ALA A 12 2.40 9.14 -3.57
CA ALA A 12 2.93 7.79 -3.65
C ALA A 12 2.71 7.21 -5.06
N TYR A 13 1.47 7.27 -5.55
CA TYR A 13 1.13 6.74 -6.87
C TYR A 13 1.91 7.41 -8.00
N THR A 14 2.14 8.72 -7.88
CA THR A 14 2.90 9.47 -8.84
C THR A 14 4.29 8.82 -8.99
N LYS A 15 4.99 8.61 -7.88
CA LYS A 15 6.32 8.03 -7.89
C LYS A 15 6.29 6.64 -8.50
N LEU A 16 5.39 5.77 -8.02
CA LEU A 16 5.12 4.43 -8.47
C LEU A 16 5.38 4.20 -9.95
N GLY A 17 4.81 5.03 -10.83
CA GLY A 17 4.88 4.82 -12.28
C GLY A 17 5.86 5.72 -13.03
N THR A 18 6.64 6.56 -12.35
CA THR A 18 7.77 7.26 -12.96
C THR A 18 9.09 6.68 -12.45
N ASP A 19 9.04 5.93 -11.35
CA ASP A 19 10.14 5.31 -10.64
C ASP A 19 9.78 3.84 -10.61
N ASP A 20 9.84 3.10 -11.72
CA ASP A 20 9.24 1.76 -11.85
C ASP A 20 9.71 0.74 -10.80
N ASN A 21 10.88 0.99 -10.20
CA ASN A 21 11.45 0.19 -9.11
C ASN A 21 10.59 0.30 -7.84
N ALA A 22 9.70 1.28 -7.79
CA ALA A 22 8.79 1.52 -6.71
C ALA A 22 7.66 0.49 -6.72
N GLN A 23 7.03 0.28 -5.56
CA GLN A 23 6.16 -0.85 -5.30
C GLN A 23 5.05 -0.51 -4.32
N LEU A 24 4.10 -1.43 -4.13
CA LEU A 24 2.93 -1.22 -3.28
C LEU A 24 2.76 -2.39 -2.31
N LEU A 25 2.76 -2.09 -1.01
CA LEU A 25 2.47 -3.06 0.06
C LEU A 25 1.14 -2.68 0.67
N ASP A 26 0.12 -3.37 0.20
CA ASP A 26 -1.23 -3.20 0.63
C ASP A 26 -1.39 -3.95 1.95
N ILE A 27 -1.47 -3.19 3.04
CA ILE A 27 -1.61 -3.72 4.39
C ILE A 27 -3.08 -3.80 4.84
N ARG A 28 -4.04 -3.53 3.94
CA ARG A 28 -5.46 -3.65 4.28
C ARG A 28 -5.79 -5.13 4.53
N ALA A 29 -6.88 -5.36 5.26
CA ALA A 29 -7.36 -6.66 5.69
C ALA A 29 -7.64 -7.57 4.50
N THR A 30 -7.50 -8.89 4.68
CA THR A 30 -7.71 -9.80 3.57
C THR A 30 -9.17 -9.78 3.10
N ALA A 31 -10.13 -9.59 4.02
CA ALA A 31 -11.52 -9.47 3.62
C ALA A 31 -11.86 -8.08 3.13
N ASP A 32 -11.02 -7.09 3.40
CA ASP A 32 -11.20 -5.75 2.88
C ASP A 32 -11.10 -5.80 1.36
N PHE A 33 -10.27 -6.69 0.81
CA PHE A 33 -10.23 -6.93 -0.63
C PHE A 33 -11.51 -7.55 -1.20
N ARG A 34 -12.47 -7.93 -0.37
CA ARG A 34 -13.72 -8.59 -0.78
C ARG A 34 -14.93 -7.73 -0.47
N GLN A 35 -14.80 -6.78 0.47
CA GLN A 35 -15.85 -5.85 0.86
C GLN A 35 -15.61 -4.44 0.30
N VAL A 36 -14.35 -4.01 0.14
CA VAL A 36 -13.94 -2.75 -0.46
C VAL A 36 -13.40 -3.08 -1.85
N GLY A 37 -12.19 -3.61 -1.97
CA GLY A 37 -11.54 -3.94 -3.23
C GLY A 37 -10.04 -3.80 -3.05
N SER A 38 -9.25 -3.71 -4.13
CA SER A 38 -7.81 -3.56 -4.04
C SER A 38 -7.29 -2.54 -5.07
N PRO A 39 -6.11 -1.94 -4.88
CA PRO A 39 -5.51 -0.96 -5.78
C PRO A 39 -5.00 -1.56 -7.09
N ASN A 40 -5.41 -0.98 -8.22
CA ASN A 40 -4.97 -1.34 -9.56
C ASN A 40 -3.79 -0.45 -9.94
N ILE A 41 -2.59 -0.99 -9.81
CA ILE A 41 -1.37 -0.34 -10.27
C ILE A 41 -0.75 -1.12 -11.43
N LYS A 42 -1.51 -2.06 -12.01
CA LYS A 42 -1.00 -2.99 -13.00
C LYS A 42 -0.52 -2.26 -14.24
N GLY A 43 -1.20 -1.16 -14.60
CA GLY A 43 -0.82 -0.27 -15.68
C GLY A 43 0.53 0.44 -15.47
N LEU A 44 1.18 0.29 -14.31
CA LEU A 44 2.54 0.75 -14.08
C LEU A 44 3.55 -0.36 -14.35
N GLY A 45 3.17 -1.62 -14.10
CA GLY A 45 4.03 -2.77 -14.33
C GLY A 45 3.62 -4.05 -13.62
N LYS A 46 2.86 -3.95 -12.52
CA LYS A 46 2.68 -5.07 -11.58
C LYS A 46 1.53 -4.76 -10.64
N LYS A 47 0.87 -5.78 -10.06
CA LYS A 47 -0.21 -5.52 -9.10
C LYS A 47 0.45 -5.19 -7.76
N ALA A 48 -0.33 -4.70 -6.80
CA ALA A 48 0.14 -4.53 -5.43
C ALA A 48 0.36 -5.88 -4.74
N VAL A 49 0.88 -5.85 -3.52
CA VAL A 49 1.13 -7.02 -2.71
C VAL A 49 0.27 -6.90 -1.46
N SER A 50 -0.74 -7.76 -1.38
CA SER A 50 -1.64 -7.85 -0.24
C SER A 50 -0.99 -8.67 0.88
N THR A 51 -0.54 -8.01 1.95
CA THR A 51 -0.15 -8.64 3.20
C THR A 51 -0.68 -7.75 4.32
N VAL A 52 -1.85 -8.08 4.90
CA VAL A 52 -2.35 -7.34 6.05
C VAL A 52 -1.28 -7.34 7.14
N TYR A 53 -0.94 -6.16 7.63
CA TYR A 53 0.08 -6.00 8.66
C TYR A 53 -0.52 -6.18 10.05
N ASN A 54 0.30 -6.65 10.99
CA ASN A 54 -0.04 -6.94 12.37
C ASN A 54 0.83 -6.07 13.30
N GLY A 55 1.90 -6.63 13.86
CA GLY A 55 2.90 -5.92 14.65
C GLY A 55 3.39 -6.72 15.84
N GLU A 56 2.59 -7.67 16.32
CA GLU A 56 3.04 -8.71 17.22
C GLU A 56 4.22 -9.47 16.59
N ASP A 57 3.98 -9.95 15.39
CA ASP A 57 4.85 -10.80 14.60
C ASP A 57 5.58 -9.94 13.58
N LYS A 58 6.40 -8.99 14.04
CA LYS A 58 7.26 -8.16 13.17
C LYS A 58 8.02 -9.00 12.12
N PRO A 59 8.94 -9.91 12.52
CA PRO A 59 9.65 -10.76 11.57
C PRO A 59 8.67 -11.70 10.86
N GLY A 60 7.71 -12.24 11.62
CA GLY A 60 6.73 -13.19 11.13
C GLY A 60 5.67 -12.62 10.20
N PHE A 61 5.75 -11.33 9.84
CA PHE A 61 4.91 -10.65 8.86
C PHE A 61 5.67 -10.50 7.54
N LEU A 62 6.99 -10.29 7.61
CA LEU A 62 7.86 -10.08 6.45
C LEU A 62 7.92 -11.30 5.52
N LYS A 63 7.34 -12.45 5.92
CA LYS A 63 7.38 -13.71 5.21
C LYS A 63 6.75 -13.63 3.84
N LYS A 64 5.87 -12.65 3.63
CA LYS A 64 5.30 -12.45 2.32
C LYS A 64 6.15 -11.57 1.44
N LEU A 65 7.01 -10.72 1.99
CA LEU A 65 7.69 -9.71 1.20
C LEU A 65 8.84 -10.33 0.43
N SER A 66 9.67 -11.17 1.05
CA SER A 66 10.93 -11.59 0.45
C SER A 66 10.81 -12.40 -0.85
N LEU A 67 9.62 -12.84 -1.23
CA LEU A 67 9.32 -13.55 -2.47
C LEU A 67 8.33 -12.78 -3.36
N LYS A 68 7.99 -11.55 -3.01
CA LYS A 68 7.01 -10.70 -3.70
C LYS A 68 7.63 -9.55 -4.47
N PHE A 69 8.94 -9.36 -4.34
CA PHE A 69 9.73 -8.32 -4.98
C PHE A 69 11.04 -8.99 -5.39
N LYS A 70 11.49 -8.74 -6.63
CA LYS A 70 12.71 -9.33 -7.11
C LYS A 70 13.90 -8.73 -6.39
N ASP A 71 14.03 -7.41 -6.45
CA ASP A 71 15.07 -6.54 -6.02
C ASP A 71 14.60 -5.66 -4.86
N PRO A 72 14.41 -6.22 -3.66
CA PRO A 72 13.99 -5.45 -2.50
C PRO A 72 15.06 -4.43 -2.11
N GLU A 73 16.33 -4.71 -2.42
CA GLU A 73 17.46 -3.92 -1.99
C GLU A 73 17.53 -2.53 -2.64
N ASN A 74 16.74 -2.27 -3.70
CA ASN A 74 16.58 -0.94 -4.30
C ASN A 74 15.11 -0.60 -4.58
N THR A 75 14.17 -1.50 -4.28
CA THR A 75 12.74 -1.24 -4.44
C THR A 75 12.29 -0.17 -3.44
N THR A 76 11.70 0.93 -3.91
CA THR A 76 11.09 1.95 -3.06
C THR A 76 9.64 1.51 -2.74
N LEU A 77 9.37 0.95 -1.55
CA LEU A 77 8.02 0.46 -1.28
C LEU A 77 7.12 1.60 -0.81
N TYR A 78 5.82 1.54 -1.12
CA TYR A 78 4.84 2.51 -0.67
C TYR A 78 3.69 1.72 -0.05
N ILE A 79 3.59 1.74 1.28
CA ILE A 79 2.56 1.02 2.02
C ILE A 79 1.21 1.71 1.83
N LEU A 80 0.11 0.97 1.85
CA LEU A 80 -1.25 1.49 1.72
C LEU A 80 -2.11 0.81 2.80
N ASP A 81 -2.56 1.57 3.81
CA ASP A 81 -3.55 1.12 4.80
C ASP A 81 -4.96 1.53 4.36
N LYS A 82 -5.99 1.06 5.07
CA LYS A 82 -7.35 1.50 4.90
C LYS A 82 -7.40 2.99 5.12
N PHE A 83 -6.84 3.52 6.20
CA PHE A 83 -7.21 4.84 6.65
C PHE A 83 -6.06 5.61 7.31
N ASP A 84 -5.28 4.97 8.16
CA ASP A 84 -4.14 5.56 8.87
C ASP A 84 -3.29 4.36 9.30
N GLY A 85 -3.82 3.59 10.24
CA GLY A 85 -3.35 2.29 10.69
C GLY A 85 -1.95 2.39 11.28
N ASN A 86 -0.97 1.99 10.48
CA ASN A 86 0.43 1.78 10.85
C ASN A 86 1.33 2.06 9.64
N SER A 87 0.83 2.74 8.59
CA SER A 87 1.56 2.84 7.33
C SER A 87 2.99 3.35 7.52
N GLU A 88 3.15 4.39 8.34
CA GLU A 88 4.43 5.02 8.63
C GLU A 88 5.34 4.07 9.44
N LEU A 89 4.79 3.21 10.31
CA LEU A 89 5.55 2.18 11.01
C LEU A 89 6.13 1.18 10.00
N VAL A 90 5.29 0.69 9.09
CA VAL A 90 5.74 -0.25 8.09
C VAL A 90 6.72 0.44 7.12
N ALA A 91 6.59 1.75 6.86
CA ALA A 91 7.47 2.53 5.98
C ALA A 91 8.92 2.62 6.47
N GLU A 92 9.16 2.50 7.77
CA GLU A 92 10.52 2.39 8.28
C GLU A 92 10.96 0.94 8.32
N LEU A 93 10.09 0.07 8.82
CA LEU A 93 10.47 -1.26 9.23
C LEU A 93 11.16 -2.05 8.13
N VAL A 94 10.58 -2.06 6.93
CA VAL A 94 11.12 -2.84 5.82
C VAL A 94 12.52 -2.40 5.41
N ALA A 95 12.78 -1.09 5.39
CA ALA A 95 14.09 -0.55 5.06
C ALA A 95 15.11 -1.03 6.10
N LEU A 96 14.74 -0.93 7.38
CA LEU A 96 15.52 -1.44 8.51
C LEU A 96 15.64 -2.99 8.50
N ASN A 97 14.98 -3.69 7.57
CA ASN A 97 15.03 -5.14 7.36
C ASN A 97 15.61 -5.46 5.98
N GLY A 98 16.39 -4.54 5.38
CA GLY A 98 17.24 -4.83 4.23
C GLY A 98 16.60 -4.52 2.88
N PHE A 99 15.41 -3.91 2.85
CA PHE A 99 14.99 -3.15 1.68
C PHE A 99 15.70 -1.77 1.69
N LYS A 100 15.46 -0.93 0.68
CA LYS A 100 16.08 0.38 0.56
C LYS A 100 15.43 1.46 1.46
N SER A 101 14.26 1.94 1.08
CA SER A 101 13.57 3.09 1.64
C SER A 101 12.10 2.94 1.28
N ALA A 102 11.21 3.02 2.25
CA ALA A 102 9.78 2.84 2.04
C ALA A 102 8.98 4.02 2.58
N TYR A 103 7.71 4.07 2.22
CA TYR A 103 6.86 5.24 2.26
C TYR A 103 5.47 4.87 2.73
N ALA A 104 4.70 5.88 3.14
CA ALA A 104 3.30 5.78 3.48
C ALA A 104 2.50 6.83 2.69
N ILE A 105 1.19 6.65 2.64
CA ILE A 105 0.23 7.58 2.04
C ILE A 105 -0.62 8.13 3.20
N LYS A 106 -0.85 9.44 3.20
CA LYS A 106 -1.79 10.05 4.13
C LYS A 106 -3.18 9.55 3.76
N ASP A 107 -4.01 9.26 4.77
CA ASP A 107 -5.42 8.86 4.64
C ASP A 107 -5.61 7.45 4.08
N GLY A 108 -4.53 6.71 3.84
CA GLY A 108 -4.60 5.38 3.25
C GLY A 108 -5.47 5.41 2.00
N ALA A 109 -6.34 4.43 1.83
CA ALA A 109 -7.23 4.39 0.67
C ALA A 109 -8.60 5.00 0.95
N GLU A 110 -9.11 4.99 2.19
CA GLU A 110 -10.48 5.38 2.51
C GLU A 110 -10.64 6.81 3.02
N GLY A 111 -9.57 7.50 3.42
CA GLY A 111 -9.69 8.81 4.07
C GLY A 111 -10.10 9.92 3.11
N PRO A 112 -10.42 11.12 3.62
CA PRO A 112 -11.00 12.19 2.82
C PRO A 112 -10.12 12.67 1.67
N ARG A 113 -8.81 12.42 1.73
CA ARG A 113 -7.87 12.60 0.62
C ARG A 113 -6.97 11.38 0.44
N GLY A 114 -7.49 10.20 0.81
CA GLY A 114 -6.86 8.93 0.55
C GLY A 114 -7.03 8.53 -0.92
N TRP A 115 -6.51 7.36 -1.27
CA TRP A 115 -6.46 6.80 -2.63
C TRP A 115 -7.82 6.96 -3.36
N LEU A 116 -8.92 6.48 -2.75
CA LEU A 116 -10.26 6.50 -3.35
C LEU A 116 -10.66 7.93 -3.67
N ASN A 117 -10.50 8.83 -2.70
CA ASN A 117 -10.88 10.24 -2.79
C ASN A 117 -9.95 11.08 -3.66
N SER A 118 -8.86 10.50 -4.16
CA SER A 118 -7.85 11.20 -4.94
C SER A 118 -7.85 10.73 -6.40
N SER A 119 -8.97 10.14 -6.87
CA SER A 119 -9.22 9.61 -8.21
C SER A 119 -7.99 8.88 -8.79
N LEU A 120 -7.37 8.05 -7.95
CA LEU A 120 -6.39 7.06 -8.37
C LEU A 120 -7.12 5.81 -8.85
N PRO A 121 -6.50 4.95 -9.67
CA PRO A 121 -7.16 3.77 -10.23
C PRO A 121 -7.50 2.76 -9.13
N TRP A 122 -8.39 1.80 -9.41
CA TRP A 122 -8.77 0.74 -8.48
C TRP A 122 -9.03 -0.56 -9.25
N ILE A 123 -8.98 -1.72 -8.58
CA ILE A 123 -9.37 -3.00 -9.17
C ILE A 123 -10.82 -3.26 -8.83
N GLU A 124 -11.16 -3.21 -7.55
CA GLU A 124 -12.49 -3.54 -7.02
C GLU A 124 -12.86 -5.02 -7.21
N PRO A 125 -13.89 -5.53 -6.52
CA PRO A 125 -14.36 -6.91 -6.60
C PRO A 125 -15.03 -7.20 -7.96
N LYS A 126 -15.67 -8.38 -8.10
CA LYS A 126 -16.58 -8.60 -9.21
C LYS A 126 -17.84 -7.75 -9.01
N LYS A 127 -18.69 -7.67 -10.02
CA LYS A 127 -19.90 -6.87 -10.02
C LYS A 127 -20.95 -7.43 -9.06
N THR A 128 -21.04 -6.85 -7.88
CA THR A 128 -22.14 -6.94 -6.92
C THR A 128 -22.53 -5.47 -6.62
N SER A 129 -23.26 -5.21 -5.54
CA SER A 129 -23.66 -3.86 -5.15
C SER A 129 -23.68 -3.80 -3.63
N GLY A 130 -23.45 -2.63 -3.06
CA GLY A 130 -23.73 -2.29 -1.67
C GLY A 130 -24.22 -0.85 -1.59
N PRO A 131 -24.81 -0.44 -0.45
CA PRO A 131 -25.40 0.87 -0.27
C PRO A 131 -24.27 1.91 -0.22
N SER A 132 -24.16 2.73 -1.27
CA SER A 132 -23.15 3.77 -1.51
C SER A 132 -21.67 3.37 -1.36
N SER A 133 -21.34 2.12 -1.03
CA SER A 133 -19.97 1.61 -1.01
C SER A 133 -19.33 1.52 -2.40
N GLY A 134 -20.10 1.77 -3.45
CA GLY A 134 -19.68 1.80 -4.83
C GLY A 134 -20.79 2.51 -5.55
N GLY A 1 -1.66 16.64 9.22
CA GLY A 1 -0.82 15.88 8.30
C GLY A 1 0.45 16.67 8.00
N SER A 2 1.58 16.21 8.53
CA SER A 2 2.91 16.72 8.22
C SER A 2 3.33 16.27 6.80
N SER A 3 4.61 16.43 6.45
CA SER A 3 5.22 15.80 5.29
C SER A 3 6.59 15.27 5.69
N GLY A 4 6.94 14.06 5.23
CA GLY A 4 8.18 13.38 5.55
C GLY A 4 7.84 11.91 5.64
N SER A 5 7.51 11.45 6.85
CA SER A 5 7.03 10.10 7.11
C SER A 5 5.76 9.75 6.34
N SER A 6 4.89 10.72 6.03
CA SER A 6 3.77 10.56 5.10
C SER A 6 3.83 11.64 4.02
N GLY A 7 2.95 11.49 3.03
CA GLY A 7 2.62 12.50 2.05
C GLY A 7 1.18 12.33 1.60
N SER A 8 0.71 13.26 0.78
CA SER A 8 -0.63 13.24 0.21
C SER A 8 -0.80 12.00 -0.67
N ALA A 9 -2.06 11.61 -0.94
CA ALA A 9 -2.36 10.37 -1.64
C ALA A 9 -1.58 10.20 -2.94
N LYS A 10 -1.64 11.20 -3.82
CA LYS A 10 -0.94 11.12 -5.09
C LYS A 10 0.57 11.12 -4.94
N ASN A 11 1.17 11.62 -3.85
CA ASN A 11 2.64 11.63 -3.70
C ASN A 11 3.19 10.24 -4.01
N ALA A 12 2.57 9.21 -3.43
CA ALA A 12 2.94 7.82 -3.64
C ALA A 12 2.57 7.32 -5.06
N TYR A 13 1.32 7.44 -5.49
CA TYR A 13 0.91 6.91 -6.81
C TYR A 13 1.68 7.53 -7.97
N THR A 14 1.93 8.85 -7.91
CA THR A 14 2.80 9.52 -8.85
C THR A 14 4.16 8.81 -8.95
N LYS A 15 4.74 8.45 -7.80
CA LYS A 15 6.07 7.86 -7.76
C LYS A 15 6.07 6.51 -8.43
N LEU A 16 5.11 5.64 -8.15
CA LEU A 16 5.03 4.33 -8.79
C LEU A 16 5.06 4.44 -10.31
N GLY A 17 4.50 5.50 -10.90
CA GLY A 17 4.44 5.66 -12.34
C GLY A 17 5.68 6.30 -12.96
N THR A 18 6.69 6.65 -12.17
CA THR A 18 7.98 7.17 -12.64
C THR A 18 9.14 6.32 -12.14
N ASP A 19 8.89 5.45 -11.16
CA ASP A 19 9.84 4.56 -10.54
C ASP A 19 9.56 3.15 -11.03
N ASP A 20 10.30 2.70 -12.03
CA ASP A 20 10.27 1.31 -12.54
C ASP A 20 10.61 0.32 -11.41
N ASN A 21 11.26 0.78 -10.34
CA ASN A 21 11.69 -0.02 -9.20
C ASN A 21 10.82 0.22 -7.97
N ALA A 22 9.79 1.07 -8.03
CA ALA A 22 8.88 1.23 -6.90
C ALA A 22 8.01 -0.03 -6.75
N GLN A 23 7.39 -0.17 -5.58
CA GLN A 23 6.42 -1.24 -5.29
C GLN A 23 5.28 -0.69 -4.43
N LEU A 24 4.28 -1.54 -4.15
CA LEU A 24 3.15 -1.23 -3.30
C LEU A 24 2.91 -2.40 -2.35
N LEU A 25 2.84 -2.12 -1.05
CA LEU A 25 2.58 -3.11 0.02
C LEU A 25 1.25 -2.75 0.65
N ASP A 26 0.22 -3.43 0.18
CA ASP A 26 -1.15 -3.22 0.59
C ASP A 26 -1.37 -3.96 1.91
N ILE A 27 -1.24 -3.21 3.01
CA ILE A 27 -1.38 -3.70 4.37
C ILE A 27 -2.86 -3.82 4.78
N ARG A 28 -3.84 -3.51 3.92
CA ARG A 28 -5.24 -3.63 4.29
C ARG A 28 -5.58 -5.10 4.56
N ALA A 29 -6.63 -5.33 5.35
CA ALA A 29 -7.01 -6.68 5.70
C ALA A 29 -7.48 -7.43 4.47
N THR A 30 -7.39 -8.75 4.51
CA THR A 30 -7.78 -9.59 3.40
C THR A 30 -9.27 -9.43 3.03
N ALA A 31 -10.10 -9.00 3.99
CA ALA A 31 -11.51 -8.76 3.78
C ALA A 31 -11.81 -7.39 3.15
N ASP A 32 -10.89 -6.43 3.23
CA ASP A 32 -11.08 -5.12 2.60
C ASP A 32 -11.12 -5.29 1.09
N PHE A 33 -10.47 -6.32 0.55
CA PHE A 33 -10.48 -6.58 -0.89
C PHE A 33 -11.82 -7.08 -1.43
N ARG A 34 -12.81 -7.20 -0.55
CA ARG A 34 -14.07 -7.89 -0.73
C ARG A 34 -15.22 -6.93 -0.44
N GLN A 35 -15.15 -6.28 0.72
CA GLN A 35 -16.08 -5.22 1.06
C GLN A 35 -15.79 -3.98 0.19
N VAL A 36 -14.51 -3.61 -0.01
CA VAL A 36 -14.12 -2.39 -0.73
C VAL A 36 -13.52 -2.70 -2.10
N GLY A 37 -12.48 -3.55 -2.18
CA GLY A 37 -11.71 -3.78 -3.38
C GLY A 37 -10.21 -3.55 -3.12
N SER A 38 -9.37 -3.62 -4.16
CA SER A 38 -7.92 -3.44 -4.06
C SER A 38 -7.43 -2.38 -5.05
N PRO A 39 -6.26 -1.75 -4.85
CA PRO A 39 -5.67 -0.81 -5.79
C PRO A 39 -5.20 -1.51 -7.07
N ASN A 40 -5.50 -0.91 -8.23
CA ASN A 40 -4.99 -1.33 -9.54
C ASN A 40 -3.78 -0.47 -9.83
N ILE A 41 -2.58 -1.03 -9.73
CA ILE A 41 -1.36 -0.38 -10.20
C ILE A 41 -0.77 -1.11 -11.40
N LYS A 42 -1.48 -2.10 -11.97
CA LYS A 42 -0.98 -2.82 -13.13
C LYS A 42 -0.95 -1.90 -14.35
N GLY A 43 -1.83 -0.90 -14.39
CA GLY A 43 -1.78 0.19 -15.34
C GLY A 43 -0.51 1.04 -15.25
N LEU A 44 0.27 0.93 -14.16
CA LEU A 44 1.62 1.47 -14.08
C LEU A 44 2.58 0.39 -14.55
N GLY A 45 2.50 -0.82 -13.98
CA GLY A 45 3.33 -1.96 -14.38
C GLY A 45 2.88 -3.30 -13.82
N LYS A 46 2.49 -3.36 -12.53
CA LYS A 46 2.30 -4.62 -11.81
C LYS A 46 1.30 -4.46 -10.68
N LYS A 47 0.85 -5.54 -10.05
CA LYS A 47 -0.12 -5.46 -8.95
C LYS A 47 0.59 -5.17 -7.64
N ALA A 48 -0.16 -4.69 -6.65
CA ALA A 48 0.32 -4.54 -5.29
C ALA A 48 0.60 -5.91 -4.67
N VAL A 49 1.31 -5.93 -3.55
CA VAL A 49 1.49 -7.11 -2.70
C VAL A 49 0.52 -6.93 -1.53
N SER A 50 -0.53 -7.75 -1.48
CA SER A 50 -1.42 -7.79 -0.33
C SER A 50 -0.69 -8.54 0.80
N THR A 51 -0.28 -7.86 1.87
CA THR A 51 0.18 -8.50 3.10
C THR A 51 -0.29 -7.66 4.29
N VAL A 52 -1.33 -8.11 4.99
CA VAL A 52 -1.87 -7.44 6.16
C VAL A 52 -0.74 -7.30 7.19
N TYR A 53 -0.39 -6.06 7.54
CA TYR A 53 0.55 -5.82 8.63
C TYR A 53 -0.15 -6.11 9.97
N ASN A 54 0.61 -6.56 10.96
CA ASN A 54 0.22 -6.63 12.36
C ASN A 54 1.44 -6.31 13.22
N GLY A 55 1.24 -6.03 14.51
CA GLY A 55 2.34 -5.88 15.46
C GLY A 55 2.43 -7.07 16.41
N GLU A 56 1.77 -8.18 16.06
CA GLU A 56 1.65 -9.42 16.80
C GLU A 56 2.90 -10.28 16.56
N ASP A 57 3.31 -10.44 15.30
CA ASP A 57 4.39 -11.32 14.88
C ASP A 57 5.24 -10.60 13.83
N LYS A 58 5.99 -9.58 14.29
CA LYS A 58 6.90 -8.72 13.51
C LYS A 58 7.70 -9.49 12.43
N PRO A 59 8.64 -10.39 12.77
CA PRO A 59 9.40 -11.13 11.77
C PRO A 59 8.49 -12.03 10.92
N GLY A 60 7.40 -12.48 11.51
CA GLY A 60 6.37 -13.31 10.93
C GLY A 60 5.41 -12.57 9.99
N PHE A 61 5.63 -11.29 9.72
CA PHE A 61 4.92 -10.53 8.70
C PHE A 61 5.83 -10.37 7.49
N LEU A 62 7.10 -10.03 7.73
CA LEU A 62 8.09 -9.80 6.68
C LEU A 62 8.30 -11.02 5.78
N LYS A 63 7.90 -12.23 6.23
CA LYS A 63 8.05 -13.47 5.51
C LYS A 63 7.42 -13.42 4.14
N LYS A 64 6.38 -12.60 3.95
CA LYS A 64 5.75 -12.54 2.65
C LYS A 64 6.62 -11.77 1.67
N LEU A 65 7.23 -10.68 2.15
CA LEU A 65 8.04 -9.79 1.31
C LEU A 65 9.25 -10.53 0.74
N SER A 66 9.74 -11.55 1.45
CA SER A 66 10.91 -12.33 1.06
C SER A 66 10.86 -12.78 -0.41
N LEU A 67 9.69 -13.20 -0.88
CA LEU A 67 9.52 -13.85 -2.19
C LEU A 67 8.65 -13.00 -3.11
N LYS A 68 7.78 -12.16 -2.53
CA LYS A 68 6.96 -11.21 -3.27
C LYS A 68 7.79 -10.11 -3.92
N PHE A 69 9.05 -9.94 -3.49
CA PHE A 69 9.95 -8.97 -4.04
C PHE A 69 11.15 -9.71 -4.55
N LYS A 70 11.69 -9.25 -5.68
CA LYS A 70 12.86 -9.81 -6.33
C LYS A 70 14.11 -8.98 -6.12
N ASP A 71 13.93 -7.69 -5.87
CA ASP A 71 15.01 -6.72 -5.85
C ASP A 71 14.80 -5.73 -4.73
N PRO A 72 14.78 -6.19 -3.46
CA PRO A 72 14.33 -5.36 -2.34
C PRO A 72 15.29 -4.19 -2.12
N GLU A 73 16.58 -4.41 -2.38
CA GLU A 73 17.66 -3.48 -2.11
C GLU A 73 17.62 -2.25 -3.02
N ASN A 74 16.94 -2.30 -4.17
CA ASN A 74 16.71 -1.09 -4.98
C ASN A 74 15.24 -0.69 -4.98
N THR A 75 14.36 -1.58 -4.53
CA THR A 75 12.94 -1.33 -4.47
C THR A 75 12.62 -0.25 -3.42
N THR A 76 11.99 0.83 -3.87
CA THR A 76 11.41 1.86 -3.00
C THR A 76 9.94 1.48 -2.75
N LEU A 77 9.61 1.02 -1.55
CA LEU A 77 8.25 0.56 -1.27
C LEU A 77 7.35 1.72 -0.87
N TYR A 78 6.05 1.57 -1.12
CA TYR A 78 5.02 2.49 -0.70
C TYR A 78 3.95 1.63 -0.04
N ILE A 79 3.72 1.78 1.26
CA ILE A 79 2.64 1.07 1.94
C ILE A 79 1.29 1.61 1.44
N LEU A 80 0.18 0.90 1.62
CA LEU A 80 -1.17 1.43 1.51
C LEU A 80 -2.02 0.74 2.59
N ASP A 81 -2.72 1.51 3.41
CA ASP A 81 -3.59 1.05 4.49
C ASP A 81 -5.03 1.46 4.20
N LYS A 82 -5.98 0.96 4.98
CA LYS A 82 -7.38 1.27 4.89
C LYS A 82 -7.50 2.77 5.13
N PHE A 83 -6.96 3.33 6.22
CA PHE A 83 -7.26 4.68 6.63
C PHE A 83 -6.09 5.33 7.42
N ASP A 84 -5.41 4.56 8.27
CA ASP A 84 -4.36 5.05 9.18
C ASP A 84 -3.40 3.91 9.47
N GLY A 85 -3.95 2.82 10.03
CA GLY A 85 -3.27 1.55 10.28
C GLY A 85 -2.00 1.77 11.08
N ASN A 86 -0.85 1.64 10.42
CA ASN A 86 0.49 1.84 10.94
C ASN A 86 1.42 2.23 9.77
N SER A 87 0.90 2.93 8.75
CA SER A 87 1.60 3.18 7.49
C SER A 87 3.05 3.65 7.71
N GLU A 88 3.23 4.71 8.51
CA GLU A 88 4.53 5.36 8.72
C GLU A 88 5.48 4.45 9.50
N LEU A 89 4.97 3.45 10.22
CA LEU A 89 5.75 2.45 10.93
C LEU A 89 6.36 1.50 9.90
N VAL A 90 5.51 0.90 9.07
CA VAL A 90 5.95 -0.08 8.12
C VAL A 90 6.90 0.58 7.09
N ALA A 91 6.71 1.88 6.80
CA ALA A 91 7.58 2.69 5.95
C ALA A 91 9.03 2.74 6.44
N GLU A 92 9.28 2.53 7.75
CA GLU A 92 10.60 2.69 8.35
C GLU A 92 11.12 1.37 8.95
N LEU A 93 10.48 0.26 8.58
CA LEU A 93 10.78 -1.08 9.08
C LEU A 93 11.47 -1.87 7.98
N VAL A 94 10.88 -1.93 6.79
CA VAL A 94 11.37 -2.72 5.68
C VAL A 94 12.78 -2.32 5.24
N ALA A 95 13.09 -1.02 5.26
CA ALA A 95 14.41 -0.50 4.91
C ALA A 95 15.47 -1.16 5.80
N LEU A 96 15.21 -1.17 7.10
CA LEU A 96 16.03 -1.74 8.16
C LEU A 96 16.00 -3.28 8.15
N ASN A 97 15.28 -3.87 7.20
CA ASN A 97 15.11 -5.30 6.99
C ASN A 97 15.41 -5.60 5.52
N GLY A 98 16.37 -4.89 4.92
CA GLY A 98 17.02 -5.29 3.67
C GLY A 98 16.48 -4.61 2.42
N PHE A 99 15.72 -3.52 2.55
CA PHE A 99 15.28 -2.72 1.43
C PHE A 99 15.96 -1.34 1.47
N LYS A 100 15.74 -0.49 0.45
CA LYS A 100 16.36 0.84 0.42
C LYS A 100 15.65 1.81 1.35
N SER A 101 14.43 2.25 1.00
CA SER A 101 13.70 3.31 1.66
C SER A 101 12.23 3.13 1.32
N ALA A 102 11.32 3.27 2.29
CA ALA A 102 9.90 3.11 2.03
C ALA A 102 9.11 4.29 2.55
N TYR A 103 7.82 4.33 2.19
CA TYR A 103 6.98 5.50 2.21
C TYR A 103 5.59 5.16 2.73
N ALA A 104 4.85 6.20 3.16
CA ALA A 104 3.46 6.10 3.56
C ALA A 104 2.60 7.17 2.87
N ILE A 105 1.38 6.78 2.50
CA ILE A 105 0.30 7.63 2.04
C ILE A 105 -0.51 7.99 3.28
N LYS A 106 -0.81 9.28 3.50
CA LYS A 106 -1.76 9.70 4.51
C LYS A 106 -3.16 9.28 4.08
N ASP A 107 -4.04 9.07 5.05
CA ASP A 107 -5.47 8.79 4.86
C ASP A 107 -5.74 7.42 4.20
N GLY A 108 -4.70 6.65 3.86
CA GLY A 108 -4.81 5.34 3.23
C GLY A 108 -5.73 5.39 2.01
N ALA A 109 -6.58 4.37 1.85
CA ALA A 109 -7.50 4.26 0.74
C ALA A 109 -8.85 4.90 1.06
N GLU A 110 -9.45 4.46 2.17
CA GLU A 110 -10.83 4.74 2.59
C GLU A 110 -10.98 6.18 3.11
N GLY A 111 -9.86 6.85 3.43
CA GLY A 111 -9.90 8.17 4.01
C GLY A 111 -10.56 9.16 3.06
N PRO A 112 -11.13 10.26 3.60
CA PRO A 112 -11.92 11.19 2.81
C PRO A 112 -11.13 11.93 1.72
N ARG A 113 -9.80 11.80 1.73
CA ARG A 113 -8.89 12.45 0.80
C ARG A 113 -7.76 11.49 0.43
N GLY A 114 -7.97 10.18 0.61
CA GLY A 114 -6.95 9.13 0.48
C GLY A 114 -6.75 8.73 -0.98
N TRP A 115 -6.44 7.46 -1.23
CA TRP A 115 -6.20 6.89 -2.57
C TRP A 115 -7.48 6.89 -3.41
N LEU A 116 -8.58 6.37 -2.85
CA LEU A 116 -9.89 6.50 -3.41
C LEU A 116 -10.17 7.99 -3.37
N ASN A 117 -11.21 8.29 -4.07
CA ASN A 117 -11.75 9.61 -4.33
C ASN A 117 -10.72 10.67 -4.79
N SER A 118 -9.56 10.24 -5.32
CA SER A 118 -8.39 11.05 -5.64
C SER A 118 -7.99 10.99 -7.12
N SER A 119 -8.85 10.43 -7.99
CA SER A 119 -8.65 10.18 -9.43
C SER A 119 -7.88 8.87 -9.68
N LEU A 120 -7.54 8.10 -8.64
CA LEU A 120 -6.62 6.97 -8.76
C LEU A 120 -7.33 5.68 -9.18
N PRO A 121 -6.64 4.78 -9.90
CA PRO A 121 -7.23 3.54 -10.43
C PRO A 121 -7.59 2.55 -9.32
N TRP A 122 -8.44 1.56 -9.62
CA TRP A 122 -8.88 0.55 -8.65
C TRP A 122 -9.18 -0.80 -9.33
N ILE A 123 -9.31 -1.89 -8.55
CA ILE A 123 -9.65 -3.25 -9.01
C ILE A 123 -11.06 -3.65 -8.61
N GLU A 124 -11.56 -3.19 -7.46
CA GLU A 124 -12.91 -3.44 -6.92
C GLU A 124 -13.17 -4.94 -6.65
N PRO A 125 -14.22 -5.31 -5.90
CA PRO A 125 -14.68 -6.69 -5.82
C PRO A 125 -15.30 -7.16 -7.16
N LYS A 126 -15.92 -8.35 -7.19
CA LYS A 126 -16.85 -8.63 -8.27
C LYS A 126 -18.10 -7.77 -8.04
N LYS A 127 -18.88 -7.56 -9.10
CA LYS A 127 -20.14 -6.84 -9.03
C LYS A 127 -21.10 -7.62 -8.14
N THR A 128 -21.39 -7.10 -6.95
CA THR A 128 -22.25 -7.72 -5.96
C THR A 128 -23.40 -6.77 -5.60
N SER A 129 -24.36 -7.29 -4.84
CA SER A 129 -25.54 -6.58 -4.35
C SER A 129 -25.14 -5.65 -3.19
N GLY A 130 -24.49 -4.55 -3.54
CA GLY A 130 -24.15 -3.49 -2.60
C GLY A 130 -23.22 -2.46 -3.25
N PRO A 131 -23.66 -1.73 -4.29
CA PRO A 131 -22.86 -0.64 -4.87
C PRO A 131 -22.72 0.57 -3.93
N SER A 132 -23.40 0.60 -2.77
CA SER A 132 -23.05 1.53 -1.71
C SER A 132 -21.69 1.23 -1.07
N SER A 133 -21.14 0.02 -1.26
CA SER A 133 -20.03 -0.51 -0.46
C SER A 133 -18.65 -0.30 -1.11
N GLY A 134 -18.59 -0.02 -2.41
CA GLY A 134 -17.37 -0.02 -3.19
C GLY A 134 -17.56 0.78 -4.46
N GLY A 1 12.63 20.51 13.85
CA GLY A 1 12.91 20.36 12.42
C GLY A 1 11.63 20.04 11.68
N SER A 2 11.69 19.27 10.60
CA SER A 2 10.48 18.81 9.92
C SER A 2 9.69 17.91 10.87
N SER A 3 8.36 17.88 10.70
CA SER A 3 7.48 16.90 11.33
C SER A 3 6.70 16.12 10.25
N GLY A 4 7.11 16.24 8.99
CA GLY A 4 6.50 15.59 7.85
C GLY A 4 7.42 14.52 7.29
N SER A 5 6.87 13.32 7.07
CA SER A 5 7.53 12.19 6.45
C SER A 5 6.55 11.58 5.45
N SER A 6 5.42 11.10 5.96
CA SER A 6 4.23 10.61 5.27
C SER A 6 3.75 11.63 4.23
N GLY A 7 3.30 11.15 3.07
CA GLY A 7 2.98 12.00 1.94
C GLY A 7 1.56 11.77 1.44
N SER A 8 1.10 12.69 0.58
CA SER A 8 -0.24 12.66 -0.01
C SER A 8 -0.43 11.46 -0.93
N ALA A 9 -1.70 11.19 -1.26
CA ALA A 9 -2.10 9.97 -1.94
C ALA A 9 -1.56 9.87 -3.37
N LYS A 10 -1.78 10.90 -4.22
CA LYS A 10 -1.16 10.91 -5.54
C LYS A 10 0.35 10.93 -5.44
N ASN A 11 0.98 11.36 -4.35
CA ASN A 11 2.44 11.37 -4.29
C ASN A 11 2.95 9.95 -4.54
N ALA A 12 2.41 8.98 -3.80
CA ALA A 12 2.79 7.59 -3.90
C ALA A 12 2.51 7.06 -5.31
N TYR A 13 1.28 7.22 -5.80
CA TYR A 13 0.90 6.71 -7.13
C TYR A 13 1.75 7.33 -8.24
N THR A 14 1.98 8.65 -8.20
CA THR A 14 2.83 9.31 -9.17
C THR A 14 4.19 8.62 -9.21
N LYS A 15 4.81 8.44 -8.03
CA LYS A 15 6.13 7.84 -7.92
C LYS A 15 6.13 6.42 -8.49
N LEU A 16 5.16 5.60 -8.10
CA LEU A 16 4.93 4.26 -8.53
C LEU A 16 5.08 4.10 -10.04
N GLY A 17 4.57 5.05 -10.83
CA GLY A 17 4.59 4.96 -12.29
C GLY A 17 5.65 5.81 -12.95
N THR A 18 6.55 6.43 -12.19
CA THR A 18 7.70 7.18 -12.70
C THR A 18 8.99 6.41 -12.33
N ASP A 19 8.91 5.41 -11.48
CA ASP A 19 9.99 4.62 -10.92
C ASP A 19 9.49 3.18 -10.92
N ASP A 20 9.82 2.38 -11.94
CA ASP A 20 9.38 0.98 -12.00
C ASP A 20 10.02 0.10 -10.90
N ASN A 21 11.03 0.64 -10.18
CA ASN A 21 11.62 0.05 -8.98
C ASN A 21 10.86 0.45 -7.71
N ALA A 22 9.87 1.32 -7.80
CA ALA A 22 8.95 1.52 -6.70
C ALA A 22 8.01 0.32 -6.61
N GLN A 23 7.41 0.08 -5.45
CA GLN A 23 6.51 -1.04 -5.21
C GLN A 23 5.36 -0.63 -4.30
N LEU A 24 4.36 -1.50 -4.17
CA LEU A 24 3.18 -1.28 -3.35
C LEU A 24 2.99 -2.50 -2.45
N LEU A 25 2.90 -2.27 -1.13
CA LEU A 25 2.61 -3.29 -0.12
C LEU A 25 1.27 -2.91 0.48
N ASP A 26 0.18 -3.47 -0.04
CA ASP A 26 -1.13 -3.25 0.50
C ASP A 26 -1.25 -4.00 1.82
N ILE A 27 -1.19 -3.25 2.92
CA ILE A 27 -1.28 -3.81 4.28
C ILE A 27 -2.73 -3.93 4.77
N ARG A 28 -3.73 -3.60 3.94
CA ARG A 28 -5.15 -3.66 4.33
C ARG A 28 -5.59 -5.09 4.57
N ALA A 29 -6.67 -5.27 5.34
CA ALA A 29 -7.13 -6.56 5.79
C ALA A 29 -7.70 -7.39 4.66
N THR A 30 -7.69 -8.71 4.85
CA THR A 30 -8.27 -9.65 3.92
C THR A 30 -9.75 -9.34 3.65
N ALA A 31 -10.51 -8.97 4.68
CA ALA A 31 -11.92 -8.64 4.49
C ALA A 31 -12.07 -7.31 3.74
N ASP A 32 -11.08 -6.43 3.82
CA ASP A 32 -11.10 -5.14 3.15
C ASP A 32 -11.08 -5.35 1.64
N PHE A 33 -10.48 -6.43 1.12
CA PHE A 33 -10.62 -6.73 -0.31
C PHE A 33 -12.02 -7.23 -0.66
N ARG A 34 -12.79 -7.70 0.30
CA ARG A 34 -14.13 -8.23 0.06
C ARG A 34 -15.13 -7.11 0.10
N GLN A 35 -14.97 -6.15 1.03
CA GLN A 35 -15.90 -5.05 1.21
C GLN A 35 -15.50 -3.80 0.40
N VAL A 36 -14.20 -3.58 0.13
CA VAL A 36 -13.68 -2.37 -0.52
C VAL A 36 -13.05 -2.66 -1.91
N GLY A 37 -12.44 -3.82 -2.16
CA GLY A 37 -11.83 -4.15 -3.47
C GLY A 37 -10.32 -4.26 -3.49
N SER A 38 -9.65 -3.53 -4.38
CA SER A 38 -8.19 -3.38 -4.35
C SER A 38 -7.76 -2.24 -5.27
N PRO A 39 -6.56 -1.65 -5.04
CA PRO A 39 -5.99 -0.68 -5.95
C PRO A 39 -5.61 -1.41 -7.23
N ASN A 40 -5.83 -0.79 -8.39
CA ASN A 40 -5.36 -1.31 -9.66
C ASN A 40 -4.15 -0.49 -10.06
N ILE A 41 -2.96 -1.06 -9.99
CA ILE A 41 -1.75 -0.42 -10.46
C ILE A 41 -1.20 -1.11 -11.72
N LYS A 42 -1.95 -2.04 -12.33
CA LYS A 42 -1.44 -2.77 -13.48
C LYS A 42 -1.25 -1.84 -14.67
N GLY A 43 -1.97 -0.71 -14.74
CA GLY A 43 -1.71 0.32 -15.73
C GLY A 43 -0.31 0.92 -15.60
N LEU A 44 0.35 0.82 -14.43
CA LEU A 44 1.76 1.17 -14.29
C LEU A 44 2.67 0.02 -14.69
N GLY A 45 2.23 -1.23 -14.45
CA GLY A 45 2.97 -2.40 -14.87
C GLY A 45 2.53 -3.71 -14.22
N LYS A 46 2.08 -3.68 -12.96
CA LYS A 46 1.84 -4.91 -12.17
C LYS A 46 0.78 -4.67 -11.11
N LYS A 47 0.29 -5.72 -10.46
CA LYS A 47 -0.56 -5.59 -9.27
C LYS A 47 0.35 -5.30 -8.07
N ALA A 48 -0.25 -4.91 -6.95
CA ALA A 48 0.42 -4.67 -5.68
C ALA A 48 0.68 -5.99 -4.93
N VAL A 49 1.40 -5.95 -3.81
CA VAL A 49 1.67 -7.10 -2.95
C VAL A 49 0.77 -7.01 -1.72
N SER A 50 -0.31 -7.78 -1.72
CA SER A 50 -1.29 -7.80 -0.65
C SER A 50 -0.73 -8.61 0.52
N THR A 51 -0.47 -8.01 1.68
CA THR A 51 -0.05 -8.71 2.89
C THR A 51 -0.51 -7.86 4.09
N VAL A 52 -1.57 -8.27 4.79
CA VAL A 52 -2.06 -7.56 5.96
C VAL A 52 -0.90 -7.41 6.96
N TYR A 53 -0.61 -6.18 7.38
CA TYR A 53 0.41 -5.93 8.39
C TYR A 53 -0.10 -6.43 9.74
N ASN A 54 0.80 -7.10 10.46
CA ASN A 54 0.68 -7.37 11.87
C ASN A 54 2.05 -7.10 12.49
N GLY A 55 2.05 -6.46 13.66
CA GLY A 55 3.21 -6.17 14.47
C GLY A 55 3.22 -7.01 15.75
N GLU A 56 2.17 -7.78 16.00
CA GLU A 56 2.10 -8.77 17.07
C GLU A 56 3.28 -9.75 16.95
N ASP A 57 3.58 -10.19 15.73
CA ASP A 57 4.72 -11.02 15.36
C ASP A 57 5.42 -10.34 14.19
N LYS A 58 6.37 -9.45 14.51
CA LYS A 58 7.19 -8.72 13.56
C LYS A 58 7.83 -9.65 12.51
N PRO A 59 8.68 -10.64 12.88
CA PRO A 59 9.32 -11.53 11.91
C PRO A 59 8.31 -12.37 11.13
N GLY A 60 7.08 -12.52 11.64
CA GLY A 60 6.01 -13.31 11.08
C GLY A 60 5.17 -12.56 10.07
N PHE A 61 5.53 -11.33 9.70
CA PHE A 61 4.85 -10.57 8.66
C PHE A 61 5.72 -10.49 7.39
N LEU A 62 7.04 -10.32 7.54
CA LEU A 62 7.96 -10.21 6.40
C LEU A 62 7.97 -11.47 5.51
N LYS A 63 7.36 -12.57 5.94
CA LYS A 63 7.31 -13.85 5.24
C LYS A 63 6.62 -13.76 3.90
N LYS A 64 5.94 -12.66 3.59
CA LYS A 64 5.40 -12.47 2.27
C LYS A 64 6.30 -11.64 1.36
N LEU A 65 7.34 -10.96 1.85
CA LEU A 65 8.09 -10.01 1.04
C LEU A 65 9.26 -10.70 0.33
N SER A 66 10.04 -11.55 1.01
CA SER A 66 11.26 -12.15 0.45
C SER A 66 11.08 -12.83 -0.91
N LEU A 67 9.89 -13.37 -1.16
CA LEU A 67 9.57 -14.17 -2.34
C LEU A 67 8.66 -13.42 -3.32
N LYS A 68 8.36 -12.15 -3.04
CA LYS A 68 7.48 -11.30 -3.81
C LYS A 68 8.28 -10.25 -4.57
N PHE A 69 9.37 -9.74 -4.01
CA PHE A 69 10.19 -8.71 -4.63
C PHE A 69 11.33 -9.41 -5.39
N LYS A 70 12.32 -8.70 -5.92
CA LYS A 70 13.57 -9.31 -6.39
C LYS A 70 14.76 -8.58 -5.82
N ASP A 71 14.66 -7.26 -5.81
CA ASP A 71 15.68 -6.31 -5.43
C ASP A 71 15.02 -5.43 -4.38
N PRO A 72 14.91 -5.92 -3.13
CA PRO A 72 14.38 -5.09 -2.08
C PRO A 72 15.34 -3.93 -1.78
N GLU A 73 16.65 -4.18 -1.87
CA GLU A 73 17.71 -3.33 -1.33
C GLU A 73 17.79 -1.96 -1.97
N ASN A 74 17.24 -1.73 -3.17
CA ASN A 74 17.04 -0.36 -3.67
C ASN A 74 15.60 -0.06 -4.07
N THR A 75 14.67 -0.99 -3.88
CA THR A 75 13.24 -0.74 -4.10
C THR A 75 12.69 0.20 -3.01
N THR A 76 12.08 1.31 -3.44
CA THR A 76 11.28 2.16 -2.57
C THR A 76 9.89 1.53 -2.45
N LEU A 77 9.54 1.00 -1.28
CA LEU A 77 8.19 0.52 -1.05
C LEU A 77 7.27 1.68 -0.70
N TYR A 78 6.00 1.54 -1.06
CA TYR A 78 4.93 2.47 -0.71
C TYR A 78 3.87 1.61 -0.02
N ILE A 79 3.77 1.71 1.31
CA ILE A 79 2.73 1.00 2.05
C ILE A 79 1.39 1.71 1.82
N LEU A 80 0.32 0.93 1.61
CA LEU A 80 -1.05 1.42 1.45
C LEU A 80 -1.94 0.72 2.48
N ASP A 81 -2.35 1.45 3.51
CA ASP A 81 -3.27 1.00 4.56
C ASP A 81 -4.69 1.54 4.32
N LYS A 82 -5.63 1.18 5.19
CA LYS A 82 -7.03 1.57 5.16
C LYS A 82 -7.16 3.08 5.32
N PHE A 83 -6.59 3.68 6.35
CA PHE A 83 -6.86 5.07 6.69
C PHE A 83 -5.70 5.69 7.47
N ASP A 84 -5.18 4.92 8.42
CA ASP A 84 -4.20 5.33 9.41
C ASP A 84 -3.34 4.11 9.69
N GLY A 85 -3.98 3.03 10.17
CA GLY A 85 -3.41 1.71 10.37
C GLY A 85 -2.06 1.82 11.06
N ASN A 86 -0.99 1.49 10.34
CA ASN A 86 0.39 1.70 10.76
C ASN A 86 1.26 1.94 9.51
N SER A 87 0.74 2.61 8.48
CA SER A 87 1.45 2.86 7.22
C SER A 87 2.83 3.45 7.50
N GLU A 88 2.88 4.50 8.32
CA GLU A 88 4.10 5.20 8.72
C GLU A 88 5.09 4.24 9.37
N LEU A 89 4.61 3.36 10.25
CA LEU A 89 5.42 2.38 10.96
C LEU A 89 6.11 1.47 9.94
N VAL A 90 5.33 0.86 9.04
CA VAL A 90 5.87 -0.09 8.07
C VAL A 90 6.82 0.64 7.09
N ALA A 91 6.60 1.94 6.84
CA ALA A 91 7.47 2.79 6.01
C ALA A 91 8.86 3.02 6.64
N GLU A 92 9.01 2.81 7.95
CA GLU A 92 10.30 2.83 8.64
C GLU A 92 10.70 1.41 9.07
N LEU A 93 10.09 0.36 8.51
CA LEU A 93 10.31 -1.01 8.93
C LEU A 93 11.04 -1.79 7.85
N VAL A 94 10.49 -1.89 6.63
CA VAL A 94 11.11 -2.66 5.55
C VAL A 94 12.54 -2.16 5.28
N ALA A 95 12.74 -0.85 5.31
CA ALA A 95 14.05 -0.23 5.10
C ALA A 95 15.07 -0.63 6.17
N LEU A 96 14.61 -0.95 7.37
CA LEU A 96 15.45 -1.37 8.48
C LEU A 96 15.64 -2.89 8.46
N ASN A 97 14.97 -3.60 7.55
CA ASN A 97 14.95 -5.05 7.41
C ASN A 97 15.52 -5.48 6.05
N GLY A 98 16.04 -4.55 5.25
CA GLY A 98 16.91 -4.81 4.11
C GLY A 98 16.69 -3.87 2.92
N PHE A 99 15.51 -3.27 2.83
CA PHE A 99 15.18 -2.37 1.72
C PHE A 99 15.90 -1.02 1.89
N LYS A 100 15.84 -0.10 0.91
CA LYS A 100 16.47 1.21 1.06
C LYS A 100 15.60 2.19 1.83
N SER A 101 14.49 2.62 1.23
CA SER A 101 13.61 3.65 1.74
C SER A 101 12.20 3.14 1.60
N ALA A 102 11.25 3.60 2.40
CA ALA A 102 9.83 3.39 2.10
C ALA A 102 9.05 4.65 2.44
N TYR A 103 7.79 4.66 2.02
CA TYR A 103 6.86 5.77 2.11
C TYR A 103 5.53 5.26 2.65
N ALA A 104 4.74 6.17 3.22
CA ALA A 104 3.37 5.96 3.65
C ALA A 104 2.47 6.98 2.95
N ILE A 105 1.34 6.51 2.42
CA ILE A 105 0.26 7.34 1.91
C ILE A 105 -0.65 7.66 3.10
N LYS A 106 -0.72 8.95 3.43
CA LYS A 106 -1.69 9.49 4.39
C LYS A 106 -3.11 9.20 3.91
N ASP A 107 -4.07 9.14 4.83
CA ASP A 107 -5.49 8.83 4.60
C ASP A 107 -5.69 7.41 4.01
N GLY A 108 -4.64 6.62 3.82
CA GLY A 108 -4.63 5.30 3.22
C GLY A 108 -5.50 5.21 1.97
N ALA A 109 -6.52 4.35 1.97
CA ALA A 109 -7.43 4.10 0.85
C ALA A 109 -8.80 4.71 1.11
N GLU A 110 -9.30 4.57 2.34
CA GLU A 110 -10.67 4.81 2.75
C GLU A 110 -10.85 6.21 3.36
N GLY A 111 -9.80 7.04 3.39
CA GLY A 111 -9.88 8.39 3.94
C GLY A 111 -10.55 9.39 2.99
N PRO A 112 -10.73 10.64 3.44
CA PRO A 112 -11.44 11.65 2.67
C PRO A 112 -10.64 12.13 1.46
N ARG A 113 -9.32 11.94 1.45
CA ARG A 113 -8.44 12.28 0.33
C ARG A 113 -7.36 11.21 0.15
N GLY A 114 -7.58 9.99 0.66
CA GLY A 114 -6.70 8.86 0.44
C GLY A 114 -6.78 8.40 -1.02
N TRP A 115 -6.25 7.21 -1.29
CA TRP A 115 -6.05 6.66 -2.62
C TRP A 115 -7.32 6.80 -3.47
N LEU A 116 -8.47 6.31 -2.98
CA LEU A 116 -9.73 6.38 -3.70
C LEU A 116 -10.02 7.85 -4.05
N ASN A 117 -10.15 8.69 -3.02
CA ASN A 117 -10.49 10.11 -3.15
C ASN A 117 -9.29 10.97 -3.61
N SER A 118 -8.35 10.37 -4.33
CA SER A 118 -7.22 11.02 -4.99
C SER A 118 -7.26 10.80 -6.50
N SER A 119 -8.40 10.31 -7.03
CA SER A 119 -8.69 10.15 -8.45
C SER A 119 -7.91 8.98 -9.07
N LEU A 120 -7.57 7.98 -8.26
CA LEU A 120 -6.70 6.88 -8.64
C LEU A 120 -7.49 5.68 -9.17
N PRO A 121 -6.86 4.82 -10.00
CA PRO A 121 -7.50 3.64 -10.58
C PRO A 121 -7.92 2.64 -9.50
N TRP A 122 -8.85 1.72 -9.80
CA TRP A 122 -9.29 0.71 -8.84
C TRP A 122 -9.55 -0.63 -9.56
N ILE A 123 -9.47 -1.74 -8.84
CA ILE A 123 -9.85 -3.07 -9.32
C ILE A 123 -11.33 -3.21 -8.99
N GLU A 124 -11.65 -3.19 -7.70
CA GLU A 124 -12.99 -3.28 -7.10
C GLU A 124 -13.55 -4.71 -7.05
N PRO A 125 -14.53 -4.98 -6.16
CA PRO A 125 -15.26 -6.25 -6.13
C PRO A 125 -16.17 -6.37 -7.36
N LYS A 126 -17.05 -7.38 -7.35
CA LYS A 126 -18.11 -7.49 -8.36
C LYS A 126 -19.17 -6.42 -8.07
N LYS A 127 -20.07 -6.19 -9.02
CA LYS A 127 -21.26 -5.33 -8.94
C LYS A 127 -22.31 -5.75 -7.90
N THR A 128 -21.96 -6.60 -6.93
CA THR A 128 -22.79 -7.11 -5.87
C THR A 128 -22.08 -6.64 -4.61
N SER A 129 -22.48 -5.46 -4.13
CA SER A 129 -21.81 -4.70 -3.08
C SER A 129 -22.84 -4.08 -2.14
N GLY A 130 -22.38 -3.33 -1.14
CA GLY A 130 -23.21 -2.63 -0.18
C GLY A 130 -22.37 -2.19 1.01
N PRO A 131 -21.46 -1.22 0.84
CA PRO A 131 -20.55 -0.81 1.90
C PRO A 131 -21.36 -0.18 3.04
N SER A 132 -21.32 -0.79 4.23
CA SER A 132 -22.11 -0.35 5.39
C SER A 132 -23.63 -0.36 5.12
N SER A 133 -24.11 -1.25 4.24
CA SER A 133 -25.51 -1.32 3.85
C SER A 133 -26.48 -1.39 5.03
N GLY A 134 -26.14 -2.05 6.13
CA GLY A 134 -26.98 -2.11 7.32
C GLY A 134 -26.13 -2.45 8.52
N GLY A 1 0.52 21.64 5.22
CA GLY A 1 1.07 20.29 5.14
C GLY A 1 1.01 19.62 6.51
N SER A 2 1.62 18.45 6.61
CA SER A 2 2.07 17.83 7.85
C SER A 2 3.48 17.29 7.54
N SER A 3 4.15 16.71 8.53
CA SER A 3 5.59 16.53 8.54
C SER A 3 5.98 15.11 8.96
N GLY A 4 7.23 14.74 8.72
CA GLY A 4 7.71 13.37 8.78
C GLY A 4 7.79 12.77 7.39
N SER A 5 8.17 11.52 7.29
CA SER A 5 8.30 10.80 6.04
C SER A 5 6.92 10.29 5.59
N SER A 6 6.06 11.19 5.10
CA SER A 6 4.72 10.85 4.65
C SER A 6 4.34 11.77 3.46
N GLY A 7 3.23 11.47 2.79
CA GLY A 7 2.71 12.31 1.72
C GLY A 7 1.24 12.00 1.47
N SER A 8 0.62 12.79 0.61
CA SER A 8 -0.78 12.66 0.25
C SER A 8 -0.99 11.46 -0.69
N ALA A 9 -2.25 11.17 -1.02
CA ALA A 9 -2.67 10.03 -1.84
C ALA A 9 -1.99 9.95 -3.21
N LYS A 10 -2.30 10.87 -4.14
CA LYS A 10 -1.58 10.94 -5.43
C LYS A 10 -0.07 11.13 -5.21
N ASN A 11 0.35 11.62 -4.04
CA ASN A 11 1.76 11.81 -3.66
C ASN A 11 2.50 10.50 -3.33
N ALA A 12 1.86 9.33 -3.42
CA ALA A 12 2.54 8.04 -3.56
C ALA A 12 2.33 7.43 -4.95
N TYR A 13 1.11 7.46 -5.49
CA TYR A 13 0.81 6.91 -6.81
C TYR A 13 1.69 7.51 -7.92
N THR A 14 1.98 8.82 -7.84
CA THR A 14 2.78 9.47 -8.87
C THR A 14 4.19 8.84 -8.94
N LYS A 15 4.78 8.50 -7.79
CA LYS A 15 6.10 7.87 -7.70
C LYS A 15 6.08 6.37 -7.96
N LEU A 16 4.90 5.74 -8.12
CA LEU A 16 4.83 4.47 -8.82
C LEU A 16 5.01 4.76 -10.30
N GLY A 17 4.16 5.62 -10.88
CA GLY A 17 3.99 5.77 -12.32
C GLY A 17 5.12 6.49 -13.05
N THR A 18 6.30 6.57 -12.46
CA THR A 18 7.47 7.29 -12.95
C THR A 18 8.74 6.45 -12.89
N ASP A 19 8.63 5.23 -12.36
CA ASP A 19 9.74 4.38 -12.00
C ASP A 19 9.38 2.93 -12.27
N ASP A 20 10.39 2.06 -12.35
CA ASP A 20 10.24 0.61 -12.41
C ASP A 20 10.66 -0.04 -11.08
N ASN A 21 11.51 0.62 -10.30
CA ASN A 21 11.96 0.12 -8.98
C ASN A 21 10.89 0.34 -7.93
N ALA A 22 9.88 1.18 -8.19
CA ALA A 22 8.88 1.48 -7.18
C ALA A 22 8.04 0.23 -6.88
N GLN A 23 7.27 0.18 -5.78
CA GLN A 23 6.33 -0.89 -5.46
C GLN A 23 5.20 -0.37 -4.57
N LEU A 24 4.20 -1.23 -4.30
CA LEU A 24 3.04 -0.91 -3.46
C LEU A 24 2.77 -2.07 -2.50
N LEU A 25 2.62 -1.77 -1.20
CA LEU A 25 2.33 -2.74 -0.13
C LEU A 25 1.00 -2.39 0.54
N ASP A 26 -0.06 -2.96 0.01
CA ASP A 26 -1.40 -2.91 0.54
C ASP A 26 -1.46 -3.69 1.85
N ILE A 27 -1.38 -2.97 2.98
CA ILE A 27 -1.43 -3.50 4.35
C ILE A 27 -2.85 -3.51 4.93
N ARG A 28 -3.88 -3.21 4.13
CA ARG A 28 -5.28 -3.36 4.54
C ARG A 28 -5.59 -4.84 4.78
N ALA A 29 -6.68 -5.14 5.49
CA ALA A 29 -7.07 -6.50 5.80
C ALA A 29 -7.26 -7.31 4.54
N THR A 30 -7.05 -8.62 4.64
CA THR A 30 -7.24 -9.55 3.53
C THR A 30 -8.66 -9.47 2.96
N ALA A 31 -9.69 -9.30 3.81
CA ALA A 31 -11.05 -9.21 3.31
C ALA A 31 -11.38 -7.82 2.79
N ASP A 32 -10.62 -6.80 3.16
CA ASP A 32 -10.78 -5.47 2.60
C ASP A 32 -10.61 -5.54 1.08
N PHE A 33 -9.79 -6.48 0.59
CA PHE A 33 -9.60 -6.75 -0.84
C PHE A 33 -10.78 -7.45 -1.52
N ARG A 34 -11.84 -7.74 -0.76
CA ARG A 34 -13.00 -8.48 -1.21
C ARG A 34 -14.24 -7.60 -1.04
N GLN A 35 -14.36 -6.86 0.06
CA GLN A 35 -15.50 -5.98 0.28
C GLN A 35 -15.28 -4.55 -0.21
N VAL A 36 -14.03 -4.10 -0.31
CA VAL A 36 -13.65 -2.80 -0.86
C VAL A 36 -12.94 -2.98 -2.19
N GLY A 37 -12.04 -3.96 -2.32
CA GLY A 37 -11.23 -4.18 -3.50
C GLY A 37 -9.79 -3.74 -3.27
N SER A 38 -9.00 -3.61 -4.34
CA SER A 38 -7.55 -3.40 -4.24
C SER A 38 -7.12 -2.28 -5.22
N PRO A 39 -6.01 -1.56 -4.96
CA PRO A 39 -5.49 -0.46 -5.76
C PRO A 39 -4.93 -0.91 -7.12
N ASN A 40 -5.44 -0.32 -8.22
CA ASN A 40 -5.07 -0.73 -9.58
C ASN A 40 -3.85 0.02 -10.05
N ILE A 41 -2.76 -0.70 -10.30
CA ILE A 41 -1.47 -0.14 -10.68
C ILE A 41 -0.72 -1.01 -11.71
N LYS A 42 -1.34 -2.09 -12.18
CA LYS A 42 -0.66 -3.13 -12.95
C LYS A 42 -0.13 -2.61 -14.28
N GLY A 43 -0.79 -1.62 -14.89
CA GLY A 43 -0.39 -0.96 -16.11
C GLY A 43 0.60 0.18 -15.87
N LEU A 44 0.83 0.60 -14.62
CA LEU A 44 1.96 1.47 -14.29
C LEU A 44 3.27 0.68 -14.26
N GLY A 45 3.21 -0.64 -14.08
CA GLY A 45 4.37 -1.49 -13.80
C GLY A 45 3.97 -2.89 -13.38
N LYS A 46 3.14 -3.02 -12.35
CA LYS A 46 3.06 -4.24 -11.55
C LYS A 46 1.91 -4.12 -10.59
N LYS A 47 1.46 -5.22 -10.00
CA LYS A 47 0.39 -5.28 -9.08
C LYS A 47 0.99 -5.02 -7.72
N ALA A 48 0.17 -4.42 -6.87
CA ALA A 48 0.48 -4.24 -5.47
C ALA A 48 0.63 -5.62 -4.78
N VAL A 49 1.15 -5.65 -3.57
CA VAL A 49 1.36 -6.86 -2.77
C VAL A 49 0.51 -6.78 -1.50
N SER A 50 -0.62 -7.49 -1.52
CA SER A 50 -1.52 -7.59 -0.39
C SER A 50 -0.82 -8.36 0.72
N THR A 51 -0.51 -7.72 1.84
CA THR A 51 -0.07 -8.38 3.06
C THR A 51 -0.56 -7.50 4.22
N VAL A 52 -1.68 -7.87 4.85
CA VAL A 52 -2.15 -7.15 6.03
C VAL A 52 -1.03 -7.12 7.08
N TYR A 53 -0.68 -5.91 7.51
CA TYR A 53 0.33 -5.71 8.53
C TYR A 53 -0.23 -6.07 9.90
N ASN A 54 0.66 -6.54 10.78
CA ASN A 54 0.39 -6.77 12.19
C ASN A 54 1.67 -6.41 12.93
N GLY A 55 1.57 -5.64 14.01
CA GLY A 55 2.72 -5.27 14.82
C GLY A 55 3.06 -6.33 15.87
N GLU A 56 2.20 -7.32 16.08
CA GLU A 56 2.42 -8.38 17.06
C GLU A 56 3.64 -9.20 16.67
N ASP A 57 3.74 -9.52 15.39
CA ASP A 57 4.73 -10.40 14.79
C ASP A 57 5.34 -9.70 13.60
N LYS A 58 6.14 -8.66 13.88
CA LYS A 58 7.00 -7.98 12.91
C LYS A 58 7.61 -8.97 11.90
N PRO A 59 8.36 -10.01 12.32
CA PRO A 59 8.88 -11.03 11.41
C PRO A 59 7.78 -11.80 10.69
N GLY A 60 6.77 -12.30 11.42
CA GLY A 60 5.66 -13.09 10.91
C GLY A 60 4.76 -12.34 9.93
N PHE A 61 5.04 -11.07 9.65
CA PHE A 61 4.45 -10.31 8.58
C PHE A 61 5.46 -10.09 7.46
N LEU A 62 6.66 -9.62 7.80
CA LEU A 62 7.71 -9.30 6.83
C LEU A 62 8.03 -10.49 5.92
N LYS A 63 7.74 -11.72 6.35
CA LYS A 63 8.00 -12.92 5.60
C LYS A 63 7.33 -12.89 4.24
N LYS A 64 6.16 -12.25 4.09
CA LYS A 64 5.46 -12.35 2.81
C LYS A 64 6.22 -11.53 1.78
N LEU A 65 6.86 -10.45 2.24
CA LEU A 65 7.68 -9.59 1.41
C LEU A 65 8.99 -10.29 1.01
N SER A 66 9.26 -11.50 1.52
CA SER A 66 10.36 -12.37 1.15
C SER A 66 9.96 -13.42 0.09
N LEU A 67 8.75 -13.35 -0.48
CA LEU A 67 8.34 -14.23 -1.58
C LEU A 67 7.58 -13.51 -2.70
N LYS A 68 7.54 -12.17 -2.70
CA LYS A 68 6.73 -11.34 -3.57
C LYS A 68 7.49 -10.25 -4.32
N PHE A 69 8.77 -10.06 -4.06
CA PHE A 69 9.61 -9.07 -4.72
C PHE A 69 10.80 -9.79 -5.34
N LYS A 70 11.60 -9.09 -6.15
CA LYS A 70 12.81 -9.66 -6.71
C LYS A 70 14.03 -8.95 -6.17
N ASP A 71 13.96 -7.63 -6.05
CA ASP A 71 15.11 -6.77 -5.85
C ASP A 71 14.82 -5.79 -4.72
N PRO A 72 14.63 -6.30 -3.49
CA PRO A 72 14.12 -5.49 -2.39
C PRO A 72 15.13 -4.42 -2.00
N GLU A 73 16.43 -4.72 -2.11
CA GLU A 73 17.56 -3.83 -1.85
C GLU A 73 17.66 -2.64 -2.81
N ASN A 74 16.76 -2.51 -3.79
CA ASN A 74 16.63 -1.28 -4.57
C ASN A 74 15.17 -0.86 -4.78
N THR A 75 14.20 -1.70 -4.43
CA THR A 75 12.80 -1.45 -4.71
C THR A 75 12.18 -0.40 -3.76
N THR A 76 11.76 0.75 -4.27
CA THR A 76 11.17 1.81 -3.46
C THR A 76 9.71 1.49 -3.13
N LEU A 77 9.44 1.00 -1.93
CA LEU A 77 8.09 0.60 -1.59
C LEU A 77 7.22 1.80 -1.20
N TYR A 78 5.90 1.68 -1.35
CA TYR A 78 4.90 2.61 -0.90
C TYR A 78 3.81 1.81 -0.17
N ILE A 79 3.80 1.78 1.17
CA ILE A 79 2.73 1.13 1.93
C ILE A 79 1.43 1.89 1.71
N LEU A 80 0.31 1.17 1.66
CA LEU A 80 -1.04 1.71 1.51
C LEU A 80 -1.93 0.98 2.52
N ASP A 81 -2.47 1.70 3.49
CA ASP A 81 -3.45 1.21 4.46
C ASP A 81 -4.84 1.77 4.13
N LYS A 82 -5.77 1.73 5.08
CA LYS A 82 -7.17 2.12 4.91
C LYS A 82 -7.40 3.52 5.44
N PHE A 83 -7.04 3.73 6.69
CA PHE A 83 -7.36 4.94 7.44
C PHE A 83 -6.13 5.62 8.06
N ASP A 84 -5.32 4.86 8.81
CA ASP A 84 -4.05 5.26 9.42
C ASP A 84 -3.22 3.99 9.61
N GLY A 85 -3.88 2.94 10.12
CA GLY A 85 -3.37 1.62 10.38
C GLY A 85 -2.08 1.69 11.15
N ASN A 86 -0.98 1.64 10.42
CA ASN A 86 0.42 1.71 10.82
C ASN A 86 1.26 2.02 9.58
N SER A 87 0.71 2.66 8.54
CA SER A 87 1.40 2.89 7.28
C SER A 87 2.72 3.62 7.50
N GLU A 88 2.72 4.70 8.29
CA GLU A 88 3.94 5.47 8.59
C GLU A 88 4.95 4.61 9.37
N LEU A 89 4.49 3.64 10.18
CA LEU A 89 5.36 2.72 10.91
C LEU A 89 6.05 1.76 9.95
N VAL A 90 5.27 1.06 9.12
CA VAL A 90 5.78 0.05 8.21
C VAL A 90 6.73 0.71 7.19
N ALA A 91 6.55 2.00 6.88
CA ALA A 91 7.45 2.76 6.02
C ALA A 91 8.85 2.93 6.61
N GLU A 92 9.10 2.58 7.87
CA GLU A 92 10.43 2.61 8.48
C GLU A 92 10.67 1.30 9.27
N LEU A 93 10.33 0.18 8.62
CA LEU A 93 10.57 -1.16 9.13
C LEU A 93 11.28 -2.00 8.06
N VAL A 94 10.71 -2.07 6.86
CA VAL A 94 11.23 -2.90 5.77
C VAL A 94 12.64 -2.49 5.34
N ALA A 95 12.92 -1.19 5.31
CA ALA A 95 14.20 -0.62 4.96
C ALA A 95 15.31 -0.94 5.97
N LEU A 96 14.96 -1.59 7.08
CA LEU A 96 15.84 -1.91 8.19
C LEU A 96 15.84 -3.42 8.43
N ASN A 97 15.46 -4.19 7.40
CA ASN A 97 15.21 -5.62 7.46
C ASN A 97 15.68 -6.32 6.19
N GLY A 98 15.40 -5.76 5.01
CA GLY A 98 15.89 -6.31 3.75
C GLY A 98 15.71 -5.41 2.53
N PHE A 99 15.21 -4.18 2.71
CA PHE A 99 14.97 -3.22 1.64
C PHE A 99 15.83 -1.98 1.89
N LYS A 100 15.87 -1.06 0.93
CA LYS A 100 16.61 0.20 0.95
C LYS A 100 15.76 1.31 1.54
N SER A 101 14.63 1.65 0.92
CA SER A 101 13.78 2.76 1.31
C SER A 101 12.32 2.38 1.04
N ALA A 102 11.40 2.86 1.89
CA ALA A 102 9.96 2.74 1.71
C ALA A 102 9.27 4.06 2.04
N TYR A 103 7.98 4.15 1.76
CA TYR A 103 7.13 5.33 1.89
C TYR A 103 5.76 4.94 2.46
N ALA A 104 4.99 5.94 2.89
CA ALA A 104 3.58 5.82 3.26
C ALA A 104 2.75 6.86 2.52
N ILE A 105 1.42 6.67 2.52
CA ILE A 105 0.39 7.58 2.04
C ILE A 105 -0.49 7.84 3.26
N LYS A 106 -0.77 9.11 3.55
CA LYS A 106 -1.70 9.49 4.59
C LYS A 106 -3.10 9.08 4.17
N ASP A 107 -3.98 8.83 5.14
CA ASP A 107 -5.42 8.59 4.94
C ASP A 107 -5.72 7.29 4.18
N GLY A 108 -4.69 6.47 3.92
CA GLY A 108 -4.73 5.23 3.18
C GLY A 108 -5.63 5.29 1.95
N ALA A 109 -6.63 4.40 1.88
CA ALA A 109 -7.51 4.23 0.73
C ALA A 109 -8.99 4.27 1.11
N GLU A 110 -9.34 4.64 2.34
CA GLU A 110 -10.70 4.89 2.77
C GLU A 110 -10.85 6.24 3.48
N GLY A 111 -9.75 6.86 3.92
CA GLY A 111 -9.81 8.17 4.56
C GLY A 111 -10.35 9.23 3.59
N PRO A 112 -10.89 10.36 4.10
CA PRO A 112 -11.53 11.39 3.28
C PRO A 112 -10.59 12.07 2.27
N ARG A 113 -9.28 11.86 2.40
CA ARG A 113 -8.25 12.37 1.49
C ARG A 113 -7.35 11.23 0.98
N GLY A 114 -7.70 9.97 1.20
CA GLY A 114 -6.93 8.82 0.79
C GLY A 114 -7.06 8.54 -0.71
N TRP A 115 -6.59 7.37 -1.12
CA TRP A 115 -6.46 6.87 -2.49
C TRP A 115 -7.75 7.09 -3.30
N LEU A 116 -8.85 6.47 -2.86
CA LEU A 116 -10.13 6.55 -3.55
C LEU A 116 -10.56 8.01 -3.66
N ASN A 117 -10.41 8.77 -2.56
CA ASN A 117 -10.72 10.20 -2.48
C ASN A 117 -9.63 11.06 -3.15
N SER A 118 -8.89 10.52 -4.12
CA SER A 118 -7.85 11.17 -4.89
C SER A 118 -7.98 10.81 -6.38
N SER A 119 -9.18 10.41 -6.83
CA SER A 119 -9.54 10.02 -8.20
C SER A 119 -8.84 8.74 -8.68
N LEU A 120 -8.10 8.04 -7.80
CA LEU A 120 -7.15 7.02 -8.21
C LEU A 120 -7.86 5.72 -8.63
N PRO A 121 -7.21 4.92 -9.49
CA PRO A 121 -7.80 3.72 -10.06
C PRO A 121 -7.88 2.55 -9.06
N TRP A 122 -8.81 1.62 -9.32
CA TRP A 122 -9.12 0.51 -8.44
C TRP A 122 -9.40 -0.79 -9.21
N ILE A 123 -9.07 -1.94 -8.60
CA ILE A 123 -9.17 -3.28 -9.17
C ILE A 123 -10.55 -3.87 -8.88
N GLU A 124 -11.11 -3.58 -7.71
CA GLU A 124 -12.38 -4.13 -7.21
C GLU A 124 -12.34 -5.65 -6.97
N PRO A 125 -13.31 -6.20 -6.20
CA PRO A 125 -13.60 -7.63 -6.19
C PRO A 125 -14.26 -8.11 -7.49
N LYS A 126 -14.64 -9.39 -7.52
CA LYS A 126 -15.54 -10.01 -8.50
C LYS A 126 -16.53 -10.86 -7.73
N LYS A 127 -17.83 -10.74 -8.03
CA LYS A 127 -18.93 -11.55 -7.52
C LYS A 127 -18.85 -11.81 -6.00
N THR A 128 -18.29 -10.89 -5.22
CA THR A 128 -18.02 -11.03 -3.79
C THR A 128 -18.21 -9.69 -3.06
N SER A 129 -19.29 -8.94 -3.33
CA SER A 129 -19.60 -7.67 -2.67
C SER A 129 -19.49 -7.77 -1.13
N GLY A 130 -20.06 -8.80 -0.52
CA GLY A 130 -20.07 -8.95 0.94
C GLY A 130 -21.40 -8.50 1.54
N PRO A 131 -21.47 -8.22 2.85
CA PRO A 131 -22.70 -7.96 3.60
C PRO A 131 -23.34 -6.62 3.22
N SER A 132 -23.98 -6.60 2.04
CA SER A 132 -24.57 -5.44 1.40
C SER A 132 -23.57 -4.26 1.25
N SER A 133 -22.27 -4.54 1.35
CA SER A 133 -21.17 -3.61 1.17
C SER A 133 -21.02 -3.14 -0.28
N GLY A 134 -21.64 -3.85 -1.22
CA GLY A 134 -21.83 -3.48 -2.60
C GLY A 134 -23.27 -3.83 -2.92
N GLY A 1 1.89 14.00 14.18
CA GLY A 1 3.22 14.31 14.68
C GLY A 1 4.28 13.81 13.71
N SER A 2 5.50 14.32 13.84
CA SER A 2 6.59 13.93 12.96
C SER A 2 7.07 12.53 13.34
N SER A 3 7.08 11.59 12.41
CA SER A 3 7.63 10.25 12.64
C SER A 3 8.08 9.55 11.35
N GLY A 4 7.87 10.10 10.15
CA GLY A 4 8.20 9.36 8.95
C GLY A 4 7.84 10.16 7.71
N SER A 5 8.11 9.60 6.54
CA SER A 5 8.12 10.35 5.30
C SER A 5 6.93 9.91 4.45
N SER A 6 5.73 10.11 5.00
CA SER A 6 4.47 9.91 4.31
C SER A 6 4.28 10.96 3.21
N GLY A 7 3.10 10.99 2.60
CA GLY A 7 2.64 12.07 1.76
C GLY A 7 1.14 11.94 1.58
N SER A 8 0.55 12.87 0.85
CA SER A 8 -0.82 12.76 0.34
C SER A 8 -0.98 11.50 -0.50
N ALA A 9 -2.22 11.16 -0.85
CA ALA A 9 -2.54 9.97 -1.64
C ALA A 9 -1.79 9.87 -2.97
N LYS A 10 -2.05 10.80 -3.89
CA LYS A 10 -1.29 10.85 -5.14
C LYS A 10 0.17 11.15 -4.88
N ASN A 11 0.54 11.72 -3.72
CA ASN A 11 1.93 11.91 -3.33
C ASN A 11 2.67 10.57 -3.15
N ALA A 12 2.00 9.41 -3.16
CA ALA A 12 2.66 8.14 -3.43
C ALA A 12 2.50 7.70 -4.90
N TYR A 13 1.28 7.71 -5.45
CA TYR A 13 1.00 7.17 -6.78
C TYR A 13 1.80 7.86 -7.90
N THR A 14 1.91 9.19 -7.88
CA THR A 14 2.70 9.94 -8.85
C THR A 14 4.18 9.49 -8.91
N LYS A 15 4.75 8.90 -7.84
CA LYS A 15 6.12 8.42 -7.74
C LYS A 15 6.21 6.89 -7.81
N LEU A 16 5.07 6.18 -7.87
CA LEU A 16 5.00 4.75 -7.84
C LEU A 16 5.27 4.17 -9.24
N GLY A 17 5.05 4.97 -10.30
CA GLY A 17 5.13 4.52 -11.69
C GLY A 17 6.09 5.34 -12.52
N THR A 18 6.82 6.28 -11.92
CA THR A 18 7.95 6.95 -12.54
C THR A 18 9.14 6.00 -12.64
N ASP A 19 9.13 4.92 -11.87
CA ASP A 19 10.33 4.19 -11.49
C ASP A 19 9.95 2.73 -11.45
N ASP A 20 10.38 1.96 -12.44
CA ASP A 20 10.03 0.55 -12.58
C ASP A 20 10.51 -0.30 -11.41
N ASN A 21 11.38 0.24 -10.56
CA ASN A 21 11.82 -0.37 -9.31
C ASN A 21 10.78 -0.23 -8.20
N ALA A 22 9.95 0.82 -8.21
CA ALA A 22 9.06 1.15 -7.12
C ALA A 22 7.98 0.05 -6.96
N GLN A 23 7.33 -0.04 -5.79
CA GLN A 23 6.30 -1.04 -5.48
C GLN A 23 5.26 -0.50 -4.49
N LEU A 24 4.24 -1.30 -4.20
CA LEU A 24 3.13 -0.98 -3.30
C LEU A 24 2.90 -2.16 -2.35
N LEU A 25 2.80 -1.89 -1.03
CA LEU A 25 2.52 -2.90 0.00
C LEU A 25 1.21 -2.54 0.68
N ASP A 26 0.12 -3.16 0.22
CA ASP A 26 -1.20 -3.03 0.79
C ASP A 26 -1.25 -3.80 2.10
N ILE A 27 -1.08 -3.11 3.22
CA ILE A 27 -1.16 -3.69 4.57
C ILE A 27 -2.60 -3.89 5.08
N ARG A 28 -3.60 -3.62 4.24
CA ARG A 28 -5.01 -3.69 4.62
C ARG A 28 -5.43 -5.13 4.92
N ALA A 29 -6.48 -5.29 5.74
CA ALA A 29 -7.17 -6.55 6.01
C ALA A 29 -7.47 -7.29 4.71
N THR A 30 -7.30 -8.62 4.68
CA THR A 30 -7.50 -9.38 3.45
C THR A 30 -8.95 -9.29 2.95
N ALA A 31 -9.89 -9.11 3.88
CA ALA A 31 -11.30 -8.99 3.57
C ALA A 31 -11.61 -7.74 2.77
N ASP A 32 -10.86 -6.65 2.99
CA ASP A 32 -11.04 -5.36 2.30
C ASP A 32 -11.07 -5.59 0.79
N PHE A 33 -10.16 -6.42 0.27
CA PHE A 33 -10.03 -6.76 -1.14
C PHE A 33 -11.27 -7.43 -1.74
N ARG A 34 -12.15 -7.96 -0.89
CA ARG A 34 -13.34 -8.71 -1.28
C ARG A 34 -14.58 -7.83 -1.28
N GLN A 35 -14.54 -6.71 -0.56
CA GLN A 35 -15.70 -5.89 -0.24
C GLN A 35 -15.52 -4.41 -0.62
N VAL A 36 -14.36 -3.81 -0.37
CA VAL A 36 -13.95 -2.51 -0.92
C VAL A 36 -13.24 -2.74 -2.27
N GLY A 37 -12.47 -3.82 -2.39
CA GLY A 37 -11.64 -4.11 -3.56
C GLY A 37 -10.20 -3.73 -3.28
N SER A 38 -9.37 -3.73 -4.32
CA SER A 38 -7.98 -3.32 -4.22
C SER A 38 -7.71 -2.19 -5.22
N PRO A 39 -6.73 -1.31 -4.98
CA PRO A 39 -6.25 -0.35 -5.94
C PRO A 39 -5.69 -1.06 -7.18
N ASN A 40 -5.76 -0.38 -8.33
CA ASN A 40 -5.25 -0.93 -9.59
C ASN A 40 -4.01 -0.17 -10.03
N ILE A 41 -2.82 -0.64 -9.65
CA ILE A 41 -1.56 -0.08 -10.13
C ILE A 41 -0.95 -0.91 -11.26
N LYS A 42 -1.69 -1.89 -11.80
CA LYS A 42 -1.15 -2.84 -12.78
C LYS A 42 -0.61 -2.16 -14.03
N GLY A 43 -1.18 -1.03 -14.44
CA GLY A 43 -0.66 -0.22 -15.53
C GLY A 43 0.73 0.32 -15.24
N LEU A 44 1.08 0.56 -13.97
CA LEU A 44 2.42 0.95 -13.55
C LEU A 44 3.37 -0.26 -13.52
N GLY A 45 2.94 -1.42 -14.01
CA GLY A 45 3.83 -2.49 -14.44
C GLY A 45 3.60 -3.79 -13.70
N LYS A 46 2.85 -3.80 -12.60
CA LYS A 46 2.63 -4.95 -11.73
C LYS A 46 1.54 -4.60 -10.73
N LYS A 47 0.96 -5.63 -10.12
CA LYS A 47 -0.06 -5.46 -9.10
C LYS A 47 0.64 -5.22 -7.76
N ALA A 48 -0.03 -4.55 -6.84
CA ALA A 48 0.44 -4.36 -5.46
C ALA A 48 0.51 -5.70 -4.71
N VAL A 49 1.13 -5.73 -3.53
CA VAL A 49 1.33 -6.92 -2.70
C VAL A 49 0.53 -6.80 -1.40
N SER A 50 -0.53 -7.59 -1.27
CA SER A 50 -1.31 -7.69 -0.06
C SER A 50 -0.49 -8.46 0.99
N THR A 51 -0.15 -7.86 2.14
CA THR A 51 0.16 -8.59 3.36
C THR A 51 -0.33 -7.77 4.54
N VAL A 52 -1.42 -8.20 5.18
CA VAL A 52 -1.95 -7.50 6.34
C VAL A 52 -0.91 -7.51 7.45
N TYR A 53 -0.59 -6.33 7.99
CA TYR A 53 0.37 -6.20 9.06
C TYR A 53 -0.28 -6.56 10.39
N ASN A 54 0.54 -7.05 11.32
CA ASN A 54 0.23 -7.14 12.74
C ASN A 54 1.52 -6.77 13.45
N GLY A 55 1.57 -5.62 14.12
CA GLY A 55 2.76 -5.21 14.87
C GLY A 55 3.09 -6.15 16.02
N GLU A 56 2.12 -6.97 16.42
CA GLU A 56 2.28 -8.11 17.31
C GLU A 56 3.34 -9.09 16.80
N ASP A 57 3.48 -9.31 15.49
CA ASP A 57 4.33 -10.38 14.96
C ASP A 57 5.22 -9.85 13.84
N LYS A 58 6.21 -9.06 14.24
CA LYS A 58 7.26 -8.52 13.39
C LYS A 58 7.89 -9.57 12.44
N PRO A 59 8.48 -10.66 12.93
CA PRO A 59 9.15 -11.63 12.08
C PRO A 59 8.16 -12.36 11.17
N GLY A 60 7.04 -12.82 11.73
CA GLY A 60 6.01 -13.59 11.02
C GLY A 60 5.14 -12.69 10.16
N PHE A 61 5.74 -11.69 9.52
CA PHE A 61 5.09 -10.75 8.65
C PHE A 61 5.96 -10.53 7.42
N LEU A 62 7.23 -10.15 7.62
CA LEU A 62 8.18 -9.87 6.53
C LEU A 62 8.38 -11.07 5.60
N LYS A 63 8.07 -12.29 6.06
CA LYS A 63 8.15 -13.53 5.31
C LYS A 63 7.34 -13.49 4.03
N LYS A 64 6.39 -12.57 3.89
CA LYS A 64 5.62 -12.48 2.66
C LYS A 64 6.35 -11.68 1.60
N LEU A 65 7.19 -10.73 1.99
CA LEU A 65 7.84 -9.82 1.04
C LEU A 65 8.96 -10.56 0.32
N SER A 66 9.67 -11.46 1.02
CA SER A 66 10.89 -12.14 0.57
C SER A 66 10.74 -12.96 -0.73
N LEU A 67 9.51 -13.20 -1.17
CA LEU A 67 9.16 -13.96 -2.37
C LEU A 67 8.08 -13.25 -3.20
N LYS A 68 7.83 -11.96 -2.93
CA LYS A 68 6.89 -11.10 -3.62
C LYS A 68 7.58 -9.96 -4.36
N PHE A 69 8.86 -9.75 -4.08
CA PHE A 69 9.71 -8.70 -4.63
C PHE A 69 10.97 -9.40 -5.08
N LYS A 70 11.35 -9.22 -6.34
CA LYS A 70 12.58 -9.84 -6.83
C LYS A 70 13.79 -9.18 -6.24
N ASP A 71 13.77 -7.85 -6.17
CA ASP A 71 14.96 -7.07 -5.95
C ASP A 71 14.67 -5.99 -4.92
N PRO A 72 14.52 -6.38 -3.65
CA PRO A 72 14.10 -5.46 -2.61
C PRO A 72 15.17 -4.41 -2.28
N GLU A 73 16.47 -4.67 -2.51
CA GLU A 73 17.56 -3.85 -2.00
C GLU A 73 17.47 -2.40 -2.49
N ASN A 74 16.92 -2.21 -3.69
CA ASN A 74 16.84 -0.95 -4.42
C ASN A 74 15.40 -0.57 -4.78
N THR A 75 14.44 -1.49 -4.68
CA THR A 75 13.02 -1.16 -4.84
C THR A 75 12.64 -0.17 -3.74
N THR A 76 12.08 0.98 -4.11
CA THR A 76 11.39 1.91 -3.21
C THR A 76 9.97 1.39 -3.01
N LEU A 77 9.50 1.20 -1.77
CA LEU A 77 8.13 0.75 -1.52
C LEU A 77 7.24 1.95 -1.14
N TYR A 78 5.92 1.74 -1.16
CA TYR A 78 4.92 2.67 -0.67
C TYR A 78 3.86 1.84 0.08
N ILE A 79 3.74 1.97 1.40
CA ILE A 79 2.72 1.23 2.16
C ILE A 79 1.37 1.94 2.11
N LEU A 80 0.28 1.17 2.04
CA LEU A 80 -1.10 1.66 1.91
C LEU A 80 -2.02 0.96 2.91
N ASP A 81 -2.45 1.65 3.97
CA ASP A 81 -3.45 1.18 4.93
C ASP A 81 -4.90 1.52 4.49
N LYS A 82 -5.92 1.00 5.16
CA LYS A 82 -7.31 1.47 5.11
C LYS A 82 -7.36 2.98 5.27
N PHE A 83 -6.72 3.54 6.30
CA PHE A 83 -6.96 4.91 6.71
C PHE A 83 -5.79 5.51 7.47
N ASP A 84 -5.14 4.72 8.34
CA ASP A 84 -4.18 5.19 9.32
C ASP A 84 -3.26 4.02 9.62
N GLY A 85 -3.83 3.00 10.27
CA GLY A 85 -3.25 1.73 10.63
C GLY A 85 -1.88 1.89 11.24
N ASN A 86 -0.85 1.66 10.42
CA ASN A 86 0.54 1.67 10.83
C ASN A 86 1.45 2.15 9.70
N SER A 87 0.92 2.82 8.66
CA SER A 87 1.63 2.97 7.41
C SER A 87 3.04 3.55 7.61
N GLU A 88 3.16 4.62 8.42
CA GLU A 88 4.42 5.29 8.73
C GLU A 88 5.35 4.48 9.65
N LEU A 89 4.84 3.45 10.32
CA LEU A 89 5.63 2.49 11.09
C LEU A 89 6.28 1.52 10.10
N VAL A 90 5.47 0.97 9.20
CA VAL A 90 5.97 0.05 8.18
C VAL A 90 6.98 0.80 7.26
N ALA A 91 6.79 2.10 7.06
CA ALA A 91 7.63 2.92 6.18
C ALA A 91 9.07 3.02 6.72
N GLU A 92 9.31 2.72 8.01
CA GLU A 92 10.62 2.74 8.67
C GLU A 92 11.06 1.33 9.09
N LEU A 93 10.54 0.30 8.41
CA LEU A 93 10.68 -1.08 8.83
C LEU A 93 11.32 -1.89 7.73
N VAL A 94 10.67 -2.02 6.57
CA VAL A 94 11.20 -2.77 5.45
C VAL A 94 12.58 -2.24 5.04
N ALA A 95 12.73 -0.91 5.02
CA ALA A 95 13.98 -0.23 4.68
C ALA A 95 15.13 -0.59 5.62
N LEU A 96 14.83 -1.25 6.74
CA LEU A 96 15.79 -1.68 7.75
C LEU A 96 15.76 -3.20 7.94
N ASN A 97 15.14 -3.94 7.02
CA ASN A 97 15.01 -5.40 7.09
C ASN A 97 15.37 -6.08 5.76
N GLY A 98 15.95 -5.34 4.80
CA GLY A 98 16.41 -5.87 3.52
C GLY A 98 15.97 -5.05 2.31
N PHE A 99 15.43 -3.84 2.50
CA PHE A 99 14.98 -2.98 1.43
C PHE A 99 15.64 -1.61 1.49
N LYS A 100 15.47 -0.79 0.43
CA LYS A 100 16.13 0.50 0.26
C LYS A 100 15.64 1.61 1.21
N SER A 101 14.47 2.18 0.93
CA SER A 101 13.95 3.45 1.42
C SER A 101 12.44 3.43 1.21
N ALA A 102 11.66 3.76 2.23
CA ALA A 102 10.22 3.53 2.23
C ALA A 102 9.43 4.77 2.65
N TYR A 103 8.15 4.75 2.28
CA TYR A 103 7.16 5.82 2.25
C TYR A 103 5.83 5.27 2.74
N ALA A 104 4.92 6.17 3.14
CA ALA A 104 3.52 5.86 3.45
C ALA A 104 2.60 6.84 2.71
N ILE A 105 1.32 6.52 2.63
CA ILE A 105 0.26 7.41 2.15
C ILE A 105 -0.65 7.74 3.34
N LYS A 106 -0.99 9.02 3.49
CA LYS A 106 -1.94 9.53 4.47
C LYS A 106 -3.37 9.22 4.04
N ASP A 107 -4.29 9.16 4.99
CA ASP A 107 -5.72 8.88 4.80
C ASP A 107 -5.97 7.50 4.17
N GLY A 108 -4.92 6.68 4.06
CA GLY A 108 -4.90 5.35 3.47
C GLY A 108 -5.68 5.27 2.18
N ALA A 109 -6.54 4.27 2.06
CA ALA A 109 -7.41 4.06 0.92
C ALA A 109 -8.72 4.80 1.11
N GLU A 110 -9.39 4.55 2.23
CA GLU A 110 -10.81 4.83 2.40
C GLU A 110 -11.10 6.26 2.88
N GLY A 111 -10.09 7.08 3.16
CA GLY A 111 -10.31 8.46 3.55
C GLY A 111 -10.95 9.27 2.41
N PRO A 112 -11.62 10.40 2.70
CA PRO A 112 -12.14 11.35 1.70
C PRO A 112 -11.05 11.99 0.85
N ARG A 113 -9.80 11.79 1.23
CA ARG A 113 -8.59 12.27 0.60
C ARG A 113 -7.52 11.17 0.58
N GLY A 114 -7.90 9.91 0.82
CA GLY A 114 -7.01 8.77 0.69
C GLY A 114 -6.80 8.47 -0.78
N TRP A 115 -6.45 7.23 -1.07
CA TRP A 115 -6.32 6.72 -2.42
C TRP A 115 -7.62 6.94 -3.18
N LEU A 116 -8.74 6.54 -2.59
CA LEU A 116 -10.05 6.77 -3.10
C LEU A 116 -10.34 8.25 -2.90
N ASN A 117 -11.37 8.65 -3.62
CA ASN A 117 -11.84 10.01 -3.84
C ASN A 117 -10.71 10.99 -4.25
N SER A 118 -9.57 10.49 -4.76
CA SER A 118 -8.43 11.29 -5.22
C SER A 118 -8.10 10.99 -6.69
N SER A 119 -9.04 10.42 -7.46
CA SER A 119 -8.93 10.11 -8.89
C SER A 119 -8.11 8.85 -9.17
N LEU A 120 -7.62 8.13 -8.16
CA LEU A 120 -6.71 7.02 -8.40
C LEU A 120 -7.48 5.77 -8.83
N PRO A 121 -6.88 4.94 -9.69
CA PRO A 121 -7.54 3.75 -10.22
C PRO A 121 -7.80 2.70 -9.13
N TRP A 122 -8.90 1.96 -9.25
CA TRP A 122 -9.28 0.87 -8.34
C TRP A 122 -9.69 -0.35 -9.19
N ILE A 123 -9.43 -1.55 -8.69
CA ILE A 123 -9.84 -2.81 -9.32
C ILE A 123 -11.30 -3.10 -8.99
N GLU A 124 -11.75 -2.76 -7.77
CA GLU A 124 -13.00 -3.21 -7.14
C GLU A 124 -13.02 -4.73 -6.90
N PRO A 125 -13.90 -5.23 -6.01
CA PRO A 125 -14.20 -6.64 -5.91
C PRO A 125 -15.11 -7.07 -7.08
N LYS A 126 -15.50 -8.35 -7.09
CA LYS A 126 -16.26 -9.00 -8.16
C LYS A 126 -17.74 -9.18 -7.78
N LYS A 127 -18.20 -8.40 -6.82
CA LYS A 127 -19.53 -8.51 -6.22
C LYS A 127 -20.41 -7.37 -6.68
N THR A 128 -21.72 -7.58 -6.60
CA THR A 128 -22.76 -6.58 -6.75
C THR A 128 -23.61 -6.55 -5.46
N SER A 129 -23.11 -7.11 -4.37
CA SER A 129 -23.77 -7.23 -3.08
C SER A 129 -22.78 -6.67 -2.06
N GLY A 130 -23.26 -5.91 -1.07
CA GLY A 130 -22.41 -5.11 -0.20
C GLY A 130 -22.94 -5.06 1.23
N PRO A 131 -22.90 -6.17 1.99
CA PRO A 131 -23.27 -6.21 3.41
C PRO A 131 -22.23 -5.51 4.33
N SER A 132 -21.28 -4.79 3.75
CA SER A 132 -20.25 -4.00 4.40
C SER A 132 -19.91 -2.86 3.43
N SER A 133 -20.92 -2.15 2.94
CA SER A 133 -20.74 -1.09 1.96
C SER A 133 -20.25 0.22 2.60
N GLY A 134 -20.34 0.34 3.93
CA GLY A 134 -19.91 1.48 4.70
C GLY A 134 -20.13 1.16 6.16
#